data_7LN2
#
_entry.id   7LN2
#
_cell.length_a   1.00
_cell.length_b   1.00
_cell.length_c   1.00
_cell.angle_alpha   90.00
_cell.angle_beta   90.00
_cell.angle_gamma   90.00
#
_symmetry.space_group_name_H-M   'P 1'
#
loop_
_entity.id
_entity.type
_entity.pdbx_description
1 polymer 'Transitional endoplasmic reticulum ATPase'
2 polymer 'polyubiquitinated Ub-Eos'
3 non-polymer "ADENOSINE-5'-DIPHOSPHATE"
4 non-polymer "ADENOSINE-5'-TRIPHOSPHATE"
5 non-polymer 'MAGNESIUM ION'
#
loop_
_entity_poly.entity_id
_entity_poly.type
_entity_poly.pdbx_seq_one_letter_code
_entity_poly.pdbx_strand_id
1 'polypeptide(L)'
;MASGADSKGDDLSTAILKQKNRPNRLIVDEAINEDNSVVSLSQPKMDELQLFRGDTVLLKGKKRREAVCIVLSDDTCSDE
KIRMNRVVRNNLRVRLGDVISIQPCPDVKYGKRIHVLPIDDTVEGITGNLFEVYLKPYFLEAYRPIRKGDIFLVRGGMRA
VEFKVVETDPSPYCIVAPDTVIHCEGEPIKREDEEESLNEVGYDDIGGCRKQLAQIKEMVELPLRHPALFKEIGVKPPRG
ILLYGPPGTGKTLIARAVANETGAFFFLINGPEIMSKLAGESESNLRKAFEEAEKNAPAIIFIDELDAIAPKREKTHGEV
ERRIVSQLLTLMDGLKQRAHVIVMAATNRPNSIDPALRRFGRFDREVDIGIPDATGRLEILQIHTKNMKLADDVDLEQVA
NETHGHVGADLAALCSEAALQAIRKKMDLIDLEDETIDAEVMNSLAVTMDDFRWALSQSNPSALRETVVEVPQVTWEDIG
GLEDVKRELQELVQYPVEHPDKFLKFGMTPSKGVLFYGPPGCGKTLLAKAIANECQANFISIKGPELLTMWFGESEANVR
EIFDKARQAAPCVLFFDQLDSIAKARGGNIGDGGGAADRVINQILTEMDGMSTKKNVFIIGATNRPDIIDPAILRPGRLD
QLIYIPLPDEKSRVAILKANLRKSPVAKDVDLEFLAKMTNGFSGADLTEICQRACKLAIRESIESEIRRERERQTNPSAM
EVEEDDPVPEIRRDHFEEAMRFARRSVSDNDIRKYEMFAQTLQQSRGFGSFRFPSGNQGGAGPSQGSGGGTGGSVYTEDN
DDDLYG
;
A,B,C,D,E,F
2 'polypeptide(L)'
;(UNK)(UNK)(UNK)(UNK)(UNK)(UNK)(UNK)(UNK)(UNK)(UNK)(UNK)(UNK)(UNK)(UNK)(UNK)(UNK)
(UNK)(UNK)(UNK)(UNK)(UNK)(UNK)
;
G
#
loop_
_chem_comp.id
_chem_comp.type
_chem_comp.name
_chem_comp.formula
ADP non-polymer ADENOSINE-5'-DIPHOSPHATE 'C10 H15 N5 O10 P2'
ATP non-polymer ADENOSINE-5'-TRIPHOSPHATE 'C10 H16 N5 O13 P3'
MG non-polymer 'MAGNESIUM ION' 'Mg 2'
#
# COMPACT_ATOMS: atom_id res chain seq x y z
N PRO A 23 15.53 56.37 30.76
CA PRO A 23 16.93 56.67 31.06
C PRO A 23 17.73 55.43 31.45
N ASN A 24 17.09 54.25 31.38
CA ASN A 24 17.76 53.03 31.78
C ASN A 24 18.84 52.63 30.78
N ARG A 25 18.62 52.91 29.50
CA ARG A 25 19.56 52.48 28.47
C ARG A 25 20.92 53.12 28.68
N LEU A 26 21.98 52.33 28.49
CA LEU A 26 23.34 52.78 28.68
C LEU A 26 24.24 52.15 27.62
N ILE A 27 25.42 52.73 27.45
CA ILE A 27 26.41 52.23 26.51
C ILE A 27 27.59 51.66 27.30
N VAL A 28 28.04 50.46 26.91
CA VAL A 28 29.10 49.80 27.66
C VAL A 28 30.43 50.50 27.44
N ASP A 29 31.17 50.70 28.53
CA ASP A 29 32.49 51.31 28.48
C ASP A 29 33.39 50.68 29.53
N GLU A 30 34.70 50.79 29.32
CA GLU A 30 35.68 50.24 30.26
C GLU A 30 35.74 51.07 31.53
N ALA A 31 36.15 50.44 32.63
CA ALA A 31 36.24 51.09 33.93
C ALA A 31 37.69 51.40 34.26
N ILE A 32 37.96 52.64 34.65
CA ILE A 32 39.34 53.07 34.92
C ILE A 32 39.84 52.45 36.22
N ASN A 33 39.12 52.70 37.32
CA ASN A 33 39.54 52.21 38.63
C ASN A 33 38.45 51.45 39.38
N GLU A 34 37.22 51.40 38.87
CA GLU A 34 36.17 50.67 39.54
C GLU A 34 36.45 49.18 39.50
N ASP A 35 36.27 48.52 40.64
CA ASP A 35 36.49 47.09 40.73
C ASP A 35 35.25 46.34 40.25
N ASN A 36 35.29 45.01 40.37
CA ASN A 36 34.22 44.18 39.81
C ASN A 36 32.89 44.42 40.51
N SER A 37 32.92 44.92 41.75
CA SER A 37 31.70 45.01 42.54
C SER A 37 31.01 46.37 42.43
N VAL A 38 31.57 47.31 41.67
CA VAL A 38 30.94 48.63 41.53
C VAL A 38 30.93 49.02 40.06
N VAL A 39 30.04 49.96 39.73
CA VAL A 39 30.01 50.62 38.44
C VAL A 39 29.91 52.12 38.66
N SER A 40 30.42 52.89 37.69
CA SER A 40 30.49 54.34 37.80
C SER A 40 29.71 54.98 36.66
N LEU A 41 28.94 56.02 36.99
CA LEU A 41 28.07 56.70 36.04
C LEU A 41 28.20 58.20 36.19
N SER A 42 27.83 58.93 35.14
CA SER A 42 27.90 60.39 35.16
C SER A 42 26.87 60.97 36.12
N GLN A 43 27.24 62.08 36.76
CA GLN A 43 26.36 62.70 37.76
C GLN A 43 25.03 63.18 37.20
N PRO A 44 24.95 63.88 36.05
CA PRO A 44 23.62 64.24 35.53
C PRO A 44 22.75 63.03 35.24
N LYS A 45 23.34 61.92 34.79
CA LYS A 45 22.58 60.69 34.65
C LYS A 45 22.08 60.21 36.01
N MET A 46 22.90 60.32 37.05
CA MET A 46 22.46 59.95 38.39
C MET A 46 21.26 60.78 38.82
N ASP A 47 21.29 62.09 38.53
CA ASP A 47 20.17 62.95 38.88
C ASP A 47 18.95 62.63 38.04
N GLU A 48 19.14 62.12 36.81
CA GLU A 48 18.00 61.74 35.98
C GLU A 48 17.25 60.56 36.58
N LEU A 49 17.97 59.67 37.28
CA LEU A 49 17.37 58.50 37.90
C LEU A 49 16.93 58.73 39.35
N GLN A 50 17.21 59.91 39.92
CA GLN A 50 17.00 60.17 41.34
C GLN A 50 17.75 59.15 42.21
N LEU A 51 18.92 58.73 41.73
CA LEU A 51 19.76 57.76 42.41
C LEU A 51 20.96 58.48 43.00
N PHE A 52 21.26 58.20 44.27
CA PHE A 52 22.38 58.84 44.94
C PHE A 52 23.66 58.04 44.70
N ARG A 53 24.79 58.68 45.01
CA ARG A 53 26.08 57.99 44.91
C ARG A 53 26.17 56.91 45.98
N GLY A 54 26.70 55.75 45.57
CA GLY A 54 26.79 54.61 46.46
C GLY A 54 25.55 53.77 46.57
N ASP A 55 24.48 54.11 45.85
CA ASP A 55 23.24 53.35 45.93
C ASP A 55 23.38 52.03 45.20
N THR A 56 22.75 51.00 45.76
CA THR A 56 22.76 49.68 45.13
C THR A 56 21.80 49.66 43.95
N VAL A 57 22.27 49.16 42.81
CA VAL A 57 21.49 49.11 41.57
C VAL A 57 21.65 47.74 40.93
N LEU A 58 20.71 47.42 40.05
CA LEU A 58 20.68 46.15 39.36
C LEU A 58 20.93 46.38 37.87
N LEU A 59 21.72 45.52 37.26
CA LEU A 59 22.13 45.64 35.87
C LEU A 59 21.49 44.54 35.04
N LYS A 60 20.94 44.90 33.89
CA LYS A 60 20.30 43.94 33.00
C LYS A 60 21.20 43.65 31.80
N GLY A 61 21.38 42.36 31.49
CA GLY A 61 22.25 41.95 30.41
C GLY A 61 21.60 40.90 29.54
N LYS A 62 22.39 40.36 28.61
CA LYS A 62 21.90 39.33 27.71
C LYS A 62 21.62 38.03 28.47
N LYS A 63 20.70 37.24 27.93
CA LYS A 63 20.28 35.97 28.53
C LYS A 63 19.69 36.16 29.92
N ARG A 64 19.09 37.32 30.16
CA ARG A 64 18.46 37.67 31.43
C ARG A 64 19.44 37.57 32.60
N ARG A 65 20.70 37.96 32.35
CA ARG A 65 21.69 38.03 33.42
C ARG A 65 21.55 39.34 34.19
N GLU A 66 21.54 39.24 35.51
CA GLU A 66 21.45 40.40 36.39
C GLU A 66 22.66 40.46 37.32
N ALA A 67 23.20 41.66 37.49
CA ALA A 67 24.33 41.90 38.38
C ALA A 67 24.03 43.10 39.26
N VAL A 68 24.16 42.94 40.57
CA VAL A 68 23.96 44.04 41.51
C VAL A 68 25.30 44.61 41.92
N CYS A 69 25.41 45.93 41.92
CA CYS A 69 26.66 46.61 42.23
C CYS A 69 26.36 47.91 42.97
N ILE A 70 27.43 48.60 43.37
CA ILE A 70 27.33 49.91 44.00
C ILE A 70 27.65 50.96 42.94
N VAL A 71 26.73 51.90 42.75
CA VAL A 71 26.91 52.89 41.69
C VAL A 71 27.83 54.01 42.19
N LEU A 72 28.61 54.56 41.27
CA LEU A 72 29.56 55.63 41.58
C LEU A 72 29.47 56.73 40.54
N SER A 73 29.97 57.90 40.90
CA SER A 73 29.93 59.07 40.03
C SER A 73 31.35 59.38 39.54
N ASP A 74 31.50 59.51 38.23
CA ASP A 74 32.75 59.95 37.63
C ASP A 74 32.46 60.99 36.55
N ASP A 75 33.19 62.10 36.60
CA ASP A 75 33.00 63.15 35.60
C ASP A 75 33.44 62.68 34.21
N THR A 76 34.44 61.81 34.15
CA THR A 76 35.02 61.42 32.87
C THR A 76 34.02 60.63 32.02
N CYS A 77 33.24 59.76 32.66
CA CYS A 77 32.32 58.90 31.90
C CYS A 77 31.22 59.71 31.24
N SER A 78 30.91 59.36 30.00
CA SER A 78 29.86 60.05 29.25
C SER A 78 28.49 59.74 29.85
N ASP A 79 27.54 60.64 29.58
CA ASP A 79 26.23 60.53 30.21
C ASP A 79 25.48 59.29 29.73
N GLU A 80 25.60 58.95 28.46
CA GLU A 80 24.91 57.79 27.90
C GLU A 80 25.71 56.51 28.05
N LYS A 81 26.88 56.56 28.70
CA LYS A 81 27.78 55.42 28.79
C LYS A 81 27.98 55.04 30.25
N ILE A 82 28.31 53.77 30.47
CA ILE A 82 28.60 53.24 31.80
C ILE A 82 29.98 52.59 31.77
N ARG A 83 30.83 52.95 32.72
CA ARG A 83 32.18 52.39 32.81
C ARG A 83 32.15 51.15 33.69
N MET A 84 32.38 49.99 33.08
CA MET A 84 32.25 48.71 33.76
C MET A 84 33.39 47.79 33.31
N ASN A 85 33.77 46.87 34.18
CA ASN A 85 34.95 46.05 33.93
C ASN A 85 34.64 44.87 33.02
N ARG A 86 35.71 44.21 32.57
CA ARG A 86 35.57 43.07 31.67
C ARG A 86 34.86 41.91 32.34
N VAL A 87 35.20 41.63 33.60
CA VAL A 87 34.56 40.54 34.33
C VAL A 87 33.09 40.87 34.59
N VAL A 88 32.80 42.14 34.88
CA VAL A 88 31.41 42.57 35.02
C VAL A 88 30.66 42.37 33.71
N ARG A 89 31.31 42.66 32.57
CA ARG A 89 30.72 42.36 31.28
C ARG A 89 30.46 40.87 31.11
N ASN A 90 31.42 40.03 31.52
CA ASN A 90 31.27 38.59 31.40
C ASN A 90 30.08 38.10 32.22
N ASN A 91 29.84 38.72 33.38
CA ASN A 91 28.68 38.36 34.19
C ASN A 91 27.38 38.64 33.46
N LEU A 92 27.30 39.79 32.79
CA LEU A 92 26.11 40.15 32.02
C LEU A 92 26.13 39.61 30.59
N ARG A 93 27.21 38.93 30.19
CA ARG A 93 27.34 38.35 28.85
C ARG A 93 27.14 39.40 27.75
N VAL A 94 27.74 40.58 27.96
CA VAL A 94 27.61 41.69 27.03
C VAL A 94 29.00 42.12 26.59
N ARG A 95 29.10 42.59 25.34
CA ARG A 95 30.37 43.09 24.85
C ARG A 95 30.56 44.56 25.21
N LEU A 96 31.71 45.10 24.82
CA LEU A 96 31.93 46.54 24.85
C LEU A 96 31.08 47.21 23.78
N GLY A 97 30.49 48.35 24.13
CA GLY A 97 29.70 49.12 23.20
C GLY A 97 28.24 48.69 23.07
N ASP A 98 27.81 47.71 23.84
CA ASP A 98 26.42 47.26 23.77
C ASP A 98 25.48 48.26 24.45
N VAL A 99 24.19 48.04 24.27
CA VAL A 99 23.17 48.81 24.97
C VAL A 99 22.63 47.97 26.12
N ILE A 100 22.70 48.52 27.34
CA ILE A 100 22.22 47.84 28.54
C ILE A 100 21.34 48.78 29.33
N SER A 101 20.44 48.21 30.12
CA SER A 101 19.48 48.93 30.94
C SER A 101 19.78 48.71 32.40
N ILE A 102 19.69 49.78 33.20
CA ILE A 102 20.01 49.75 34.62
C ILE A 102 18.78 50.17 35.40
N GLN A 103 18.47 49.43 36.47
CA GLN A 103 17.37 49.75 37.36
C GLN A 103 17.82 49.62 38.81
N PRO A 104 17.21 50.38 39.71
CA PRO A 104 17.56 50.25 41.13
C PRO A 104 17.13 48.91 41.69
N CYS A 105 17.87 48.46 42.72
CA CYS A 105 17.52 47.24 43.43
C CYS A 105 17.00 47.60 44.81
N PRO A 106 15.72 47.36 45.12
CA PRO A 106 15.20 47.69 46.45
C PRO A 106 15.29 46.55 47.44
N ASP A 107 15.36 46.89 48.73
CA ASP A 107 15.36 45.90 49.82
C ASP A 107 16.54 44.93 49.69
N VAL A 108 17.74 45.47 49.57
CA VAL A 108 18.96 44.67 49.47
C VAL A 108 19.47 44.46 50.89
N LYS A 109 19.01 43.39 51.53
CA LYS A 109 19.41 43.07 52.89
C LYS A 109 20.85 42.57 52.92
N TYR A 110 21.44 42.60 54.11
CA TYR A 110 22.75 42.00 54.31
C TYR A 110 22.65 40.49 54.17
N GLY A 111 23.62 39.90 53.50
CA GLY A 111 23.61 38.44 53.30
C GLY A 111 23.89 37.71 54.59
N LYS A 112 23.04 36.73 54.91
CA LYS A 112 23.30 35.89 56.08
C LYS A 112 24.42 34.90 55.81
N ARG A 113 24.41 34.27 54.62
CA ARG A 113 25.43 33.32 54.25
C ARG A 113 25.47 33.23 52.73
N ILE A 114 26.68 33.14 52.19
CA ILE A 114 26.89 33.06 50.75
C ILE A 114 27.74 31.84 50.43
N HIS A 115 27.36 31.11 49.39
CA HIS A 115 28.11 29.96 48.92
C HIS A 115 28.71 30.30 47.56
N VAL A 116 30.02 30.12 47.43
CA VAL A 116 30.75 30.43 46.21
C VAL A 116 31.47 29.17 45.75
N LEU A 117 31.37 28.87 44.46
CA LEU A 117 32.05 27.73 43.87
C LEU A 117 33.00 28.23 42.79
N PRO A 118 34.32 28.08 42.98
CA PRO A 118 35.26 28.59 41.99
C PRO A 118 35.27 27.73 40.73
N ILE A 119 35.88 28.28 39.68
CA ILE A 119 35.91 27.60 38.40
C ILE A 119 37.01 26.54 38.41
N ASP A 120 36.87 25.54 37.53
CA ASP A 120 37.81 24.43 37.50
C ASP A 120 39.23 24.88 37.18
N ASP A 121 39.39 25.77 36.20
CA ASP A 121 40.73 26.14 35.74
C ASP A 121 41.44 27.02 36.76
N THR A 122 40.67 27.77 37.56
CA THR A 122 41.27 28.75 38.46
C THR A 122 41.89 28.07 39.69
N VAL A 123 41.30 26.97 40.14
CA VAL A 123 41.81 26.31 41.35
C VAL A 123 43.07 25.51 41.03
N GLU A 124 43.24 25.11 39.78
CA GLU A 124 44.39 24.28 39.41
C GLU A 124 45.70 25.03 39.64
N GLY A 125 46.67 24.34 40.24
CA GLY A 125 47.95 24.92 40.55
C GLY A 125 47.99 25.74 41.82
N ILE A 126 46.88 25.84 42.55
CA ILE A 126 46.80 26.63 43.77
C ILE A 126 46.70 25.67 44.94
N THR A 127 47.59 25.84 45.92
CA THR A 127 47.61 24.97 47.09
C THR A 127 46.94 25.59 48.31
N GLY A 128 46.94 26.92 48.44
CA GLY A 128 46.35 27.54 49.60
C GLY A 128 44.84 27.53 49.56
N ASN A 129 44.23 27.81 50.71
CA ASN A 129 42.79 27.84 50.82
C ASN A 129 42.23 29.02 50.01
N LEU A 130 41.21 28.75 49.21
CA LEU A 130 40.66 29.77 48.33
C LEU A 130 40.03 30.91 49.12
N PHE A 131 39.29 30.58 50.19
CA PHE A 131 38.65 31.61 51.00
C PHE A 131 39.68 32.49 51.70
N GLU A 132 40.70 31.87 52.29
CA GLU A 132 41.65 32.63 53.10
C GLU A 132 42.47 33.60 52.25
N VAL A 133 43.06 33.12 51.17
CA VAL A 133 43.95 33.94 50.37
C VAL A 133 43.18 35.01 49.60
N TYR A 134 42.01 34.66 49.07
CA TYR A 134 41.33 35.49 48.08
C TYR A 134 40.03 36.09 48.59
N LEU A 135 39.09 35.26 49.06
CA LEU A 135 37.75 35.76 49.35
C LEU A 135 37.74 36.67 50.58
N LYS A 136 38.53 36.34 51.60
CA LYS A 136 38.49 37.11 52.84
C LYS A 136 38.90 38.57 52.65
N PRO A 137 40.02 38.90 51.99
CA PRO A 137 40.34 40.33 51.83
C PRO A 137 39.42 41.05 50.86
N TYR A 138 38.90 40.35 49.85
CA TYR A 138 38.04 40.99 48.87
C TYR A 138 36.75 41.52 49.50
N PHE A 139 36.15 40.74 50.40
CA PHE A 139 34.90 41.10 51.04
C PHE A 139 35.09 41.72 52.42
N LEU A 140 36.34 41.97 52.82
CA LEU A 140 36.62 42.51 54.15
C LEU A 140 36.29 44.00 54.17
N GLU A 141 35.25 44.36 54.91
CA GLU A 141 34.84 45.76 55.10
C GLU A 141 34.55 46.43 53.76
N ALA A 142 34.00 45.69 52.81
CA ALA A 142 33.71 46.21 51.48
C ALA A 142 32.21 46.30 51.19
N TYR A 143 31.40 45.46 51.81
CA TYR A 143 29.95 45.47 51.62
C TYR A 143 29.59 45.37 50.14
N ARG A 144 30.25 44.45 49.46
CA ARG A 144 30.03 44.26 48.02
C ARG A 144 28.69 43.56 47.78
N PRO A 145 27.80 44.16 47.01
CA PRO A 145 26.53 43.50 46.69
C PRO A 145 26.72 42.43 45.62
N ILE A 146 26.19 41.24 45.88
CA ILE A 146 26.34 40.10 44.97
C ILE A 146 24.96 39.51 44.72
N ARG A 147 24.90 38.64 43.72
CA ARG A 147 23.65 38.01 43.31
C ARG A 147 23.90 36.54 43.02
N LYS A 148 22.82 35.77 42.96
CA LYS A 148 22.92 34.36 42.63
C LYS A 148 23.50 34.18 41.23
N GLY A 149 24.56 33.38 41.14
CA GLY A 149 25.23 33.16 39.87
C GLY A 149 26.10 34.31 39.39
N ASP A 150 26.47 35.24 40.29
CA ASP A 150 27.31 36.36 39.88
C ASP A 150 28.69 35.88 39.46
N ILE A 151 29.27 36.59 38.49
CA ILE A 151 30.59 36.27 37.95
C ILE A 151 31.53 37.39 38.36
N PHE A 152 32.57 37.06 39.14
CA PHE A 152 33.59 38.02 39.52
C PHE A 152 34.91 37.29 39.67
N LEU A 153 36.00 38.04 39.49
CA LEU A 153 37.35 37.51 39.54
C LEU A 153 38.15 38.28 40.59
N VAL A 154 38.94 37.56 41.37
CA VAL A 154 39.72 38.15 42.46
C VAL A 154 41.20 37.93 42.16
N ARG A 155 42.00 38.97 42.37
CA ARG A 155 43.43 38.88 42.09
C ARG A 155 44.19 38.52 43.36
N GLY A 156 45.20 37.68 43.19
CA GLY A 156 46.02 37.27 44.32
C GLY A 156 46.64 35.92 44.04
N GLY A 157 47.57 35.54 44.93
CA GLY A 157 48.23 34.25 44.81
C GLY A 157 49.10 34.16 43.57
N MET A 158 49.41 32.91 43.21
CA MET A 158 50.15 32.67 41.97
C MET A 158 49.31 33.01 40.75
N ARG A 159 48.04 32.62 40.75
CA ARG A 159 47.14 32.84 39.63
C ARG A 159 45.83 33.43 40.15
N ALA A 160 45.26 34.35 39.37
CA ALA A 160 43.95 34.89 39.70
C ALA A 160 42.90 33.78 39.68
N VAL A 161 41.98 33.83 40.64
CA VAL A 161 40.98 32.78 40.84
C VAL A 161 39.59 33.38 40.63
N GLU A 162 38.79 32.74 39.79
CA GLU A 162 37.44 33.18 39.52
C GLU A 162 36.44 32.45 40.41
N PHE A 163 35.48 33.20 40.96
CA PHE A 163 34.45 32.65 41.82
C PHE A 163 33.07 33.00 41.26
N LYS A 164 32.16 32.03 41.33
CA LYS A 164 30.76 32.24 40.98
C LYS A 164 29.91 31.94 42.19
N VAL A 165 28.99 32.86 42.53
CA VAL A 165 28.18 32.74 43.72
C VAL A 165 26.95 31.91 43.40
N VAL A 166 27.02 30.60 43.65
CA VAL A 166 25.93 29.71 43.30
C VAL A 166 24.73 29.94 44.21
N GLU A 167 24.98 30.09 45.52
CA GLU A 167 23.92 30.21 46.50
C GLU A 167 24.00 31.57 47.19
N THR A 168 22.86 32.24 47.31
CA THR A 168 22.74 33.49 48.05
C THR A 168 21.65 33.35 49.10
N ASP A 169 21.96 33.76 50.33
CA ASP A 169 20.99 33.73 51.42
C ASP A 169 20.98 35.11 52.08
N PRO A 170 19.90 35.89 51.94
CA PRO A 170 18.68 35.55 51.19
C PRO A 170 18.84 35.68 49.67
N SER A 171 18.17 34.81 48.94
CA SER A 171 18.22 34.84 47.49
C SER A 171 17.25 35.88 46.93
N PRO A 172 17.59 36.52 45.79
CA PRO A 172 18.89 36.43 45.13
C PRO A 172 19.79 37.64 45.39
N TYR A 173 19.27 38.65 46.10
CA TYR A 173 19.99 39.88 46.38
C TYR A 173 20.46 39.88 47.83
N CYS A 174 21.75 40.16 48.03
CA CYS A 174 22.32 40.17 49.37
C CYS A 174 23.59 41.03 49.38
N ILE A 175 23.98 41.42 50.58
CA ILE A 175 25.19 42.21 50.81
C ILE A 175 26.16 41.38 51.62
N VAL A 176 27.40 41.29 51.15
CA VAL A 176 28.44 40.52 51.84
C VAL A 176 29.11 41.47 52.83
N ALA A 177 28.55 41.54 54.03
CA ALA A 177 29.16 42.26 55.13
C ALA A 177 30.22 41.39 55.79
N PRO A 178 31.13 41.98 56.56
CA PRO A 178 32.15 41.15 57.24
C PRO A 178 31.57 40.09 58.16
N ASP A 179 30.36 40.31 58.68
CA ASP A 179 29.74 39.30 59.55
C ASP A 179 29.35 38.06 58.77
N THR A 180 29.10 38.21 57.47
CA THR A 180 28.60 37.11 56.65
C THR A 180 29.65 36.00 56.54
N VAL A 181 29.20 34.76 56.59
CA VAL A 181 30.06 33.60 56.46
C VAL A 181 30.37 33.38 54.99
N ILE A 182 31.66 33.18 54.68
CA ILE A 182 32.11 32.89 53.32
C ILE A 182 32.74 31.51 53.33
N HIS A 183 32.20 30.61 52.50
CA HIS A 183 32.71 29.26 52.38
C HIS A 183 32.81 28.87 50.92
N CYS A 184 34.01 28.51 50.49
CA CYS A 184 34.27 28.04 49.13
C CYS A 184 34.30 26.51 49.04
N GLU A 185 34.01 25.82 50.14
CA GLU A 185 34.03 24.36 50.13
C GLU A 185 32.90 23.82 49.26
N GLY A 186 33.22 22.81 48.47
CA GLY A 186 32.30 22.19 47.55
C GLY A 186 32.97 21.90 46.23
N GLU A 187 32.20 21.36 45.29
CA GLU A 187 32.72 20.98 43.99
C GLU A 187 32.91 22.20 43.11
N PRO A 188 34.11 22.45 42.59
CA PRO A 188 34.31 23.63 41.75
C PRO A 188 33.43 23.59 40.51
N ILE A 189 33.00 24.78 40.07
CA ILE A 189 32.21 24.87 38.85
C ILE A 189 33.06 24.48 37.66
N LYS A 190 32.49 23.65 36.79
CA LYS A 190 33.23 23.23 35.59
C LYS A 190 33.49 24.42 34.67
N ARG A 191 34.70 24.46 34.13
CA ARG A 191 35.01 25.43 33.08
C ARG A 191 34.16 25.16 31.84
N GLU A 192 33.70 23.91 31.70
CA GLU A 192 32.88 23.51 30.56
C GLU A 192 31.60 24.33 30.46
N ASP A 193 30.83 24.39 31.55
CA ASP A 193 29.55 25.09 31.52
C ASP A 193 29.75 26.59 31.32
N GLU A 194 30.74 27.17 31.99
CA GLU A 194 30.98 28.60 31.86
C GLU A 194 31.41 28.97 30.45
N GLU A 195 32.30 28.17 29.84
CA GLU A 195 32.78 28.49 28.50
C GLU A 195 31.70 28.27 27.46
N GLU A 196 30.87 27.23 27.64
CA GLU A 196 29.76 27.02 26.71
C GLU A 196 28.77 28.18 26.74
N SER A 197 28.48 28.69 27.94
CA SER A 197 27.54 29.81 28.07
C SER A 197 28.16 31.10 27.55
N LEU A 198 29.46 31.33 27.81
CA LEU A 198 30.09 32.58 27.42
C LEU A 198 30.17 32.71 25.89
N ASN A 199 30.36 31.59 25.19
CA ASN A 199 30.47 31.65 23.73
C ASN A 199 29.19 32.18 23.10
N GLU A 200 28.04 31.73 23.59
CA GLU A 200 26.76 32.24 23.11
C GLU A 200 26.64 33.72 23.41
N VAL A 201 26.19 34.49 22.40
CA VAL A 201 26.06 35.93 22.49
C VAL A 201 24.64 36.38 22.15
N GLY A 202 24.14 35.98 20.98
CA GLY A 202 22.79 36.32 20.59
C GLY A 202 22.66 36.69 19.14
N TYR A 203 22.06 37.86 18.88
CA TYR A 203 21.91 38.32 17.51
C TYR A 203 23.24 38.75 16.91
N ASP A 204 24.29 38.86 17.73
CA ASP A 204 25.58 39.25 17.18
C ASP A 204 26.18 38.14 16.34
N ASP A 205 25.92 36.87 16.71
CA ASP A 205 26.56 35.75 16.04
C ASP A 205 26.16 35.65 14.57
N ILE A 206 24.89 35.85 14.27
CA ILE A 206 24.41 35.70 12.90
C ILE A 206 24.48 37.04 12.18
N GLY A 207 24.67 36.97 10.87
CA GLY A 207 24.67 38.17 10.04
C GLY A 207 24.16 37.86 8.66
N GLY A 208 23.91 38.92 7.89
CA GLY A 208 23.42 38.79 6.54
C GLY A 208 21.91 38.64 6.42
N CYS A 209 21.20 38.54 7.55
CA CYS A 209 19.76 38.37 7.55
C CYS A 209 19.09 39.33 8.54
N ARG A 210 19.73 40.47 8.83
CA ARG A 210 19.23 41.37 9.87
C ARG A 210 17.80 41.81 9.57
N LYS A 211 17.46 42.00 8.30
CA LYS A 211 16.08 42.33 7.95
C LYS A 211 15.13 41.20 8.32
N GLN A 212 15.54 39.95 8.05
CA GLN A 212 14.70 38.81 8.43
C GLN A 212 14.62 38.64 9.94
N LEU A 213 15.74 38.89 10.64
CA LEU A 213 15.69 38.86 12.10
C LEU A 213 14.73 39.90 12.64
N ALA A 214 14.74 41.11 12.07
CA ALA A 214 13.80 42.14 12.48
C ALA A 214 12.36 41.72 12.21
N GLN A 215 12.12 41.15 11.02
CA GLN A 215 10.78 40.65 10.72
C GLN A 215 10.31 39.65 11.76
N ILE A 216 11.18 38.72 12.13
CA ILE A 216 10.83 37.74 13.16
C ILE A 216 10.58 38.44 14.50
N LYS A 217 11.37 39.47 14.81
CA LYS A 217 11.19 40.21 16.06
C LYS A 217 9.80 40.83 16.14
N GLU A 218 9.34 41.45 15.06
CA GLU A 218 7.97 41.98 15.09
C GLU A 218 6.95 40.85 15.05
N MET A 219 7.30 39.71 14.44
CA MET A 219 6.36 38.60 14.40
C MET A 219 6.28 37.90 15.75
N VAL A 220 7.41 37.79 16.45
CA VAL A 220 7.53 36.97 17.64
C VAL A 220 7.89 37.79 18.87
N GLU A 221 9.03 38.48 18.83
CA GLU A 221 9.63 38.99 20.05
C GLU A 221 8.82 40.15 20.64
N LEU A 222 8.25 41.00 19.80
CA LEU A 222 7.50 42.15 20.33
C LEU A 222 6.29 41.75 21.16
N PRO A 223 5.42 40.83 20.73
CA PRO A 223 4.31 40.42 21.61
C PRO A 223 4.77 39.86 22.94
N LEU A 224 5.85 39.06 22.94
CA LEU A 224 6.30 38.46 24.19
C LEU A 224 6.95 39.49 25.10
N ARG A 225 7.61 40.50 24.51
CA ARG A 225 8.34 41.48 25.31
C ARG A 225 7.41 42.28 26.21
N HIS A 226 6.32 42.80 25.67
CA HIS A 226 5.35 43.59 26.43
C HIS A 226 3.98 42.96 26.27
N PRO A 227 3.64 41.99 27.13
CA PRO A 227 2.34 41.32 27.00
C PRO A 227 1.16 42.26 27.18
N ALA A 228 1.28 43.27 28.03
CA ALA A 228 0.15 44.15 28.34
C ALA A 228 -0.29 44.94 27.11
N LEU A 229 0.65 45.30 26.24
CA LEU A 229 0.32 46.07 25.05
C LEU A 229 -0.65 45.30 24.16
N PHE A 230 -0.42 44.00 23.99
CA PHE A 230 -1.36 43.18 23.24
C PHE A 230 -2.60 42.88 24.07
N LYS A 231 -2.44 42.75 25.39
CA LYS A 231 -3.55 42.36 26.24
C LYS A 231 -4.65 43.41 26.26
N GLU A 232 -4.27 44.70 26.20
CA GLU A 232 -5.27 45.75 26.37
C GLU A 232 -6.34 45.68 25.27
N ILE A 233 -5.93 45.53 24.01
CA ILE A 233 -6.87 45.39 22.92
C ILE A 233 -7.33 43.94 22.75
N GLY A 234 -6.92 43.06 23.65
CA GLY A 234 -7.19 41.64 23.48
C GLY A 234 -5.96 40.95 22.92
N VAL A 235 -5.30 40.13 23.73
CA VAL A 235 -4.04 39.53 23.31
C VAL A 235 -4.31 38.49 22.22
N LYS A 236 -3.72 38.72 21.05
CA LYS A 236 -3.84 37.81 19.92
C LYS A 236 -2.46 37.54 19.33
N PRO A 237 -1.63 36.78 20.04
CA PRO A 237 -0.34 36.39 19.49
C PRO A 237 -0.54 35.57 18.22
N PRO A 238 0.31 35.75 17.21
CA PRO A 238 0.22 34.90 16.03
C PRO A 238 0.39 33.45 16.40
N ARG A 239 -0.47 32.59 15.83
CA ARG A 239 -0.45 31.18 16.19
C ARG A 239 0.77 30.48 15.62
N GLY A 240 1.17 30.83 14.39
CA GLY A 240 2.31 30.21 13.77
C GLY A 240 2.94 31.13 12.74
N ILE A 241 4.25 30.97 12.57
CA ILE A 241 5.04 31.73 11.61
C ILE A 241 5.67 30.74 10.64
N LEU A 242 5.50 31.00 9.35
CA LEU A 242 5.96 30.10 8.29
C LEU A 242 7.09 30.77 7.53
N LEU A 243 8.21 30.06 7.40
CA LEU A 243 9.37 30.55 6.66
C LEU A 243 9.66 29.60 5.50
N TYR A 244 9.53 30.10 4.28
CA TYR A 244 9.86 29.35 3.08
C TYR A 244 10.92 30.11 2.30
N GLY A 245 11.90 29.38 1.77
CA GLY A 245 12.95 29.99 1.00
C GLY A 245 13.94 28.97 0.47
N PRO A 246 14.82 29.40 -0.44
CA PRO A 246 15.83 28.49 -0.98
C PRO A 246 16.79 28.05 0.11
N PRO A 247 17.45 26.91 -0.07
CA PRO A 247 18.39 26.42 0.96
C PRO A 247 19.53 27.40 1.17
N GLY A 248 20.10 27.38 2.38
CA GLY A 248 21.19 28.24 2.75
C GLY A 248 20.80 29.47 3.55
N THR A 249 19.49 29.74 3.67
CA THR A 249 19.04 30.91 4.41
C THR A 249 19.36 30.80 5.90
N GLY A 250 19.57 29.59 6.40
CA GLY A 250 19.90 29.39 7.80
C GLY A 250 18.80 29.78 8.76
N LYS A 251 17.57 29.35 8.45
CA LYS A 251 16.44 29.67 9.32
C LYS A 251 16.63 29.05 10.70
N THR A 252 17.15 27.82 10.76
CA THR A 252 17.45 27.22 12.06
C THR A 252 18.52 28.01 12.79
N LEU A 253 19.49 28.56 12.07
CA LEU A 253 20.49 29.41 12.70
C LEU A 253 19.85 30.68 13.24
N ILE A 254 18.87 31.24 12.52
CA ILE A 254 18.16 32.41 13.02
C ILE A 254 17.42 32.08 14.31
N ALA A 255 16.74 30.93 14.34
CA ALA A 255 16.01 30.53 15.54
C ALA A 255 16.97 30.29 16.70
N ARG A 256 18.12 29.70 16.43
CA ARG A 256 19.13 29.53 17.46
C ARG A 256 19.61 30.86 18.00
N ALA A 257 19.81 31.84 17.12
CA ALA A 257 20.22 33.16 17.57
C ALA A 257 19.14 33.81 18.42
N VAL A 258 17.86 33.65 18.02
CA VAL A 258 16.76 34.18 18.81
C VAL A 258 16.75 33.56 20.19
N ALA A 259 16.98 32.25 20.26
CA ALA A 259 17.14 31.60 21.56
C ALA A 259 18.32 32.18 22.32
N ASN A 260 19.40 32.49 21.60
CA ASN A 260 20.60 33.01 22.26
C ASN A 260 20.33 34.34 22.94
N GLU A 261 19.58 35.23 22.28
CA GLU A 261 19.33 36.56 22.82
C GLU A 261 18.13 36.62 23.76
N THR A 262 17.26 35.62 23.75
CA THR A 262 16.02 35.65 24.54
C THR A 262 16.08 34.63 25.67
N GLY A 263 15.67 35.05 26.86
CA GLY A 263 15.64 34.14 28.00
C GLY A 263 14.46 33.19 27.97
N ALA A 264 13.46 33.48 27.14
CA ALA A 264 12.33 32.59 27.01
C ALA A 264 12.79 31.23 26.49
N PHE A 265 12.17 30.17 27.00
CA PHE A 265 12.64 28.82 26.71
C PHE A 265 12.54 28.51 25.23
N PHE A 266 13.46 27.70 24.73
CA PHE A 266 13.52 27.30 23.34
C PHE A 266 13.53 25.79 23.25
N PHE A 267 12.70 25.23 22.38
CA PHE A 267 12.64 23.80 22.14
C PHE A 267 12.77 23.50 20.66
N LEU A 268 13.52 22.46 20.34
CA LEU A 268 13.82 22.08 18.96
C LEU A 268 13.12 20.78 18.62
N ILE A 269 12.31 20.81 17.56
CA ILE A 269 11.61 19.63 17.08
C ILE A 269 11.88 19.48 15.59
N ASN A 270 12.16 18.25 15.18
CA ASN A 270 12.49 17.94 13.80
C ASN A 270 11.25 17.41 13.10
N GLY A 271 11.02 17.86 11.86
CA GLY A 271 9.84 17.51 11.12
C GLY A 271 9.78 16.10 10.60
N PRO A 272 10.73 15.66 9.75
CA PRO A 272 10.63 14.30 9.20
C PRO A 272 10.67 13.20 10.24
N GLU A 273 11.24 13.43 11.42
CA GLU A 273 11.21 12.38 12.43
C GLU A 273 9.80 12.22 13.00
N ILE A 274 9.05 13.33 13.10
CA ILE A 274 7.64 13.26 13.43
C ILE A 274 6.87 12.61 12.29
N MET A 275 7.27 12.90 11.05
CA MET A 275 6.62 12.30 9.89
C MET A 275 6.81 10.79 9.86
N SER A 276 7.98 10.31 10.30
CA SER A 276 8.27 8.88 10.35
C SER A 276 7.85 8.32 11.70
N LYS A 277 6.54 8.35 11.94
CA LYS A 277 5.97 7.90 13.20
C LYS A 277 4.68 7.13 12.92
N LEU A 278 4.28 6.33 13.90
CA LEU A 278 2.98 5.67 13.84
C LEU A 278 1.88 6.66 14.23
N ALA A 279 0.63 6.20 14.13
CA ALA A 279 -0.51 7.08 14.38
C ALA A 279 -0.57 7.48 15.85
N GLY A 280 -0.23 8.73 16.13
CA GLY A 280 -0.34 9.30 17.45
C GLY A 280 0.94 9.33 18.27
N GLU A 281 1.93 8.49 17.94
CA GLU A 281 3.20 8.57 18.64
C GLU A 281 3.88 9.91 18.41
N SER A 282 3.82 10.41 17.17
CA SER A 282 4.30 11.75 16.90
C SER A 282 3.49 12.79 17.67
N GLU A 283 2.17 12.63 17.68
CA GLU A 283 1.33 13.53 18.46
C GLU A 283 1.65 13.44 19.95
N SER A 284 2.11 12.27 20.40
CA SER A 284 2.54 12.14 21.78
C SER A 284 3.73 13.06 22.07
N ASN A 285 4.74 13.04 21.20
CA ASN A 285 5.91 13.89 21.41
C ASN A 285 5.54 15.37 21.27
N LEU A 286 4.65 15.69 20.33
CA LEU A 286 4.24 17.08 20.17
C LEU A 286 3.45 17.58 21.37
N ARG A 287 2.59 16.73 21.92
CA ARG A 287 1.87 17.09 23.15
C ARG A 287 2.84 17.24 24.32
N LYS A 288 3.86 16.39 24.38
CA LYS A 288 4.88 16.54 25.43
C LYS A 288 5.61 17.87 25.28
N ALA A 289 5.93 18.26 24.05
CA ALA A 289 6.57 19.55 23.83
C ALA A 289 5.66 20.69 24.26
N PHE A 290 4.37 20.60 23.94
CA PHE A 290 3.41 21.61 24.41
C PHE A 290 3.37 21.64 25.93
N GLU A 291 3.35 20.48 26.58
CA GLU A 291 3.26 20.43 28.03
C GLU A 291 4.47 21.10 28.67
N GLU A 292 5.68 20.76 28.22
CA GLU A 292 6.88 21.36 28.79
C GLU A 292 6.97 22.84 28.46
N ALA A 293 6.48 23.23 27.28
CA ALA A 293 6.48 24.66 26.93
C ALA A 293 5.55 25.45 27.83
N GLU A 294 4.38 24.90 28.15
CA GLU A 294 3.47 25.61 29.03
C GLU A 294 3.94 25.54 30.48
N LYS A 295 4.81 24.58 30.79
CA LYS A 295 5.40 24.53 32.12
C LYS A 295 6.24 25.76 32.40
N ASN A 296 7.00 26.21 31.41
CA ASN A 296 7.88 27.36 31.55
C ASN A 296 7.17 28.68 31.22
N ALA A 297 5.89 28.63 30.86
CA ALA A 297 5.11 29.74 30.32
C ALA A 297 5.76 30.21 29.01
N PRO A 298 6.40 31.38 28.86
CA PRO A 298 6.77 31.79 27.50
C PRO A 298 7.83 30.86 26.91
N ALA A 299 7.62 30.48 25.66
CA ALA A 299 8.53 29.56 25.00
C ALA A 299 8.43 29.74 23.49
N ILE A 300 9.51 29.38 22.81
CA ILE A 300 9.59 29.42 21.36
C ILE A 300 9.91 28.02 20.86
N ILE A 301 9.09 27.51 19.95
CA ILE A 301 9.22 26.18 19.41
C ILE A 301 9.60 26.29 17.94
N PHE A 302 10.64 25.56 17.54
CA PHE A 302 11.12 25.57 16.16
C PHE A 302 10.83 24.22 15.53
N ILE A 303 10.41 24.25 14.26
CA ILE A 303 10.18 23.05 13.48
C ILE A 303 11.27 22.93 12.43
N ASP A 304 11.95 21.80 12.41
CA ASP A 304 13.04 21.56 11.48
C ASP A 304 12.48 21.08 10.15
N GLU A 305 12.82 21.81 9.08
CA GLU A 305 12.53 21.40 7.69
C GLU A 305 11.14 20.79 7.54
N LEU A 306 10.10 21.61 7.75
CA LEU A 306 8.74 21.16 7.52
C LEU A 306 8.44 20.98 6.03
N ASP A 307 9.45 21.10 5.17
CA ASP A 307 9.25 20.76 3.76
C ASP A 307 8.90 19.29 3.60
N ALA A 308 9.44 18.43 4.45
CA ALA A 308 9.19 16.99 4.39
C ALA A 308 7.82 16.69 4.99
N ILE A 309 6.78 17.10 4.26
CA ILE A 309 5.40 16.85 4.60
C ILE A 309 4.68 16.32 3.37
N ALA A 310 3.41 15.98 3.52
CA ALA A 310 2.60 15.63 2.37
C ALA A 310 2.46 16.85 1.46
N PRO A 311 2.61 16.69 0.15
CA PRO A 311 2.42 17.82 -0.77
C PRO A 311 0.94 18.13 -0.94
N LYS A 312 0.51 19.24 -0.32
CA LYS A 312 -0.84 19.82 -0.39
C LYS A 312 -1.91 18.88 0.16
N ARG A 313 -1.54 17.75 0.76
CA ARG A 313 -2.46 16.86 1.48
C ARG A 313 -3.40 16.13 0.53
N GLU A 314 -3.41 16.53 -0.74
CA GLU A 314 -4.43 16.02 -1.66
C GLU A 314 -3.82 15.44 -2.92
N LYS A 315 -2.59 15.83 -3.25
CA LYS A 315 -1.86 15.21 -4.36
C LYS A 315 -1.04 14.05 -3.79
N THR A 316 -1.72 13.21 -3.02
CA THR A 316 -1.11 12.06 -2.37
C THR A 316 -2.04 10.85 -2.52
N HIS A 317 -1.44 9.67 -2.45
CA HIS A 317 -2.17 8.41 -2.50
C HIS A 317 -2.20 7.80 -1.11
N GLY A 318 -3.39 7.49 -0.62
CA GLY A 318 -3.57 7.04 0.75
C GLY A 318 -3.93 8.17 1.69
N GLU A 319 -4.44 7.80 2.86
CA GLU A 319 -4.91 8.78 3.83
C GLU A 319 -4.01 8.90 5.07
N VAL A 320 -2.89 8.18 5.13
CA VAL A 320 -2.04 8.22 6.32
C VAL A 320 -1.36 9.58 6.43
N GLU A 321 -0.86 10.11 5.31
CA GLU A 321 -0.26 11.44 5.33
C GLU A 321 -1.29 12.49 5.73
N ARG A 322 -2.52 12.35 5.22
CA ARG A 322 -3.60 13.27 5.61
C ARG A 322 -3.88 13.17 7.11
N ARG A 323 -3.83 11.95 7.66
CA ARG A 323 -4.00 11.78 9.10
C ARG A 323 -2.91 12.52 9.85
N ILE A 324 -1.66 12.40 9.39
CA ILE A 324 -0.55 13.05 10.07
C ILE A 324 -0.73 14.56 10.04
N VAL A 325 -1.11 15.10 8.89
CA VAL A 325 -1.29 16.54 8.75
C VAL A 325 -2.43 17.02 9.63
N SER A 326 -3.55 16.28 9.65
CA SER A 326 -4.67 16.66 10.50
C SER A 326 -4.27 16.63 11.97
N GLN A 327 -3.43 15.67 12.35
CA GLN A 327 -2.94 15.64 13.73
C GLN A 327 -2.08 16.85 14.05
N LEU A 328 -1.25 17.27 13.10
CA LEU A 328 -0.48 18.50 13.30
C LEU A 328 -1.41 19.70 13.47
N LEU A 329 -2.47 19.77 12.66
CA LEU A 329 -3.41 20.88 12.75
C LEU A 329 -4.12 20.87 14.10
N THR A 330 -4.48 19.68 14.58
CA THR A 330 -5.14 19.57 15.89
C THR A 330 -4.18 19.95 17.01
N LEU A 331 -2.90 19.59 16.88
CA LEU A 331 -1.90 20.05 17.83
C LEU A 331 -1.84 21.57 17.86
N MET A 332 -1.81 22.21 16.69
CA MET A 332 -1.82 23.67 16.65
C MET A 332 -3.07 24.24 17.29
N ASP A 333 -4.23 23.64 17.00
CA ASP A 333 -5.50 24.17 17.50
C ASP A 333 -5.59 24.02 19.02
N GLY A 334 -4.93 22.99 19.57
CA GLY A 334 -4.90 22.85 21.02
C GLY A 334 -4.18 23.98 21.71
N LEU A 335 -3.14 24.52 21.06
CA LEU A 335 -2.49 25.72 21.56
C LEU A 335 -3.48 26.86 21.61
N LYS A 336 -3.77 27.37 22.80
CA LYS A 336 -4.69 28.48 22.94
C LYS A 336 -3.94 29.77 23.25
N GLN A 337 -2.60 29.73 23.19
CA GLN A 337 -1.74 30.88 23.42
C GLN A 337 -1.85 31.44 24.83
N ARG A 338 -2.27 30.61 25.79
CA ARG A 338 -2.35 31.06 27.18
C ARG A 338 -0.97 31.35 27.76
N ALA A 339 0.02 30.51 27.45
CA ALA A 339 1.37 30.68 27.94
C ALA A 339 2.25 31.51 27.00
N HIS A 340 1.67 32.09 25.95
CA HIS A 340 2.43 32.87 24.98
C HIS A 340 3.55 32.05 24.33
N VAL A 341 3.20 30.85 23.86
CA VAL A 341 4.15 29.97 23.18
C VAL A 341 3.95 30.09 21.68
N ILE A 342 5.04 30.34 20.97
CA ILE A 342 5.01 30.51 19.52
C ILE A 342 5.66 29.30 18.86
N VAL A 343 4.94 28.66 17.94
CA VAL A 343 5.43 27.52 17.19
C VAL A 343 5.60 27.94 15.75
N MET A 344 6.84 28.08 15.30
CA MET A 344 7.17 28.57 13.97
C MET A 344 8.06 27.57 13.26
N ALA A 345 7.86 27.46 11.94
CA ALA A 345 8.37 26.34 11.15
C ALA A 345 9.21 26.84 9.99
N ALA A 346 10.07 25.97 9.47
CA ALA A 346 10.93 26.28 8.34
C ALA A 346 10.71 25.26 7.23
N THR A 347 10.68 25.73 5.99
CA THR A 347 10.51 24.89 4.81
C THR A 347 11.25 25.50 3.65
N ASN A 348 11.57 24.70 2.63
CA ASN A 348 12.35 25.20 1.50
C ASN A 348 11.45 25.61 0.34
N ARG A 349 10.44 24.80 0.01
CA ARG A 349 9.55 25.09 -1.10
C ARG A 349 8.17 25.42 -0.57
N PRO A 350 7.68 26.65 -0.75
CA PRO A 350 6.39 27.04 -0.14
C PRO A 350 5.22 26.21 -0.62
N ASN A 351 5.24 25.75 -1.87
CA ASN A 351 4.07 25.06 -2.41
C ASN A 351 3.91 23.67 -1.81
N SER A 352 4.98 23.14 -1.20
CA SER A 352 4.85 21.86 -0.49
C SER A 352 3.97 22.01 0.74
N ILE A 353 3.81 23.24 1.24
CA ILE A 353 2.99 23.45 2.42
C ILE A 353 1.52 23.16 2.08
N ASP A 354 0.84 22.50 3.01
CA ASP A 354 -0.54 22.09 2.80
C ASP A 354 -1.48 23.29 2.81
N PRO A 355 -2.64 23.17 2.14
CA PRO A 355 -3.63 24.25 2.21
C PRO A 355 -4.10 24.56 3.62
N ALA A 356 -4.27 23.53 4.45
CA ALA A 356 -4.80 23.75 5.80
C ALA A 356 -3.75 24.32 6.73
N LEU A 357 -2.47 24.16 6.39
CA LEU A 357 -1.41 24.62 7.30
C LEU A 357 -1.32 26.15 7.31
N ARG A 358 -1.81 26.80 6.26
CA ARG A 358 -1.75 28.26 6.20
C ARG A 358 -3.06 28.94 6.55
N ARG A 359 -4.05 28.19 7.03
CA ARG A 359 -5.34 28.78 7.36
C ARG A 359 -5.32 29.37 8.78
N PHE A 360 -6.39 30.08 9.12
CA PHE A 360 -6.52 30.63 10.45
C PHE A 360 -6.62 29.50 11.47
N GLY A 361 -5.96 29.67 12.61
CA GLY A 361 -5.75 28.58 13.53
C GLY A 361 -4.52 27.75 13.22
N ARG A 362 -3.85 28.03 12.11
CA ARG A 362 -2.66 27.32 11.67
C ARG A 362 -1.60 28.33 11.28
N PHE A 363 -0.55 27.90 10.58
CA PHE A 363 0.54 28.81 10.20
C PHE A 363 0.02 29.80 9.15
N ASP A 364 -0.87 30.68 9.61
CA ASP A 364 -1.46 31.67 8.72
C ASP A 364 -0.42 32.70 8.29
N ARG A 365 0.45 33.10 9.21
CA ARG A 365 1.47 34.10 8.89
C ARG A 365 2.51 33.48 7.96
N GLU A 366 2.84 34.21 6.90
CA GLU A 366 3.81 33.75 5.91
C GLU A 366 4.89 34.79 5.74
N VAL A 367 6.13 34.43 6.08
CA VAL A 367 7.28 35.30 5.92
C VAL A 367 8.26 34.61 4.98
N ASP A 368 8.62 35.29 3.90
CA ASP A 368 9.54 34.77 2.90
C ASP A 368 10.95 35.18 3.25
N ILE A 369 11.87 34.22 3.24
CA ILE A 369 13.27 34.46 3.52
C ILE A 369 14.05 34.34 2.22
N GLY A 370 14.87 35.35 1.92
CA GLY A 370 15.58 35.37 0.66
C GLY A 370 16.95 34.74 0.78
N ILE A 371 17.46 34.25 -0.36
CA ILE A 371 18.83 33.71 -0.40
C ILE A 371 19.81 34.83 -0.05
N PRO A 372 20.82 34.57 0.78
CA PRO A 372 21.74 35.66 1.16
C PRO A 372 22.53 36.17 -0.03
N ASP A 373 22.65 37.50 -0.11
CA ASP A 373 23.33 38.14 -1.22
C ASP A 373 24.84 38.13 -0.98
N ALA A 374 25.56 38.83 -1.87
CA ALA A 374 27.01 38.86 -1.77
C ALA A 374 27.47 39.50 -0.46
N THR A 375 26.83 40.61 -0.07
CA THR A 375 27.22 41.29 1.16
C THR A 375 26.92 40.43 2.38
N GLY A 376 25.75 39.78 2.40
CA GLY A 376 25.38 38.97 3.56
C GLY A 376 26.29 37.77 3.74
N ARG A 377 26.57 37.05 2.65
CA ARG A 377 27.50 35.94 2.73
C ARG A 377 28.91 36.42 3.03
N LEU A 378 29.24 37.65 2.60
CA LEU A 378 30.52 38.24 2.98
C LEU A 378 30.60 38.45 4.49
N GLU A 379 29.53 38.97 5.09
CA GLU A 379 29.51 39.15 6.55
C GLU A 379 29.56 37.81 7.28
N ILE A 380 28.85 36.81 6.77
CA ILE A 380 28.91 35.48 7.40
C ILE A 380 30.33 34.92 7.32
N LEU A 381 30.99 35.10 6.17
CA LEU A 381 32.38 34.67 6.04
C LEU A 381 33.28 35.42 7.03
N GLN A 382 33.05 36.72 7.21
CA GLN A 382 33.83 37.48 8.17
C GLN A 382 33.59 36.97 9.60
N ILE A 383 32.35 36.62 9.92
CA ILE A 383 32.07 36.05 11.25
C ILE A 383 32.81 34.74 11.42
N HIS A 384 32.82 33.90 10.39
CA HIS A 384 33.56 32.64 10.47
C HIS A 384 35.05 32.86 10.62
N THR A 385 35.59 33.86 9.91
CA THR A 385 37.02 34.10 9.87
C THR A 385 37.51 35.08 10.92
N LYS A 386 36.63 35.56 11.80
CA LYS A 386 37.09 36.45 12.87
C LYS A 386 38.01 35.71 13.82
N ASN A 387 37.77 34.41 14.02
CA ASN A 387 38.66 33.62 14.88
C ASN A 387 39.82 33.05 14.07
N MET A 388 39.69 33.03 12.75
CA MET A 388 40.77 32.57 11.90
C MET A 388 41.89 33.60 11.86
N LYS A 389 43.11 33.14 11.58
CA LYS A 389 44.15 34.07 11.18
C LYS A 389 44.15 34.21 9.66
N LEU A 390 43.97 35.43 9.18
CA LEU A 390 43.78 35.71 7.76
C LEU A 390 45.02 36.41 7.21
N ALA A 391 45.50 35.95 6.06
CA ALA A 391 46.61 36.61 5.41
C ALA A 391 46.17 37.94 4.79
N ASP A 392 47.14 38.80 4.53
CA ASP A 392 46.82 40.10 3.96
C ASP A 392 46.35 39.97 2.51
N ASP A 393 46.95 39.05 1.75
CA ASP A 393 46.64 38.96 0.33
C ASP A 393 45.21 38.50 0.09
N VAL A 394 44.72 37.56 0.90
CA VAL A 394 43.38 37.02 0.68
C VAL A 394 42.33 38.08 1.02
N ASP A 395 41.38 38.26 0.11
CA ASP A 395 40.28 39.21 0.30
C ASP A 395 38.97 38.43 0.31
N LEU A 396 38.23 38.55 1.42
CA LEU A 396 36.97 37.83 1.52
C LEU A 396 35.95 38.35 0.51
N GLU A 397 36.12 39.58 0.04
CA GLU A 397 35.19 40.13 -0.94
C GLU A 397 35.27 39.40 -2.27
N GLN A 398 36.50 39.12 -2.74
CA GLN A 398 36.64 38.38 -4.00
C GLN A 398 36.11 36.97 -3.87
N VAL A 399 36.40 36.31 -2.74
CA VAL A 399 35.88 34.96 -2.51
C VAL A 399 34.35 34.98 -2.48
N ALA A 400 33.77 35.98 -1.83
CA ALA A 400 32.32 36.11 -1.79
C ALA A 400 31.74 36.32 -3.18
N ASN A 401 32.41 37.14 -4.00
CA ASN A 401 31.96 37.34 -5.38
C ASN A 401 32.01 36.04 -6.17
N GLU A 402 33.02 35.21 -5.89
CA GLU A 402 33.11 33.92 -6.60
C GLU A 402 32.02 32.96 -6.14
N THR A 403 31.75 32.89 -4.84
CA THR A 403 30.80 31.93 -4.28
C THR A 403 29.37 32.48 -4.35
N HIS A 404 28.94 32.76 -5.58
CA HIS A 404 27.63 33.38 -5.80
C HIS A 404 26.49 32.46 -5.38
N GLY A 405 26.58 31.18 -5.69
CA GLY A 405 25.48 30.26 -5.47
C GLY A 405 25.63 29.27 -4.35
N HIS A 406 26.73 29.30 -3.60
CA HIS A 406 26.98 28.25 -2.61
C HIS A 406 26.27 28.54 -1.29
N VAL A 407 26.01 27.47 -0.55
CA VAL A 407 25.27 27.56 0.71
C VAL A 407 26.15 28.20 1.79
N GLY A 408 25.50 28.84 2.77
CA GLY A 408 26.22 29.29 3.96
C GLY A 408 26.85 28.13 4.71
N ALA A 409 26.16 26.99 4.76
CA ALA A 409 26.79 25.77 5.25
C ALA A 409 27.98 25.39 4.37
N ASP A 410 27.82 25.52 3.05
CA ASP A 410 28.95 25.28 2.16
C ASP A 410 30.07 26.28 2.42
N LEU A 411 29.73 27.49 2.86
CA LEU A 411 30.77 28.46 3.21
C LEU A 411 31.49 28.08 4.49
N ALA A 412 30.76 27.52 5.46
CA ALA A 412 31.41 27.01 6.66
C ALA A 412 32.35 25.85 6.34
N ALA A 413 31.89 24.94 5.48
CA ALA A 413 32.77 23.86 5.02
C ALA A 413 33.96 24.42 4.24
N LEU A 414 33.73 25.49 3.48
CA LEU A 414 34.81 26.15 2.75
C LEU A 414 35.87 26.68 3.70
N CYS A 415 35.45 27.39 4.73
CA CYS A 415 36.40 27.93 5.70
C CYS A 415 37.15 26.82 6.42
N SER A 416 36.43 25.75 6.81
CA SER A 416 37.09 24.64 7.47
C SER A 416 38.12 23.98 6.56
N GLU A 417 37.76 23.74 5.30
CA GLU A 417 38.68 23.12 4.36
C GLU A 417 39.90 24.00 4.13
N ALA A 418 39.71 25.31 4.02
CA ALA A 418 40.84 26.22 3.87
C ALA A 418 41.75 26.18 5.09
N ALA A 419 41.16 26.12 6.28
CA ALA A 419 41.97 26.07 7.50
C ALA A 419 42.79 24.78 7.56
N LEU A 420 42.17 23.63 7.27
CA LEU A 420 42.94 22.38 7.28
C LEU A 420 43.98 22.35 6.16
N GLN A 421 43.70 23.01 5.03
CA GLN A 421 44.72 23.09 3.99
C GLN A 421 45.92 23.90 4.46
N ALA A 422 45.65 25.03 5.13
CA ALA A 422 46.73 25.82 5.71
C ALA A 422 47.51 25.00 6.72
N ILE A 423 46.82 24.18 7.51
CA ILE A 423 47.51 23.30 8.45
C ILE A 423 48.39 22.31 7.70
N ARG A 424 47.89 21.77 6.59
CA ARG A 424 48.65 20.80 5.82
C ARG A 424 49.83 21.47 5.11
N LYS A 425 49.83 22.80 5.01
CA LYS A 425 51.03 23.48 4.54
C LYS A 425 52.14 23.43 5.58
N LYS A 426 51.79 23.13 6.83
CA LYS A 426 52.76 23.11 7.93
C LYS A 426 53.01 21.71 8.48
N MET A 427 52.33 20.68 7.97
CA MET A 427 52.47 19.34 8.54
C MET A 427 53.90 18.83 8.38
N ASP A 428 54.65 19.37 7.42
CA ASP A 428 56.07 19.04 7.32
C ASP A 428 56.85 19.61 8.48
N LEU A 429 56.65 20.90 8.78
CA LEU A 429 57.35 21.53 9.89
C LEU A 429 56.96 20.92 11.22
N ILE A 430 55.67 20.67 11.43
CA ILE A 430 55.20 20.14 12.70
C ILE A 430 55.50 18.65 12.78
N ASP A 431 56.14 18.25 13.87
CA ASP A 431 56.51 16.86 14.10
C ASP A 431 55.46 16.23 15.00
N LEU A 432 54.66 15.34 14.43
CA LEU A 432 53.61 14.68 15.21
C LEU A 432 54.21 13.83 16.33
N GLU A 433 55.38 13.25 16.09
CA GLU A 433 55.99 12.38 17.09
C GLU A 433 56.37 13.16 18.34
N ASP A 434 56.85 14.38 18.18
CA ASP A 434 57.18 15.22 19.32
C ASP A 434 55.92 15.54 20.12
N GLU A 435 56.07 15.59 21.45
CA GLU A 435 54.93 15.85 22.32
C GLU A 435 54.39 17.27 22.10
N THR A 436 55.27 18.24 21.92
CA THR A 436 54.86 19.63 21.74
C THR A 436 55.66 20.24 20.59
N ILE A 437 55.07 21.26 19.99
CA ILE A 437 55.68 21.99 18.88
C ILE A 437 55.62 23.48 19.22
N ASP A 438 56.58 24.24 18.71
CA ASP A 438 56.62 25.66 19.01
C ASP A 438 55.41 26.36 18.41
N ALA A 439 54.74 27.18 19.23
CA ALA A 439 53.56 27.88 18.76
C ALA A 439 53.91 29.05 17.84
N GLU A 440 55.16 29.50 17.83
CA GLU A 440 55.52 30.68 17.07
C GLU A 440 55.35 30.45 15.58
N VAL A 441 55.74 29.27 15.08
CA VAL A 441 55.65 28.98 13.66
C VAL A 441 54.18 28.95 13.24
N MET A 442 53.30 28.45 14.12
CA MET A 442 51.88 28.42 13.80
C MET A 442 51.27 29.82 13.84
N ASN A 443 51.69 30.65 14.79
CA ASN A 443 51.19 32.02 14.87
C ASN A 443 51.65 32.84 13.68
N SER A 444 52.87 32.60 13.20
CA SER A 444 53.36 33.31 12.03
C SER A 444 52.53 33.00 10.79
N LEU A 445 52.08 31.75 10.68
CA LEU A 445 51.29 31.34 9.52
C LEU A 445 49.93 32.04 9.50
N ALA A 446 49.50 32.44 8.32
CA ALA A 446 48.17 32.97 8.10
C ALA A 446 47.58 32.31 6.86
N VAL A 447 46.26 32.05 6.91
CA VAL A 447 45.59 31.37 5.81
C VAL A 447 45.58 32.29 4.59
N THR A 448 46.13 31.81 3.48
CA THR A 448 46.34 32.63 2.30
C THR A 448 45.20 32.47 1.30
N MET A 449 45.27 33.28 0.24
CA MET A 449 44.29 33.20 -0.84
C MET A 449 44.34 31.86 -1.55
N ASP A 450 45.52 31.22 -1.57
CA ASP A 450 45.64 29.91 -2.20
C ASP A 450 44.80 28.87 -1.47
N ASP A 451 44.74 28.95 -0.15
CA ASP A 451 43.92 28.02 0.63
C ASP A 451 42.45 28.14 0.26
N PHE A 452 41.94 29.37 0.21
CA PHE A 452 40.56 29.58 -0.17
C PHE A 452 40.30 29.13 -1.60
N ARG A 453 41.25 29.36 -2.50
CA ARG A 453 41.07 28.92 -3.89
C ARG A 453 41.01 27.39 -3.98
N TRP A 454 41.88 26.69 -3.24
CA TRP A 454 41.82 25.24 -3.24
C TRP A 454 40.49 24.75 -2.68
N ALA A 455 40.05 25.33 -1.55
CA ALA A 455 38.81 24.88 -0.94
C ALA A 455 37.61 25.17 -1.85
N LEU A 456 37.67 26.28 -2.60
CA LEU A 456 36.62 26.58 -3.56
C LEU A 456 36.64 25.59 -4.72
N SER A 457 37.84 25.18 -5.15
CA SER A 457 37.93 24.13 -6.16
C SER A 457 37.29 22.84 -5.68
N GLN A 458 37.51 22.49 -4.41
CA GLN A 458 36.90 21.29 -3.87
C GLN A 458 35.40 21.45 -3.66
N SER A 459 34.97 22.64 -3.26
CA SER A 459 33.58 22.85 -2.86
C SER A 459 32.63 22.71 -4.05
N ASN A 460 31.38 22.38 -3.75
CA ASN A 460 30.37 22.14 -4.76
C ASN A 460 29.13 22.98 -4.50
N PRO A 461 28.37 23.36 -5.54
CA PRO A 461 27.10 24.08 -5.39
C PRO A 461 26.05 23.30 -4.60
N VAL A 471 24.17 32.24 -15.06
CA VAL A 471 25.04 33.33 -15.52
C VAL A 471 26.03 32.77 -16.54
N PRO A 472 26.09 33.40 -17.71
CA PRO A 472 26.93 32.87 -18.79
C PRO A 472 28.35 33.40 -18.73
N GLN A 473 29.26 32.63 -19.34
CA GLN A 473 30.66 33.02 -19.43
C GLN A 473 30.92 34.02 -20.55
N VAL A 474 29.97 34.18 -21.48
CA VAL A 474 30.20 35.00 -22.66
C VAL A 474 30.12 36.48 -22.30
N THR A 475 30.98 37.28 -22.92
CA THR A 475 31.06 38.71 -22.68
C THR A 475 31.25 39.41 -24.02
N TRP A 476 31.10 40.74 -24.03
CA TRP A 476 31.21 41.54 -25.26
C TRP A 476 32.54 41.31 -25.96
N GLU A 477 33.59 40.98 -25.22
CA GLU A 477 34.88 40.75 -25.86
C GLU A 477 34.81 39.56 -26.82
N ASP A 478 34.03 38.54 -26.48
CA ASP A 478 33.87 37.40 -27.38
C ASP A 478 33.09 37.80 -28.63
N ILE A 479 32.30 38.88 -28.54
CA ILE A 479 31.48 39.32 -29.66
C ILE A 479 32.39 39.94 -30.73
N GLY A 480 32.08 39.68 -31.99
CA GLY A 480 32.77 40.30 -33.12
C GLY A 480 31.79 41.09 -33.98
N GLY A 481 31.97 42.41 -33.99
CA GLY A 481 31.14 43.29 -34.78
C GLY A 481 29.74 43.46 -34.19
N LEU A 482 28.85 44.00 -35.03
CA LEU A 482 27.44 44.21 -34.68
C LEU A 482 27.30 45.04 -33.40
N GLU A 483 28.08 46.13 -33.33
CA GLU A 483 28.12 46.94 -32.11
C GLU A 483 26.78 47.61 -31.83
N ASP A 484 26.03 47.97 -32.87
CA ASP A 484 24.78 48.67 -32.68
C ASP A 484 23.77 47.82 -31.93
N VAL A 485 23.69 46.54 -32.28
CA VAL A 485 22.79 45.62 -31.58
C VAL A 485 23.20 45.50 -30.13
N LYS A 486 24.51 45.45 -29.86
CA LYS A 486 24.99 45.40 -28.48
C LYS A 486 24.55 46.63 -27.71
N ARG A 487 24.68 47.81 -28.32
CA ARG A 487 24.28 49.04 -27.65
C ARG A 487 22.79 49.03 -27.31
N GLU A 488 21.96 48.66 -28.28
CA GLU A 488 20.52 48.66 -28.05
C GLU A 488 20.13 47.64 -26.99
N LEU A 489 20.73 46.45 -27.05
CA LEU A 489 20.43 45.41 -26.08
C LEU A 489 20.83 45.85 -24.67
N GLN A 490 21.97 46.54 -24.55
CA GLN A 490 22.33 47.15 -23.27
C GLN A 490 21.28 48.17 -22.85
N GLU A 491 20.78 48.96 -23.80
CA GLU A 491 19.79 49.97 -23.47
C GLU A 491 18.54 49.36 -22.83
N LEU A 492 17.98 48.32 -23.45
CA LEU A 492 16.67 47.85 -23.01
C LEU A 492 16.73 47.04 -21.72
N VAL A 493 17.85 46.40 -21.43
CA VAL A 493 17.92 45.42 -20.35
C VAL A 493 18.62 45.97 -19.12
N GLN A 494 19.79 46.57 -19.31
CA GLN A 494 20.62 46.96 -18.17
C GLN A 494 20.01 48.13 -17.40
N TYR A 495 19.59 49.17 -18.12
CA TYR A 495 19.09 50.38 -17.45
C TYR A 495 17.91 50.13 -16.52
N PRO A 496 16.92 49.27 -16.84
CA PRO A 496 15.82 49.06 -15.88
C PRO A 496 16.28 48.65 -14.49
N VAL A 497 17.36 47.87 -14.37
CA VAL A 497 17.85 47.52 -13.05
C VAL A 497 18.92 48.50 -12.56
N GLU A 498 19.64 49.15 -13.47
CA GLU A 498 20.66 50.11 -13.02
C GLU A 498 20.02 51.40 -12.53
N HIS A 499 18.98 51.87 -13.21
CA HIS A 499 18.29 53.12 -12.85
C HIS A 499 16.79 52.88 -12.78
N PRO A 500 16.31 52.10 -11.81
CA PRO A 500 14.86 52.03 -11.60
C PRO A 500 14.27 53.34 -11.11
N ASP A 501 15.08 54.19 -10.48
CA ASP A 501 14.57 55.46 -9.98
C ASP A 501 14.08 56.36 -11.11
N LYS A 502 14.87 56.48 -12.17
CA LYS A 502 14.45 57.29 -13.31
C LYS A 502 13.23 56.70 -14.00
N PHE A 503 13.18 55.37 -14.10
CA PHE A 503 12.02 54.71 -14.70
C PHE A 503 10.75 55.02 -13.90
N LEU A 504 10.84 54.96 -12.57
CA LEU A 504 9.69 55.28 -11.74
C LEU A 504 9.32 56.76 -11.84
N LYS A 505 10.33 57.63 -11.93
CA LYS A 505 10.06 59.06 -12.05
C LYS A 505 9.33 59.39 -13.35
N PHE A 506 9.75 58.81 -14.46
CA PHE A 506 9.19 59.16 -15.76
C PHE A 506 7.95 58.34 -16.11
N GLY A 507 7.55 57.40 -15.27
CA GLY A 507 6.35 56.62 -15.55
C GLY A 507 6.45 55.77 -16.79
N MET A 508 7.59 55.09 -16.99
CA MET A 508 7.82 54.25 -18.15
C MET A 508 7.90 52.80 -17.72
N THR A 509 7.06 51.95 -18.31
CA THR A 509 7.13 50.52 -18.08
C THR A 509 8.18 49.93 -19.01
N PRO A 510 9.17 49.21 -18.50
CA PRO A 510 10.27 48.73 -19.36
C PRO A 510 9.76 47.80 -20.45
N SER A 511 10.32 47.96 -21.65
CA SER A 511 10.00 47.08 -22.76
C SER A 511 10.73 45.76 -22.59
N LYS A 512 10.00 44.66 -22.78
CA LYS A 512 10.49 43.32 -22.43
C LYS A 512 10.62 42.42 -23.65
N GLY A 513 10.86 42.98 -24.83
CA GLY A 513 10.92 42.13 -26.01
C GLY A 513 11.91 42.56 -27.07
N VAL A 514 12.73 41.62 -27.54
CA VAL A 514 13.64 41.84 -28.65
C VAL A 514 13.61 40.59 -29.53
N LEU A 515 13.48 40.79 -30.84
CA LEU A 515 13.41 39.70 -31.79
C LEU A 515 14.58 39.79 -32.77
N PHE A 516 15.29 38.69 -32.94
CA PHE A 516 16.43 38.61 -33.86
C PHE A 516 16.08 37.66 -34.98
N TYR A 517 16.27 38.10 -36.23
CA TYR A 517 15.98 37.26 -37.38
C TYR A 517 17.10 37.42 -38.40
N GLY A 518 17.69 36.30 -38.81
CA GLY A 518 18.78 36.33 -39.74
C GLY A 518 19.34 34.95 -40.04
N PRO A 519 20.43 34.90 -40.79
CA PRO A 519 21.04 33.61 -41.16
C PRO A 519 21.57 32.90 -39.93
N PRO A 520 21.65 31.57 -39.97
CA PRO A 520 22.14 30.82 -38.82
C PRO A 520 23.59 31.16 -38.50
N GLY A 521 23.94 31.07 -37.23
CA GLY A 521 25.31 31.19 -36.81
C GLY A 521 25.88 32.59 -36.76
N CYS A 522 25.05 33.60 -36.47
CA CYS A 522 25.50 34.98 -36.38
C CYS A 522 25.65 35.47 -34.95
N GLY A 523 25.67 34.56 -33.97
CA GLY A 523 25.93 34.94 -32.60
C GLY A 523 24.78 35.52 -31.82
N LYS A 524 23.53 35.33 -32.29
CA LYS A 524 22.39 35.85 -31.54
C LYS A 524 22.29 35.18 -30.17
N THR A 525 22.48 33.87 -30.11
CA THR A 525 22.57 33.20 -28.82
C THR A 525 23.71 33.78 -28.00
N LEU A 526 24.83 34.06 -28.65
CA LEU A 526 25.98 34.62 -27.97
C LEU A 526 25.67 36.04 -27.49
N LEU A 527 24.92 36.80 -28.27
CA LEU A 527 24.48 38.13 -27.82
C LEU A 527 23.62 38.03 -26.57
N ALA A 528 22.65 37.11 -26.56
CA ALA A 528 21.80 36.96 -25.39
C ALA A 528 22.61 36.56 -24.17
N LYS A 529 23.57 35.64 -24.36
CA LYS A 529 24.45 35.26 -23.26
C LYS A 529 25.23 36.47 -22.76
N ALA A 530 25.66 37.33 -23.68
CA ALA A 530 26.37 38.53 -23.28
C ALA A 530 25.51 39.43 -22.40
N ILE A 531 24.27 39.68 -22.82
CA ILE A 531 23.41 40.57 -22.04
C ILE A 531 23.15 39.99 -20.65
N ALA A 532 22.84 38.69 -20.59
CA ALA A 532 22.62 38.05 -19.31
C ALA A 532 23.86 38.11 -18.43
N ASN A 533 25.05 38.05 -19.05
CA ASN A 533 26.28 38.18 -18.29
C ASN A 533 26.43 39.59 -17.74
N GLU A 534 26.11 40.60 -18.54
CA GLU A 534 26.29 41.98 -18.09
C GLU A 534 25.38 42.29 -16.91
N CYS A 535 24.07 42.03 -17.06
CA CYS A 535 23.14 42.47 -16.03
C CYS A 535 23.22 41.64 -14.76
N GLN A 536 24.14 40.68 -14.67
CA GLN A 536 24.15 39.69 -13.60
C GLN A 536 22.78 39.02 -13.47
N ALA A 537 22.13 38.86 -14.61
CA ALA A 537 20.82 38.23 -14.70
C ALA A 537 21.01 36.79 -15.17
N ASN A 538 20.28 35.88 -14.52
CA ASN A 538 20.38 34.47 -14.88
C ASN A 538 19.95 34.26 -16.32
N PHE A 539 20.56 33.29 -16.98
CA PHE A 539 20.31 33.02 -18.39
C PHE A 539 19.63 31.67 -18.55
N ILE A 540 18.48 31.66 -19.23
CA ILE A 540 17.74 30.45 -19.52
C ILE A 540 17.53 30.37 -21.02
N SER A 541 18.02 29.30 -21.64
CA SER A 541 17.93 29.12 -23.07
C SER A 541 17.14 27.85 -23.36
N ILE A 542 16.30 27.90 -24.39
CA ILE A 542 15.38 26.80 -24.70
C ILE A 542 15.07 26.82 -26.19
N LYS A 543 14.68 25.66 -26.70
CA LYS A 543 14.25 25.50 -28.08
C LYS A 543 12.79 25.05 -28.10
N GLY A 544 12.11 25.33 -29.21
CA GLY A 544 10.75 24.88 -29.40
C GLY A 544 10.59 23.37 -29.40
N PRO A 545 11.43 22.67 -30.16
CA PRO A 545 11.38 21.20 -30.13
C PRO A 545 11.63 20.60 -28.77
N GLU A 546 12.34 21.30 -27.88
CA GLU A 546 12.49 20.79 -26.52
C GLU A 546 11.19 20.89 -25.73
N LEU A 547 10.21 21.63 -26.25
CA LEU A 547 8.94 21.80 -25.56
C LEU A 547 7.78 21.11 -26.24
N LEU A 548 7.91 20.76 -27.52
CA LEU A 548 6.74 20.38 -28.31
C LEU A 548 6.05 19.13 -27.77
N THR A 549 6.81 18.11 -27.36
CA THR A 549 6.34 16.81 -26.87
C THR A 549 5.20 16.21 -27.71
N MET A 550 4.53 15.18 -27.18
CA MET A 550 3.46 14.53 -27.91
C MET A 550 2.20 14.26 -27.10
N TRP A 551 2.25 14.35 -25.78
CA TRP A 551 1.05 14.14 -24.99
C TRP A 551 0.12 15.34 -25.12
N PHE A 552 -1.10 15.17 -24.60
CA PHE A 552 -2.18 16.10 -24.92
C PHE A 552 -1.89 17.50 -24.41
N GLY A 553 -1.58 17.62 -23.12
CA GLY A 553 -1.41 18.94 -22.55
C GLY A 553 -0.04 19.16 -21.96
N GLU A 554 0.94 18.37 -22.40
CA GLU A 554 2.27 18.48 -21.82
C GLU A 554 3.05 19.67 -22.38
N SER A 555 2.85 20.04 -23.64
CA SER A 555 3.64 21.12 -24.22
C SER A 555 3.31 22.47 -23.58
N GLU A 556 2.02 22.76 -23.44
CA GLU A 556 1.63 24.00 -22.77
C GLU A 556 2.07 23.98 -21.31
N ALA A 557 2.04 22.81 -20.67
CA ALA A 557 2.53 22.71 -19.31
C ALA A 557 4.02 23.03 -19.24
N ASN A 558 4.79 22.55 -20.22
CA ASN A 558 6.21 22.88 -20.27
C ASN A 558 6.44 24.37 -20.46
N VAL A 559 5.62 25.00 -21.31
CA VAL A 559 5.74 26.44 -21.52
C VAL A 559 5.46 27.20 -20.23
N ARG A 560 4.38 26.83 -19.54
CA ARG A 560 4.08 27.48 -18.27
C ARG A 560 5.18 27.23 -17.26
N GLU A 561 5.73 26.02 -17.23
CA GLU A 561 6.78 25.71 -16.27
C GLU A 561 8.03 26.53 -16.51
N ILE A 562 8.43 26.69 -17.77
CA ILE A 562 9.65 27.46 -18.04
C ILE A 562 9.43 28.94 -17.78
N PHE A 563 8.23 29.46 -18.08
CA PHE A 563 7.98 30.85 -17.73
C PHE A 563 7.99 31.06 -16.23
N ASP A 564 7.43 30.12 -15.47
CA ASP A 564 7.52 30.20 -14.01
C ASP A 564 8.96 30.07 -13.55
N LYS A 565 9.76 29.30 -14.27
CA LYS A 565 11.17 29.14 -13.92
C LYS A 565 11.93 30.44 -14.10
N ALA A 566 11.67 31.14 -15.21
CA ALA A 566 12.26 32.46 -15.39
C ALA A 566 11.74 33.45 -14.36
N ARG A 567 10.47 33.31 -13.96
CA ARG A 567 9.92 34.15 -12.90
C ARG A 567 10.66 33.93 -11.58
N GLN A 568 10.91 32.68 -11.21
CA GLN A 568 11.62 32.39 -9.97
C GLN A 568 13.03 32.94 -10.01
N ALA A 569 13.71 32.79 -11.14
CA ALA A 569 15.09 33.24 -11.30
C ALA A 569 15.19 34.71 -11.69
N ALA A 570 14.15 35.49 -11.44
CA ALA A 570 14.20 36.91 -11.78
C ALA A 570 15.20 37.62 -10.88
N PRO A 571 15.94 38.61 -11.43
CA PRO A 571 15.91 39.09 -12.81
C PRO A 571 16.57 38.11 -13.77
N CYS A 572 15.84 37.72 -14.82
CA CYS A 572 16.32 36.71 -15.74
C CYS A 572 16.07 37.16 -17.17
N VAL A 573 16.88 36.63 -18.08
CA VAL A 573 16.74 36.87 -19.51
C VAL A 573 16.37 35.56 -20.17
N LEU A 574 15.17 35.49 -20.71
CA LEU A 574 14.63 34.26 -21.28
C LEU A 574 14.81 34.31 -22.79
N PHE A 575 15.57 33.36 -23.33
CA PHE A 575 15.93 33.35 -24.74
C PHE A 575 15.24 32.18 -25.41
N PHE A 576 14.45 32.47 -26.45
CA PHE A 576 13.75 31.45 -27.22
C PHE A 576 14.46 31.29 -28.56
N ASP A 577 15.11 30.15 -28.76
CA ASP A 577 15.79 29.85 -30.01
C ASP A 577 14.86 29.09 -30.93
N GLN A 578 14.96 29.37 -32.23
CA GLN A 578 14.10 28.77 -33.23
C GLN A 578 12.63 29.02 -32.92
N LEU A 579 12.31 30.29 -32.68
CA LEU A 579 10.94 30.66 -32.31
C LEU A 579 9.95 30.32 -33.42
N ASP A 580 10.42 30.23 -34.67
CA ASP A 580 9.53 29.92 -35.77
C ASP A 580 8.91 28.53 -35.64
N SER A 581 9.56 27.61 -34.93
CA SER A 581 9.01 26.26 -34.80
C SER A 581 7.84 26.21 -33.82
N ILE A 582 7.90 27.00 -32.76
CA ILE A 582 6.93 26.91 -31.68
C ILE A 582 5.80 27.91 -31.90
N ALA A 583 6.09 29.01 -32.58
CA ALA A 583 5.12 30.08 -32.79
C ALA A 583 4.96 30.32 -34.30
N LYS A 584 3.86 29.82 -34.86
CA LYS A 584 3.56 29.99 -36.27
C LYS A 584 2.26 30.78 -36.41
N ALA A 585 1.81 30.95 -37.64
CA ALA A 585 0.56 31.64 -37.90
C ALA A 585 -0.60 30.82 -37.36
N ARG A 586 -1.45 31.44 -36.54
CA ARG A 586 -2.55 30.70 -35.94
C ARG A 586 -3.63 30.39 -36.96
N GLY A 587 -3.73 31.20 -38.01
CA GLY A 587 -4.79 30.99 -38.98
C GLY A 587 -4.66 29.70 -39.76
N GLY A 588 -3.44 29.36 -40.18
CA GLY A 588 -3.27 28.26 -41.10
C GLY A 588 -2.31 27.17 -40.66
N ASN A 589 -2.81 25.95 -40.57
CA ASN A 589 -1.99 24.78 -40.27
C ASN A 589 -2.66 23.58 -40.93
N ILE A 590 -2.01 23.02 -41.94
CA ILE A 590 -2.60 21.91 -42.68
C ILE A 590 -2.63 20.65 -41.82
N GLY A 591 -1.54 20.36 -41.12
CA GLY A 591 -1.45 19.12 -40.37
C GLY A 591 -2.38 19.08 -39.17
N ASP A 592 -2.69 17.86 -38.74
CA ASP A 592 -3.55 17.68 -37.58
C ASP A 592 -2.89 18.19 -36.30
N GLY A 593 -1.58 18.40 -36.31
CA GLY A 593 -0.91 19.03 -35.19
C GLY A 593 -1.18 20.51 -35.07
N GLY A 594 -1.97 21.07 -36.00
CA GLY A 594 -2.30 22.47 -35.92
C GLY A 594 -3.04 22.85 -34.66
N GLY A 595 -3.89 21.97 -34.15
CA GLY A 595 -4.58 22.26 -32.90
C GLY A 595 -3.60 22.41 -31.75
N ALA A 596 -2.66 21.48 -31.63
CA ALA A 596 -1.65 21.58 -30.58
C ALA A 596 -0.78 22.81 -30.76
N ALA A 597 -0.40 23.13 -32.00
CA ALA A 597 0.41 24.32 -32.24
C ALA A 597 -0.34 25.57 -31.83
N ASP A 598 -1.62 25.67 -32.20
CA ASP A 598 -2.42 26.82 -31.83
C ASP A 598 -2.54 26.96 -30.33
N ARG A 599 -2.71 25.82 -29.65
CA ARG A 599 -2.79 25.84 -28.19
C ARG A 599 -1.49 26.34 -27.58
N VAL A 600 -0.35 25.92 -28.15
CA VAL A 600 0.94 26.37 -27.62
C VAL A 600 1.12 27.87 -27.82
N ILE A 601 0.75 28.39 -28.99
CA ILE A 601 0.87 29.83 -29.22
C ILE A 601 -0.02 30.61 -28.28
N ASN A 602 -1.26 30.15 -28.07
CA ASN A 602 -2.14 30.82 -27.12
C ASN A 602 -1.55 30.82 -25.72
N GLN A 603 -0.97 29.69 -25.32
CA GLN A 603 -0.33 29.62 -24.01
C GLN A 603 0.81 30.62 -23.89
N ILE A 604 1.63 30.72 -24.94
CA ILE A 604 2.75 31.67 -24.91
C ILE A 604 2.24 33.10 -24.80
N LEU A 605 1.21 33.44 -25.58
CA LEU A 605 0.68 34.79 -25.55
C LEU A 605 0.15 35.14 -24.17
N THR A 606 -0.62 34.22 -23.56
CA THR A 606 -1.19 34.53 -22.25
C THR A 606 -0.11 34.58 -21.18
N GLU A 607 0.89 33.72 -21.27
CA GLU A 607 1.98 33.77 -20.29
C GLU A 607 2.76 35.08 -20.42
N MET A 608 2.96 35.56 -21.64
CA MET A 608 3.63 36.84 -21.82
C MET A 608 2.79 37.98 -21.26
N ASP A 609 1.48 37.97 -21.51
CA ASP A 609 0.63 39.04 -21.00
C ASP A 609 0.59 39.05 -19.47
N GLY A 610 0.40 37.89 -18.85
CA GLY A 610 0.41 37.83 -17.40
C GLY A 610 1.78 37.99 -16.79
N MET A 611 2.84 37.84 -17.59
CA MET A 611 4.21 37.90 -17.10
C MET A 611 4.69 39.34 -16.93
N SER A 612 4.11 40.28 -17.68
CA SER A 612 4.57 41.67 -17.64
C SER A 612 4.51 42.26 -16.24
N THR A 613 3.62 41.75 -15.39
CA THR A 613 3.56 42.22 -14.00
C THR A 613 4.89 41.98 -13.30
N LYS A 614 5.60 40.90 -13.67
CA LYS A 614 6.95 40.65 -13.19
C LYS A 614 7.91 41.32 -14.16
N LYS A 615 8.33 42.52 -13.81
CA LYS A 615 9.10 43.35 -14.73
C LYS A 615 10.55 42.91 -14.86
N ASN A 616 11.03 42.04 -13.97
CA ASN A 616 12.45 41.69 -13.97
C ASN A 616 12.81 40.82 -15.16
N VAL A 617 11.90 39.93 -15.58
CA VAL A 617 12.21 38.96 -16.62
C VAL A 617 12.13 39.61 -17.99
N PHE A 618 13.10 39.30 -18.84
CA PHE A 618 13.23 39.85 -20.19
C PHE A 618 13.09 38.73 -21.20
N ILE A 619 12.49 39.03 -22.35
CA ILE A 619 12.24 38.03 -23.40
C ILE A 619 13.10 38.38 -24.61
N ILE A 620 13.85 37.39 -25.10
CA ILE A 620 14.65 37.54 -26.31
C ILE A 620 14.31 36.38 -27.23
N GLY A 621 13.98 36.70 -28.48
CA GLY A 621 13.57 35.68 -29.42
C GLY A 621 14.36 35.69 -30.72
N ALA A 622 14.95 34.55 -31.07
CA ALA A 622 15.75 34.43 -32.28
C ALA A 622 15.13 33.41 -33.21
N THR A 623 14.95 33.79 -34.48
CA THR A 623 14.34 32.93 -35.48
C THR A 623 15.13 32.95 -36.77
N ASN A 624 15.12 31.84 -37.49
CA ASN A 624 15.73 31.80 -38.82
C ASN A 624 14.76 32.33 -39.87
N ARG A 625 13.50 31.93 -39.80
CA ARG A 625 12.50 32.32 -40.79
C ARG A 625 11.42 33.16 -40.11
N PRO A 626 11.50 34.49 -40.19
CA PRO A 626 10.55 35.33 -39.45
C PRO A 626 9.26 35.63 -40.19
N ASP A 627 9.07 35.10 -41.40
CA ASP A 627 7.83 35.37 -42.12
C ASP A 627 6.66 34.60 -41.52
N ILE A 628 6.87 33.33 -41.17
CA ILE A 628 5.78 32.48 -40.70
C ILE A 628 5.38 32.76 -39.26
N ILE A 629 6.07 33.66 -38.57
CA ILE A 629 5.78 33.90 -37.17
C ILE A 629 4.42 34.56 -37.03
N ASP A 630 3.78 34.31 -35.89
CA ASP A 630 2.43 34.83 -35.66
C ASP A 630 2.47 36.35 -35.55
N PRO A 631 1.61 37.06 -36.28
CA PRO A 631 1.56 38.52 -36.12
C PRO A 631 1.19 38.97 -34.71
N ALA A 632 0.54 38.12 -33.92
CA ALA A 632 0.16 38.52 -32.57
C ALA A 632 1.35 38.63 -31.64
N ILE A 633 2.35 37.76 -31.80
CA ILE A 633 3.49 37.78 -30.88
C ILE A 633 4.39 38.98 -31.16
N LEU A 634 4.31 39.54 -32.38
CA LEU A 634 5.11 40.70 -32.73
C LEU A 634 4.50 42.01 -32.26
N ARG A 635 3.29 41.99 -31.74
CA ARG A 635 2.63 43.21 -31.31
C ARG A 635 3.42 43.87 -30.18
N PRO A 636 3.51 45.20 -30.16
CA PRO A 636 4.23 45.86 -29.07
C PRO A 636 3.65 45.49 -27.72
N GLY A 637 4.55 45.28 -26.76
CA GLY A 637 4.20 44.73 -25.48
C GLY A 637 4.62 43.29 -25.28
N ARG A 638 4.80 42.53 -26.37
CA ARG A 638 5.32 41.18 -26.29
C ARG A 638 6.69 41.06 -26.94
N LEU A 639 6.81 41.36 -28.23
CA LEU A 639 8.09 41.45 -28.93
C LEU A 639 7.99 42.70 -29.79
N ASP A 640 8.36 43.84 -29.22
CA ASP A 640 8.08 45.11 -29.87
C ASP A 640 9.23 45.56 -30.78
N GLN A 641 10.47 45.21 -30.44
CA GLN A 641 11.63 45.64 -31.19
C GLN A 641 12.12 44.51 -32.09
N LEU A 642 12.16 44.76 -33.40
CA LEU A 642 12.57 43.77 -34.38
C LEU A 642 13.93 44.16 -34.93
N ILE A 643 14.96 43.39 -34.57
CA ILE A 643 16.34 43.66 -34.97
C ILE A 643 16.74 42.63 -36.01
N TYR A 644 17.31 43.12 -37.12
CA TYR A 644 17.77 42.26 -38.19
C TYR A 644 19.27 42.04 -38.05
N ILE A 645 19.69 40.79 -38.06
CA ILE A 645 21.11 40.44 -38.03
C ILE A 645 21.51 39.96 -39.40
N PRO A 646 22.24 40.75 -40.18
CA PRO A 646 22.74 40.30 -41.48
C PRO A 646 24.02 39.50 -41.32
N LEU A 647 24.59 39.12 -42.46
CA LEU A 647 25.87 38.43 -42.43
C LEU A 647 26.94 39.37 -41.90
N PRO A 648 27.94 38.85 -41.19
CA PRO A 648 29.01 39.73 -40.71
C PRO A 648 29.72 40.40 -41.88
N ASP A 649 29.89 41.71 -41.78
CA ASP A 649 30.51 42.49 -42.83
C ASP A 649 32.04 42.38 -42.70
N GLU A 650 32.75 42.92 -43.69
CA GLU A 650 34.20 42.69 -43.77
C GLU A 650 34.90 43.08 -42.47
N LYS A 651 34.58 44.26 -41.94
CA LYS A 651 35.12 44.65 -40.63
C LYS A 651 34.63 43.69 -39.54
N SER A 652 33.37 43.29 -39.62
CA SER A 652 32.85 42.30 -38.66
C SER A 652 33.56 40.97 -38.80
N ARG A 653 33.84 40.52 -40.03
CA ARG A 653 34.59 39.28 -40.20
C ARG A 653 35.98 39.40 -39.62
N VAL A 654 36.63 40.55 -39.79
CA VAL A 654 37.94 40.77 -39.20
C VAL A 654 37.86 40.67 -37.68
N ALA A 655 36.84 41.30 -37.09
CA ALA A 655 36.66 41.23 -35.64
C ALA A 655 36.40 39.81 -35.19
N ILE A 656 35.63 39.04 -35.96
CA ILE A 656 35.37 37.65 -35.62
C ILE A 656 36.65 36.82 -35.65
N LEU A 657 37.47 37.02 -36.69
CA LEU A 657 38.73 36.30 -36.75
C LEU A 657 39.62 36.66 -35.57
N LYS A 658 39.69 37.95 -35.23
CA LYS A 658 40.47 38.37 -34.07
C LYS A 658 39.96 37.72 -32.79
N ALA A 659 38.65 37.72 -32.59
CA ALA A 659 38.08 37.15 -31.38
C ALA A 659 38.34 35.66 -31.29
N ASN A 660 38.21 34.95 -32.41
CA ASN A 660 38.43 33.52 -32.40
C ASN A 660 39.91 33.18 -32.28
N LEU A 661 40.80 34.10 -32.64
CA LEU A 661 42.23 33.87 -32.59
C LEU A 661 42.92 34.61 -31.44
N ARG A 662 42.16 35.15 -30.49
CA ARG A 662 42.78 35.76 -29.31
C ARG A 662 43.59 34.74 -28.53
N LYS A 663 43.02 33.56 -28.29
CA LYS A 663 43.73 32.51 -27.58
C LYS A 663 44.69 31.75 -28.50
N SER A 664 44.56 31.95 -29.81
CA SER A 664 45.38 31.25 -30.80
C SER A 664 46.60 32.10 -31.16
N PRO A 665 47.81 31.56 -31.00
CA PRO A 665 48.99 32.28 -31.51
C PRO A 665 48.87 32.51 -33.01
N VAL A 666 49.23 33.71 -33.44
CA VAL A 666 49.05 34.15 -34.81
C VAL A 666 50.40 34.45 -35.44
N ALA A 667 50.65 33.87 -36.62
CA ALA A 667 51.83 34.22 -37.38
C ALA A 667 51.64 35.58 -38.05
N LYS A 668 52.76 36.24 -38.37
CA LYS A 668 52.70 37.57 -38.94
C LYS A 668 52.52 37.55 -40.45
N ASP A 669 52.63 36.38 -41.09
CA ASP A 669 52.51 36.31 -42.54
C ASP A 669 51.06 36.46 -42.99
N VAL A 670 50.14 35.83 -42.27
CA VAL A 670 48.74 35.75 -42.70
C VAL A 670 48.08 37.12 -42.51
N ASP A 671 47.12 37.44 -43.38
CA ASP A 671 46.39 38.70 -43.32
C ASP A 671 44.94 38.42 -42.97
N LEU A 672 44.42 39.11 -41.94
CA LEU A 672 43.05 38.87 -41.49
C LEU A 672 42.03 39.48 -42.45
N GLU A 673 42.26 40.70 -42.92
CA GLU A 673 41.26 41.37 -43.75
C GLU A 673 41.14 40.74 -45.12
N PHE A 674 42.24 40.18 -45.65
CA PHE A 674 42.11 39.43 -46.88
C PHE A 674 41.24 38.19 -46.67
N LEU A 675 41.42 37.50 -45.55
CA LEU A 675 40.55 36.37 -45.20
C LEU A 675 39.09 36.79 -45.10
N ALA A 676 38.84 37.98 -44.53
CA ALA A 676 37.49 38.53 -44.56
C ALA A 676 37.02 38.72 -46.00
N LYS A 677 37.92 39.14 -46.88
CA LYS A 677 37.53 39.39 -48.26
C LYS A 677 37.15 38.11 -49.00
N MET A 678 37.89 37.01 -48.79
CA MET A 678 37.45 35.76 -49.40
C MET A 678 36.13 35.29 -48.80
N THR A 679 35.97 35.44 -47.49
CA THR A 679 34.77 34.96 -46.80
C THR A 679 33.63 35.97 -46.94
N ASN A 680 33.24 36.21 -48.18
CA ASN A 680 32.12 37.12 -48.45
C ASN A 680 30.79 36.46 -48.10
N GLY A 681 30.65 35.16 -48.36
CA GLY A 681 29.46 34.43 -48.05
C GLY A 681 29.53 33.58 -46.80
N PHE A 682 30.50 33.81 -45.93
CA PHE A 682 30.72 32.99 -44.74
C PHE A 682 30.25 33.75 -43.50
N SER A 683 29.60 33.03 -42.59
CA SER A 683 29.17 33.61 -41.34
C SER A 683 30.29 33.55 -40.31
N GLY A 684 29.99 34.06 -39.11
CA GLY A 684 30.96 33.96 -38.03
C GLY A 684 31.22 32.53 -37.60
N ALA A 685 30.19 31.69 -37.63
CA ALA A 685 30.36 30.29 -37.26
C ALA A 685 31.37 29.60 -38.18
N ASP A 686 31.23 29.80 -39.49
CA ASP A 686 32.14 29.18 -40.43
C ASP A 686 33.58 29.61 -40.18
N LEU A 687 33.77 30.90 -39.86
CA LEU A 687 35.09 31.37 -39.48
C LEU A 687 35.58 30.68 -38.22
N THR A 688 34.65 30.36 -37.31
CA THR A 688 35.05 29.65 -36.09
C THR A 688 35.54 28.24 -36.41
N GLU A 689 34.80 27.49 -37.24
CA GLU A 689 35.33 26.18 -37.62
C GLU A 689 36.61 26.30 -38.45
N ILE A 690 36.78 27.38 -39.21
CA ILE A 690 38.03 27.57 -39.93
C ILE A 690 39.18 27.72 -38.95
N CYS A 691 39.01 28.54 -37.92
CA CYS A 691 40.05 28.68 -36.92
C CYS A 691 40.32 27.38 -36.17
N GLN A 692 39.25 26.64 -35.85
CA GLN A 692 39.41 25.37 -35.15
C GLN A 692 40.20 24.37 -35.99
N ARG A 693 39.88 24.27 -37.29
CA ARG A 693 40.60 23.35 -38.15
C ARG A 693 42.03 23.80 -38.38
N ALA A 694 42.26 25.11 -38.44
CA ALA A 694 43.63 25.61 -38.56
C ALA A 694 44.44 25.25 -37.33
N CYS A 695 43.85 25.38 -36.15
CA CYS A 695 44.56 25.01 -34.93
C CYS A 695 44.73 23.50 -34.83
N LYS A 696 43.80 22.74 -35.41
CA LYS A 696 43.99 21.29 -35.51
C LYS A 696 45.18 20.95 -36.41
N LEU A 697 45.33 21.69 -37.52
CA LEU A 697 46.49 21.47 -38.38
C LEU A 697 47.78 21.88 -37.69
N ALA A 698 47.73 22.93 -36.88
CA ALA A 698 48.89 23.27 -36.06
C ALA A 698 49.19 22.16 -35.05
N ILE A 699 48.14 21.55 -34.49
CA ILE A 699 48.32 20.41 -33.61
C ILE A 699 49.02 19.27 -34.34
N ARG A 700 48.61 18.97 -35.57
CA ARG A 700 49.23 17.86 -36.30
C ARG A 700 50.67 18.20 -36.70
N GLU A 701 50.95 19.47 -36.99
CA GLU A 701 52.33 19.87 -37.20
C GLU A 701 53.16 19.68 -35.93
N SER A 702 52.59 20.02 -34.77
CA SER A 702 53.29 19.74 -33.52
C SER A 702 53.41 18.23 -33.29
N ILE A 703 52.48 17.45 -33.83
CA ILE A 703 52.58 15.99 -33.76
C ILE A 703 53.84 15.53 -34.49
N GLU A 704 54.01 16.02 -35.72
CA GLU A 704 55.22 15.69 -36.48
C GLU A 704 56.47 16.23 -35.78
N SER A 705 56.38 17.40 -35.17
CA SER A 705 57.52 17.97 -34.47
C SER A 705 57.88 17.15 -33.24
N GLU A 706 56.89 16.59 -32.55
CA GLU A 706 57.19 15.71 -31.41
C GLU A 706 57.73 14.36 -31.88
N ILE A 707 57.30 13.89 -33.04
CA ILE A 707 57.97 12.72 -33.63
C ILE A 707 59.43 13.04 -33.90
N ARG A 708 59.70 14.24 -34.42
CA ARG A 708 61.07 14.71 -34.61
C ARG A 708 61.84 14.77 -33.30
N ARG A 709 61.19 15.26 -32.25
CA ARG A 709 61.83 15.36 -30.94
C ARG A 709 62.17 13.98 -30.39
N GLU A 710 61.26 13.02 -30.58
CA GLU A 710 61.55 11.65 -30.17
C GLU A 710 62.71 11.06 -30.97
N ARG A 711 62.76 11.37 -32.28
CA ARG A 711 63.91 10.93 -33.07
C ARG A 711 65.20 11.52 -32.54
N GLU A 712 65.17 12.79 -32.16
CA GLU A 712 66.35 13.42 -31.56
C GLU A 712 66.70 12.78 -30.22
N ARG A 713 65.70 12.33 -29.45
CA ARG A 713 65.97 11.70 -28.17
C ARG A 713 66.80 10.44 -28.33
N GLN A 714 66.47 9.61 -29.32
CA GLN A 714 67.17 8.36 -29.54
C GLN A 714 68.53 8.60 -30.20
N PRO A 727 59.13 23.31 -32.19
CA PRO A 727 58.10 23.73 -33.14
C PRO A 727 57.65 25.18 -32.92
N VAL A 728 57.17 25.81 -33.98
CA VAL A 728 56.75 27.20 -33.92
C VAL A 728 55.46 27.31 -33.11
N PRO A 729 55.37 28.25 -32.16
CA PRO A 729 54.09 28.48 -31.48
C PRO A 729 53.00 28.97 -32.42
N GLU A 730 53.36 29.73 -33.45
CA GLU A 730 52.38 30.35 -34.33
C GLU A 730 51.88 29.38 -35.37
N ILE A 731 50.58 29.45 -35.66
CA ILE A 731 49.96 28.54 -36.62
C ILE A 731 50.34 28.96 -38.04
N ARG A 732 50.70 27.97 -38.85
CA ARG A 732 51.28 28.26 -40.16
C ARG A 732 50.25 28.75 -41.16
N ARG A 733 50.75 29.44 -42.19
CA ARG A 733 49.91 29.93 -43.27
C ARG A 733 49.18 28.81 -44.00
N ASP A 734 49.89 27.71 -44.27
CA ASP A 734 49.26 26.58 -44.96
C ASP A 734 48.11 26.01 -44.14
N HIS A 735 48.25 26.06 -42.81
CA HIS A 735 47.15 25.58 -41.96
C HIS A 735 45.90 26.42 -42.16
N PHE A 736 46.06 27.75 -42.18
CA PHE A 736 44.92 28.62 -42.46
C PHE A 736 44.33 28.31 -43.84
N GLU A 737 45.21 28.15 -44.85
CA GLU A 737 44.73 27.94 -46.21
C GLU A 737 43.89 26.67 -46.30
N GLU A 738 44.43 25.54 -45.81
CA GLU A 738 43.70 24.29 -45.88
C GLU A 738 42.43 24.33 -45.03
N ALA A 739 42.50 24.92 -43.84
CA ALA A 739 41.33 24.97 -42.96
C ALA A 739 40.19 25.73 -43.61
N MET A 740 40.50 26.88 -44.24
CA MET A 740 39.44 27.61 -44.92
C MET A 740 39.08 26.97 -46.26
N ARG A 741 39.92 26.06 -46.77
CA ARG A 741 39.56 25.31 -47.97
C ARG A 741 38.52 24.25 -47.67
N PHE A 742 38.67 23.52 -46.55
CA PHE A 742 37.66 22.54 -46.18
C PHE A 742 36.29 23.18 -45.96
N ALA A 743 36.26 24.41 -45.45
CA ALA A 743 35.00 25.02 -45.04
C ALA A 743 34.10 25.28 -46.24
N ARG A 744 32.80 25.31 -45.99
CA ARG A 744 31.79 25.60 -46.99
C ARG A 744 30.88 26.71 -46.46
N ARG A 745 29.98 27.17 -47.31
CA ARG A 745 29.01 28.19 -46.90
C ARG A 745 27.90 27.55 -46.09
N SER A 746 27.72 28.02 -44.85
CA SER A 746 26.63 27.51 -44.02
C SER A 746 25.28 27.98 -44.54
N VAL A 747 25.22 29.20 -45.06
CA VAL A 747 23.98 29.82 -45.50
C VAL A 747 24.05 30.06 -47.01
N SER A 748 23.00 29.67 -47.72
CA SER A 748 22.90 29.98 -49.14
C SER A 748 22.37 31.40 -49.35
N ASP A 749 22.44 31.86 -50.59
CA ASP A 749 22.04 33.23 -50.90
C ASP A 749 20.53 33.41 -50.79
N ASN A 750 19.76 32.37 -51.12
CA ASN A 750 18.31 32.51 -51.15
C ASN A 750 17.75 32.88 -49.78
N ASP A 751 18.27 32.25 -48.73
CA ASP A 751 17.84 32.61 -47.37
C ASP A 751 18.20 34.05 -47.05
N ILE A 752 19.37 34.50 -47.49
CA ILE A 752 19.79 35.88 -47.26
C ILE A 752 18.80 36.84 -47.91
N ARG A 753 18.43 36.53 -49.15
CA ARG A 753 17.46 37.36 -49.87
C ARG A 753 16.10 37.36 -49.18
N LYS A 754 15.68 36.20 -48.66
CA LYS A 754 14.39 36.16 -47.96
C LYS A 754 14.41 37.02 -46.71
N TYR A 755 15.49 36.95 -45.92
CA TYR A 755 15.56 37.79 -44.72
C TYR A 755 15.60 39.26 -45.09
N GLU A 756 16.34 39.61 -46.14
CA GLU A 756 16.36 40.99 -46.60
C GLU A 756 14.98 41.44 -47.06
N MET A 757 14.24 40.55 -47.72
CA MET A 757 12.88 40.88 -48.15
C MET A 757 11.99 41.18 -46.96
N PHE A 758 12.08 40.35 -45.91
CA PHE A 758 11.30 40.63 -44.71
C PHE A 758 11.69 41.97 -44.09
N ALA A 759 12.99 42.27 -44.03
CA ALA A 759 13.42 43.54 -43.48
C ALA A 759 12.90 44.71 -44.30
N GLN A 760 12.93 44.57 -45.63
CA GLN A 760 12.43 45.63 -46.50
C GLN A 760 10.94 45.84 -46.33
N THR A 761 10.18 44.75 -46.18
CA THR A 761 8.75 44.88 -45.92
C THR A 761 8.51 45.57 -44.58
N LEU A 762 9.31 45.23 -43.58
CA LEU A 762 9.21 45.90 -42.28
C LEU A 762 9.45 47.39 -42.43
N GLN A 763 10.47 47.78 -43.21
CA GLN A 763 10.74 49.19 -43.42
C GLN A 763 9.62 49.87 -44.20
N GLN A 764 9.03 49.15 -45.16
CA GLN A 764 7.93 49.71 -45.94
C GLN A 764 6.73 49.99 -45.04
N SER A 765 6.42 49.08 -44.11
CA SER A 765 5.37 49.35 -43.14
C SER A 765 5.81 50.46 -42.18
N ARG A 766 7.12 50.62 -42.00
CA ARG A 766 7.69 51.70 -41.19
C ARG A 766 7.84 52.94 -42.06
N GLY A 767 6.69 53.49 -42.45
CA GLY A 767 6.63 54.57 -43.40
C GLY A 767 6.48 55.97 -42.84
N PHE A 768 6.64 56.17 -41.53
CA PHE A 768 6.46 57.48 -40.93
C PHE A 768 7.76 58.12 -40.49
N GLY A 769 8.86 57.88 -41.21
CA GLY A 769 10.13 58.51 -40.86
C GLY A 769 10.12 60.02 -41.07
N SER A 770 9.48 60.49 -42.15
CA SER A 770 9.44 61.91 -42.48
C SER A 770 8.22 62.54 -41.83
N PHE A 771 8.39 62.96 -40.58
CA PHE A 771 7.32 63.53 -39.79
C PHE A 771 7.81 64.74 -39.03
N ARG A 772 6.91 65.69 -38.80
CA ARG A 772 7.22 66.88 -38.00
C ARG A 772 5.93 67.42 -37.43
N PHE A 773 6.00 67.97 -36.21
CA PHE A 773 4.87 68.74 -35.71
C PHE A 773 4.71 70.05 -36.48
N PRO A 774 3.49 70.55 -36.61
CA PRO A 774 3.29 71.88 -37.18
C PRO A 774 3.83 72.95 -36.24
N SER A 775 4.24 74.07 -36.82
CA SER A 775 4.80 75.20 -36.08
C SER A 775 5.97 74.78 -35.20
N ASN B 21 -46.37 41.03 26.26
CA ASN B 21 -46.17 39.64 25.83
C ASN B 21 -46.18 38.71 27.03
N ARG B 22 -45.01 38.19 27.39
CA ARG B 22 -44.87 37.37 28.58
C ARG B 22 -44.30 38.20 29.71
N PRO B 23 -44.92 38.23 30.89
CA PRO B 23 -44.44 39.12 31.97
C PRO B 23 -43.03 38.82 32.41
N ASN B 24 -42.61 37.55 32.42
CA ASN B 24 -41.29 37.21 32.93
C ASN B 24 -40.18 37.72 32.01
N ARG B 25 -40.49 37.90 30.73
CA ARG B 25 -39.51 38.44 29.79
C ARG B 25 -39.30 39.93 30.04
N LEU B 26 -38.04 40.30 30.31
CA LEU B 26 -37.73 41.67 30.71
C LEU B 26 -36.37 42.06 30.14
N ILE B 27 -36.14 43.36 30.06
CA ILE B 27 -34.94 43.93 29.48
C ILE B 27 -33.94 44.21 30.58
N VAL B 28 -32.67 43.87 30.35
CA VAL B 28 -31.63 44.08 31.35
C VAL B 28 -31.29 45.55 31.45
N ASP B 29 -31.28 46.06 32.69
CA ASP B 29 -30.91 47.45 32.95
C ASP B 29 -29.99 47.48 34.16
N GLU B 30 -29.11 48.49 34.19
CA GLU B 30 -28.16 48.61 35.28
C GLU B 30 -28.84 49.10 36.56
N ALA B 31 -28.30 48.67 37.70
CA ALA B 31 -28.81 49.04 39.00
C ALA B 31 -27.98 50.18 39.57
N ILE B 32 -28.64 51.30 39.85
CA ILE B 32 -27.92 52.49 40.30
C ILE B 32 -27.37 52.30 41.70
N ASN B 33 -28.21 51.79 42.62
CA ASN B 33 -27.84 51.71 44.03
C ASN B 33 -27.88 50.30 44.61
N GLU B 34 -28.72 49.42 44.07
CA GLU B 34 -28.88 48.09 44.66
C GLU B 34 -27.60 47.26 44.48
N ASP B 35 -27.26 46.51 45.51
CA ASP B 35 -26.08 45.66 45.47
C ASP B 35 -26.39 44.37 44.70
N ASN B 36 -25.36 43.54 44.56
CA ASN B 36 -25.50 42.32 43.76
C ASN B 36 -26.48 41.35 44.40
N SER B 37 -26.68 41.45 45.71
CA SER B 37 -27.51 40.48 46.43
C SER B 37 -28.97 40.59 46.01
N VAL B 38 -29.47 41.80 45.80
CA VAL B 38 -30.88 42.06 45.54
C VAL B 38 -31.05 42.61 44.14
N VAL B 39 -32.27 42.54 43.61
CA VAL B 39 -32.63 43.07 42.31
C VAL B 39 -33.91 43.87 42.46
N SER B 40 -33.99 45.00 41.76
CA SER B 40 -35.08 45.95 41.93
C SER B 40 -35.90 46.05 40.65
N LEU B 41 -37.23 46.05 40.81
CA LEU B 41 -38.17 46.13 39.70
C LEU B 41 -39.29 47.10 40.06
N SER B 42 -40.09 47.47 39.06
CA SER B 42 -41.14 48.46 39.29
C SER B 42 -42.29 47.85 40.08
N GLN B 43 -42.98 48.72 40.83
CA GLN B 43 -44.11 48.25 41.65
C GLN B 43 -45.26 47.70 40.81
N PRO B 44 -45.72 48.34 39.73
CA PRO B 44 -46.75 47.69 38.90
C PRO B 44 -46.30 46.35 38.35
N LYS B 45 -45.01 46.19 38.08
CA LYS B 45 -44.52 44.90 37.63
C LYS B 45 -44.77 43.81 38.67
N MET B 46 -44.51 44.12 39.95
CA MET B 46 -44.74 43.14 41.00
C MET B 46 -46.23 42.95 41.25
N ASP B 47 -47.04 43.97 41.01
CA ASP B 47 -48.49 43.80 41.07
C ASP B 47 -48.96 42.79 40.01
N GLU B 48 -48.40 42.90 38.79
CA GLU B 48 -48.69 41.88 37.79
C GLU B 48 -48.17 40.51 38.19
N LEU B 49 -46.97 40.46 38.77
CA LEU B 49 -46.41 39.18 39.18
C LEU B 49 -47.06 38.65 40.44
N GLN B 50 -47.73 39.53 41.20
CA GLN B 50 -48.38 39.15 42.45
C GLN B 50 -47.40 38.50 43.42
N LEU B 51 -46.17 39.02 43.45
CA LEU B 51 -45.11 38.46 44.28
C LEU B 51 -44.82 39.40 45.43
N PHE B 52 -44.69 38.83 46.63
CA PHE B 52 -44.42 39.63 47.83
C PHE B 52 -42.97 40.11 47.84
N ARG B 53 -42.75 41.21 48.56
CA ARG B 53 -41.41 41.76 48.70
C ARG B 53 -40.55 40.82 49.56
N GLY B 54 -39.30 40.65 49.15
CA GLY B 54 -38.37 39.80 49.87
C GLY B 54 -38.29 38.37 49.40
N ASP B 55 -39.02 38.00 48.36
CA ASP B 55 -39.00 36.64 47.85
C ASP B 55 -37.74 36.39 47.03
N THR B 56 -37.26 35.16 47.07
CA THR B 56 -36.12 34.78 46.26
C THR B 56 -36.59 34.34 44.87
N VAL B 57 -36.03 34.96 43.83
CA VAL B 57 -36.41 34.70 42.45
C VAL B 57 -35.17 34.24 41.68
N LEU B 58 -35.33 33.17 40.93
CA LEU B 58 -34.25 32.63 40.12
C LEU B 58 -34.20 33.36 38.78
N LEU B 59 -33.00 33.76 38.37
CA LEU B 59 -32.80 34.55 37.16
C LEU B 59 -32.22 33.67 36.07
N LYS B 60 -32.93 33.60 34.94
CA LYS B 60 -32.44 32.85 33.79
C LYS B 60 -31.40 33.66 33.03
N GLY B 61 -30.48 32.96 32.36
CA GLY B 61 -29.44 33.63 31.61
C GLY B 61 -29.00 32.78 30.44
N LYS B 62 -28.09 33.35 29.65
CA LYS B 62 -27.51 32.63 28.52
C LYS B 62 -26.50 31.60 28.99
N LYS B 63 -26.25 30.61 28.14
CA LYS B 63 -25.28 29.55 28.40
C LYS B 63 -25.58 28.78 29.68
N ARG B 64 -26.86 28.70 30.04
CA ARG B 64 -27.31 28.00 31.24
C ARG B 64 -26.59 28.50 32.49
N ARG B 65 -26.54 29.82 32.65
CA ARG B 65 -26.08 30.46 33.87
C ARG B 65 -27.26 31.12 34.57
N GLU B 66 -27.40 30.86 35.87
CA GLU B 66 -28.52 31.36 36.65
C GLU B 66 -28.00 31.86 38.00
N ALA B 67 -28.78 32.76 38.61
CA ALA B 67 -28.48 33.25 39.94
C ALA B 67 -29.77 33.63 40.64
N VAL B 68 -29.72 33.64 41.97
CA VAL B 68 -30.87 33.97 42.81
C VAL B 68 -30.60 35.29 43.52
N CYS B 69 -31.57 36.19 43.48
CA CYS B 69 -31.45 37.49 44.14
C CYS B 69 -32.77 37.83 44.81
N ILE B 70 -32.70 38.68 45.84
CA ILE B 70 -33.89 39.11 46.54
C ILE B 70 -34.63 40.12 45.70
N VAL B 71 -35.91 39.85 45.43
CA VAL B 71 -36.70 40.74 44.59
C VAL B 71 -37.08 41.98 45.37
N LEU B 72 -37.09 43.13 44.69
CA LEU B 72 -37.40 44.41 45.33
C LEU B 72 -38.32 45.21 44.42
N SER B 73 -39.08 46.10 45.05
CA SER B 73 -39.96 47.02 44.34
C SER B 73 -39.26 48.37 44.24
N ASP B 74 -39.03 48.84 43.02
CA ASP B 74 -38.32 50.08 42.76
C ASP B 74 -39.22 51.02 41.96
N ASP B 75 -39.49 52.20 42.53
CA ASP B 75 -40.26 53.20 41.79
C ASP B 75 -39.48 53.72 40.59
N THR B 76 -38.15 53.83 40.72
CA THR B 76 -37.34 54.32 39.62
C THR B 76 -37.31 53.33 38.46
N CYS B 77 -37.31 52.03 38.77
CA CYS B 77 -37.16 51.01 37.74
C CYS B 77 -38.35 51.03 36.77
N SER B 78 -38.05 50.80 35.50
CA SER B 78 -39.09 50.76 34.47
C SER B 78 -39.91 49.47 34.59
N ASP B 79 -41.08 49.50 33.97
CA ASP B 79 -41.94 48.32 33.95
C ASP B 79 -41.33 47.21 33.11
N GLU B 80 -40.75 47.56 31.97
CA GLU B 80 -40.22 46.58 31.03
C GLU B 80 -38.74 46.28 31.26
N LYS B 81 -38.11 46.92 32.24
CA LYS B 81 -36.69 46.73 32.52
C LYS B 81 -36.50 46.26 33.96
N ILE B 82 -35.33 45.70 34.23
CA ILE B 82 -34.95 45.27 35.57
C ILE B 82 -33.60 45.92 35.91
N ARG B 83 -33.54 46.58 37.05
CA ARG B 83 -32.29 47.17 37.53
C ARG B 83 -31.52 46.11 38.31
N MET B 84 -30.58 45.45 37.66
CA MET B 84 -29.82 44.36 38.26
C MET B 84 -28.33 44.60 38.03
N ASN B 85 -27.53 44.19 39.02
CA ASN B 85 -26.15 44.64 39.15
C ASN B 85 -25.27 44.17 37.99
N ARG B 86 -24.23 44.96 37.73
CA ARG B 86 -23.29 44.63 36.66
C ARG B 86 -22.58 43.31 36.95
N VAL B 87 -22.19 43.09 38.21
CA VAL B 87 -21.58 41.82 38.58
C VAL B 87 -22.54 40.67 38.37
N VAL B 88 -23.83 40.90 38.65
CA VAL B 88 -24.84 39.88 38.39
C VAL B 88 -25.02 39.69 36.89
N ARG B 89 -24.87 40.77 36.10
CA ARG B 89 -24.87 40.62 34.65
C ARG B 89 -23.75 39.70 34.19
N ASN B 90 -22.55 39.91 34.74
CA ASN B 90 -21.43 39.05 34.37
C ASN B 90 -21.65 37.61 34.83
N ASN B 91 -22.26 37.44 36.00
CA ASN B 91 -22.59 36.10 36.48
C ASN B 91 -23.59 35.41 35.56
N LEU B 92 -24.53 36.17 35.02
CA LEU B 92 -25.56 35.63 34.14
C LEU B 92 -25.14 35.58 32.68
N ARG B 93 -23.92 36.05 32.35
CA ARG B 93 -23.43 36.10 30.98
C ARG B 93 -24.37 36.89 30.08
N VAL B 94 -24.91 37.99 30.60
CA VAL B 94 -25.91 38.77 29.89
C VAL B 94 -25.44 40.23 29.84
N ARG B 95 -25.82 40.91 28.76
CA ARG B 95 -25.43 42.29 28.53
C ARG B 95 -26.66 43.18 28.55
N LEU B 96 -26.43 44.49 28.52
CA LEU B 96 -27.52 45.45 28.52
C LEU B 96 -28.32 45.36 27.22
N GLY B 97 -29.64 45.52 27.34
CA GLY B 97 -30.52 45.42 26.20
C GLY B 97 -30.99 44.02 25.87
N ASP B 98 -30.54 43.02 26.63
CA ASP B 98 -30.92 41.63 26.38
C ASP B 98 -32.23 41.29 27.10
N VAL B 99 -32.81 40.17 26.70
CA VAL B 99 -34.07 39.69 27.29
C VAL B 99 -33.77 38.46 28.12
N ILE B 100 -34.14 38.50 29.40
CA ILE B 100 -34.01 37.36 30.29
C ILE B 100 -35.33 37.19 31.04
N SER B 101 -35.54 35.96 31.53
CA SER B 101 -36.79 35.59 32.17
C SER B 101 -36.59 35.49 33.67
N ILE B 102 -37.66 35.76 34.42
CA ILE B 102 -37.66 35.71 35.88
C ILE B 102 -38.59 34.59 36.32
N GLN B 103 -38.10 33.69 37.15
CA GLN B 103 -38.93 32.65 37.74
C GLN B 103 -38.73 32.65 39.25
N PRO B 104 -39.81 32.65 40.04
CA PRO B 104 -39.65 32.59 41.49
C PRO B 104 -38.95 31.31 41.91
N CYS B 105 -38.13 31.42 42.97
CA CYS B 105 -37.42 30.26 43.48
C CYS B 105 -38.23 29.66 44.62
N PRO B 106 -38.86 28.50 44.42
CA PRO B 106 -39.64 27.90 45.50
C PRO B 106 -38.79 27.07 46.43
N ASP B 107 -39.31 26.90 47.66
CA ASP B 107 -38.70 26.01 48.65
C ASP B 107 -37.26 26.42 48.95
N VAL B 108 -37.04 27.73 49.14
CA VAL B 108 -35.71 28.20 49.50
C VAL B 108 -35.38 27.74 50.91
N LYS B 109 -34.15 27.25 51.09
CA LYS B 109 -33.72 26.64 52.33
C LYS B 109 -32.49 27.33 52.89
N TYR B 110 -32.49 27.54 54.20
CA TYR B 110 -31.42 28.29 54.84
C TYR B 110 -30.12 27.49 54.80
N GLY B 111 -29.04 28.17 54.40
CA GLY B 111 -27.78 27.47 54.20
C GLY B 111 -27.11 27.14 55.52
N LYS B 112 -26.82 25.85 55.72
CA LYS B 112 -26.08 25.44 56.92
C LYS B 112 -24.66 25.99 56.89
N ARG B 113 -23.99 25.88 55.75
CA ARG B 113 -22.62 26.33 55.59
C ARG B 113 -22.37 26.58 54.10
N ILE B 114 -21.73 27.70 53.81
CA ILE B 114 -21.43 28.08 52.43
C ILE B 114 -19.94 28.29 52.29
N HIS B 115 -19.36 27.81 51.20
CA HIS B 115 -17.93 27.85 50.96
C HIS B 115 -17.65 28.88 49.87
N VAL B 116 -16.89 29.91 50.21
CA VAL B 116 -16.66 31.06 49.36
C VAL B 116 -15.18 31.15 49.04
N LEU B 117 -14.86 31.38 47.77
CA LEU B 117 -13.47 31.46 47.31
C LEU B 117 -13.22 32.80 46.62
N PRO B 118 -12.28 33.60 47.09
CA PRO B 118 -11.90 34.80 46.33
C PRO B 118 -11.18 34.43 45.04
N ILE B 119 -11.21 35.35 44.07
CA ILE B 119 -10.50 35.13 42.82
C ILE B 119 -9.00 35.29 43.07
N ASP B 120 -8.20 34.52 42.32
CA ASP B 120 -6.78 34.40 42.61
C ASP B 120 -6.07 35.75 42.64
N ASP B 121 -6.43 36.65 41.73
CA ASP B 121 -5.80 37.97 41.73
C ASP B 121 -6.35 38.85 42.85
N THR B 122 -7.64 38.71 43.15
CA THR B 122 -8.24 39.52 44.21
C THR B 122 -7.65 39.20 45.57
N VAL B 123 -7.48 37.91 45.87
CA VAL B 123 -6.96 37.52 47.19
C VAL B 123 -5.50 37.96 47.33
N GLU B 124 -4.74 37.92 46.25
CA GLU B 124 -3.35 38.36 46.30
C GLU B 124 -3.27 39.87 46.51
N GLY B 125 -2.32 40.29 47.34
CA GLY B 125 -2.16 41.69 47.69
C GLY B 125 -2.99 42.17 48.85
N ILE B 126 -3.61 41.26 49.61
CA ILE B 126 -4.45 41.63 50.74
C ILE B 126 -3.74 41.22 52.02
N THR B 127 -3.37 42.20 52.84
CA THR B 127 -2.66 41.91 54.09
C THR B 127 -3.59 41.27 55.12
N GLY B 128 -4.77 41.85 55.34
CA GLY B 128 -5.64 41.36 56.38
C GLY B 128 -6.37 40.09 55.98
N ASN B 129 -7.11 39.54 56.92
CA ASN B 129 -7.93 38.37 56.64
C ASN B 129 -9.14 38.78 55.81
N LEU B 130 -9.29 38.15 54.65
CA LEU B 130 -10.37 38.53 53.73
C LEU B 130 -11.74 38.28 54.36
N PHE B 131 -11.87 37.19 55.12
CA PHE B 131 -13.15 36.89 55.76
C PHE B 131 -13.53 37.98 56.75
N GLU B 132 -12.55 38.46 57.53
CA GLU B 132 -12.85 39.51 58.51
C GLU B 132 -13.14 40.84 57.82
N VAL B 133 -12.31 41.23 56.85
CA VAL B 133 -12.46 42.54 56.22
C VAL B 133 -13.72 42.59 55.39
N TYR B 134 -14.02 41.54 54.63
CA TYR B 134 -15.12 41.56 53.67
C TYR B 134 -16.25 40.62 54.06
N LEU B 135 -15.96 39.33 54.29
CA LEU B 135 -17.02 38.35 54.45
C LEU B 135 -17.77 38.53 55.76
N LYS B 136 -17.06 38.80 56.85
CA LYS B 136 -17.72 38.86 58.16
C LYS B 136 -18.75 39.98 58.26
N PRO B 137 -18.49 41.22 57.84
CA PRO B 137 -19.55 42.24 57.92
C PRO B 137 -20.66 42.02 56.90
N TYR B 138 -20.33 41.56 55.70
CA TYR B 138 -21.35 41.38 54.67
C TYR B 138 -22.29 40.24 55.00
N PHE B 139 -21.76 39.14 55.56
CA PHE B 139 -22.54 37.94 55.83
C PHE B 139 -23.04 37.86 57.26
N LEU B 140 -22.97 38.95 58.02
CA LEU B 140 -23.61 39.02 59.32
C LEU B 140 -25.08 39.36 59.12
N GLU B 141 -25.96 38.38 59.35
CA GLU B 141 -27.39 38.52 59.09
C GLU B 141 -27.63 38.95 57.65
N ALA B 142 -26.92 38.31 56.72
CA ALA B 142 -27.03 38.68 55.32
C ALA B 142 -28.41 38.36 54.77
N TYR B 143 -28.90 37.14 55.01
CA TYR B 143 -30.22 36.70 54.55
C TYR B 143 -30.29 36.75 53.02
N ARG B 144 -29.15 36.48 52.37
CA ARG B 144 -29.00 36.62 50.93
C ARG B 144 -28.95 35.26 50.26
N PRO B 145 -29.88 34.97 49.34
CA PRO B 145 -29.79 33.72 48.59
C PRO B 145 -28.57 33.71 47.69
N ILE B 146 -27.90 32.56 47.63
CA ILE B 146 -26.66 32.41 46.88
C ILE B 146 -26.74 31.13 46.05
N ARG B 147 -26.28 31.20 44.82
CA ARG B 147 -26.31 30.07 43.91
C ARG B 147 -24.87 29.66 43.60
N LYS B 148 -24.67 28.37 43.35
CA LYS B 148 -23.33 27.86 43.09
C LYS B 148 -22.70 28.56 41.90
N GLY B 149 -21.43 28.93 42.05
CA GLY B 149 -20.70 29.62 41.02
C GLY B 149 -20.91 31.12 40.97
N ASP B 150 -21.80 31.66 41.81
CA ASP B 150 -22.03 33.10 41.81
C ASP B 150 -20.84 33.84 42.40
N ILE B 151 -20.57 35.03 41.87
CA ILE B 151 -19.49 35.88 42.32
C ILE B 151 -20.09 37.19 42.81
N PHE B 152 -19.63 37.66 43.96
CA PHE B 152 -20.11 38.91 44.54
C PHE B 152 -18.94 39.76 44.98
N LEU B 153 -19.15 41.07 45.01
CA LEU B 153 -18.10 42.03 45.34
C LEU B 153 -18.47 42.76 46.63
N VAL B 154 -17.51 42.86 47.54
CA VAL B 154 -17.68 43.60 48.79
C VAL B 154 -16.63 44.70 48.82
N ARG B 155 -17.08 45.95 48.89
CA ARG B 155 -16.17 47.08 48.95
C ARG B 155 -15.46 47.10 50.31
N GLY B 156 -14.19 47.42 50.29
CA GLY B 156 -13.41 47.47 51.52
C GLY B 156 -11.94 47.23 51.23
N GLY B 157 -11.13 47.49 52.24
CA GLY B 157 -9.70 47.37 52.11
C GLY B 157 -9.13 48.41 51.16
N MET B 158 -7.87 48.16 50.75
CA MET B 158 -7.26 48.99 49.73
C MET B 158 -7.96 48.83 48.38
N ARG B 159 -8.44 47.63 48.08
CA ARG B 159 -9.23 47.40 46.87
C ARG B 159 -10.28 46.34 47.18
N ALA B 160 -11.48 46.55 46.61
CA ALA B 160 -12.55 45.59 46.77
C ALA B 160 -12.17 44.24 46.15
N VAL B 161 -12.52 43.16 46.86
CA VAL B 161 -12.13 41.80 46.49
C VAL B 161 -13.35 41.06 45.97
N GLU B 162 -13.21 40.46 44.79
CA GLU B 162 -14.29 39.67 44.23
C GLU B 162 -14.29 38.27 44.82
N PHE B 163 -15.44 37.86 45.35
CA PHE B 163 -15.59 36.55 45.97
C PHE B 163 -16.56 35.71 45.15
N LYS B 164 -16.14 34.49 44.81
CA LYS B 164 -16.98 33.53 44.10
C LYS B 164 -17.43 32.46 45.09
N VAL B 165 -18.71 32.12 45.05
CA VAL B 165 -19.25 31.05 45.90
C VAL B 165 -19.29 29.80 45.03
N VAL B 166 -18.20 29.04 45.10
CA VAL B 166 -18.10 27.79 44.33
C VAL B 166 -19.03 26.73 44.91
N GLU B 167 -19.08 26.60 46.22
CA GLU B 167 -19.83 25.56 46.90
C GLU B 167 -20.91 26.17 47.77
N THR B 168 -22.14 25.70 47.61
CA THR B 168 -23.27 26.10 48.44
C THR B 168 -23.93 24.86 49.02
N ASP B 169 -24.19 24.87 50.33
CA ASP B 169 -24.92 23.80 50.99
C ASP B 169 -26.12 24.39 51.71
N PRO B 170 -27.35 23.99 51.37
CA PRO B 170 -27.69 22.97 50.37
C PRO B 170 -27.52 23.46 48.93
N SER B 171 -27.06 22.56 48.06
CA SER B 171 -26.84 22.92 46.67
C SER B 171 -28.17 22.94 45.90
N PRO B 172 -28.35 23.92 45.01
CA PRO B 172 -27.45 25.07 44.84
C PRO B 172 -28.00 26.33 45.49
N TYR B 173 -29.16 26.22 46.11
CA TYR B 173 -29.87 27.37 46.69
C TYR B 173 -29.72 27.34 48.20
N CYS B 174 -29.21 28.42 48.76
CA CYS B 174 -28.95 28.53 50.19
C CYS B 174 -29.18 29.97 50.63
N ILE B 175 -29.52 30.13 51.90
CA ILE B 175 -29.75 31.44 52.50
C ILE B 175 -28.70 31.65 53.59
N VAL B 176 -27.96 32.76 53.49
CA VAL B 176 -26.94 33.07 54.48
C VAL B 176 -27.60 33.45 55.79
N ALA B 177 -27.03 32.93 56.88
CA ALA B 177 -27.55 33.20 58.22
C ALA B 177 -26.36 33.37 59.15
N PRO B 178 -26.56 34.00 60.32
CA PRO B 178 -25.48 34.03 61.30
C PRO B 178 -25.00 32.65 61.71
N ASP B 179 -25.90 31.67 61.74
CA ASP B 179 -25.50 30.30 62.05
C ASP B 179 -24.71 29.69 60.90
N THR B 180 -24.91 30.19 59.68
CA THR B 180 -24.13 29.73 58.54
C THR B 180 -22.66 30.10 58.71
N VAL B 181 -21.78 29.13 58.48
CA VAL B 181 -20.35 29.31 58.67
C VAL B 181 -19.71 29.64 57.33
N ILE B 182 -19.02 30.78 57.28
CA ILE B 182 -18.32 31.22 56.08
C ILE B 182 -16.84 31.31 56.41
N HIS B 183 -16.01 30.70 55.57
CA HIS B 183 -14.57 30.67 55.78
C HIS B 183 -13.88 30.98 54.45
N CYS B 184 -13.03 32.00 54.45
CA CYS B 184 -12.36 32.40 53.22
C CYS B 184 -11.21 31.45 52.87
N GLU B 185 -10.76 30.65 53.84
CA GLU B 185 -9.62 29.78 53.61
C GLU B 185 -9.97 28.70 52.58
N GLY B 186 -9.07 28.53 51.61
CA GLY B 186 -9.27 27.56 50.56
C GLY B 186 -8.42 27.92 49.35
N GLU B 187 -8.68 27.19 48.27
CA GLU B 187 -7.97 27.40 47.01
C GLU B 187 -8.68 28.48 46.20
N PRO B 188 -8.07 29.65 45.98
CA PRO B 188 -8.77 30.72 45.26
C PRO B 188 -9.14 30.28 43.85
N ILE B 189 -10.31 30.74 43.40
CA ILE B 189 -10.76 30.42 42.06
C ILE B 189 -9.92 31.16 41.04
N LYS B 190 -9.42 30.42 40.05
CA LYS B 190 -8.53 31.01 39.06
C LYS B 190 -9.28 31.99 38.15
N ARG B 191 -8.62 33.10 37.84
CA ARG B 191 -9.22 34.09 36.94
C ARG B 191 -9.45 33.51 35.56
N GLU B 192 -8.57 32.61 35.11
CA GLU B 192 -8.72 32.01 33.79
C GLU B 192 -10.00 31.20 33.69
N ASP B 193 -10.39 30.52 34.77
CA ASP B 193 -11.65 29.79 34.76
C ASP B 193 -12.84 30.73 34.60
N GLU B 194 -12.81 31.87 35.30
CA GLU B 194 -13.88 32.85 35.17
C GLU B 194 -13.94 33.40 33.75
N GLU B 195 -12.78 33.68 33.14
CA GLU B 195 -12.76 34.18 31.78
C GLU B 195 -13.28 33.13 30.80
N GLU B 196 -12.89 31.88 30.98
CA GLU B 196 -13.37 30.81 30.11
C GLU B 196 -14.87 30.64 30.22
N SER B 197 -15.40 30.73 31.45
CA SER B 197 -16.86 30.68 31.62
C SER B 197 -17.52 31.87 30.94
N LEU B 198 -16.92 33.06 31.08
CA LEU B 198 -17.47 34.24 30.40
C LEU B 198 -17.31 34.13 28.90
N ASN B 199 -16.24 33.53 28.42
CA ASN B 199 -15.98 33.41 26.99
C ASN B 199 -16.50 32.11 26.40
N GLU B 200 -17.44 31.44 27.05
CA GLU B 200 -18.11 30.32 26.42
C GLU B 200 -18.93 30.80 25.23
N VAL B 201 -18.87 30.05 24.15
CA VAL B 201 -19.59 30.45 22.94
C VAL B 201 -21.04 30.05 23.04
N GLY B 202 -21.92 30.91 22.53
CA GLY B 202 -23.35 30.62 22.51
C GLY B 202 -23.90 30.83 21.12
N TYR B 203 -25.23 30.76 21.03
CA TYR B 203 -25.90 30.95 19.75
C TYR B 203 -25.61 32.34 19.19
N ASP B 204 -25.49 33.34 20.06
CA ASP B 204 -25.24 34.70 19.59
C ASP B 204 -23.86 34.82 18.95
N ASP B 205 -22.90 34.02 19.40
CA ASP B 205 -21.56 34.09 18.83
C ASP B 205 -21.54 33.49 17.42
N ILE B 206 -22.61 32.80 17.03
CA ILE B 206 -22.78 32.35 15.66
C ILE B 206 -23.42 33.44 14.83
N GLY B 207 -22.96 33.59 13.59
CA GLY B 207 -23.52 34.58 12.69
C GLY B 207 -23.76 34.04 11.29
N GLY B 208 -24.85 34.51 10.67
CA GLY B 208 -25.10 34.24 9.27
C GLY B 208 -25.79 32.94 8.95
N CYS B 209 -26.19 32.15 9.95
CA CYS B 209 -26.83 30.87 9.71
C CYS B 209 -28.13 30.72 10.50
N ARG B 210 -28.99 31.73 10.48
CA ARG B 210 -30.16 31.72 11.36
C ARG B 210 -31.10 30.55 11.06
N LYS B 211 -31.31 30.26 9.78
CA LYS B 211 -32.20 29.15 9.42
C LYS B 211 -31.58 27.81 9.84
N GLN B 212 -30.27 27.65 9.62
CA GLN B 212 -29.60 26.42 10.03
C GLN B 212 -29.62 26.26 11.55
N LEU B 213 -29.41 27.35 12.29
CA LEU B 213 -29.53 27.27 13.74
C LEU B 213 -30.96 26.92 14.16
N ALA B 214 -31.97 27.44 13.46
CA ALA B 214 -33.34 27.04 13.77
C ALA B 214 -33.52 25.54 13.58
N GLN B 215 -33.02 25.00 12.48
CA GLN B 215 -33.14 23.57 12.23
C GLN B 215 -32.43 22.76 13.31
N ILE B 216 -31.19 23.15 13.65
CA ILE B 216 -30.42 22.40 14.62
C ILE B 216 -31.05 22.49 16.01
N LYS B 217 -31.58 23.66 16.35
CA LYS B 217 -32.30 23.81 17.61
C LYS B 217 -33.49 22.88 17.67
N GLU B 218 -34.32 22.87 16.63
CA GLU B 218 -35.44 21.94 16.58
C GLU B 218 -34.97 20.51 16.72
N MET B 219 -33.78 20.20 16.18
CA MET B 219 -33.32 18.82 16.20
C MET B 219 -32.85 18.39 17.57
N VAL B 220 -32.10 19.24 18.28
CA VAL B 220 -31.44 18.84 19.53
C VAL B 220 -32.17 19.35 20.77
N GLU B 221 -32.46 20.66 20.82
CA GLU B 221 -32.95 21.24 22.06
C GLU B 221 -34.43 20.96 22.28
N LEU B 222 -35.23 21.09 21.22
CA LEU B 222 -36.68 20.87 21.37
C LEU B 222 -37.04 19.48 21.85
N PRO B 223 -36.42 18.39 21.40
CA PRO B 223 -36.75 17.08 22.00
C PRO B 223 -36.52 17.02 23.50
N LEU B 224 -35.47 17.70 23.99
CA LEU B 224 -35.22 17.72 25.43
C LEU B 224 -36.21 18.59 26.17
N ARG B 225 -36.54 19.76 25.59
CA ARG B 225 -37.45 20.68 26.26
C ARG B 225 -38.85 20.08 26.43
N HIS B 226 -39.37 19.45 25.39
CA HIS B 226 -40.71 18.85 25.43
C HIS B 226 -40.68 17.44 24.84
N PRO B 227 -40.18 16.47 25.60
CA PRO B 227 -40.33 15.06 25.17
C PRO B 227 -41.78 14.63 25.10
N ALA B 228 -42.66 15.31 25.83
CA ALA B 228 -44.07 14.93 25.86
C ALA B 228 -44.70 15.04 24.49
N LEU B 229 -44.34 16.07 23.72
CA LEU B 229 -44.91 16.23 22.39
C LEU B 229 -44.56 15.04 21.51
N PHE B 230 -43.30 14.61 21.53
CA PHE B 230 -42.90 13.48 20.71
C PHE B 230 -43.53 12.18 21.19
N LYS B 231 -43.66 12.00 22.50
CA LYS B 231 -44.28 10.79 23.01
C LYS B 231 -45.76 10.73 22.65
N GLU B 232 -46.45 11.88 22.66
CA GLU B 232 -47.86 11.88 22.32
C GLU B 232 -48.09 11.71 20.83
N ILE B 233 -47.24 12.33 20.00
CA ILE B 233 -47.38 12.17 18.55
C ILE B 233 -46.94 10.80 18.08
N GLY B 234 -46.26 10.03 18.93
CA GLY B 234 -45.86 8.67 18.56
C GLY B 234 -44.70 8.60 17.61
N VAL B 235 -43.67 9.44 17.82
CA VAL B 235 -42.48 9.45 16.97
C VAL B 235 -41.24 9.59 17.84
N LYS B 236 -40.24 8.77 17.54
CA LYS B 236 -38.91 8.98 18.10
C LYS B 236 -38.21 10.08 17.33
N PRO B 237 -37.64 11.07 18.01
CA PRO B 237 -37.04 12.20 17.29
C PRO B 237 -35.81 11.76 16.52
N PRO B 238 -35.45 12.48 15.46
CA PRO B 238 -34.20 12.18 14.74
C PRO B 238 -32.99 12.35 15.66
N ARG B 239 -32.01 11.49 15.48
CA ARG B 239 -30.85 11.42 16.37
C ARG B 239 -29.52 11.60 15.65
N GLY B 240 -29.52 12.00 14.38
CA GLY B 240 -28.28 12.20 13.66
C GLY B 240 -28.27 13.46 12.82
N ILE B 241 -27.21 14.26 12.92
CA ILE B 241 -27.08 15.49 12.17
C ILE B 241 -25.72 15.51 11.49
N LEU B 242 -25.72 15.80 10.19
CA LEU B 242 -24.50 15.92 9.41
C LEU B 242 -24.37 17.36 8.94
N LEU B 243 -23.26 18.01 9.27
CA LEU B 243 -23.01 19.38 8.87
C LEU B 243 -21.91 19.38 7.83
N TYR B 244 -22.24 19.79 6.61
CA TYR B 244 -21.29 19.81 5.50
C TYR B 244 -21.25 21.20 4.92
N GLY B 245 -20.06 21.63 4.52
CA GLY B 245 -19.89 22.93 3.91
C GLY B 245 -18.44 23.20 3.59
N PRO B 246 -18.16 24.37 3.00
CA PRO B 246 -16.78 24.72 2.73
C PRO B 246 -16.00 24.90 4.02
N PRO B 247 -14.69 24.68 4.00
CA PRO B 247 -13.91 24.78 5.24
C PRO B 247 -13.94 26.19 5.80
N GLY B 248 -13.89 26.29 7.12
CA GLY B 248 -13.89 27.57 7.80
C GLY B 248 -15.24 28.23 7.92
N THR B 249 -16.33 27.51 7.64
CA THR B 249 -17.66 28.11 7.58
C THR B 249 -18.33 28.17 8.95
N GLY B 250 -17.85 27.40 9.93
CA GLY B 250 -18.40 27.49 11.27
C GLY B 250 -18.98 26.22 11.83
N LYS B 251 -18.78 25.08 11.16
CA LYS B 251 -19.39 23.83 11.61
C LYS B 251 -18.94 23.47 13.02
N THR B 252 -17.64 23.54 13.28
CA THR B 252 -17.14 23.29 14.62
C THR B 252 -17.70 24.29 15.62
N LEU B 253 -17.82 25.55 15.20
CA LEU B 253 -18.43 26.56 16.08
C LEU B 253 -19.89 26.24 16.36
N ILE B 254 -20.64 25.80 15.35
CA ILE B 254 -22.03 25.41 15.58
C ILE B 254 -22.11 24.30 16.60
N ALA B 255 -21.28 23.26 16.43
CA ALA B 255 -21.33 22.13 17.35
C ALA B 255 -20.96 22.55 18.76
N ARG B 256 -19.89 23.35 18.90
CA ARG B 256 -19.46 23.76 20.23
C ARG B 256 -20.50 24.65 20.90
N ALA B 257 -21.15 25.52 20.13
CA ALA B 257 -22.18 26.39 20.71
C ALA B 257 -23.40 25.59 21.16
N VAL B 258 -23.85 24.64 20.33
CA VAL B 258 -25.02 23.86 20.74
C VAL B 258 -24.66 22.92 21.88
N ALA B 259 -23.38 22.59 22.03
CA ALA B 259 -22.94 21.84 23.20
C ALA B 259 -23.00 22.71 24.45
N ASN B 260 -22.47 23.93 24.38
CA ASN B 260 -22.46 24.80 25.54
C ASN B 260 -23.87 25.19 25.97
N GLU B 261 -24.74 25.51 25.01
CA GLU B 261 -26.09 25.95 25.34
C GLU B 261 -26.88 24.86 26.06
N THR B 262 -26.82 23.64 25.56
CA THR B 262 -27.59 22.56 26.17
C THR B 262 -26.83 21.99 27.37
N GLY B 263 -27.57 21.27 28.21
CA GLY B 263 -26.96 20.67 29.37
C GLY B 263 -26.49 19.26 29.12
N ALA B 264 -25.76 19.06 28.04
CA ALA B 264 -25.22 17.75 27.68
C ALA B 264 -23.75 17.90 27.34
N PHE B 265 -22.95 16.92 27.77
CA PHE B 265 -21.51 17.03 27.59
C PHE B 265 -21.12 16.78 26.15
N PHE B 266 -20.00 17.35 25.74
CA PHE B 266 -19.57 17.39 24.35
C PHE B 266 -18.35 16.49 24.19
N PHE B 267 -18.37 15.63 23.17
CA PHE B 267 -17.24 14.81 22.81
C PHE B 267 -16.54 15.38 21.58
N LEU B 268 -15.27 15.68 21.71
CA LEU B 268 -14.43 16.07 20.59
C LEU B 268 -13.74 14.83 20.06
N ILE B 269 -14.33 14.20 19.06
CA ILE B 269 -13.77 13.02 18.42
C ILE B 269 -13.27 13.44 17.05
N ASN B 270 -11.98 13.25 16.81
CA ASN B 270 -11.39 13.51 15.50
C ASN B 270 -11.16 12.18 14.81
N GLY B 271 -11.48 12.12 13.53
CA GLY B 271 -11.23 10.94 12.75
C GLY B 271 -9.77 10.51 12.79
N PRO B 272 -8.86 11.41 12.43
CA PRO B 272 -7.45 11.01 12.35
C PRO B 272 -6.87 10.48 13.65
N GLU B 273 -7.31 10.98 14.79
CA GLU B 273 -6.73 10.52 16.06
C GLU B 273 -7.23 9.12 16.40
N ILE B 274 -8.36 8.71 15.82
CA ILE B 274 -8.87 7.37 16.07
C ILE B 274 -8.15 6.33 15.23
N MET B 275 -7.97 6.60 13.94
CA MET B 275 -7.44 5.61 13.02
C MET B 275 -6.07 5.13 13.48
N SER B 276 -5.91 3.81 13.55
CA SER B 276 -4.67 3.19 13.98
C SER B 276 -4.38 1.98 13.10
N LYS B 277 -3.14 1.50 13.16
CA LYS B 277 -2.70 0.37 12.36
C LYS B 277 -2.67 -0.94 13.15
N LEU B 278 -3.26 -0.97 14.33
CA LEU B 278 -3.20 -2.13 15.20
C LEU B 278 -4.32 -3.13 14.95
N ALA B 279 -5.28 -2.81 14.08
CA ALA B 279 -6.38 -3.71 13.71
C ALA B 279 -7.19 -4.12 14.93
N GLY B 280 -7.84 -3.13 15.54
CA GLY B 280 -8.72 -3.40 16.67
C GLY B 280 -8.70 -2.33 17.74
N GLU B 281 -7.71 -1.43 17.68
CA GLU B 281 -7.64 -0.36 18.67
C GLU B 281 -8.68 0.72 18.40
N SER B 282 -8.82 1.13 17.14
CA SER B 282 -9.70 2.24 16.82
C SER B 282 -11.16 1.90 17.11
N GLU B 283 -11.55 0.66 16.84
CA GLU B 283 -12.91 0.24 17.17
C GLU B 283 -13.14 0.24 18.66
N SER B 284 -12.11 -0.14 19.43
CA SER B 284 -12.21 -0.03 20.88
C SER B 284 -12.40 1.43 21.30
N ASN B 285 -11.69 2.34 20.64
CA ASN B 285 -11.86 3.76 20.94
C ASN B 285 -13.30 4.22 20.67
N LEU B 286 -13.84 3.85 19.52
CA LEU B 286 -15.21 4.24 19.18
C LEU B 286 -16.21 3.65 20.17
N ARG B 287 -16.03 2.38 20.52
CA ARG B 287 -16.96 1.73 21.44
C ARG B 287 -16.89 2.35 22.83
N LYS B 288 -15.69 2.67 23.30
CA LYS B 288 -15.55 3.36 24.58
C LYS B 288 -16.20 4.74 24.55
N ALA B 289 -16.04 5.46 23.44
CA ALA B 289 -16.67 6.78 23.33
C ALA B 289 -18.18 6.68 23.38
N PHE B 290 -18.75 5.69 22.68
CA PHE B 290 -20.21 5.56 22.69
C PHE B 290 -20.72 5.11 24.06
N GLU B 291 -19.94 4.26 24.76
CA GLU B 291 -20.33 3.89 26.12
C GLU B 291 -20.27 5.09 27.06
N GLU B 292 -19.26 5.94 26.89
CA GLU B 292 -19.18 7.17 27.67
C GLU B 292 -20.39 8.05 27.41
N ALA B 293 -20.82 8.15 26.15
CA ALA B 293 -22.02 8.91 25.84
C ALA B 293 -23.26 8.29 26.48
N GLU B 294 -23.34 6.95 26.48
CA GLU B 294 -24.44 6.29 27.18
C GLU B 294 -24.41 6.56 28.67
N LYS B 295 -23.22 6.82 29.22
CA LYS B 295 -23.12 7.09 30.65
C LYS B 295 -23.88 8.36 31.03
N ASN B 296 -23.74 9.42 30.24
CA ASN B 296 -24.47 10.66 30.52
C ASN B 296 -25.91 10.57 30.02
N ALA B 297 -26.84 11.12 30.81
CA ALA B 297 -28.24 11.05 30.42
C ALA B 297 -28.56 11.85 29.16
N PRO B 298 -28.18 13.14 29.02
CA PRO B 298 -28.24 13.78 27.71
C PRO B 298 -26.93 13.61 26.96
N ALA B 299 -26.98 13.10 25.73
CA ALA B 299 -25.78 12.72 25.00
C ALA B 299 -25.67 13.54 23.73
N ILE B 300 -24.51 14.17 23.54
CA ILE B 300 -24.15 14.83 22.30
C ILE B 300 -22.75 14.36 21.91
N ILE B 301 -22.64 13.77 20.73
CA ILE B 301 -21.36 13.29 20.20
C ILE B 301 -21.06 14.06 18.94
N PHE B 302 -19.86 14.61 18.85
CA PHE B 302 -19.42 15.32 17.67
C PHE B 302 -18.20 14.61 17.09
N ILE B 303 -18.26 14.30 15.80
CA ILE B 303 -17.14 13.71 15.09
C ILE B 303 -16.70 14.71 14.03
N ASP B 304 -15.43 15.09 14.06
CA ASP B 304 -14.87 15.99 13.07
C ASP B 304 -14.10 15.19 12.03
N GLU B 305 -14.08 15.71 10.80
CA GLU B 305 -13.47 15.00 9.67
C GLU B 305 -14.02 13.58 9.55
N LEU B 306 -15.34 13.47 9.47
CA LEU B 306 -15.97 12.16 9.33
C LEU B 306 -15.54 11.49 8.02
N ASP B 307 -15.20 12.29 7.01
CA ASP B 307 -14.76 11.71 5.74
C ASP B 307 -13.45 10.95 5.89
N ALA B 308 -12.59 11.40 6.80
CA ALA B 308 -11.34 10.68 7.03
C ALA B 308 -11.58 9.35 7.71
N ILE B 309 -12.44 9.32 8.73
CA ILE B 309 -12.66 8.10 9.49
C ILE B 309 -13.50 7.10 8.71
N ALA B 310 -14.48 7.58 7.95
CA ALA B 310 -15.51 6.72 7.37
C ALA B 310 -15.68 6.98 5.88
N PRO B 311 -14.77 6.48 5.05
CA PRO B 311 -14.98 6.55 3.60
C PRO B 311 -15.82 5.38 3.12
N LYS B 312 -16.05 5.35 1.80
CA LYS B 312 -16.78 4.24 1.22
C LYS B 312 -15.99 2.94 1.38
N ARG B 313 -16.69 1.88 1.80
CA ARG B 313 -16.04 0.61 2.02
C ARG B 313 -15.51 0.02 0.72
N GLU B 314 -16.28 0.10 -0.35
CA GLU B 314 -15.88 -0.49 -1.62
C GLU B 314 -14.65 0.21 -2.20
N LYS B 315 -14.60 1.53 -2.08
CA LYS B 315 -13.47 2.28 -2.62
C LYS B 315 -12.18 1.93 -1.88
N THR B 316 -12.21 1.93 -0.55
CA THR B 316 -10.99 1.76 0.24
C THR B 316 -10.51 0.31 0.11
N HIS B 317 -9.20 0.12 0.03
CA HIS B 317 -8.67 -1.22 -0.09
C HIS B 317 -8.09 -1.72 1.23
N GLY B 318 -7.66 -0.78 2.09
CA GLY B 318 -7.24 -1.13 3.43
C GLY B 318 -8.39 -1.73 4.24
N GLU B 319 -8.11 -2.79 4.99
CA GLU B 319 -9.17 -3.51 5.68
C GLU B 319 -9.66 -2.75 6.91
N VAL B 320 -8.75 -2.08 7.62
CA VAL B 320 -9.10 -1.46 8.90
C VAL B 320 -10.13 -0.35 8.71
N GLU B 321 -10.05 0.37 7.59
CA GLU B 321 -11.04 1.40 7.31
C GLU B 321 -12.43 0.80 7.19
N ARG B 322 -12.55 -0.31 6.45
CA ARG B 322 -13.84 -0.99 6.33
C ARG B 322 -14.33 -1.47 7.67
N ARG B 323 -13.42 -2.00 8.49
CA ARG B 323 -13.82 -2.51 9.80
C ARG B 323 -14.35 -1.40 10.69
N ILE B 324 -13.69 -0.23 10.70
CA ILE B 324 -14.18 0.85 11.56
C ILE B 324 -15.48 1.44 11.02
N VAL B 325 -15.65 1.45 9.69
CA VAL B 325 -16.93 1.92 9.15
C VAL B 325 -18.06 1.00 9.59
N SER B 326 -17.84 -0.31 9.51
CA SER B 326 -18.86 -1.25 9.95
C SER B 326 -19.12 -1.12 11.45
N GLN B 327 -18.07 -0.86 12.23
CA GLN B 327 -18.26 -0.71 13.66
C GLN B 327 -19.08 0.53 13.98
N LEU B 328 -18.84 1.63 13.27
CA LEU B 328 -19.65 2.83 13.47
C LEU B 328 -21.10 2.56 13.08
N LEU B 329 -21.32 1.87 11.97
CA LEU B 329 -22.68 1.51 11.56
C LEU B 329 -23.37 0.72 12.67
N THR B 330 -22.70 -0.30 13.18
CA THR B 330 -23.30 -1.18 14.18
C THR B 330 -23.60 -0.41 15.48
N LEU B 331 -22.67 0.45 15.91
CA LEU B 331 -22.90 1.23 17.12
C LEU B 331 -24.08 2.16 16.95
N MET B 332 -24.16 2.85 15.81
CA MET B 332 -25.12 3.92 15.67
C MET B 332 -26.52 3.36 15.40
N ASP B 333 -26.61 2.20 14.75
CA ASP B 333 -27.88 1.49 14.57
C ASP B 333 -27.63 0.00 14.49
N GLY B 334 -28.42 -0.77 15.25
CA GLY B 334 -28.26 -2.21 15.28
C GLY B 334 -29.29 -2.85 16.18
N LEU B 335 -28.98 -4.05 16.65
CA LEU B 335 -29.84 -4.72 17.62
C LEU B 335 -29.93 -3.93 18.92
N LYS B 336 -28.80 -3.40 19.39
CA LYS B 336 -28.83 -2.51 20.55
C LYS B 336 -29.18 -1.10 20.11
N GLN B 337 -30.20 -0.53 20.73
CA GLN B 337 -30.71 0.79 20.36
C GLN B 337 -30.25 1.83 21.37
N ARG B 338 -29.85 2.98 20.87
CA ARG B 338 -29.48 4.12 21.71
C ARG B 338 -30.76 4.91 22.01
N ALA B 339 -31.06 5.06 23.31
CA ALA B 339 -32.32 5.68 23.68
C ALA B 339 -32.25 7.20 23.65
N HIS B 340 -31.16 7.77 24.17
CA HIS B 340 -31.04 9.21 24.29
C HIS B 340 -29.75 9.77 23.70
N VAL B 341 -29.06 9.01 22.86
CA VAL B 341 -27.80 9.47 22.29
C VAL B 341 -28.07 10.24 21.01
N ILE B 342 -27.45 11.41 20.88
CA ILE B 342 -27.51 12.21 19.66
C ILE B 342 -26.10 12.35 19.13
N VAL B 343 -25.91 12.05 17.84
CA VAL B 343 -24.60 12.05 17.21
C VAL B 343 -24.60 13.10 16.11
N MET B 344 -23.57 13.94 16.12
CA MET B 344 -23.40 15.00 15.12
C MET B 344 -22.06 14.80 14.44
N ALA B 345 -21.99 15.13 13.15
CA ALA B 345 -20.76 15.01 12.39
C ALA B 345 -20.57 16.22 11.50
N ALA B 346 -19.32 16.58 11.25
CA ALA B 346 -18.96 17.69 10.38
C ALA B 346 -17.91 17.21 9.39
N THR B 347 -18.20 17.38 8.10
CA THR B 347 -17.29 16.92 7.05
C THR B 347 -17.25 17.96 5.94
N ASN B 348 -16.10 18.06 5.27
CA ASN B 348 -15.97 19.04 4.19
C ASN B 348 -16.70 18.57 2.94
N ARG B 349 -16.61 17.28 2.61
CA ARG B 349 -17.30 16.72 1.45
C ARG B 349 -18.20 15.59 1.93
N PRO B 350 -19.51 15.70 1.80
CA PRO B 350 -20.38 14.63 2.32
C PRO B 350 -20.47 13.43 1.40
N ASN B 351 -20.19 13.59 0.10
CA ASN B 351 -20.34 12.47 -0.82
C ASN B 351 -19.35 11.36 -0.52
N SER B 352 -18.22 11.69 0.09
CA SER B 352 -17.22 10.67 0.39
C SER B 352 -17.65 9.78 1.55
N ILE B 353 -18.69 10.18 2.30
CA ILE B 353 -19.18 9.36 3.39
C ILE B 353 -19.75 8.06 2.83
N ASP B 354 -19.61 6.98 3.61
CA ASP B 354 -20.14 5.70 3.19
C ASP B 354 -21.65 5.80 2.97
N PRO B 355 -22.17 5.28 1.86
CA PRO B 355 -23.60 5.48 1.56
C PRO B 355 -24.53 4.93 2.62
N ALA B 356 -24.13 3.86 3.30
CA ALA B 356 -25.00 3.31 4.34
C ALA B 356 -25.11 4.26 5.53
N LEU B 357 -24.16 5.19 5.66
CA LEU B 357 -24.17 6.10 6.80
C LEU B 357 -25.22 7.20 6.62
N ARG B 358 -25.70 7.41 5.40
CA ARG B 358 -26.71 8.44 5.18
C ARG B 358 -28.13 7.97 5.44
N ARG B 359 -28.32 6.70 5.79
CA ARG B 359 -29.66 6.14 5.95
C ARG B 359 -30.39 6.81 7.10
N PHE B 360 -31.71 6.62 7.15
CA PHE B 360 -32.48 7.14 8.27
C PHE B 360 -32.09 6.41 9.55
N GLY B 361 -32.05 7.16 10.65
CA GLY B 361 -31.56 6.66 11.90
C GLY B 361 -30.09 6.87 12.12
N ARG B 362 -29.36 7.23 11.06
CA ARG B 362 -27.94 7.52 11.14
C ARG B 362 -27.66 8.71 10.22
N PHE B 363 -27.41 9.88 10.80
CA PHE B 363 -27.23 11.10 10.03
C PHE B 363 -28.38 11.33 9.07
N ASP B 364 -29.60 11.11 9.56
CA ASP B 364 -30.78 11.19 8.71
C ASP B 364 -30.97 12.59 8.15
N ARG B 365 -30.76 13.61 8.99
CA ARG B 365 -30.92 14.99 8.56
C ARG B 365 -29.56 15.64 8.35
N GLU B 366 -29.32 16.13 7.14
CA GLU B 366 -28.08 16.81 6.79
C GLU B 366 -28.37 18.30 6.64
N VAL B 367 -27.59 19.12 7.34
CA VAL B 367 -27.78 20.56 7.36
C VAL B 367 -26.60 21.21 6.65
N ASP B 368 -26.89 22.06 5.68
CA ASP B 368 -25.86 22.71 4.87
C ASP B 368 -25.45 24.03 5.52
N ILE B 369 -24.23 24.09 6.02
CA ILE B 369 -23.67 25.31 6.56
C ILE B 369 -23.00 26.02 5.40
N GLY B 370 -23.79 26.78 4.64
CA GLY B 370 -23.31 27.36 3.40
C GLY B 370 -22.52 28.64 3.60
N ILE B 371 -22.04 29.17 2.48
CA ILE B 371 -21.20 30.37 2.52
C ILE B 371 -22.04 31.56 2.96
N PRO B 372 -21.51 32.49 3.75
CA PRO B 372 -22.32 33.63 4.18
C PRO B 372 -22.38 34.73 3.12
N ASP B 373 -23.55 35.35 2.99
CA ASP B 373 -23.73 36.45 2.07
C ASP B 373 -23.37 37.78 2.73
N ALA B 374 -23.75 38.87 2.05
CA ALA B 374 -23.35 40.20 2.50
C ALA B 374 -23.89 40.50 3.90
N THR B 375 -25.18 40.32 4.13
CA THR B 375 -25.72 40.57 5.46
C THR B 375 -25.14 39.60 6.48
N GLY B 376 -24.94 38.35 6.08
CA GLY B 376 -24.34 37.38 6.98
C GLY B 376 -22.94 37.74 7.39
N ARG B 377 -22.10 38.13 6.41
CA ARG B 377 -20.73 38.49 6.75
C ARG B 377 -20.69 39.78 7.55
N LEU B 378 -21.66 40.68 7.32
CA LEU B 378 -21.78 41.85 8.17
C LEU B 378 -22.05 41.46 9.61
N GLU B 379 -22.96 40.51 9.82
CA GLU B 379 -23.29 40.10 11.17
C GLU B 379 -22.10 39.41 11.85
N ILE B 380 -21.38 38.57 11.10
CA ILE B 380 -20.18 37.95 11.64
C ILE B 380 -19.14 39.00 12.01
N LEU B 381 -18.98 40.02 11.17
CA LEU B 381 -18.04 41.09 11.48
C LEU B 381 -18.44 41.80 12.76
N GLN B 382 -19.73 42.10 12.93
CA GLN B 382 -20.19 42.74 14.15
C GLN B 382 -19.85 41.89 15.37
N ILE B 383 -20.19 40.60 15.31
CA ILE B 383 -19.96 39.72 16.46
C ILE B 383 -18.47 39.63 16.78
N HIS B 384 -17.63 39.53 15.76
CA HIS B 384 -16.20 39.42 16.02
C HIS B 384 -15.61 40.71 16.58
N THR B 385 -15.98 41.85 16.03
CA THR B 385 -15.36 43.09 16.47
C THR B 385 -15.99 43.67 17.73
N LYS B 386 -17.07 43.07 18.23
CA LYS B 386 -17.68 43.57 19.46
C LYS B 386 -16.67 43.58 20.62
N ASN B 387 -15.88 42.52 20.74
CA ASN B 387 -14.94 42.43 21.86
C ASN B 387 -13.85 43.49 21.77
N MET B 388 -13.27 43.68 20.59
CA MET B 388 -12.22 44.68 20.45
C MET B 388 -12.80 46.09 20.48
N LYS B 389 -11.96 47.04 20.86
CA LYS B 389 -12.37 48.43 20.83
C LYS B 389 -12.53 48.90 19.40
N LEU B 390 -13.50 49.77 19.16
CA LEU B 390 -13.81 50.25 17.82
C LEU B 390 -13.68 51.76 17.76
N ALA B 391 -12.93 52.24 16.78
CA ALA B 391 -12.89 53.67 16.50
C ALA B 391 -14.18 54.09 15.80
N ASP B 392 -14.32 55.39 15.57
CA ASP B 392 -15.49 55.86 14.82
C ASP B 392 -15.20 55.90 13.32
N ASP B 393 -13.92 55.94 12.95
CA ASP B 393 -13.56 55.91 11.54
C ASP B 393 -14.01 54.61 10.87
N VAL B 394 -13.96 53.49 11.59
CA VAL B 394 -14.31 52.21 10.99
C VAL B 394 -15.79 52.15 10.65
N ASP B 395 -16.09 51.70 9.43
CA ASP B 395 -17.45 51.44 8.98
C ASP B 395 -17.53 49.99 8.55
N LEU B 396 -18.45 49.23 9.17
CA LEU B 396 -18.54 47.80 8.87
C LEU B 396 -19.18 47.52 7.53
N GLU B 397 -19.99 48.46 7.02
CA GLU B 397 -20.62 48.25 5.72
C GLU B 397 -19.58 48.19 4.61
N GLN B 398 -18.59 49.10 4.63
CA GLN B 398 -17.51 49.03 3.66
C GLN B 398 -16.70 47.75 3.85
N VAL B 399 -16.56 47.28 5.09
CA VAL B 399 -15.84 46.04 5.33
C VAL B 399 -16.58 44.87 4.69
N ALA B 400 -17.90 44.83 4.86
CA ALA B 400 -18.68 43.73 4.31
C ALA B 400 -18.65 43.73 2.79
N ASN B 401 -18.80 44.90 2.17
CA ASN B 401 -18.78 44.94 0.71
C ASN B 401 -17.38 44.70 0.16
N GLU B 402 -16.34 45.14 0.88
CA GLU B 402 -14.98 44.90 0.42
C GLU B 402 -14.55 43.45 0.65
N THR B 403 -15.24 42.75 1.58
CA THR B 403 -15.00 41.32 1.81
C THR B 403 -15.97 40.48 0.97
N HIS B 404 -15.77 40.54 -0.35
CA HIS B 404 -16.67 39.88 -1.29
C HIS B 404 -16.64 38.36 -1.15
N GLY B 405 -15.46 37.77 -0.96
CA GLY B 405 -15.32 36.32 -0.97
C GLY B 405 -14.84 35.66 0.30
N HIS B 406 -14.69 36.40 1.40
CA HIS B 406 -14.10 35.85 2.60
C HIS B 406 -15.09 34.96 3.35
N VAL B 407 -14.58 33.91 3.97
CA VAL B 407 -15.34 33.05 4.88
C VAL B 407 -15.20 33.63 6.28
N GLY B 408 -16.06 33.18 7.20
CA GLY B 408 -16.00 33.69 8.56
C GLY B 408 -14.62 33.52 9.19
N ALA B 409 -13.96 32.40 8.90
CA ALA B 409 -12.59 32.22 9.35
C ALA B 409 -11.69 33.30 8.77
N ASP B 410 -11.88 33.63 7.49
CA ASP B 410 -11.08 34.68 6.87
C ASP B 410 -11.37 36.03 7.50
N LEU B 411 -12.63 36.29 7.86
CA LEU B 411 -12.95 37.54 8.53
C LEU B 411 -12.26 37.63 9.89
N ALA B 412 -12.24 36.52 10.63
CA ALA B 412 -11.50 36.50 11.89
C ALA B 412 -10.02 36.77 11.64
N ALA B 413 -9.47 36.15 10.60
CA ALA B 413 -8.05 36.34 10.30
C ALA B 413 -7.74 37.78 9.96
N LEU B 414 -8.61 38.45 9.20
CA LEU B 414 -8.34 39.83 8.83
C LEU B 414 -8.49 40.75 10.04
N CYS B 415 -9.44 40.47 10.93
CA CYS B 415 -9.52 41.26 12.16
C CYS B 415 -8.24 41.11 12.98
N SER B 416 -7.76 39.87 13.12
CA SER B 416 -6.54 39.65 13.88
C SER B 416 -5.35 40.36 13.24
N GLU B 417 -5.24 40.30 11.91
CA GLU B 417 -4.13 40.94 11.23
C GLU B 417 -4.23 42.46 11.35
N ALA B 418 -5.43 43.01 11.29
CA ALA B 418 -5.60 44.46 11.48
C ALA B 418 -5.12 44.88 12.85
N ALA B 419 -5.55 44.17 13.90
CA ALA B 419 -5.06 44.49 15.24
C ALA B 419 -3.55 44.37 15.31
N LEU B 420 -3.00 43.28 14.78
CA LEU B 420 -1.56 43.02 14.88
C LEU B 420 -0.76 44.13 14.21
N GLN B 421 -1.14 44.53 13.00
CA GLN B 421 -0.33 45.49 12.27
C GLN B 421 -0.66 46.92 12.68
N ALA B 422 -1.79 47.14 13.33
CA ALA B 422 -2.02 48.43 13.99
C ALA B 422 -1.08 48.60 15.17
N ILE B 423 -0.94 47.56 15.97
CA ILE B 423 0.05 47.60 17.05
C ILE B 423 1.44 47.79 16.48
N ARG B 424 1.72 47.16 15.34
CA ARG B 424 3.02 47.36 14.69
C ARG B 424 3.19 48.81 14.23
N LYS B 425 2.13 49.41 13.67
CA LYS B 425 2.22 50.77 13.17
C LYS B 425 2.49 51.76 14.30
N LYS B 426 1.78 51.61 15.41
CA LYS B 426 1.96 52.54 16.53
C LYS B 426 3.07 52.08 17.48
N MET B 427 3.76 50.99 17.16
CA MET B 427 4.92 50.60 17.94
C MET B 427 6.06 51.61 17.78
N ASP B 428 6.09 52.32 16.66
CA ASP B 428 7.08 53.37 16.47
C ASP B 428 6.92 54.47 17.51
N LEU B 429 5.66 54.84 17.80
CA LEU B 429 5.41 55.82 18.86
C LEU B 429 5.86 55.28 20.21
N ILE B 430 5.79 53.97 20.42
CA ILE B 430 6.18 53.38 21.69
C ILE B 430 7.65 53.69 21.97
N ASP B 431 7.92 54.22 23.15
CA ASP B 431 9.29 54.53 23.52
C ASP B 431 10.08 53.26 23.80
N LEU B 432 9.47 52.31 24.50
CA LEU B 432 10.01 50.99 24.85
C LEU B 432 11.17 51.09 25.84
N GLU B 433 11.59 52.29 26.23
CA GLU B 433 12.73 52.44 27.13
C GLU B 433 12.44 51.84 28.50
N ASP B 434 11.22 52.03 29.01
CA ASP B 434 10.86 51.46 30.29
C ASP B 434 10.25 50.07 30.12
N GLU B 435 10.32 49.28 31.19
CA GLU B 435 9.69 47.96 31.19
C GLU B 435 8.17 48.08 31.13
N THR B 436 7.63 49.24 31.52
CA THR B 436 6.21 49.52 31.45
C THR B 436 5.98 50.80 30.64
N ILE B 437 5.00 50.76 29.74
CA ILE B 437 4.68 51.95 28.96
C ILE B 437 3.44 52.62 29.54
N ASP B 438 3.33 53.92 29.32
CA ASP B 438 2.36 54.73 30.05
C ASP B 438 0.92 54.36 29.71
N ALA B 439 0.03 54.54 30.68
CA ALA B 439 -1.37 54.14 30.50
C ALA B 439 -2.07 55.01 29.47
N GLU B 440 -1.67 56.29 29.37
CA GLU B 440 -2.23 57.13 28.32
C GLU B 440 -1.83 56.60 26.94
N VAL B 441 -0.61 56.08 26.82
CA VAL B 441 -0.19 55.43 25.58
C VAL B 441 -1.03 54.19 25.32
N MET B 442 -1.40 53.47 26.38
CA MET B 442 -2.30 52.33 26.24
C MET B 442 -3.66 52.77 25.73
N ASN B 443 -4.18 53.87 26.24
CA ASN B 443 -5.45 54.40 25.76
C ASN B 443 -5.33 54.94 24.35
N SER B 444 -4.09 55.23 23.93
CA SER B 444 -3.87 55.79 22.59
C SER B 444 -4.18 54.78 21.49
N LEU B 445 -3.97 53.49 21.76
CA LEU B 445 -4.04 52.50 20.69
C LEU B 445 -5.47 52.32 20.19
N ALA B 446 -5.61 52.21 18.87
CA ALA B 446 -6.91 52.17 18.21
C ALA B 446 -6.75 51.66 16.78
N VAL B 447 -7.89 51.42 16.13
CA VAL B 447 -7.91 50.94 14.75
C VAL B 447 -8.05 52.11 13.79
N THR B 448 -7.63 51.91 12.54
CA THR B 448 -7.49 52.99 11.57
C THR B 448 -7.88 52.49 10.17
N MET B 449 -8.08 53.43 9.24
CA MET B 449 -8.47 53.09 7.87
C MET B 449 -7.35 52.42 7.10
N ASP B 450 -6.23 53.10 6.89
CA ASP B 450 -5.10 52.51 6.18
C ASP B 450 -4.63 51.25 6.88
N ASP B 451 -4.68 51.28 8.22
CA ASP B 451 -4.59 50.06 9.02
C ASP B 451 -5.40 48.92 8.42
N PHE B 452 -6.72 49.12 8.32
CA PHE B 452 -7.61 48.06 7.90
C PHE B 452 -7.36 47.67 6.45
N ARG B 453 -6.97 48.65 5.63
CA ARG B 453 -6.76 48.40 4.21
C ARG B 453 -5.54 47.54 3.99
N TRP B 454 -4.43 47.85 4.66
CA TRP B 454 -3.24 47.02 4.54
C TRP B 454 -3.50 45.63 5.12
N ALA B 455 -4.33 45.55 6.18
CA ALA B 455 -4.69 44.25 6.75
C ALA B 455 -5.41 43.39 5.73
N LEU B 456 -6.42 43.95 5.06
CA LEU B 456 -7.08 43.21 3.99
C LEU B 456 -6.13 42.91 2.84
N SER B 457 -5.22 43.83 2.52
CA SER B 457 -4.31 43.60 1.41
C SER B 457 -3.43 42.38 1.66
N GLN B 458 -3.03 42.16 2.91
CA GLN B 458 -2.31 40.94 3.23
C GLN B 458 -3.20 39.70 3.15
N SER B 459 -4.47 39.83 3.53
CA SER B 459 -5.35 38.66 3.58
C SER B 459 -5.91 38.33 2.20
N ASN B 460 -6.30 37.06 2.03
CA ASN B 460 -6.90 36.57 0.80
C ASN B 460 -8.07 35.64 1.12
N PRO B 461 -9.08 35.56 0.26
CA PRO B 461 -10.19 34.63 0.52
C PRO B 461 -9.74 33.18 0.49
N SER B 462 -10.44 32.34 1.25
CA SER B 462 -10.06 30.93 1.36
C SER B 462 -10.32 30.17 0.08
N ALA B 463 -11.49 30.40 -0.54
CA ALA B 463 -11.85 29.66 -1.75
C ALA B 463 -10.91 29.97 -2.90
N LEU B 464 -10.54 31.24 -3.06
CA LEU B 464 -9.76 31.70 -4.19
C LEU B 464 -8.27 31.65 -3.95
N ARG B 465 -7.83 31.10 -2.82
CA ARG B 465 -6.41 31.09 -2.50
C ARG B 465 -5.62 30.24 -3.50
N GLU B 466 -6.28 29.22 -4.08
CA GLU B 466 -5.60 28.37 -5.06
C GLU B 466 -5.26 29.15 -6.33
N THR B 467 -6.18 29.99 -6.80
CA THR B 467 -5.99 30.77 -8.01
C THR B 467 -5.91 32.25 -7.62
N VAL B 468 -4.69 32.74 -7.43
CA VAL B 468 -4.47 34.14 -7.10
C VAL B 468 -3.44 34.71 -8.06
N VAL B 469 -3.68 35.95 -8.49
CA VAL B 469 -2.87 36.62 -9.49
C VAL B 469 -2.43 37.97 -8.94
N GLU B 470 -1.31 38.47 -9.46
CA GLU B 470 -0.80 39.76 -9.01
C GLU B 470 -1.77 40.87 -9.37
N VAL B 471 -1.75 41.94 -8.58
CA VAL B 471 -2.75 43.00 -8.71
C VAL B 471 -2.55 43.74 -10.02
N PRO B 472 -3.57 43.81 -10.89
CA PRO B 472 -3.42 44.58 -12.14
C PRO B 472 -3.14 46.05 -11.94
N GLN B 473 -3.78 46.68 -10.95
CA GLN B 473 -3.64 48.12 -10.69
C GLN B 473 -3.99 48.96 -11.91
N VAL B 474 -5.18 48.71 -12.49
CA VAL B 474 -5.68 49.44 -13.64
C VAL B 474 -7.10 49.91 -13.32
N THR B 475 -7.41 51.15 -13.69
CA THR B 475 -8.73 51.72 -13.46
C THR B 475 -9.39 52.03 -14.80
N TRP B 476 -10.70 52.29 -14.74
CA TRP B 476 -11.44 52.64 -15.95
C TRP B 476 -10.90 53.90 -16.61
N GLU B 477 -10.34 54.81 -15.81
CA GLU B 477 -9.83 56.05 -16.38
C GLU B 477 -8.60 55.81 -17.24
N ASP B 478 -7.89 54.71 -16.99
CA ASP B 478 -6.70 54.40 -17.79
C ASP B 478 -7.07 54.04 -19.21
N ILE B 479 -8.24 53.42 -19.40
CA ILE B 479 -8.65 52.99 -20.73
C ILE B 479 -9.22 54.19 -21.49
N GLY B 480 -8.76 54.37 -22.72
CA GLY B 480 -9.21 55.49 -23.52
C GLY B 480 -10.20 55.10 -24.59
N GLY B 481 -11.30 55.85 -24.69
CA GLY B 481 -12.36 55.49 -25.60
C GLY B 481 -13.18 54.34 -25.06
N LEU B 482 -14.00 53.77 -25.95
CA LEU B 482 -14.81 52.60 -25.61
C LEU B 482 -15.72 52.88 -24.42
N GLU B 483 -16.27 54.09 -24.35
CA GLU B 483 -17.09 54.46 -23.19
C GLU B 483 -18.34 53.60 -23.10
N ASP B 484 -18.94 53.27 -24.24
CA ASP B 484 -20.13 52.42 -24.21
C ASP B 484 -19.79 51.03 -23.68
N VAL B 485 -18.65 50.47 -24.07
CA VAL B 485 -18.24 49.16 -23.58
C VAL B 485 -17.97 49.21 -22.09
N LYS B 486 -17.29 50.25 -21.62
CA LYS B 486 -17.06 50.40 -20.18
C LYS B 486 -18.38 50.45 -19.43
N ARG B 487 -19.32 51.27 -19.91
CA ARG B 487 -20.60 51.40 -19.23
C ARG B 487 -21.36 50.08 -19.24
N GLU B 488 -21.32 49.35 -20.35
CA GLU B 488 -22.00 48.07 -20.41
C GLU B 488 -21.41 47.08 -19.42
N LEU B 489 -20.08 47.00 -19.35
CA LEU B 489 -19.46 46.06 -18.41
C LEU B 489 -19.79 46.41 -16.97
N GLN B 490 -19.65 47.69 -16.61
CA GLN B 490 -19.97 48.11 -15.25
C GLN B 490 -21.43 47.81 -14.92
N GLU B 491 -22.34 48.13 -15.84
CA GLU B 491 -23.76 47.89 -15.63
C GLU B 491 -24.04 46.41 -15.44
N LEU B 492 -23.44 45.56 -16.28
CA LEU B 492 -23.69 44.13 -16.22
C LEU B 492 -23.22 43.54 -14.90
N VAL B 493 -22.05 43.98 -14.42
CA VAL B 493 -21.56 43.45 -13.16
C VAL B 493 -22.35 44.04 -11.98
N GLN B 494 -22.88 45.25 -12.14
CA GLN B 494 -23.43 45.97 -11.00
C GLN B 494 -24.89 45.61 -10.75
N TYR B 495 -25.73 45.60 -11.79
CA TYR B 495 -27.17 45.51 -11.55
C TYR B 495 -27.59 44.23 -10.84
N PRO B 496 -27.19 43.03 -11.26
CA PRO B 496 -27.67 41.83 -10.53
C PRO B 496 -27.24 41.80 -9.07
N VAL B 497 -26.06 42.36 -8.75
CA VAL B 497 -25.60 42.37 -7.37
C VAL B 497 -26.29 43.47 -6.58
N GLU B 498 -26.31 44.69 -7.13
CA GLU B 498 -26.79 45.85 -6.38
C GLU B 498 -28.31 45.88 -6.29
N HIS B 499 -28.99 45.40 -7.34
CA HIS B 499 -30.45 45.50 -7.44
C HIS B 499 -31.06 44.13 -7.72
N PRO B 500 -31.03 43.22 -6.75
CA PRO B 500 -31.73 41.95 -6.94
C PRO B 500 -33.24 42.12 -6.99
N ASP B 501 -33.76 43.09 -6.24
CA ASP B 501 -35.20 43.26 -6.13
C ASP B 501 -35.81 43.79 -7.42
N LYS B 502 -35.08 44.64 -8.15
CA LYS B 502 -35.59 45.13 -9.42
C LYS B 502 -35.73 44.01 -10.43
N PHE B 503 -34.78 43.07 -10.45
CA PHE B 503 -34.88 41.93 -11.35
C PHE B 503 -35.98 40.97 -10.89
N LEU B 504 -36.11 40.77 -9.58
CA LEU B 504 -37.18 39.91 -9.09
C LEU B 504 -38.55 40.52 -9.37
N LYS B 505 -38.61 41.85 -9.49
CA LYS B 505 -39.88 42.51 -9.79
C LYS B 505 -40.38 42.14 -11.18
N PHE B 506 -39.48 42.12 -12.17
CA PHE B 506 -39.82 41.60 -13.49
C PHE B 506 -39.62 40.10 -13.62
N GLY B 507 -38.99 39.47 -12.62
CA GLY B 507 -38.86 38.02 -12.62
C GLY B 507 -38.09 37.45 -13.79
N MET B 508 -37.07 38.15 -14.26
CA MET B 508 -36.23 37.67 -15.35
C MET B 508 -34.77 37.77 -14.96
N THR B 509 -34.03 36.68 -15.12
CA THR B 509 -32.65 36.64 -14.70
C THR B 509 -31.79 37.50 -15.62
N PRO B 510 -30.73 38.11 -15.09
CA PRO B 510 -29.89 38.99 -15.91
C PRO B 510 -28.99 38.21 -16.84
N SER B 511 -28.46 38.92 -17.84
CA SER B 511 -27.46 38.35 -18.74
C SER B 511 -26.15 38.16 -17.99
N LYS B 512 -25.46 37.06 -18.29
CA LYS B 512 -24.22 36.72 -17.59
C LYS B 512 -23.05 36.43 -18.53
N GLY B 513 -23.18 36.73 -19.81
CA GLY B 513 -22.11 36.40 -20.73
C GLY B 513 -21.63 37.55 -21.59
N VAL B 514 -20.32 37.69 -21.74
CA VAL B 514 -19.72 38.70 -22.60
C VAL B 514 -18.54 38.06 -23.33
N LEU B 515 -18.43 38.36 -24.62
CA LEU B 515 -17.29 37.91 -25.43
C LEU B 515 -16.63 39.10 -26.08
N PHE B 516 -15.30 39.12 -26.09
CA PHE B 516 -14.53 40.18 -26.69
C PHE B 516 -13.73 39.60 -27.85
N TYR B 517 -13.93 40.13 -29.05
CA TYR B 517 -13.18 39.72 -30.22
C TYR B 517 -12.71 40.96 -30.95
N GLY B 518 -11.42 41.01 -31.30
CA GLY B 518 -10.87 42.14 -31.99
C GLY B 518 -9.40 41.93 -32.34
N PRO B 519 -8.82 42.89 -33.06
CA PRO B 519 -7.41 42.77 -33.41
C PRO B 519 -6.54 42.88 -32.17
N PRO B 520 -5.34 42.32 -32.22
CA PRO B 520 -4.45 42.42 -31.05
C PRO B 520 -4.14 43.86 -30.70
N GLY B 521 -4.07 44.14 -29.40
CA GLY B 521 -3.73 45.46 -28.93
C GLY B 521 -4.87 46.44 -28.88
N CYS B 522 -6.11 45.97 -28.75
CA CYS B 522 -7.25 46.88 -28.75
C CYS B 522 -7.86 47.11 -27.38
N GLY B 523 -7.45 46.37 -26.36
CA GLY B 523 -7.91 46.63 -25.01
C GLY B 523 -8.81 45.58 -24.38
N LYS B 524 -8.79 44.34 -24.87
CA LYS B 524 -9.65 43.31 -24.27
C LYS B 524 -9.13 42.89 -22.91
N THR B 525 -7.87 42.47 -22.82
CA THR B 525 -7.29 42.10 -21.53
C THR B 525 -7.28 43.31 -20.59
N LEU B 526 -7.15 44.51 -21.16
CA LEU B 526 -7.18 45.72 -20.34
C LEU B 526 -8.55 45.93 -19.72
N LEU B 527 -9.62 45.72 -20.50
CA LEU B 527 -10.96 45.80 -19.94
C LEU B 527 -11.17 44.72 -18.88
N ALA B 528 -10.61 43.53 -19.11
CA ALA B 528 -10.71 42.48 -18.08
C ALA B 528 -10.03 42.91 -16.80
N LYS B 529 -8.84 43.51 -16.89
CA LYS B 529 -8.15 43.98 -15.70
C LYS B 529 -8.94 45.06 -14.98
N ALA B 530 -9.51 46.00 -15.75
CA ALA B 530 -10.29 47.07 -15.15
C ALA B 530 -11.51 46.52 -14.43
N ILE B 531 -12.23 45.58 -15.05
CA ILE B 531 -13.41 45.02 -14.40
C ILE B 531 -13.00 44.12 -13.24
N ALA B 532 -11.75 43.66 -13.24
CA ALA B 532 -11.25 42.91 -12.11
C ALA B 532 -11.07 43.80 -10.89
N ASN B 533 -10.48 44.99 -11.08
CA ASN B 533 -10.27 45.87 -9.94
C ASN B 533 -11.58 46.50 -9.47
N GLU B 534 -12.39 47.02 -10.39
CA GLU B 534 -13.49 47.90 -10.00
C GLU B 534 -14.61 47.14 -9.31
N CYS B 535 -14.96 45.96 -9.81
CA CYS B 535 -16.16 45.28 -9.34
C CYS B 535 -16.07 44.93 -7.87
N GLN B 536 -14.85 44.69 -7.37
CA GLN B 536 -14.62 44.19 -6.02
C GLN B 536 -15.46 42.93 -5.77
N ALA B 537 -15.63 42.13 -6.82
CA ALA B 537 -16.24 40.81 -6.73
C ALA B 537 -15.18 39.79 -7.12
N ASN B 538 -15.40 38.55 -6.72
CA ASN B 538 -14.43 37.50 -6.99
C ASN B 538 -14.09 37.46 -8.47
N PHE B 539 -12.79 37.44 -8.78
CA PHE B 539 -12.32 37.42 -10.15
C PHE B 539 -11.33 36.27 -10.31
N ILE B 540 -11.69 35.29 -11.11
CA ILE B 540 -10.82 34.15 -11.39
C ILE B 540 -10.29 34.29 -12.80
N SER B 541 -8.97 34.36 -12.94
CA SER B 541 -8.34 34.50 -14.24
C SER B 541 -7.87 33.12 -14.70
N ILE B 542 -8.24 32.76 -15.92
CA ILE B 542 -7.84 31.49 -16.52
C ILE B 542 -7.11 31.78 -17.82
N LYS B 543 -5.85 31.40 -17.88
CA LYS B 543 -5.15 31.32 -19.16
C LYS B 543 -5.78 30.21 -19.97
N GLY B 544 -5.68 30.31 -21.29
CA GLY B 544 -6.43 29.42 -22.15
C GLY B 544 -6.17 27.96 -21.86
N PRO B 545 -5.00 27.46 -22.23
CA PRO B 545 -4.76 26.01 -22.15
C PRO B 545 -4.38 25.50 -20.76
N GLU B 546 -4.52 26.30 -19.70
CA GLU B 546 -4.03 25.87 -18.40
C GLU B 546 -4.85 24.71 -17.84
N LEU B 547 -6.09 24.57 -18.28
CA LEU B 547 -6.97 23.56 -17.70
C LEU B 547 -6.60 22.16 -18.16
N LEU B 548 -6.10 22.03 -19.39
CA LEU B 548 -5.88 20.73 -20.00
C LEU B 548 -4.78 19.94 -19.31
N THR B 549 -4.97 18.63 -19.23
CA THR B 549 -4.02 17.72 -18.61
C THR B 549 -3.97 16.44 -19.46
N MET B 550 -2.81 15.78 -19.44
CA MET B 550 -2.61 14.65 -20.33
C MET B 550 -3.34 13.40 -19.84
N TRP B 551 -3.77 13.39 -18.58
CA TRP B 551 -4.51 12.24 -18.08
C TRP B 551 -5.91 12.19 -18.68
N PHE B 552 -6.52 11.01 -18.61
CA PHE B 552 -7.72 10.75 -19.40
C PHE B 552 -8.90 11.61 -18.97
N GLY B 553 -9.22 11.60 -17.68
CA GLY B 553 -10.42 12.29 -17.25
C GLY B 553 -10.13 13.54 -16.45
N GLU B 554 -8.88 14.00 -16.46
CA GLU B 554 -8.49 15.08 -15.57
C GLU B 554 -8.88 16.44 -16.14
N SER B 555 -8.95 16.56 -17.46
CA SER B 555 -9.27 17.86 -18.06
C SER B 555 -10.68 18.30 -17.68
N GLU B 556 -11.66 17.42 -17.83
CA GLU B 556 -13.02 17.74 -17.45
C GLU B 556 -13.13 17.95 -15.95
N ALA B 557 -12.34 17.21 -15.18
CA ALA B 557 -12.32 17.41 -13.73
C ALA B 557 -11.87 18.82 -13.39
N ASN B 558 -10.82 19.31 -14.04
CA ASN B 558 -10.36 20.67 -13.82
C ASN B 558 -11.41 21.69 -14.24
N VAL B 559 -12.08 21.45 -15.37
CA VAL B 559 -13.08 22.40 -15.83
C VAL B 559 -14.23 22.51 -14.83
N ARG B 560 -14.79 21.37 -14.42
CA ARG B 560 -15.91 21.43 -13.49
C ARG B 560 -15.44 21.90 -12.11
N GLU B 561 -14.17 21.70 -11.78
CA GLU B 561 -13.65 22.20 -10.52
C GLU B 561 -13.58 23.72 -10.51
N ILE B 562 -13.08 24.31 -11.59
CA ILE B 562 -12.99 25.78 -11.64
C ILE B 562 -14.39 26.38 -11.69
N PHE B 563 -15.33 25.72 -12.38
CA PHE B 563 -16.69 26.24 -12.39
C PHE B 563 -17.33 26.12 -11.02
N ASP B 564 -17.07 25.04 -10.29
CA ASP B 564 -17.59 24.91 -8.93
C ASP B 564 -17.01 25.97 -8.01
N LYS B 565 -15.70 26.22 -8.13
CA LYS B 565 -15.08 27.27 -7.32
C LYS B 565 -15.70 28.63 -7.62
N ALA B 566 -15.96 28.90 -8.90
CA ALA B 566 -16.64 30.15 -9.24
C ALA B 566 -18.04 30.20 -8.65
N ARG B 567 -18.76 29.09 -8.67
CA ARG B 567 -20.12 29.08 -8.13
C ARG B 567 -20.13 29.31 -6.62
N GLN B 568 -19.16 28.72 -5.91
CA GLN B 568 -19.14 28.87 -4.46
C GLN B 568 -18.91 30.32 -4.04
N ALA B 569 -18.05 31.01 -4.77
CA ALA B 569 -17.72 32.40 -4.46
C ALA B 569 -18.63 33.40 -5.14
N ALA B 570 -19.87 33.02 -5.45
CA ALA B 570 -20.78 33.94 -6.10
C ALA B 570 -21.06 35.14 -5.18
N PRO B 571 -21.08 36.37 -5.70
CA PRO B 571 -20.87 36.71 -7.11
C PRO B 571 -19.41 36.62 -7.54
N CYS B 572 -19.16 36.14 -8.75
CA CYS B 572 -17.81 35.95 -9.22
C CYS B 572 -17.74 36.25 -10.72
N VAL B 573 -16.56 36.66 -11.16
CA VAL B 573 -16.29 36.90 -12.58
C VAL B 573 -15.25 35.88 -13.02
N LEU B 574 -15.58 35.12 -14.06
CA LEU B 574 -14.74 34.05 -14.56
C LEU B 574 -14.27 34.43 -15.95
N PHE B 575 -12.99 34.76 -16.08
CA PHE B 575 -12.46 35.33 -17.31
C PHE B 575 -11.57 34.31 -18.01
N PHE B 576 -12.01 33.86 -19.18
CA PHE B 576 -11.25 32.92 -20.00
C PHE B 576 -10.42 33.70 -21.01
N ASP B 577 -9.16 33.92 -20.68
CA ASP B 577 -8.26 34.60 -21.60
C ASP B 577 -7.88 33.67 -22.74
N GLN B 578 -7.95 34.20 -23.97
CA GLN B 578 -7.64 33.44 -25.17
C GLN B 578 -8.51 32.19 -25.26
N LEU B 579 -9.83 32.43 -25.35
CA LEU B 579 -10.80 31.35 -25.30
C LEU B 579 -10.70 30.39 -26.46
N ASP B 580 -10.16 30.83 -27.60
CA ASP B 580 -10.19 30.00 -28.80
C ASP B 580 -9.43 28.70 -28.61
N SER B 581 -8.45 28.68 -27.72
CA SER B 581 -7.71 27.44 -27.46
C SER B 581 -8.61 26.40 -26.82
N ILE B 582 -9.47 26.83 -25.88
CA ILE B 582 -10.32 25.90 -25.14
C ILE B 582 -11.52 25.50 -25.98
N ALA B 583 -12.27 26.46 -26.50
CA ALA B 583 -13.50 26.20 -27.22
C ALA B 583 -13.21 26.23 -28.71
N LYS B 584 -13.23 25.06 -29.34
CA LYS B 584 -13.10 24.91 -30.77
C LYS B 584 -14.34 24.22 -31.31
N ALA B 585 -14.60 24.40 -32.59
CA ALA B 585 -15.68 23.65 -33.22
C ALA B 585 -15.41 22.17 -33.08
N ARG B 586 -16.40 21.43 -32.59
CA ARG B 586 -16.20 20.02 -32.27
C ARG B 586 -15.96 19.22 -33.55
N GLY B 587 -15.11 18.20 -33.43
CA GLY B 587 -14.72 17.42 -34.58
C GLY B 587 -13.62 18.02 -35.43
N GLY B 588 -12.92 19.04 -34.92
CA GLY B 588 -11.91 19.70 -35.73
C GLY B 588 -10.71 18.82 -36.04
N ASN B 589 -10.22 18.09 -35.03
CA ASN B 589 -9.02 17.26 -35.18
C ASN B 589 -9.31 15.87 -34.64
N ILE B 590 -9.17 14.86 -35.49
CA ILE B 590 -9.38 13.48 -35.07
C ILE B 590 -8.30 13.05 -34.08
N GLY B 591 -7.08 13.52 -34.28
CA GLY B 591 -5.95 13.16 -33.44
C GLY B 591 -5.78 13.95 -32.17
N ASP B 592 -6.73 14.84 -31.84
CA ASP B 592 -6.60 15.71 -30.67
C ASP B 592 -6.87 14.89 -29.41
N GLY B 593 -5.90 14.04 -29.07
CA GLY B 593 -5.99 13.23 -27.88
C GLY B 593 -7.18 12.28 -27.85
N GLY B 594 -7.56 11.74 -29.00
CA GLY B 594 -8.75 10.90 -29.06
C GLY B 594 -10.02 11.63 -28.69
N GLY B 595 -10.19 12.86 -29.18
CA GLY B 595 -11.39 13.62 -28.90
C GLY B 595 -11.48 14.19 -27.50
N ALA B 596 -10.36 14.37 -26.81
CA ALA B 596 -10.39 14.92 -25.47
C ALA B 596 -10.87 16.36 -25.48
N ALA B 597 -10.47 17.14 -26.48
CA ALA B 597 -10.93 18.52 -26.58
C ALA B 597 -12.44 18.59 -26.72
N ASP B 598 -13.04 17.65 -27.45
CA ASP B 598 -14.48 17.61 -27.59
C ASP B 598 -15.16 17.37 -26.24
N ARG B 599 -14.59 16.49 -25.42
CA ARG B 599 -15.16 16.24 -24.10
C ARG B 599 -15.01 17.46 -23.20
N VAL B 600 -13.89 18.19 -23.32
CA VAL B 600 -13.73 19.41 -22.54
C VAL B 600 -14.79 20.44 -22.94
N ILE B 601 -15.03 20.59 -24.24
CA ILE B 601 -16.02 21.55 -24.70
C ILE B 601 -17.41 21.14 -24.24
N ASN B 602 -17.71 19.84 -24.25
CA ASN B 602 -19.00 19.38 -23.74
C ASN B 602 -19.14 19.67 -22.25
N GLN B 603 -18.05 19.49 -21.49
CA GLN B 603 -18.12 19.78 -20.06
C GLN B 603 -18.39 21.26 -19.83
N ILE B 604 -17.74 22.13 -20.60
CA ILE B 604 -18.00 23.57 -20.47
C ILE B 604 -19.44 23.90 -20.86
N LEU B 605 -19.94 23.29 -21.93
CA LEU B 605 -21.31 23.53 -22.34
C LEU B 605 -22.28 23.14 -21.24
N THR B 606 -22.03 22.04 -20.56
CA THR B 606 -22.93 21.60 -19.50
C THR B 606 -22.80 22.47 -18.26
N GLU B 607 -21.59 22.97 -17.99
CA GLU B 607 -21.41 23.80 -16.80
C GLU B 607 -22.03 25.18 -16.98
N MET B 608 -21.90 25.76 -18.18
CA MET B 608 -22.39 27.11 -18.42
C MET B 608 -23.90 27.17 -18.41
N ASP B 609 -24.56 26.23 -19.10
CA ASP B 609 -26.01 26.14 -19.14
C ASP B 609 -26.41 24.67 -19.05
N GLY B 610 -27.01 24.29 -17.94
CA GLY B 610 -27.35 22.89 -17.73
C GLY B 610 -28.42 22.74 -16.68
N MET B 611 -28.52 21.52 -16.15
CA MET B 611 -29.56 21.16 -15.20
C MET B 611 -29.16 21.56 -13.78
N SER B 612 -29.02 22.86 -13.56
CA SER B 612 -28.71 23.38 -12.24
C SER B 612 -29.23 24.79 -12.13
N THR B 613 -29.51 25.20 -10.89
CA THR B 613 -29.87 26.59 -10.63
C THR B 613 -28.70 27.49 -11.01
N LYS B 614 -29.01 28.63 -11.60
CA LYS B 614 -27.99 29.54 -12.10
C LYS B 614 -27.62 30.54 -11.01
N LYS B 615 -26.37 30.47 -10.55
CA LYS B 615 -25.87 31.44 -9.61
C LYS B 615 -25.33 32.67 -10.34
N ASN B 616 -24.89 33.66 -9.57
CA ASN B 616 -24.34 34.89 -10.12
C ASN B 616 -22.87 34.67 -10.48
N VAL B 617 -22.66 33.97 -11.59
CA VAL B 617 -21.33 33.78 -12.16
C VAL B 617 -21.33 34.37 -13.56
N PHE B 618 -20.52 35.40 -13.77
CA PHE B 618 -20.43 36.09 -15.04
C PHE B 618 -19.17 35.63 -15.77
N ILE B 619 -19.32 35.28 -17.03
CA ILE B 619 -18.26 34.66 -17.82
C ILE B 619 -17.88 35.62 -18.93
N ILE B 620 -16.60 35.96 -19.01
CA ILE B 620 -16.07 36.89 -19.99
C ILE B 620 -14.97 36.18 -20.77
N GLY B 621 -15.04 36.26 -22.09
CA GLY B 621 -14.03 35.64 -22.92
C GLY B 621 -13.44 36.59 -23.93
N ALA B 622 -12.15 36.46 -24.18
CA ALA B 622 -11.45 37.28 -25.17
C ALA B 622 -10.76 36.34 -26.16
N THR B 623 -10.98 36.59 -27.44
CA THR B 623 -10.41 35.74 -28.48
C THR B 623 -10.04 36.58 -29.69
N ASN B 624 -9.10 36.09 -30.49
CA ASN B 624 -8.71 36.74 -31.73
C ASN B 624 -9.24 36.02 -32.96
N ARG B 625 -9.86 34.86 -32.79
CA ARG B 625 -10.43 34.08 -33.89
C ARG B 625 -11.85 33.69 -33.51
N PRO B 626 -12.78 34.65 -33.51
CA PRO B 626 -14.14 34.33 -33.05
C PRO B 626 -14.87 33.30 -33.89
N ASP B 627 -14.47 33.13 -35.15
CA ASP B 627 -15.24 32.26 -36.05
C ASP B 627 -15.07 30.79 -35.71
N ILE B 628 -13.90 30.39 -35.21
CA ILE B 628 -13.66 28.97 -34.96
C ILE B 628 -14.35 28.49 -33.69
N ILE B 629 -14.83 29.41 -32.86
CA ILE B 629 -15.44 29.03 -31.59
C ILE B 629 -16.71 28.23 -31.85
N ASP B 630 -16.94 27.21 -31.02
CA ASP B 630 -18.10 26.35 -31.17
C ASP B 630 -19.37 27.18 -31.06
N PRO B 631 -20.28 27.10 -32.03
CA PRO B 631 -21.51 27.91 -31.97
C PRO B 631 -22.35 27.64 -30.74
N ALA B 632 -22.25 26.45 -30.15
CA ALA B 632 -23.00 26.17 -28.93
C ALA B 632 -22.52 27.04 -27.78
N ILE B 633 -21.27 27.48 -27.83
CA ILE B 633 -20.76 28.39 -26.80
C ILE B 633 -21.39 29.76 -26.95
N LEU B 634 -21.68 30.17 -28.18
CA LEU B 634 -21.97 31.59 -28.45
C LEU B 634 -23.44 31.91 -28.25
N ARG B 635 -24.32 30.91 -28.25
CA ARG B 635 -25.74 31.19 -28.21
C ARG B 635 -26.13 31.79 -26.87
N PRO B 636 -27.15 32.65 -26.83
CA PRO B 636 -27.49 33.34 -25.58
C PRO B 636 -27.78 32.37 -24.45
N GLY B 637 -27.33 32.75 -23.25
CA GLY B 637 -27.23 31.86 -22.13
C GLY B 637 -25.82 31.41 -21.83
N ARG B 638 -24.95 31.39 -22.83
CA ARG B 638 -23.52 31.22 -22.66
C ARG B 638 -22.83 32.25 -23.54
N LEU B 639 -21.92 33.02 -22.98
CA LEU B 639 -21.32 34.15 -23.69
C LEU B 639 -22.40 34.93 -24.43
N ASP B 640 -23.33 35.47 -23.64
CA ASP B 640 -24.59 35.97 -24.15
C ASP B 640 -24.39 37.10 -25.15
N GLN B 641 -23.49 38.04 -24.86
CA GLN B 641 -23.34 39.25 -25.64
C GLN B 641 -21.96 39.25 -26.30
N LEU B 642 -21.94 39.50 -27.61
CA LEU B 642 -20.70 39.57 -28.38
C LEU B 642 -20.36 41.03 -28.64
N ILE B 643 -19.27 41.49 -28.04
CA ILE B 643 -18.82 42.87 -28.16
C ILE B 643 -17.57 42.90 -29.01
N TYR B 644 -17.56 43.76 -30.02
CA TYR B 644 -16.43 43.87 -30.94
C TYR B 644 -15.59 45.06 -30.54
N ILE B 645 -14.28 44.83 -30.39
CA ILE B 645 -13.33 45.88 -30.02
C ILE B 645 -12.54 46.26 -31.26
N PRO B 646 -12.87 47.36 -31.93
CA PRO B 646 -12.20 47.69 -33.19
C PRO B 646 -10.94 48.50 -32.96
N LEU B 647 -10.22 48.75 -34.06
CA LEU B 647 -9.12 49.68 -34.00
C LEU B 647 -9.65 51.08 -33.69
N PRO B 648 -9.03 51.81 -32.76
CA PRO B 648 -9.61 53.09 -32.33
C PRO B 648 -9.67 54.10 -33.45
N ASP B 649 -10.72 54.91 -33.44
CA ASP B 649 -10.82 56.02 -34.38
C ASP B 649 -10.21 57.29 -33.78
N GLU B 650 -10.42 58.41 -34.47
CA GLU B 650 -9.71 59.64 -34.12
C GLU B 650 -9.98 60.06 -32.68
N LYS B 651 -11.26 60.16 -32.29
CA LYS B 651 -11.56 60.59 -30.92
C LYS B 651 -11.07 59.57 -29.91
N SER B 652 -11.20 58.27 -30.24
CA SER B 652 -10.68 57.24 -29.35
C SER B 652 -9.17 57.36 -29.20
N ARG B 653 -8.47 57.64 -30.28
CA ARG B 653 -7.02 57.78 -30.21
C ARG B 653 -6.63 59.02 -29.40
N VAL B 654 -7.39 60.11 -29.52
CA VAL B 654 -7.12 61.27 -28.71
C VAL B 654 -7.27 60.93 -27.23
N ALA B 655 -8.33 60.19 -26.88
CA ALA B 655 -8.51 59.77 -25.50
C ALA B 655 -7.37 58.85 -25.05
N ILE B 656 -6.89 57.99 -25.95
CA ILE B 656 -5.78 57.11 -25.61
C ILE B 656 -4.53 57.91 -25.27
N LEU B 657 -4.20 58.91 -26.10
CA LEU B 657 -3.03 59.74 -25.82
C LEU B 657 -3.19 60.48 -24.50
N LYS B 658 -4.37 61.05 -24.26
CA LYS B 658 -4.56 61.77 -22.99
C LYS B 658 -4.40 60.84 -21.80
N ALA B 659 -5.01 59.66 -21.86
CA ALA B 659 -4.93 58.73 -20.74
C ALA B 659 -3.50 58.24 -20.54
N ASN B 660 -2.77 57.98 -21.62
CA ASN B 660 -1.39 57.55 -21.48
C ASN B 660 -0.52 58.64 -20.89
N LEU B 661 -0.73 59.89 -21.31
CA LEU B 661 0.20 60.97 -20.99
C LEU B 661 -0.20 61.80 -19.77
N ARG B 662 -1.35 61.55 -19.15
CA ARG B 662 -1.78 62.40 -18.05
C ARG B 662 -0.81 62.33 -16.87
N LYS B 663 -0.30 61.14 -16.54
CA LYS B 663 0.68 61.06 -15.45
C LYS B 663 2.01 61.68 -15.85
N SER B 664 2.52 61.33 -17.03
CA SER B 664 3.85 61.79 -17.43
C SER B 664 3.83 63.29 -17.73
N PRO B 665 4.88 64.03 -17.36
CA PRO B 665 4.90 65.46 -17.64
C PRO B 665 5.11 65.72 -19.13
N VAL B 666 4.19 66.48 -19.73
CA VAL B 666 4.21 66.73 -21.16
C VAL B 666 4.12 68.24 -21.39
N ALA B 667 4.88 68.73 -22.38
CA ALA B 667 4.84 70.14 -22.70
C ALA B 667 3.49 70.51 -23.32
N LYS B 668 3.04 71.74 -23.06
CA LYS B 668 1.73 72.16 -23.53
C LYS B 668 1.72 72.38 -25.03
N ASP B 669 2.90 72.45 -25.65
CA ASP B 669 2.97 72.79 -27.07
C ASP B 669 2.68 71.58 -27.95
N VAL B 670 2.53 70.39 -27.34
CA VAL B 670 2.27 69.20 -28.13
C VAL B 670 0.83 69.22 -28.66
N ASP B 671 0.64 68.58 -29.81
CA ASP B 671 -0.67 68.50 -30.46
C ASP B 671 -1.09 67.04 -30.57
N LEU B 672 -1.96 66.60 -29.67
CA LEU B 672 -2.32 65.19 -29.62
C LEU B 672 -3.17 64.80 -30.82
N GLU B 673 -4.11 65.66 -31.21
CA GLU B 673 -5.06 65.28 -32.26
C GLU B 673 -4.36 65.14 -33.62
N PHE B 674 -3.29 65.89 -33.85
CA PHE B 674 -2.54 65.71 -35.09
C PHE B 674 -1.92 64.32 -35.17
N LEU B 675 -1.29 63.87 -34.07
CA LEU B 675 -0.81 62.50 -33.99
C LEU B 675 -1.93 61.50 -34.20
N ALA B 676 -3.06 61.72 -33.52
CA ALA B 676 -4.20 60.80 -33.66
C ALA B 676 -4.67 60.72 -35.11
N LYS B 677 -4.62 61.84 -35.82
CA LYS B 677 -5.04 61.85 -37.22
C LYS B 677 -4.04 61.11 -38.11
N MET B 678 -2.75 61.31 -37.87
CA MET B 678 -1.77 60.68 -38.74
C MET B 678 -1.64 59.19 -38.47
N THR B 679 -1.96 58.75 -37.25
CA THR B 679 -1.94 57.33 -36.89
C THR B 679 -3.29 56.66 -37.19
N ASN B 680 -3.55 56.46 -38.49
CA ASN B 680 -4.86 55.94 -38.90
C ASN B 680 -5.08 54.51 -38.42
N GLY B 681 -4.13 53.62 -38.71
CA GLY B 681 -4.29 52.21 -38.42
C GLY B 681 -3.61 51.70 -37.18
N PHE B 682 -3.13 52.60 -36.32
CA PHE B 682 -2.47 52.16 -35.09
C PHE B 682 -3.47 51.63 -34.09
N SER B 683 -3.04 50.68 -33.27
CA SER B 683 -3.85 50.20 -32.16
C SER B 683 -3.48 50.95 -30.89
N GLY B 684 -4.16 50.60 -29.80
CA GLY B 684 -3.82 51.20 -28.51
C GLY B 684 -2.43 50.84 -28.06
N ALA B 685 -1.99 49.62 -28.35
CA ALA B 685 -0.66 49.19 -27.97
C ALA B 685 0.41 50.04 -28.64
N ASP B 686 0.22 50.35 -29.93
CA ASP B 686 1.21 51.15 -30.64
C ASP B 686 1.30 52.57 -30.07
N LEU B 687 0.15 53.18 -29.76
CA LEU B 687 0.16 54.52 -29.19
C LEU B 687 0.83 54.53 -27.82
N THR B 688 0.52 53.53 -26.99
CA THR B 688 1.18 53.43 -25.70
C THR B 688 2.69 53.23 -25.86
N GLU B 689 3.08 52.44 -26.85
CA GLU B 689 4.50 52.23 -27.11
C GLU B 689 5.18 53.53 -27.52
N ILE B 690 4.50 54.34 -28.33
CA ILE B 690 5.04 55.65 -28.69
C ILE B 690 5.26 56.51 -27.46
N CYS B 691 4.26 56.57 -26.58
CA CYS B 691 4.40 57.38 -25.38
C CYS B 691 5.54 56.88 -24.50
N GLN B 692 5.64 55.55 -24.31
CA GLN B 692 6.70 55.00 -23.48
C GLN B 692 8.07 55.27 -24.07
N ARG B 693 8.22 55.15 -25.39
CA ARG B 693 9.52 55.35 -26.00
C ARG B 693 9.90 56.83 -25.98
N ALA B 694 8.92 57.72 -26.10
CA ALA B 694 9.19 59.14 -25.90
C ALA B 694 9.65 59.41 -24.47
N CYS B 695 9.04 58.76 -23.49
CA CYS B 695 9.50 58.91 -22.11
C CYS B 695 10.92 58.39 -21.95
N LYS B 696 11.25 57.28 -22.61
CA LYS B 696 12.60 56.75 -22.55
C LYS B 696 13.61 57.71 -23.16
N LEU B 697 13.27 58.32 -24.29
CA LEU B 697 14.16 59.32 -24.88
C LEU B 697 14.31 60.52 -23.97
N ALA B 698 13.23 60.87 -23.25
CA ALA B 698 13.33 61.91 -22.23
C ALA B 698 14.30 61.49 -21.13
N ILE B 699 14.28 60.22 -20.76
CA ILE B 699 15.24 59.71 -19.77
C ILE B 699 16.67 59.89 -20.28
N ARG B 700 16.89 59.56 -21.56
CA ARG B 700 18.22 59.72 -22.15
C ARG B 700 18.68 61.17 -22.11
N GLU B 701 17.81 62.10 -22.52
CA GLU B 701 18.21 63.51 -22.51
C GLU B 701 18.37 64.03 -21.09
N SER B 702 17.60 63.51 -20.15
CA SER B 702 17.78 63.87 -18.74
C SER B 702 19.12 63.40 -18.22
N ILE B 703 19.53 62.19 -18.60
CA ILE B 703 20.84 61.68 -18.20
C ILE B 703 21.94 62.54 -18.79
N GLU B 704 21.80 62.91 -20.07
CA GLU B 704 22.79 63.79 -20.70
C GLU B 704 22.88 65.13 -19.99
N SER B 705 21.73 65.71 -19.63
CA SER B 705 21.74 66.99 -18.92
C SER B 705 22.37 66.84 -17.54
N GLU B 706 22.09 65.72 -16.86
CA GLU B 706 22.70 65.48 -15.55
C GLU B 706 24.21 65.35 -15.65
N ILE B 707 24.70 64.70 -16.72
CA ILE B 707 26.14 64.62 -16.95
C ILE B 707 26.72 66.00 -17.19
N ARG B 708 26.00 66.84 -17.94
CA ARG B 708 26.44 68.22 -18.14
C ARG B 708 26.53 68.97 -16.82
N ARG B 709 25.53 68.78 -15.95
CA ARG B 709 25.55 69.42 -14.64
C ARG B 709 26.73 68.95 -13.82
N GLU B 710 27.02 67.65 -13.85
CA GLU B 710 28.15 67.12 -13.10
C GLU B 710 29.46 67.71 -13.63
N ARG B 711 29.58 67.84 -14.96
CA ARG B 711 30.77 68.44 -15.53
C ARG B 711 30.93 69.90 -15.11
N GLU B 712 29.85 70.68 -15.16
CA GLU B 712 29.95 72.09 -14.81
C GLU B 712 30.24 72.27 -13.33
N ARG B 713 29.75 71.35 -12.49
CA ARG B 713 30.06 71.41 -11.07
C ARG B 713 31.54 71.13 -10.81
N GLN B 714 32.13 70.23 -11.58
CA GLN B 714 33.54 69.89 -11.43
C GLN B 714 34.43 71.07 -11.79
N PRO B 727 16.57 65.51 -15.60
CA PRO B 727 15.94 66.54 -14.78
C PRO B 727 15.12 67.52 -15.60
N VAL B 728 14.91 67.21 -16.88
CA VAL B 728 14.10 68.10 -17.72
C VAL B 728 12.65 68.05 -17.27
N PRO B 729 12.03 69.19 -16.94
CA PRO B 729 10.69 69.12 -16.32
C PRO B 729 9.63 68.48 -17.20
N GLU B 730 9.67 68.69 -18.50
CA GLU B 730 8.66 68.15 -19.40
C GLU B 730 9.32 67.56 -20.64
N ILE B 731 8.64 66.60 -21.25
CA ILE B 731 9.16 65.93 -22.43
C ILE B 731 9.08 66.84 -23.63
N ARG B 732 10.17 66.94 -24.39
CA ARG B 732 10.25 67.82 -25.54
C ARG B 732 9.62 67.18 -26.77
N ARG B 733 9.35 68.01 -27.77
CA ARG B 733 8.65 67.55 -28.96
C ARG B 733 9.56 66.69 -29.84
N ASP B 734 10.86 67.01 -29.88
CA ASP B 734 11.80 66.21 -30.65
C ASP B 734 11.73 64.74 -30.21
N HIS B 735 11.58 64.54 -28.89
CA HIS B 735 11.32 63.21 -28.38
C HIS B 735 10.16 62.56 -29.11
N PHE B 736 9.06 63.31 -29.25
CA PHE B 736 7.84 62.75 -29.82
C PHE B 736 8.02 62.39 -31.29
N GLU B 737 8.55 63.32 -32.10
CA GLU B 737 8.66 62.99 -33.51
C GLU B 737 9.65 61.86 -33.74
N GLU B 738 10.79 61.86 -33.04
CA GLU B 738 11.73 60.75 -33.21
C GLU B 738 11.10 59.43 -32.81
N ALA B 739 10.37 59.43 -31.67
CA ALA B 739 9.75 58.21 -31.21
C ALA B 739 8.77 57.67 -32.23
N MET B 740 7.97 58.55 -32.85
CA MET B 740 6.94 58.04 -33.73
C MET B 740 7.51 57.68 -35.10
N ARG B 741 8.66 58.27 -35.47
CA ARG B 741 9.41 57.69 -36.58
C ARG B 741 9.82 56.26 -36.27
N PHE B 742 10.22 56.00 -35.01
CA PHE B 742 10.53 54.62 -34.65
C PHE B 742 9.27 53.74 -34.62
N ALA B 743 8.09 54.36 -34.64
CA ALA B 743 6.85 53.61 -34.52
C ALA B 743 6.50 52.89 -35.80
N ARG B 744 5.65 51.86 -35.69
CA ARG B 744 5.21 51.04 -36.82
C ARG B 744 3.78 50.58 -36.58
N ARG B 745 3.06 50.37 -37.68
CA ARG B 745 1.67 49.92 -37.63
C ARG B 745 1.64 48.41 -37.43
N SER B 746 1.23 47.98 -36.24
CA SER B 746 1.38 46.56 -35.87
C SER B 746 0.37 45.68 -36.57
N VAL B 747 -0.87 46.13 -36.70
CA VAL B 747 -1.94 45.30 -37.24
C VAL B 747 -2.11 45.60 -38.72
N SER B 748 -1.92 44.58 -39.55
CA SER B 748 -2.07 44.74 -40.99
C SER B 748 -3.55 44.84 -41.36
N ASP B 749 -3.80 45.32 -42.58
CA ASP B 749 -5.18 45.56 -43.01
C ASP B 749 -5.93 44.25 -43.24
N ASN B 750 -5.20 43.16 -43.50
CA ASN B 750 -5.85 41.87 -43.69
C ASN B 750 -6.59 41.43 -42.43
N ASP B 751 -5.98 41.66 -41.27
CA ASP B 751 -6.59 41.25 -40.01
C ASP B 751 -7.90 41.99 -39.77
N ILE B 752 -7.87 43.32 -39.85
CA ILE B 752 -9.08 44.10 -39.64
C ILE B 752 -10.11 43.75 -40.72
N ARG B 753 -9.63 43.40 -41.92
CA ARG B 753 -10.55 42.96 -42.96
C ARG B 753 -11.32 41.71 -42.52
N LYS B 754 -10.61 40.71 -42.00
CA LYS B 754 -11.30 39.47 -41.61
C LYS B 754 -12.22 39.70 -40.41
N TYR B 755 -11.80 40.53 -39.45
CA TYR B 755 -12.69 40.81 -38.32
C TYR B 755 -13.94 41.55 -38.78
N GLU B 756 -13.78 42.49 -39.72
CA GLU B 756 -14.95 43.19 -40.23
C GLU B 756 -15.86 42.25 -41.00
N MET B 757 -15.29 41.26 -41.70
CA MET B 757 -16.14 40.25 -42.32
C MET B 757 -16.93 39.45 -41.29
N PHE B 758 -16.29 39.07 -40.18
CA PHE B 758 -17.05 38.38 -39.13
C PHE B 758 -18.17 39.26 -38.59
N ALA B 759 -17.87 40.54 -38.34
CA ALA B 759 -18.88 41.45 -37.83
C ALA B 759 -20.03 41.61 -38.82
N GLN B 760 -19.70 41.70 -40.12
CA GLN B 760 -20.74 41.84 -41.13
C GLN B 760 -21.57 40.58 -41.26
N THR B 761 -20.95 39.42 -41.12
CA THR B 761 -21.72 38.18 -41.15
C THR B 761 -22.71 38.13 -39.99
N LEU B 762 -22.26 38.52 -38.79
CA LEU B 762 -23.17 38.58 -37.66
C LEU B 762 -24.29 39.59 -37.89
N GLN B 763 -23.94 40.77 -38.42
CA GLN B 763 -24.92 41.80 -38.71
C GLN B 763 -25.96 41.35 -39.73
N GLN B 764 -25.52 40.65 -40.78
CA GLN B 764 -26.45 40.18 -41.80
C GLN B 764 -27.30 39.03 -41.29
N SER B 765 -26.72 38.16 -40.47
CA SER B 765 -27.50 37.07 -39.89
C SER B 765 -28.51 37.60 -38.88
N ARG B 766 -28.26 38.80 -38.34
CA ARG B 766 -29.24 39.40 -37.46
C ARG B 766 -30.54 39.67 -38.21
N GLY B 767 -30.44 40.14 -39.44
CA GLY B 767 -31.61 40.37 -40.28
C GLY B 767 -32.27 41.70 -40.02
N PHE B 768 -33.37 41.92 -40.76
CA PHE B 768 -34.24 43.11 -40.71
C PHE B 768 -33.37 44.36 -40.63
N GLY B 769 -33.53 45.21 -39.63
CA GLY B 769 -32.84 46.47 -39.49
C GLY B 769 -33.83 47.62 -39.29
N SER B 770 -33.51 48.47 -38.32
CA SER B 770 -34.39 49.57 -37.93
C SER B 770 -35.79 49.08 -37.60
N PHE B 771 -35.86 48.04 -36.76
CA PHE B 771 -37.13 47.44 -36.40
C PHE B 771 -38.01 48.46 -35.67
N ARG B 772 -39.24 48.62 -36.13
CA ARG B 772 -40.19 49.55 -35.53
C ARG B 772 -41.56 48.92 -35.47
N PHE B 773 -42.24 49.07 -34.35
CA PHE B 773 -43.58 48.52 -34.21
C PHE B 773 -44.58 49.36 -35.02
N PRO B 774 -45.52 48.72 -35.69
CA PRO B 774 -46.52 49.49 -36.46
C PRO B 774 -47.42 50.32 -35.55
N SER B 775 -47.88 51.45 -36.08
CA SER B 775 -48.78 52.36 -35.38
C SER B 775 -48.22 52.81 -34.04
N LEU C 12 -47.41 -21.75 -2.50
CA LEU C 12 -47.01 -22.72 -1.50
C LEU C 12 -46.08 -22.09 -0.46
N SER C 13 -45.31 -21.09 -0.89
CA SER C 13 -44.44 -20.38 0.04
C SER C 13 -45.27 -19.61 1.07
N THR C 14 -46.35 -18.97 0.63
CA THR C 14 -47.16 -18.16 1.54
C THR C 14 -47.97 -19.04 2.49
N ALA C 15 -47.98 -20.35 2.27
CA ALA C 15 -48.80 -21.25 3.09
C ALA C 15 -48.41 -21.16 4.56
N ILE C 16 -47.15 -20.85 4.85
CA ILE C 16 -46.72 -20.70 6.23
C ILE C 16 -47.43 -19.53 6.89
N LEU C 17 -47.58 -18.43 6.16
CA LEU C 17 -48.07 -17.19 6.76
C LEU C 17 -49.56 -17.26 7.08
N LYS C 18 -50.36 -17.86 6.20
CA LYS C 18 -51.81 -17.81 6.39
C LYS C 18 -52.22 -18.59 7.65
N GLN C 19 -52.94 -17.92 8.52
CA GLN C 19 -53.39 -18.53 9.76
C GLN C 19 -54.58 -19.44 9.51
N LYS C 20 -54.60 -20.56 10.22
CA LYS C 20 -55.65 -21.57 10.06
C LYS C 20 -56.75 -21.32 11.07
N ASN C 21 -57.99 -21.35 10.61
CA ASN C 21 -59.13 -21.15 11.49
C ASN C 21 -59.29 -22.33 12.43
N ARG C 22 -59.18 -22.08 13.71
CA ARG C 22 -59.35 -23.06 14.77
C ARG C 22 -60.37 -22.53 15.78
N PRO C 23 -61.08 -23.43 16.47
CA PRO C 23 -62.10 -22.94 17.42
C PRO C 23 -61.52 -22.06 18.52
N ASN C 24 -60.30 -22.34 18.97
CA ASN C 24 -59.73 -21.58 20.07
C ASN C 24 -59.42 -20.13 19.66
N ARG C 25 -59.01 -19.94 18.41
CA ARG C 25 -58.65 -18.60 17.94
C ARG C 25 -59.90 -17.77 17.70
N LEU C 26 -59.94 -16.56 18.27
CA LEU C 26 -61.10 -15.70 18.18
C LEU C 26 -60.67 -14.23 18.10
N ILE C 27 -61.54 -13.41 17.52
CA ILE C 27 -61.27 -11.98 17.39
C ILE C 27 -61.39 -11.31 18.75
N VAL C 28 -60.54 -10.32 19.00
CA VAL C 28 -60.62 -9.55 20.25
C VAL C 28 -61.74 -8.53 20.15
N ASP C 29 -62.61 -8.52 21.17
CA ASP C 29 -63.73 -7.58 21.23
C ASP C 29 -63.59 -6.69 22.44
N GLU C 30 -64.19 -5.50 22.34
CA GLU C 30 -64.10 -4.52 23.41
C GLU C 30 -64.88 -4.98 24.64
N ALA C 31 -64.34 -4.67 25.82
CA ALA C 31 -65.06 -4.96 27.06
C ALA C 31 -65.98 -3.80 27.43
N ILE C 32 -67.00 -4.11 28.23
CA ILE C 32 -68.01 -3.12 28.60
C ILE C 32 -67.87 -2.77 30.09
N ASN C 33 -68.09 -3.75 30.95
CA ASN C 33 -68.11 -3.55 32.40
C ASN C 33 -67.22 -4.55 33.12
N GLU C 34 -66.32 -5.22 32.40
CA GLU C 34 -65.58 -6.34 32.96
C GLU C 34 -64.44 -5.85 33.84
N ASP C 35 -64.19 -6.56 34.94
CA ASP C 35 -63.01 -6.28 35.72
C ASP C 35 -61.77 -6.83 35.00
N ASN C 36 -60.60 -6.44 35.49
CA ASN C 36 -59.36 -6.78 34.79
C ASN C 36 -59.14 -8.29 34.75
N SER C 37 -59.39 -8.99 35.85
CA SER C 37 -58.97 -10.38 35.96
C SER C 37 -59.80 -11.30 35.08
N VAL C 38 -61.10 -11.06 34.99
CA VAL C 38 -61.98 -11.97 34.27
C VAL C 38 -61.99 -11.64 32.79
N VAL C 39 -62.43 -12.60 31.98
CA VAL C 39 -62.59 -12.42 30.54
C VAL C 39 -63.99 -12.91 30.16
N SER C 40 -64.56 -12.28 29.14
CA SER C 40 -65.92 -12.56 28.71
C SER C 40 -65.90 -13.21 27.34
N LEU C 41 -66.65 -14.29 27.19
CA LEU C 41 -66.79 -15.00 25.94
C LEU C 41 -68.27 -15.34 25.73
N SER C 42 -68.65 -15.52 24.47
CA SER C 42 -70.02 -15.86 24.15
C SER C 42 -70.40 -17.19 24.79
N GLN C 43 -71.57 -17.23 25.43
CA GLN C 43 -72.04 -18.47 26.05
C GLN C 43 -72.14 -19.64 25.08
N PRO C 44 -72.68 -19.49 23.86
CA PRO C 44 -72.62 -20.64 22.93
C PRO C 44 -71.20 -21.07 22.61
N LYS C 45 -70.24 -20.15 22.66
CA LYS C 45 -68.85 -20.54 22.44
C LYS C 45 -68.36 -21.46 23.56
N MET C 46 -68.70 -21.15 24.80
CA MET C 46 -68.40 -22.08 25.90
C MET C 46 -69.15 -23.39 25.72
N ASP C 47 -70.37 -23.33 25.18
CA ASP C 47 -71.10 -24.57 24.90
C ASP C 47 -70.34 -25.42 23.90
N GLU C 48 -69.72 -24.79 22.90
CA GLU C 48 -68.97 -25.54 21.89
C GLU C 48 -67.59 -25.94 22.42
N LEU C 49 -66.99 -25.11 23.28
CA LEU C 49 -65.67 -25.41 23.82
C LEU C 49 -65.72 -26.15 25.15
N GLN C 50 -66.91 -26.32 25.74
CA GLN C 50 -67.08 -27.00 27.03
C GLN C 50 -66.34 -26.27 28.15
N LEU C 51 -66.22 -24.95 28.05
CA LEU C 51 -65.63 -24.16 29.12
C LEU C 51 -66.68 -23.86 30.19
N PHE C 52 -66.20 -23.57 31.40
CA PHE C 52 -67.08 -23.38 32.55
C PHE C 52 -66.71 -22.10 33.29
N ARG C 53 -67.73 -21.48 33.88
CA ARG C 53 -67.52 -20.23 34.59
C ARG C 53 -66.72 -20.45 35.87
N GLY C 54 -65.89 -19.45 36.21
CA GLY C 54 -65.05 -19.55 37.38
C GLY C 54 -63.81 -20.40 37.19
N ASP C 55 -63.46 -20.74 35.96
CA ASP C 55 -62.31 -21.58 35.66
C ASP C 55 -61.21 -20.75 35.03
N THR C 56 -59.99 -20.88 35.55
CA THR C 56 -58.85 -20.18 34.97
C THR C 56 -58.52 -20.78 33.61
N VAL C 57 -58.24 -19.92 32.63
CA VAL C 57 -57.89 -20.34 31.28
C VAL C 57 -56.64 -19.59 30.85
N LEU C 58 -55.76 -20.29 30.13
CA LEU C 58 -54.58 -19.65 29.57
C LEU C 58 -54.91 -19.00 28.24
N LEU C 59 -54.41 -17.78 28.04
CA LEU C 59 -54.67 -17.01 26.83
C LEU C 59 -53.36 -16.77 26.09
N LYS C 60 -53.30 -17.20 24.84
CA LYS C 60 -52.13 -16.93 24.01
C LYS C 60 -52.18 -15.52 23.46
N GLY C 61 -51.01 -14.96 23.18
CA GLY C 61 -50.93 -13.61 22.64
C GLY C 61 -49.72 -13.45 21.75
N LYS C 62 -49.63 -12.28 21.13
CA LYS C 62 -48.52 -11.98 20.24
C LYS C 62 -47.23 -11.83 21.03
N LYS C 63 -46.11 -12.08 20.35
CA LYS C 63 -44.76 -11.90 20.90
C LYS C 63 -44.55 -12.76 22.16
N ARG C 64 -45.11 -13.97 22.16
CA ARG C 64 -44.99 -14.90 23.28
C ARG C 64 -45.38 -14.26 24.61
N ARG C 65 -46.53 -13.58 24.61
CA ARG C 65 -47.10 -13.01 25.82
C ARG C 65 -48.37 -13.76 26.16
N GLU C 66 -48.47 -14.26 27.38
CA GLU C 66 -49.65 -15.01 27.83
C GLU C 66 -50.10 -14.51 29.19
N ALA C 67 -51.39 -14.70 29.45
CA ALA C 67 -52.00 -14.32 30.72
C ALA C 67 -53.06 -15.34 31.08
N VAL C 68 -53.41 -15.37 32.37
CA VAL C 68 -54.40 -16.31 32.90
C VAL C 68 -55.58 -15.51 33.44
N CYS C 69 -56.79 -15.87 33.01
CA CYS C 69 -57.98 -15.10 33.32
C CYS C 69 -59.16 -16.04 33.58
N ILE C 70 -60.10 -15.54 34.38
CA ILE C 70 -61.33 -16.28 34.64
C ILE C 70 -62.34 -16.00 33.53
N VAL C 71 -63.00 -17.04 33.04
CA VAL C 71 -63.98 -16.92 31.97
C VAL C 71 -65.38 -16.91 32.57
N LEU C 72 -66.20 -15.96 32.13
CA LEU C 72 -67.58 -15.83 32.57
C LEU C 72 -68.50 -15.61 31.38
N SER C 73 -69.74 -16.04 31.52
CA SER C 73 -70.72 -15.88 30.44
C SER C 73 -71.05 -14.42 30.21
N ASP C 74 -71.18 -14.04 28.94
CA ASP C 74 -71.59 -12.70 28.55
C ASP C 74 -72.29 -12.81 27.21
N ASP C 75 -73.60 -12.57 27.19
CA ASP C 75 -74.38 -12.78 25.97
C ASP C 75 -74.03 -11.76 24.90
N THR C 76 -73.67 -10.53 25.31
CA THR C 76 -73.34 -9.49 24.34
C THR C 76 -72.12 -9.89 23.50
N CYS C 77 -71.27 -10.75 24.03
CA CYS C 77 -70.09 -11.20 23.29
C CYS C 77 -70.51 -12.00 22.07
N SER C 78 -69.88 -11.69 20.94
CA SER C 78 -70.19 -12.39 19.69
C SER C 78 -69.59 -13.79 19.70
N ASP C 79 -70.18 -14.67 18.88
CA ASP C 79 -69.74 -16.06 18.86
C ASP C 79 -68.33 -16.19 18.28
N GLU C 80 -67.99 -15.35 17.30
CA GLU C 80 -66.66 -15.35 16.71
C GLU C 80 -65.72 -14.38 17.39
N LYS C 81 -66.16 -13.70 18.44
CA LYS C 81 -65.35 -12.69 19.12
C LYS C 81 -65.21 -13.05 20.59
N ILE C 82 -64.22 -12.45 21.23
CA ILE C 82 -64.03 -12.55 22.67
C ILE C 82 -63.84 -11.14 23.23
N ARG C 83 -64.63 -10.80 24.24
CA ARG C 83 -64.52 -9.48 24.84
C ARG C 83 -63.30 -9.41 25.75
N MET C 84 -62.64 -8.25 25.76
CA MET C 84 -61.31 -8.12 26.32
C MET C 84 -61.12 -6.70 26.82
N ASN C 85 -60.44 -6.55 27.96
CA ASN C 85 -60.26 -5.23 28.55
C ASN C 85 -58.86 -4.69 28.27
N ARG C 86 -58.64 -3.44 28.69
CA ARG C 86 -57.38 -2.76 28.39
C ARG C 86 -56.20 -3.41 29.10
N VAL C 87 -56.38 -3.82 30.36
CA VAL C 87 -55.26 -4.28 31.17
C VAL C 87 -54.69 -5.58 30.61
N VAL C 88 -55.56 -6.55 30.34
CA VAL C 88 -55.07 -7.85 29.86
C VAL C 88 -54.57 -7.74 28.42
N ARG C 89 -55.18 -6.88 27.60
CA ARG C 89 -54.68 -6.73 26.24
C ARG C 89 -53.30 -6.08 26.24
N ASN C 90 -53.06 -5.16 27.19
CA ASN C 90 -51.71 -4.64 27.37
C ASN C 90 -50.76 -5.74 27.86
N ASN C 91 -51.23 -6.59 28.76
CA ASN C 91 -50.41 -7.72 29.19
C ASN C 91 -50.19 -8.70 28.04
N LEU C 92 -51.20 -8.89 27.19
CA LEU C 92 -51.07 -9.76 26.04
C LEU C 92 -50.35 -9.09 24.87
N ARG C 93 -50.12 -7.77 24.95
CA ARG C 93 -49.50 -7.01 23.87
C ARG C 93 -50.26 -7.17 22.57
N VAL C 94 -51.58 -7.29 22.66
CA VAL C 94 -52.43 -7.58 21.51
C VAL C 94 -53.27 -6.35 21.22
N ARG C 95 -53.41 -6.01 19.94
CA ARG C 95 -54.26 -4.91 19.53
C ARG C 95 -55.67 -5.41 19.26
N LEU C 96 -56.53 -4.48 18.86
CA LEU C 96 -57.92 -4.81 18.59
C LEU C 96 -58.05 -5.56 17.27
N GLY C 97 -58.89 -6.60 17.27
CA GLY C 97 -59.18 -7.34 16.06
C GLY C 97 -58.26 -8.50 15.75
N ASP C 98 -57.22 -8.70 16.55
CA ASP C 98 -56.29 -9.79 16.30
C ASP C 98 -56.90 -11.12 16.75
N VAL C 99 -56.36 -12.21 16.22
CA VAL C 99 -56.79 -13.56 16.58
C VAL C 99 -55.86 -14.11 17.64
N ILE C 100 -56.43 -14.56 18.76
CA ILE C 100 -55.68 -15.14 19.87
C ILE C 100 -56.32 -16.46 20.24
N SER C 101 -55.50 -17.45 20.55
CA SER C 101 -56.01 -18.75 20.96
C SER C 101 -56.25 -18.79 22.46
N ILE C 102 -57.23 -19.58 22.88
CA ILE C 102 -57.60 -19.73 24.27
C ILE C 102 -57.63 -21.22 24.60
N GLN C 103 -57.06 -21.59 25.74
CA GLN C 103 -57.11 -22.95 26.25
C GLN C 103 -57.22 -22.93 27.77
N PRO C 104 -57.84 -23.93 28.37
CA PRO C 104 -57.93 -23.98 29.83
C PRO C 104 -56.54 -24.08 30.46
N CYS C 105 -56.38 -23.41 31.59
CA CYS C 105 -55.10 -23.47 32.29
C CYS C 105 -54.92 -24.84 32.92
N PRO C 106 -53.84 -25.55 32.62
CA PRO C 106 -53.66 -26.89 33.19
C PRO C 106 -52.97 -26.86 34.56
N ASP C 107 -53.64 -27.42 35.56
CA ASP C 107 -53.06 -27.67 36.87
C ASP C 107 -52.54 -26.39 37.52
N VAL C 108 -53.41 -25.39 37.65
CA VAL C 108 -53.04 -24.17 38.36
C VAL C 108 -53.13 -24.41 39.86
N LYS C 109 -52.16 -23.87 40.60
CA LYS C 109 -52.04 -24.11 42.03
C LYS C 109 -51.91 -22.78 42.78
N TYR C 110 -52.28 -22.79 44.05
CA TYR C 110 -52.16 -21.60 44.88
C TYR C 110 -50.70 -21.29 45.15
N GLY C 111 -50.39 -20.00 45.27
CA GLY C 111 -49.00 -19.58 45.41
C GLY C 111 -48.52 -19.70 46.84
N LYS C 112 -47.35 -20.31 47.02
CA LYS C 112 -46.72 -20.35 48.34
C LYS C 112 -46.29 -18.97 48.79
N ARG C 113 -45.57 -18.25 47.92
CA ARG C 113 -45.17 -16.87 48.16
C ARG C 113 -45.32 -16.09 46.87
N ILE C 114 -45.84 -14.87 46.98
CA ILE C 114 -46.06 -14.00 45.83
C ILE C 114 -45.40 -12.65 46.09
N HIS C 115 -44.62 -12.18 45.13
CA HIS C 115 -43.97 -10.88 45.19
C HIS C 115 -44.54 -9.98 44.12
N VAL C 116 -45.08 -8.83 44.52
CA VAL C 116 -45.65 -7.85 43.60
C VAL C 116 -44.89 -6.56 43.74
N LEU C 117 -44.45 -6.01 42.61
CA LEU C 117 -43.66 -4.78 42.59
C LEU C 117 -44.38 -3.73 41.74
N PRO C 118 -44.84 -2.63 42.32
CA PRO C 118 -45.57 -1.64 41.54
C PRO C 118 -44.66 -0.83 40.63
N ILE C 119 -45.28 -0.13 39.69
CA ILE C 119 -44.54 0.72 38.78
C ILE C 119 -44.03 1.95 39.53
N ASP C 120 -42.81 2.37 39.20
CA ASP C 120 -42.13 3.39 40.00
C ASP C 120 -42.89 4.71 40.00
N ASP C 121 -43.40 5.13 38.83
CA ASP C 121 -44.10 6.41 38.75
C ASP C 121 -45.38 6.40 39.57
N THR C 122 -46.05 5.26 39.63
CA THR C 122 -47.28 5.16 40.42
C THR C 122 -46.98 5.17 41.91
N VAL C 123 -45.79 4.70 42.29
CA VAL C 123 -45.41 4.71 43.70
C VAL C 123 -45.37 6.15 44.23
N GLU C 124 -44.79 7.06 43.45
CA GLU C 124 -44.65 8.45 43.88
C GLU C 124 -46.02 9.09 44.07
N GLY C 125 -46.11 9.97 45.06
CA GLY C 125 -47.36 10.62 45.39
C GLY C 125 -48.26 9.84 46.33
N ILE C 126 -47.89 8.62 46.70
CA ILE C 126 -48.68 7.80 47.61
C ILE C 126 -47.96 7.79 48.95
N THR C 127 -48.55 8.44 49.96
CA THR C 127 -47.93 8.50 51.27
C THR C 127 -48.00 7.16 51.99
N GLY C 128 -49.17 6.53 51.99
CA GLY C 128 -49.34 5.29 52.73
C GLY C 128 -48.69 4.10 52.06
N ASN C 129 -48.60 3.02 52.81
CA ASN C 129 -48.05 1.78 52.29
C ASN C 129 -48.92 1.25 51.15
N LEU C 130 -48.28 0.87 50.05
CA LEU C 130 -49.01 0.41 48.87
C LEU C 130 -49.69 -0.92 49.14
N PHE C 131 -49.06 -1.80 49.91
CA PHE C 131 -49.65 -3.09 50.20
C PHE C 131 -50.94 -2.96 51.00
N GLU C 132 -50.95 -2.05 51.98
CA GLU C 132 -52.12 -1.94 52.85
C GLU C 132 -53.30 -1.29 52.14
N VAL C 133 -53.05 -0.19 51.43
CA VAL C 133 -54.15 0.59 50.85
C VAL C 133 -54.79 -0.16 49.69
N TYR C 134 -53.97 -0.73 48.81
CA TYR C 134 -54.46 -1.33 47.58
C TYR C 134 -54.38 -2.85 47.57
N LEU C 135 -53.19 -3.42 47.80
CA LEU C 135 -52.99 -4.84 47.60
C LEU C 135 -53.89 -5.69 48.51
N LYS C 136 -53.95 -5.33 49.79
CA LYS C 136 -54.68 -6.17 50.75
C LYS C 136 -56.17 -6.26 50.46
N PRO C 137 -56.91 -5.16 50.27
CA PRO C 137 -58.32 -5.32 49.86
C PRO C 137 -58.47 -5.96 48.49
N TYR C 138 -57.53 -5.72 47.58
CA TYR C 138 -57.62 -6.29 46.24
C TYR C 138 -57.55 -7.81 46.27
N PHE C 139 -56.65 -8.36 47.08
CA PHE C 139 -56.38 -9.79 47.11
C PHE C 139 -57.09 -10.51 48.24
N LEU C 140 -58.01 -9.83 48.93
CA LEU C 140 -58.73 -10.42 50.06
C LEU C 140 -59.84 -11.32 49.51
N GLU C 141 -59.58 -12.62 49.51
CA GLU C 141 -60.50 -13.69 49.12
C GLU C 141 -60.91 -13.60 47.65
N ALA C 142 -60.28 -12.72 46.86
CA ALA C 142 -60.66 -12.63 45.45
C ALA C 142 -60.12 -13.82 44.66
N TYR C 143 -58.92 -14.30 45.00
CA TYR C 143 -58.28 -15.42 44.31
C TYR C 143 -58.12 -15.13 42.81
N ARG C 144 -57.68 -13.92 42.49
CA ARG C 144 -57.48 -13.56 41.09
C ARG C 144 -56.31 -14.36 40.50
N PRO C 145 -56.48 -14.94 39.31
CA PRO C 145 -55.36 -15.66 38.68
C PRO C 145 -54.33 -14.69 38.12
N ILE C 146 -53.05 -15.00 38.34
CA ILE C 146 -51.96 -14.15 37.91
C ILE C 146 -50.89 -14.99 37.23
N ARG C 147 -50.37 -14.46 36.13
CA ARG C 147 -49.23 -15.05 35.45
C ARG C 147 -48.03 -14.13 35.63
N LYS C 148 -46.84 -14.72 35.53
CA LYS C 148 -45.60 -13.99 35.79
C LYS C 148 -45.46 -12.79 34.87
N GLY C 149 -45.04 -11.65 35.44
CA GLY C 149 -44.74 -10.47 34.68
C GLY C 149 -45.93 -9.64 34.24
N ASP C 150 -47.15 -10.03 34.62
CA ASP C 150 -48.33 -9.31 34.17
C ASP C 150 -48.42 -7.94 34.85
N ILE C 151 -49.01 -6.99 34.14
CA ILE C 151 -49.25 -5.64 34.64
C ILE C 151 -50.75 -5.52 34.91
N PHE C 152 -51.11 -5.15 36.14
CA PHE C 152 -52.51 -4.90 36.46
C PHE C 152 -52.62 -3.64 37.31
N LEU C 153 -53.77 -3.00 37.21
CA LEU C 153 -54.06 -1.74 37.88
C LEU C 153 -55.07 -1.98 38.99
N VAL C 154 -54.87 -1.32 40.12
CA VAL C 154 -55.77 -1.44 41.27
C VAL C 154 -56.49 -0.11 41.45
N ARG C 155 -57.82 -0.15 41.36
CA ARG C 155 -58.63 1.04 41.54
C ARG C 155 -58.73 1.40 43.03
N GLY C 156 -59.24 2.60 43.29
CA GLY C 156 -59.42 3.06 44.65
C GLY C 156 -58.20 3.77 45.20
N GLY C 157 -58.31 4.18 46.46
CA GLY C 157 -57.24 4.91 47.12
C GLY C 157 -57.14 6.34 46.63
N MET C 158 -56.07 7.00 47.08
CA MET C 158 -55.81 8.35 46.62
C MET C 158 -55.54 8.39 45.12
N ARG C 159 -54.74 7.45 44.62
CA ARG C 159 -54.48 7.32 43.20
C ARG C 159 -54.38 5.84 42.87
N ALA C 160 -54.92 5.46 41.70
CA ALA C 160 -54.79 4.09 41.24
C ALA C 160 -53.33 3.80 40.90
N VAL C 161 -52.81 2.72 41.45
CA VAL C 161 -51.40 2.35 41.31
C VAL C 161 -51.30 1.02 40.58
N GLU C 162 -50.58 1.01 39.47
CA GLU C 162 -50.35 -0.22 38.73
C GLU C 162 -49.42 -1.14 39.51
N PHE C 163 -49.64 -2.45 39.38
CA PHE C 163 -48.86 -3.45 40.10
C PHE C 163 -48.45 -4.55 39.14
N LYS C 164 -47.26 -5.11 39.37
CA LYS C 164 -46.71 -6.19 38.55
C LYS C 164 -46.22 -7.30 39.46
N VAL C 165 -46.63 -8.53 39.17
CA VAL C 165 -46.27 -9.70 39.99
C VAL C 165 -45.00 -10.30 39.39
N VAL C 166 -43.92 -10.24 40.16
CA VAL C 166 -42.65 -10.77 39.68
C VAL C 166 -42.48 -12.24 40.08
N GLU C 167 -43.09 -12.66 41.19
CA GLU C 167 -42.94 -14.02 41.70
C GLU C 167 -44.28 -14.74 41.66
N THR C 168 -44.32 -15.88 40.98
CA THR C 168 -45.48 -16.77 40.97
C THR C 168 -45.00 -18.17 41.29
N ASP C 169 -45.69 -18.84 42.21
CA ASP C 169 -45.32 -20.18 42.63
C ASP C 169 -46.47 -21.15 42.36
N PRO C 170 -46.31 -22.12 41.45
CA PRO C 170 -45.11 -22.25 40.60
C PRO C 170 -45.16 -21.32 39.40
N SER C 171 -44.01 -20.87 38.94
CA SER C 171 -43.99 -19.97 37.79
C SER C 171 -44.46 -20.72 36.54
N PRO C 172 -45.33 -20.11 35.73
CA PRO C 172 -45.86 -18.77 35.97
C PRO C 172 -47.28 -18.73 36.52
N TYR C 173 -47.87 -19.88 36.83
CA TYR C 173 -49.29 -19.97 37.16
C TYR C 173 -49.48 -20.04 38.66
N CYS C 174 -50.27 -19.11 39.21
CA CYS C 174 -50.58 -19.10 40.63
C CYS C 174 -51.95 -18.47 40.84
N ILE C 175 -52.54 -18.75 42.00
CA ILE C 175 -53.76 -18.09 42.46
C ILE C 175 -53.43 -17.37 43.76
N VAL C 176 -53.66 -16.05 43.77
CA VAL C 176 -53.32 -15.24 44.94
C VAL C 176 -54.30 -15.53 46.07
N ALA C 177 -53.78 -15.68 47.28
CA ALA C 177 -54.60 -15.96 48.44
C ALA C 177 -54.22 -15.03 49.58
N PRO C 178 -55.17 -14.70 50.47
CA PRO C 178 -54.86 -13.76 51.57
C PRO C 178 -53.75 -14.26 52.48
N ASP C 179 -53.64 -15.58 52.67
CA ASP C 179 -52.63 -16.11 53.59
C ASP C 179 -51.23 -15.89 53.05
N THR C 180 -51.05 -15.98 51.73
CA THR C 180 -49.74 -15.80 51.13
C THR C 180 -49.20 -14.41 51.43
N VAL C 181 -47.95 -14.35 51.89
CA VAL C 181 -47.33 -13.08 52.26
C VAL C 181 -46.92 -12.35 51.00
N ILE C 182 -47.43 -11.12 50.83
CA ILE C 182 -47.11 -10.28 49.69
C ILE C 182 -46.60 -8.95 50.21
N HIS C 183 -45.43 -8.54 49.74
CA HIS C 183 -44.78 -7.31 50.18
C HIS C 183 -44.63 -6.39 48.97
N CYS C 184 -45.10 -5.15 49.10
CA CYS C 184 -44.97 -4.20 48.01
C CYS C 184 -43.55 -3.67 47.89
N GLU C 185 -42.82 -3.61 49.00
CA GLU C 185 -41.49 -3.02 48.99
C GLU C 185 -40.52 -3.86 48.18
N GLY C 186 -39.60 -3.18 47.49
CA GLY C 186 -38.62 -3.85 46.66
C GLY C 186 -38.08 -2.89 45.62
N GLU C 187 -37.39 -3.48 44.63
CA GLU C 187 -36.85 -2.70 43.55
C GLU C 187 -37.97 -2.10 42.70
N PRO C 188 -37.93 -0.80 42.40
CA PRO C 188 -38.99 -0.20 41.59
C PRO C 188 -39.00 -0.76 40.17
N ILE C 189 -40.18 -0.74 39.56
CA ILE C 189 -40.35 -1.15 38.17
C ILE C 189 -40.52 0.10 37.32
N LYS C 190 -39.60 0.31 36.40
CA LYS C 190 -39.66 1.50 35.55
C LYS C 190 -40.83 1.44 34.59
N ARG C 191 -41.50 2.57 34.41
CA ARG C 191 -42.49 2.69 33.34
C ARG C 191 -41.81 2.60 31.98
N GLU C 192 -40.56 3.08 31.89
CA GLU C 192 -39.82 2.99 30.65
C GLU C 192 -39.58 1.55 30.24
N ASP C 193 -39.30 0.68 31.22
CA ASP C 193 -39.12 -0.74 30.93
C ASP C 193 -40.41 -1.35 30.41
N GLU C 194 -41.55 -0.99 31.01
CA GLU C 194 -42.83 -1.49 30.53
C GLU C 194 -43.11 -1.02 29.11
N GLU C 195 -42.79 0.24 28.81
CA GLU C 195 -42.99 0.76 27.45
C GLU C 195 -42.08 0.04 26.46
N GLU C 196 -40.83 -0.22 26.86
CA GLU C 196 -39.91 -0.95 25.99
C GLU C 196 -40.41 -2.36 25.71
N SER C 197 -40.89 -3.05 26.76
CA SER C 197 -41.43 -4.38 26.56
C SER C 197 -42.69 -4.36 25.70
N LEU C 198 -43.47 -3.27 25.80
CA LEU C 198 -44.66 -3.15 24.98
C LEU C 198 -44.31 -2.86 23.52
N ASN C 199 -43.27 -2.07 23.28
CA ASN C 199 -42.91 -1.65 21.94
C ASN C 199 -41.86 -2.55 21.30
N GLU C 200 -41.72 -3.79 21.76
CA GLU C 200 -40.83 -4.73 21.08
C GLU C 200 -41.40 -5.09 19.72
N VAL C 201 -40.51 -5.30 18.75
CA VAL C 201 -40.95 -5.59 17.39
C VAL C 201 -41.25 -7.08 17.24
N GLY C 202 -42.31 -7.39 16.50
CA GLY C 202 -42.67 -8.76 16.20
C GLY C 202 -42.75 -8.96 14.70
N TYR C 203 -43.33 -10.10 14.31
CA TYR C 203 -43.48 -10.38 12.88
C TYR C 203 -44.47 -9.40 12.24
N ASP C 204 -45.44 -8.90 13.01
CA ASP C 204 -46.47 -8.06 12.42
C ASP C 204 -45.91 -6.70 12.01
N ASP C 205 -44.86 -6.23 12.69
CA ASP C 205 -44.29 -4.93 12.35
C ASP C 205 -43.59 -4.97 11.00
N ILE C 206 -43.13 -6.15 10.60
CA ILE C 206 -42.43 -6.28 9.33
C ILE C 206 -43.44 -6.25 8.18
N GLY C 207 -43.18 -5.42 7.19
CA GLY C 207 -44.11 -5.25 6.09
C GLY C 207 -43.42 -5.27 4.75
N GLY C 208 -44.14 -5.78 3.75
CA GLY C 208 -43.66 -5.80 2.39
C GLY C 208 -42.74 -6.95 2.05
N CYS C 209 -42.55 -7.90 2.96
CA CYS C 209 -41.63 -9.02 2.77
C CYS C 209 -42.31 -10.36 3.07
N ARG C 210 -43.48 -10.60 2.49
CA ARG C 210 -44.24 -11.78 2.85
C ARG C 210 -43.51 -13.07 2.45
N LYS C 211 -42.95 -13.11 1.24
CA LYS C 211 -42.23 -14.30 0.82
C LYS C 211 -40.99 -14.54 1.67
N GLN C 212 -40.24 -13.46 1.94
CA GLN C 212 -39.03 -13.60 2.75
C GLN C 212 -39.37 -13.96 4.19
N LEU C 213 -40.43 -13.36 4.74
CA LEU C 213 -40.89 -13.76 6.06
C LEU C 213 -41.29 -15.23 6.09
N ALA C 214 -41.95 -15.69 5.03
CA ALA C 214 -42.34 -17.10 4.97
C ALA C 214 -41.12 -18.00 5.00
N GLN C 215 -40.10 -17.68 4.19
CA GLN C 215 -38.90 -18.51 4.17
C GLN C 215 -38.19 -18.52 5.52
N ILE C 216 -38.07 -17.34 6.14
CA ILE C 216 -37.40 -17.27 7.43
C ILE C 216 -38.18 -18.04 8.48
N LYS C 217 -39.52 -17.99 8.42
CA LYS C 217 -40.32 -18.79 9.33
C LYS C 217 -40.09 -20.28 9.12
N GLU C 218 -40.07 -20.73 7.86
CA GLU C 218 -39.80 -22.13 7.58
C GLU C 218 -38.48 -22.57 8.18
N MET C 219 -37.46 -21.72 8.12
CA MET C 219 -36.15 -22.18 8.56
C MET C 219 -35.87 -21.90 10.03
N VAL C 220 -36.72 -21.11 10.69
CA VAL C 220 -36.51 -20.74 12.10
C VAL C 220 -37.61 -21.30 13.00
N GLU C 221 -38.86 -20.94 12.75
CA GLU C 221 -39.91 -21.24 13.71
C GLU C 221 -40.47 -22.64 13.50
N LEU C 222 -40.58 -23.07 12.25
CA LEU C 222 -41.12 -24.41 11.97
C LEU C 222 -40.24 -25.52 12.55
N PRO C 223 -38.92 -25.54 12.37
CA PRO C 223 -38.15 -26.66 12.93
C PRO C 223 -38.25 -26.78 14.43
N LEU C 224 -38.34 -25.66 15.15
CA LEU C 224 -38.29 -25.70 16.61
C LEU C 224 -39.59 -26.25 17.19
N ARG C 225 -40.72 -25.84 16.63
CA ARG C 225 -42.00 -26.25 17.18
C ARG C 225 -42.36 -27.68 16.79
N HIS C 226 -41.99 -28.11 15.60
CA HIS C 226 -42.28 -29.47 15.13
C HIS C 226 -41.02 -30.12 14.59
N PRO C 227 -40.09 -30.49 15.45
CA PRO C 227 -38.93 -31.28 14.98
C PRO C 227 -39.33 -32.68 14.52
N ALA C 228 -40.49 -33.15 14.95
CA ALA C 228 -40.95 -34.48 14.57
C ALA C 228 -41.17 -34.57 13.07
N LEU C 229 -41.62 -33.48 12.43
CA LEU C 229 -41.79 -33.47 10.99
C LEU C 229 -40.47 -33.79 10.28
N PHE C 230 -39.42 -33.06 10.64
CA PHE C 230 -38.12 -33.25 10.00
C PHE C 230 -37.52 -34.60 10.35
N LYS C 231 -37.75 -35.10 11.57
CA LYS C 231 -37.25 -36.42 11.90
C LYS C 231 -37.98 -37.49 11.09
N GLU C 232 -39.27 -37.32 10.86
CA GLU C 232 -40.03 -38.28 10.06
C GLU C 232 -39.58 -38.26 8.61
N ILE C 233 -39.43 -37.07 8.02
CA ILE C 233 -39.02 -36.98 6.62
C ILE C 233 -37.57 -37.43 6.45
N GLY C 234 -36.77 -37.39 7.51
CA GLY C 234 -35.43 -37.92 7.47
C GLY C 234 -34.33 -36.97 7.08
N VAL C 235 -34.58 -35.66 7.08
CA VAL C 235 -33.57 -34.67 6.74
C VAL C 235 -33.33 -33.77 7.94
N LYS C 236 -32.13 -33.23 8.04
CA LYS C 236 -31.88 -32.20 9.04
C LYS C 236 -32.50 -30.88 8.59
N PRO C 237 -33.03 -30.09 9.51
CA PRO C 237 -33.51 -28.75 9.17
C PRO C 237 -32.37 -27.91 8.62
N PRO C 238 -32.66 -26.94 7.76
CA PRO C 238 -31.61 -26.00 7.37
C PRO C 238 -31.14 -25.17 8.56
N ARG C 239 -29.83 -25.04 8.69
CA ARG C 239 -29.22 -24.29 9.80
C ARG C 239 -28.59 -22.97 9.38
N GLY C 240 -28.76 -22.54 8.13
CA GLY C 240 -28.10 -21.31 7.71
C GLY C 240 -29.03 -20.31 7.06
N ILE C 241 -28.90 -19.05 7.45
CA ILE C 241 -29.67 -17.95 6.86
C ILE C 241 -28.69 -16.83 6.53
N LEU C 242 -28.80 -16.29 5.33
CA LEU C 242 -28.09 -15.07 4.94
C LEU C 242 -29.09 -14.07 4.39
N LEU C 243 -29.16 -12.89 5.00
CA LEU C 243 -30.04 -11.83 4.55
C LEU C 243 -29.19 -10.76 3.89
N TYR C 244 -29.44 -10.51 2.61
CA TYR C 244 -28.66 -9.52 1.86
C TYR C 244 -29.61 -8.60 1.11
N GLY C 245 -29.30 -7.31 1.11
CA GLY C 245 -30.09 -6.34 0.40
C GLY C 245 -29.53 -4.95 0.56
N PRO C 246 -30.06 -3.99 -0.17
CA PRO C 246 -29.59 -2.61 -0.04
C PRO C 246 -29.93 -2.06 1.33
N PRO C 247 -29.16 -1.08 1.82
CA PRO C 247 -29.41 -0.57 3.17
C PRO C 247 -30.82 -0.02 3.34
N GLY C 248 -31.41 -0.29 4.49
CA GLY C 248 -32.73 0.21 4.81
C GLY C 248 -33.87 -0.72 4.49
N THR C 249 -33.60 -1.92 3.98
CA THR C 249 -34.69 -2.81 3.59
C THR C 249 -35.35 -3.46 4.81
N GLY C 250 -34.61 -3.63 5.91
CA GLY C 250 -35.17 -4.20 7.12
C GLY C 250 -34.56 -5.49 7.60
N LYS C 251 -33.27 -5.74 7.33
CA LYS C 251 -32.66 -6.99 7.76
C LYS C 251 -32.47 -7.03 9.27
N THR C 252 -31.92 -5.96 9.85
CA THR C 252 -31.75 -5.93 11.29
C THR C 252 -33.09 -5.95 12.01
N LEU C 253 -34.12 -5.34 11.42
CA LEU C 253 -35.46 -5.42 11.99
C LEU C 253 -35.96 -6.86 11.97
N ILE C 254 -35.67 -7.60 10.90
CA ILE C 254 -36.05 -9.01 10.86
C ILE C 254 -35.33 -9.79 11.96
N ALA C 255 -34.05 -9.49 12.17
CA ALA C 255 -33.32 -10.15 13.25
C ALA C 255 -33.95 -9.85 14.60
N ARG C 256 -34.31 -8.59 14.84
CA ARG C 256 -34.95 -8.24 16.11
C ARG C 256 -36.28 -8.96 16.27
N ALA C 257 -37.09 -9.02 15.21
CA ALA C 257 -38.37 -9.69 15.29
C ALA C 257 -38.18 -11.17 15.60
N VAL C 258 -37.20 -11.81 14.96
CA VAL C 258 -36.94 -13.23 15.21
C VAL C 258 -36.48 -13.43 16.66
N ALA C 259 -35.62 -12.55 17.16
CA ALA C 259 -35.15 -12.68 18.53
C ALA C 259 -36.29 -12.52 19.53
N ASN C 260 -37.21 -11.59 19.27
CA ASN C 260 -38.30 -11.37 20.20
C ASN C 260 -39.37 -12.46 20.09
N GLU C 261 -39.53 -13.04 18.91
CA GLU C 261 -40.68 -13.90 18.62
C GLU C 261 -40.43 -15.38 18.86
N THR C 262 -39.22 -15.79 19.22
CA THR C 262 -38.89 -17.21 19.31
C THR C 262 -38.55 -17.59 20.74
N GLY C 263 -38.82 -18.84 21.10
CA GLY C 263 -38.44 -19.38 22.39
C GLY C 263 -37.11 -20.11 22.35
N ALA C 264 -36.05 -19.41 22.01
CA ALA C 264 -34.73 -20.02 21.93
C ALA C 264 -33.67 -18.99 22.28
N PHE C 265 -32.50 -19.50 22.67
CA PHE C 265 -31.39 -18.63 23.04
C PHE C 265 -30.94 -17.79 21.85
N PHE C 266 -30.74 -16.51 22.08
CA PHE C 266 -30.27 -15.57 21.07
C PHE C 266 -28.95 -14.98 21.52
N PHE C 267 -27.93 -15.08 20.67
CA PHE C 267 -26.63 -14.47 20.93
C PHE C 267 -26.31 -13.50 19.82
N LEU C 268 -25.96 -12.27 20.18
CA LEU C 268 -25.63 -11.24 19.20
C LEU C 268 -24.13 -11.19 18.98
N ILE C 269 -23.72 -11.21 17.72
CA ILE C 269 -22.32 -11.06 17.33
C ILE C 269 -22.25 -9.95 16.31
N ASN C 270 -21.48 -8.92 16.62
CA ASN C 270 -21.24 -7.82 15.69
C ASN C 270 -19.87 -8.04 15.06
N GLY C 271 -19.79 -7.88 13.74
CA GLY C 271 -18.62 -8.25 13.00
C GLY C 271 -17.33 -7.65 13.51
N PRO C 272 -17.29 -6.33 13.67
CA PRO C 272 -16.05 -5.69 14.13
C PRO C 272 -15.70 -6.00 15.58
N GLU C 273 -16.67 -6.29 16.44
CA GLU C 273 -16.38 -6.37 17.87
C GLU C 273 -15.63 -7.64 18.23
N ILE C 274 -15.78 -8.70 17.43
CA ILE C 274 -15.16 -9.97 17.76
C ILE C 274 -13.64 -9.85 17.73
N MET C 275 -13.11 -9.31 16.65
CA MET C 275 -11.67 -9.24 16.45
C MET C 275 -11.00 -8.27 17.41
N SER C 276 -9.76 -8.59 17.79
CA SER C 276 -9.00 -7.83 18.76
C SER C 276 -7.55 -7.75 18.33
N LYS C 277 -6.83 -6.75 18.86
CA LYS C 277 -5.44 -6.54 18.48
C LYS C 277 -4.54 -7.67 18.98
N LEU C 278 -4.94 -8.35 20.05
CA LEU C 278 -4.14 -9.43 20.59
C LEU C 278 -4.10 -10.61 19.63
N ALA C 279 -3.07 -11.43 19.75
CA ALA C 279 -2.96 -12.64 18.94
C ALA C 279 -3.87 -13.73 19.51
N GLY C 280 -4.73 -14.28 18.66
CA GLY C 280 -5.59 -15.36 19.06
C GLY C 280 -6.78 -14.96 19.89
N GLU C 281 -7.00 -13.66 20.11
CA GLU C 281 -8.14 -13.23 20.91
C GLU C 281 -9.43 -13.30 20.10
N SER C 282 -9.36 -13.01 18.80
CA SER C 282 -10.55 -13.08 17.96
C SER C 282 -11.04 -14.51 17.79
N GLU C 283 -10.12 -15.44 17.56
CA GLU C 283 -10.50 -16.84 17.49
C GLU C 283 -11.12 -17.31 18.79
N SER C 284 -10.56 -16.86 19.92
CA SER C 284 -11.11 -17.20 21.22
C SER C 284 -12.52 -16.64 21.38
N ASN C 285 -12.74 -15.41 20.91
CA ASN C 285 -14.07 -14.82 21.00
C ASN C 285 -15.09 -15.62 20.19
N LEU C 286 -14.72 -16.00 18.98
CA LEU C 286 -15.64 -16.79 18.15
C LEU C 286 -15.93 -18.15 18.77
N ARG C 287 -14.88 -18.84 19.25
CA ARG C 287 -15.09 -20.13 19.88
C ARG C 287 -15.97 -20.01 21.12
N LYS C 288 -15.73 -18.97 21.93
CA LYS C 288 -16.53 -18.77 23.13
C LYS C 288 -17.98 -18.50 22.79
N ALA C 289 -18.24 -17.67 21.78
CA ALA C 289 -19.62 -17.39 21.40
C ALA C 289 -20.33 -18.64 20.89
N PHE C 290 -19.67 -19.40 20.03
CA PHE C 290 -20.31 -20.60 19.52
C PHE C 290 -20.49 -21.64 20.62
N GLU C 291 -19.57 -21.71 21.58
CA GLU C 291 -19.73 -22.62 22.70
C GLU C 291 -20.89 -22.22 23.60
N GLU C 292 -21.03 -20.91 23.85
CA GLU C 292 -22.16 -20.44 24.64
C GLU C 292 -23.48 -20.76 23.96
N ALA C 293 -23.54 -20.58 22.65
CA ALA C 293 -24.74 -20.99 21.92
C ALA C 293 -24.95 -22.51 22.02
N GLU C 294 -23.85 -23.27 21.96
CA GLU C 294 -23.95 -24.72 22.04
C GLU C 294 -24.53 -25.18 23.37
N LYS C 295 -24.15 -24.53 24.46
CA LYS C 295 -24.61 -24.96 25.78
C LYS C 295 -26.12 -24.85 25.91
N ASN C 296 -26.70 -23.77 25.41
CA ASN C 296 -28.14 -23.53 25.50
C ASN C 296 -28.78 -23.87 24.16
N ALA C 297 -29.53 -24.96 24.12
CA ALA C 297 -30.12 -25.40 22.89
C ALA C 297 -31.64 -25.45 23.01
N PRO C 298 -32.38 -25.05 21.98
CA PRO C 298 -31.86 -24.53 20.71
C PRO C 298 -31.39 -23.08 20.81
N ALA C 299 -30.48 -22.69 19.93
CA ALA C 299 -29.87 -21.36 19.97
C ALA C 299 -29.91 -20.74 18.59
N ILE C 300 -29.99 -19.41 18.55
CA ILE C 300 -29.90 -18.64 17.32
C ILE C 300 -28.75 -17.65 17.48
N ILE C 301 -27.85 -17.63 16.50
CA ILE C 301 -26.74 -16.69 16.47
C ILE C 301 -26.97 -15.74 15.30
N PHE C 302 -26.96 -14.44 15.58
CA PHE C 302 -27.08 -13.44 14.53
C PHE C 302 -25.77 -12.69 14.41
N ILE C 303 -25.09 -12.84 13.28
CA ILE C 303 -23.83 -12.18 13.00
C ILE C 303 -24.12 -10.98 12.11
N ASP C 304 -24.10 -9.79 12.70
CA ASP C 304 -24.48 -8.57 12.01
C ASP C 304 -23.24 -7.96 11.37
N GLU C 305 -23.42 -7.47 10.14
CA GLU C 305 -22.30 -7.00 9.32
C GLU C 305 -21.26 -8.11 9.13
N LEU C 306 -21.69 -9.20 8.49
CA LEU C 306 -20.80 -10.31 8.24
C LEU C 306 -19.73 -9.95 7.23
N ASP C 307 -19.98 -8.95 6.38
CA ASP C 307 -19.02 -8.60 5.34
C ASP C 307 -17.71 -8.10 5.95
N ALA C 308 -17.79 -7.36 7.05
CA ALA C 308 -16.57 -6.85 7.68
C ALA C 308 -15.75 -7.97 8.30
N ILE C 309 -16.40 -8.95 8.91
CA ILE C 309 -15.68 -9.98 9.65
C ILE C 309 -15.17 -11.10 8.75
N ALA C 310 -15.78 -11.32 7.58
CA ALA C 310 -15.50 -12.49 6.75
C ALA C 310 -15.24 -12.09 5.31
N PRO C 311 -14.05 -11.58 5.01
CA PRO C 311 -13.68 -11.30 3.62
C PRO C 311 -13.10 -12.52 2.93
N LYS C 312 -12.91 -12.40 1.62
CA LYS C 312 -12.30 -13.48 0.85
C LYS C 312 -10.86 -13.67 1.29
N ARG C 313 -10.45 -14.94 1.46
CA ARG C 313 -9.09 -15.21 1.91
C ARG C 313 -8.07 -14.94 0.82
N GLU C 314 -8.43 -15.15 -0.44
CA GLU C 314 -7.51 -14.87 -1.54
C GLU C 314 -7.16 -13.40 -1.60
N LYS C 315 -8.13 -12.52 -1.39
CA LYS C 315 -7.90 -11.09 -1.56
C LYS C 315 -7.21 -10.48 -0.35
N THR C 316 -7.58 -10.90 0.85
CA THR C 316 -7.08 -10.26 2.07
C THR C 316 -5.62 -10.60 2.28
N HIS C 317 -4.84 -9.62 2.73
CA HIS C 317 -3.42 -9.86 2.98
C HIS C 317 -3.15 -10.07 4.48
N GLY C 318 -3.95 -9.46 5.33
CA GLY C 318 -3.71 -9.61 6.77
C GLY C 318 -3.88 -11.05 7.20
N GLU C 319 -2.99 -11.50 8.08
CA GLU C 319 -3.02 -12.89 8.52
C GLU C 319 -4.13 -13.14 9.53
N VAL C 320 -4.39 -12.16 10.40
CA VAL C 320 -5.41 -12.34 11.42
C VAL C 320 -6.78 -12.52 10.78
N GLU C 321 -7.05 -11.79 9.70
CA GLU C 321 -8.35 -11.92 9.03
C GLU C 321 -8.52 -13.31 8.42
N ARG C 322 -7.47 -13.84 7.80
CA ARG C 322 -7.55 -15.20 7.28
C ARG C 322 -7.77 -16.20 8.41
N ARG C 323 -7.10 -16.00 9.54
CA ARG C 323 -7.28 -16.91 10.67
C ARG C 323 -8.72 -16.85 11.18
N ILE C 324 -9.31 -15.66 11.27
CA ILE C 324 -10.69 -15.54 11.73
C ILE C 324 -11.64 -16.20 10.75
N VAL C 325 -11.42 -16.01 9.45
CA VAL C 325 -12.30 -16.63 8.46
C VAL C 325 -12.20 -18.15 8.55
N SER C 326 -10.98 -18.69 8.69
CA SER C 326 -10.82 -20.12 8.80
C SER C 326 -11.48 -20.66 10.07
N GLN C 327 -11.36 -19.92 11.18
CA GLN C 327 -12.01 -20.35 12.41
C GLN C 327 -13.52 -20.37 12.24
N LEU C 328 -14.08 -19.36 11.57
CA LEU C 328 -15.52 -19.38 11.32
C LEU C 328 -15.91 -20.56 10.45
N LEU C 329 -15.13 -20.85 9.41
CA LEU C 329 -15.42 -21.98 8.54
C LEU C 329 -15.44 -23.27 9.34
N THR C 330 -14.47 -23.45 10.23
CA THR C 330 -14.42 -24.66 11.05
C THR C 330 -15.61 -24.71 12.02
N LEU C 331 -15.98 -23.56 12.59
CA LEU C 331 -17.06 -23.54 13.58
C LEU C 331 -18.40 -23.90 12.94
N MET C 332 -18.66 -23.37 11.74
CA MET C 332 -19.94 -23.67 11.09
C MET C 332 -20.03 -25.14 10.71
N ASP C 333 -19.02 -25.67 10.02
CA ASP C 333 -19.01 -27.05 9.58
C ASP C 333 -17.61 -27.61 9.73
N GLY C 334 -17.46 -28.59 10.61
CA GLY C 334 -16.16 -29.20 10.87
C GLY C 334 -16.38 -30.63 11.28
N LEU C 335 -15.33 -31.23 11.84
CA LEU C 335 -15.41 -32.63 12.24
C LEU C 335 -16.46 -32.81 13.33
N LYS C 336 -16.57 -31.86 14.25
CA LYS C 336 -17.68 -31.77 15.18
C LYS C 336 -18.63 -30.70 14.69
N GLN C 337 -19.88 -31.07 14.44
CA GLN C 337 -20.86 -30.17 13.85
C GLN C 337 -21.88 -29.74 14.90
N ARG C 338 -22.41 -28.54 14.71
CA ARG C 338 -23.34 -27.96 15.66
C ARG C 338 -24.65 -28.72 15.65
N ALA C 339 -25.25 -28.90 16.82
CA ALA C 339 -26.44 -29.74 16.92
C ALA C 339 -27.71 -28.95 16.64
N HIS C 340 -28.00 -27.94 17.45
CA HIS C 340 -29.23 -27.16 17.32
C HIS C 340 -29.00 -25.68 17.08
N VAL C 341 -27.77 -25.27 16.80
CA VAL C 341 -27.48 -23.85 16.59
C VAL C 341 -27.86 -23.48 15.17
N ILE C 342 -28.68 -22.44 15.04
CA ILE C 342 -29.06 -21.88 13.75
C ILE C 342 -28.44 -20.50 13.63
N VAL C 343 -27.63 -20.29 12.61
CA VAL C 343 -26.83 -19.08 12.46
C VAL C 343 -27.46 -18.21 11.39
N MET C 344 -27.60 -16.92 11.69
CA MET C 344 -28.14 -15.93 10.77
C MET C 344 -27.09 -14.85 10.56
N ALA C 345 -27.13 -14.21 9.40
CA ALA C 345 -26.21 -13.12 9.09
C ALA C 345 -26.89 -12.11 8.19
N ALA C 346 -26.51 -10.85 8.34
CA ALA C 346 -27.02 -9.76 7.51
C ALA C 346 -25.85 -9.02 6.90
N THR C 347 -25.91 -8.78 5.59
CA THR C 347 -24.81 -8.13 4.89
C THR C 347 -25.35 -7.29 3.73
N ASN C 348 -24.72 -6.14 3.50
CA ASN C 348 -25.12 -5.29 2.39
C ASN C 348 -24.58 -5.83 1.07
N ARG C 349 -23.37 -6.37 1.08
CA ARG C 349 -22.72 -6.90 -0.11
C ARG C 349 -22.46 -8.38 0.09
N PRO C 350 -23.27 -9.27 -0.46
CA PRO C 350 -23.01 -10.71 -0.25
C PRO C 350 -21.78 -11.20 -0.99
N ASN C 351 -21.36 -10.51 -2.05
CA ASN C 351 -20.24 -11.01 -2.85
C ASN C 351 -18.91 -10.83 -2.13
N SER C 352 -18.85 -9.92 -1.16
CA SER C 352 -17.63 -9.75 -0.40
C SER C 352 -17.34 -10.96 0.48
N ILE C 353 -18.39 -11.71 0.85
CA ILE C 353 -18.23 -12.85 1.72
C ILE C 353 -17.41 -13.93 1.03
N ASP C 354 -16.64 -14.69 1.81
CA ASP C 354 -15.80 -15.73 1.26
C ASP C 354 -16.63 -16.82 0.60
N PRO C 355 -16.21 -17.34 -0.55
CA PRO C 355 -17.02 -18.36 -1.24
C PRO C 355 -17.22 -19.64 -0.45
N ALA C 356 -16.35 -19.92 0.52
CA ALA C 356 -16.54 -21.13 1.33
C ALA C 356 -17.77 -21.02 2.22
N LEU C 357 -18.03 -19.82 2.75
CA LEU C 357 -19.18 -19.64 3.64
C LEU C 357 -20.49 -19.77 2.89
N ARG C 358 -20.52 -19.38 1.61
CA ARG C 358 -21.76 -19.45 0.85
C ARG C 358 -22.12 -20.88 0.46
N ARG C 359 -21.31 -21.85 0.82
CA ARG C 359 -21.60 -23.25 0.53
C ARG C 359 -22.84 -23.68 1.32
N PHE C 360 -23.41 -24.82 0.93
CA PHE C 360 -24.65 -25.28 1.57
C PHE C 360 -24.46 -25.49 3.06
N GLY C 361 -23.43 -26.25 3.45
CA GLY C 361 -23.29 -26.61 4.86
C GLY C 361 -23.22 -25.42 5.78
N ARG C 362 -22.51 -24.37 5.35
CA ARG C 362 -22.35 -23.19 6.20
C ARG C 362 -23.61 -22.35 6.22
N PHE C 363 -24.01 -21.80 5.07
CA PHE C 363 -25.16 -20.91 4.97
C PHE C 363 -26.12 -21.52 3.96
N ASP C 364 -27.16 -22.18 4.46
CA ASP C 364 -27.99 -23.06 3.62
C ASP C 364 -28.64 -22.30 2.48
N ARG C 365 -29.38 -21.24 2.79
CA ARG C 365 -30.04 -20.48 1.75
C ARG C 365 -29.89 -18.99 2.03
N GLU C 366 -29.87 -18.22 0.95
CA GLU C 366 -29.69 -16.77 0.99
C GLU C 366 -31.02 -16.11 0.67
N VAL C 367 -31.50 -15.29 1.59
CA VAL C 367 -32.81 -14.66 1.46
C VAL C 367 -32.61 -13.20 1.07
N ASP C 368 -33.27 -12.79 -0.02
CA ASP C 368 -33.13 -11.46 -0.57
C ASP C 368 -34.22 -10.54 -0.04
N ILE C 369 -33.83 -9.59 0.82
CA ILE C 369 -34.72 -8.54 1.28
C ILE C 369 -34.55 -7.37 0.33
N GLY C 370 -35.59 -7.09 -0.45
CA GLY C 370 -35.46 -6.20 -1.59
C GLY C 370 -36.29 -4.94 -1.43
N ILE C 371 -36.23 -4.11 -2.46
CA ILE C 371 -36.97 -2.85 -2.48
C ILE C 371 -38.46 -3.15 -2.43
N PRO C 372 -39.23 -2.58 -1.51
CA PRO C 372 -40.66 -2.85 -1.46
C PRO C 372 -41.38 -2.26 -2.66
N ASP C 373 -42.50 -2.89 -3.02
CA ASP C 373 -43.33 -2.42 -4.11
C ASP C 373 -44.34 -1.39 -3.59
N ALA C 374 -45.25 -0.99 -4.47
CA ALA C 374 -46.27 -0.02 -4.07
C ALA C 374 -47.16 -0.58 -2.95
N THR C 375 -47.65 -1.81 -3.12
CA THR C 375 -48.44 -2.43 -2.07
C THR C 375 -47.60 -2.71 -0.83
N GLY C 376 -46.36 -3.13 -1.03
CA GLY C 376 -45.48 -3.37 0.11
C GLY C 376 -45.23 -2.10 0.92
N ARG C 377 -44.99 -0.99 0.23
CA ARG C 377 -44.74 0.25 0.96
C ARG C 377 -46.03 0.84 1.54
N LEU C 378 -47.19 0.54 0.93
CA LEU C 378 -48.44 0.85 1.60
C LEU C 378 -48.58 0.09 2.90
N GLU C 379 -48.22 -1.19 2.89
CA GLU C 379 -48.25 -1.99 4.11
C GLU C 379 -47.28 -1.44 5.16
N ILE C 380 -46.09 -1.03 4.73
CA ILE C 380 -45.13 -0.43 5.65
C ILE C 380 -45.69 0.85 6.25
N LEU C 381 -46.35 1.67 5.43
CA LEU C 381 -46.93 2.90 5.94
C LEU C 381 -48.04 2.62 6.94
N GLN C 382 -48.88 1.63 6.67
CA GLN C 382 -49.91 1.28 7.65
C GLN C 382 -49.29 0.82 8.96
N ILE C 383 -48.24 0.03 8.90
CA ILE C 383 -47.59 -0.42 10.13
C ILE C 383 -47.00 0.76 10.89
N HIS C 384 -46.30 1.66 10.19
CA HIS C 384 -45.64 2.76 10.87
C HIS C 384 -46.64 3.73 11.48
N THR C 385 -47.73 4.01 10.77
CA THR C 385 -48.68 5.03 11.18
C THR C 385 -49.73 4.52 12.16
N LYS C 386 -49.66 3.24 12.54
CA LYS C 386 -50.61 2.73 13.52
C LYS C 386 -50.45 3.43 14.86
N ASN C 387 -49.21 3.65 15.28
CA ASN C 387 -48.95 4.27 16.57
C ASN C 387 -49.12 5.79 16.52
N MET C 388 -49.10 6.35 15.32
CA MET C 388 -49.33 7.78 15.14
C MET C 388 -50.76 8.16 15.48
N LYS C 389 -50.98 9.45 15.75
CA LYS C 389 -52.33 9.98 15.74
C LYS C 389 -52.61 10.63 14.39
N LEU C 390 -53.62 10.13 13.70
CA LEU C 390 -53.92 10.57 12.34
C LEU C 390 -55.22 11.34 12.33
N ALA C 391 -55.30 12.36 11.48
CA ALA C 391 -56.57 12.98 11.18
C ALA C 391 -57.25 12.22 10.04
N ASP C 392 -58.54 12.51 9.84
CA ASP C 392 -59.31 11.80 8.83
C ASP C 392 -58.78 12.08 7.42
N ASP C 393 -58.32 13.31 7.17
CA ASP C 393 -57.97 13.70 5.82
C ASP C 393 -56.76 12.96 5.29
N VAL C 394 -56.02 12.27 6.17
CA VAL C 394 -54.83 11.55 5.74
C VAL C 394 -55.22 10.37 4.88
N ASP C 395 -54.62 10.29 3.69
CA ASP C 395 -54.92 9.25 2.71
C ASP C 395 -53.63 8.50 2.40
N LEU C 396 -53.46 7.31 3.00
CA LEU C 396 -52.18 6.64 2.94
C LEU C 396 -51.93 5.99 1.58
N GLU C 397 -52.99 5.69 0.83
CA GLU C 397 -52.78 5.16 -0.51
C GLU C 397 -52.09 6.19 -1.41
N GLN C 398 -52.46 7.46 -1.27
CA GLN C 398 -51.80 8.50 -2.05
C GLN C 398 -50.33 8.61 -1.69
N VAL C 399 -50.01 8.55 -0.40
CA VAL C 399 -48.61 8.65 0.04
C VAL C 399 -47.82 7.44 -0.44
N ALA C 400 -48.44 6.25 -0.43
CA ALA C 400 -47.77 5.06 -0.95
C ALA C 400 -47.53 5.18 -2.45
N ASN C 401 -48.47 5.81 -3.17
CA ASN C 401 -48.28 5.99 -4.61
C ASN C 401 -47.18 6.98 -4.92
N GLU C 402 -47.05 8.04 -4.10
CA GLU C 402 -46.08 9.09 -4.42
C GLU C 402 -44.64 8.64 -4.19
N THR C 403 -44.38 7.87 -3.14
CA THR C 403 -43.03 7.49 -2.76
C THR C 403 -42.52 6.37 -3.68
N HIS C 404 -41.77 6.77 -4.71
CA HIS C 404 -41.42 5.82 -5.76
C HIS C 404 -40.24 4.95 -5.37
N GLY C 405 -39.11 5.56 -5.03
CA GLY C 405 -37.91 4.80 -4.74
C GLY C 405 -37.67 4.47 -3.29
N HIS C 406 -38.58 4.86 -2.39
CA HIS C 406 -38.34 4.69 -0.97
C HIS C 406 -38.30 3.22 -0.60
N VAL C 407 -37.53 2.90 0.45
CA VAL C 407 -37.13 1.53 0.72
C VAL C 407 -37.66 1.00 2.04
N GLY C 408 -38.14 1.86 2.94
CA GLY C 408 -38.64 1.46 4.23
C GLY C 408 -38.06 2.24 5.39
N ALA C 409 -36.75 2.50 5.36
CA ALA C 409 -36.20 3.47 6.29
C ALA C 409 -36.55 4.88 5.87
N ASP C 410 -36.59 5.13 4.55
CA ASP C 410 -37.00 6.43 4.06
C ASP C 410 -38.46 6.72 4.38
N LEU C 411 -39.29 5.68 4.46
CA LEU C 411 -40.67 5.88 4.85
C LEU C 411 -40.77 6.32 6.32
N ALA C 412 -39.94 5.72 7.18
CA ALA C 412 -39.89 6.16 8.57
C ALA C 412 -39.40 7.59 8.66
N ALA C 413 -38.42 7.96 7.83
CA ALA C 413 -37.98 9.34 7.80
C ALA C 413 -39.10 10.26 7.34
N LEU C 414 -39.91 9.81 6.40
CA LEU C 414 -41.06 10.59 5.94
C LEU C 414 -42.03 10.85 7.07
N CYS C 415 -42.37 9.80 7.83
CA CYS C 415 -43.28 9.96 8.96
C CYS C 415 -42.70 10.91 10.01
N SER C 416 -41.40 10.77 10.30
CA SER C 416 -40.77 11.66 11.27
C SER C 416 -40.80 13.11 10.80
N GLU C 417 -40.56 13.35 9.51
CA GLU C 417 -40.61 14.71 8.99
C GLU C 417 -42.01 15.28 9.09
N ALA C 418 -43.04 14.46 8.82
CA ALA C 418 -44.40 14.95 8.97
C ALA C 418 -44.71 15.31 10.41
N ALA C 419 -44.25 14.47 11.35
CA ALA C 419 -44.46 14.76 12.76
C ALA C 419 -43.79 16.07 13.17
N LEU C 420 -42.54 16.26 12.75
CA LEU C 420 -41.85 17.51 13.06
C LEU C 420 -42.51 18.71 12.38
N GLN C 421 -43.14 18.50 11.22
CA GLN C 421 -43.86 19.61 10.60
C GLN C 421 -45.08 20.01 11.41
N ALA C 422 -45.84 19.03 11.89
CA ALA C 422 -47.00 19.35 12.73
C ALA C 422 -46.56 20.02 14.02
N ILE C 423 -45.49 19.52 14.64
CA ILE C 423 -44.97 20.13 15.86
C ILE C 423 -44.50 21.55 15.57
N ARG C 424 -43.90 21.77 14.39
CA ARG C 424 -43.45 23.11 14.04
C ARG C 424 -44.61 24.07 13.85
N LYS C 425 -45.70 23.59 13.25
CA LYS C 425 -46.91 24.42 13.16
C LYS C 425 -47.40 24.82 14.55
N LYS C 426 -47.53 23.85 15.44
CA LYS C 426 -48.04 24.16 16.78
C LYS C 426 -47.09 25.09 17.51
N MET C 427 -45.78 24.91 17.35
CA MET C 427 -44.80 25.78 17.99
C MET C 427 -44.89 27.20 17.42
N ASP C 428 -45.13 27.33 16.12
CA ASP C 428 -45.29 28.65 15.53
C ASP C 428 -46.53 29.34 16.07
N LEU C 429 -47.60 28.59 16.31
CA LEU C 429 -48.78 29.19 16.92
C LEU C 429 -48.47 29.73 18.32
N ILE C 430 -47.70 28.98 19.11
CA ILE C 430 -47.31 29.45 20.43
C ILE C 430 -46.12 30.38 20.32
N ASP C 431 -45.85 31.15 21.39
CA ASP C 431 -44.76 32.09 21.37
C ASP C 431 -43.41 31.38 21.46
N LEU C 432 -43.40 30.16 21.99
CA LEU C 432 -42.25 29.29 22.24
C LEU C 432 -41.42 29.75 23.44
N GLU C 433 -41.72 30.92 24.01
CA GLU C 433 -41.06 31.30 25.27
C GLU C 433 -41.62 30.48 26.43
N ASP C 434 -42.76 29.82 26.23
CA ASP C 434 -43.36 29.02 27.28
C ASP C 434 -42.52 27.77 27.55
N GLU C 435 -42.22 27.55 28.83
CA GLU C 435 -41.39 26.41 29.22
C GLU C 435 -42.12 25.09 29.00
N THR C 436 -43.44 25.10 29.11
CA THR C 436 -44.27 23.93 28.91
C THR C 436 -45.44 24.28 28.01
N ILE C 437 -45.77 23.38 27.08
CA ILE C 437 -46.85 23.62 26.14
C ILE C 437 -48.20 23.38 26.81
N ASP C 438 -49.19 24.19 26.44
CA ASP C 438 -50.52 24.07 27.01
C ASP C 438 -51.12 22.69 26.73
N ALA C 439 -51.89 22.18 27.69
CA ALA C 439 -52.45 20.84 27.56
C ALA C 439 -53.44 20.76 26.40
N GLU C 440 -54.27 21.81 26.21
CA GLU C 440 -55.23 21.79 25.13
C GLU C 440 -54.55 21.74 23.77
N VAL C 441 -53.48 22.52 23.59
CA VAL C 441 -52.75 22.51 22.33
C VAL C 441 -52.11 21.15 22.11
N MET C 442 -51.51 20.58 23.16
CA MET C 442 -50.85 19.29 23.04
C MET C 442 -51.84 18.20 22.67
N ASN C 443 -53.05 18.25 23.24
CA ASN C 443 -54.07 17.27 22.87
C ASN C 443 -54.57 17.51 21.45
N SER C 444 -54.61 18.77 21.01
CA SER C 444 -55.09 19.07 19.67
C SER C 444 -54.04 18.73 18.62
N LEU C 445 -52.82 18.40 19.05
CA LEU C 445 -51.74 18.16 18.12
C LEU C 445 -51.87 16.79 17.47
N ALA C 446 -51.91 16.78 16.12
CA ALA C 446 -52.03 15.55 15.35
C ALA C 446 -51.65 15.85 13.91
N VAL C 447 -51.06 14.84 13.26
CA VAL C 447 -50.58 15.04 11.90
C VAL C 447 -51.75 15.06 10.92
N THR C 448 -51.61 15.85 9.86
CA THR C 448 -52.65 16.00 8.86
C THR C 448 -52.05 15.78 7.48
N MET C 449 -52.92 15.81 6.46
CA MET C 449 -52.47 15.53 5.10
C MET C 449 -51.52 16.60 4.58
N ASP C 450 -51.66 17.84 5.07
CA ASP C 450 -50.72 18.88 4.70
C ASP C 450 -49.31 18.53 5.16
N ASP C 451 -49.20 17.97 6.36
CA ASP C 451 -47.89 17.56 6.87
C ASP C 451 -47.27 16.48 5.98
N PHE C 452 -48.08 15.48 5.59
CA PHE C 452 -47.55 14.43 4.74
C PHE C 452 -47.17 14.96 3.36
N ARG C 453 -47.94 15.91 2.83
CA ARG C 453 -47.57 16.49 1.54
C ARG C 453 -46.26 17.26 1.62
N TRP C 454 -46.07 18.04 2.69
CA TRP C 454 -44.80 18.74 2.84
C TRP C 454 -43.64 17.76 3.02
N ALA C 455 -43.84 16.70 3.81
CA ALA C 455 -42.79 15.72 3.99
C ALA C 455 -42.47 15.00 2.70
N LEU C 456 -43.49 14.73 1.87
CA LEU C 456 -43.26 14.18 0.56
C LEU C 456 -42.42 15.10 -0.29
N SER C 457 -42.70 16.41 -0.22
CA SER C 457 -41.88 17.36 -0.96
C SER C 457 -40.42 17.33 -0.50
N GLN C 458 -40.20 17.18 0.81
CA GLN C 458 -38.84 17.21 1.33
C GLN C 458 -38.12 15.87 1.13
N SER C 459 -38.86 14.77 1.09
CA SER C 459 -38.26 13.45 1.17
C SER C 459 -37.48 13.10 -0.10
N ASN C 460 -36.34 12.42 0.09
CA ASN C 460 -35.53 11.86 -0.98
C ASN C 460 -35.08 10.46 -0.60
N PRO C 461 -34.98 9.55 -1.56
CA PRO C 461 -34.48 8.22 -1.25
C PRO C 461 -33.03 8.27 -0.78
N SER C 462 -32.69 7.38 0.15
CA SER C 462 -31.32 7.35 0.66
C SER C 462 -30.35 6.84 -0.40
N ALA C 463 -30.83 6.00 -1.32
CA ALA C 463 -29.96 5.50 -2.38
C ALA C 463 -29.55 6.61 -3.33
N LEU C 464 -30.46 7.52 -3.63
CA LEU C 464 -30.21 8.61 -4.56
C LEU C 464 -29.69 9.86 -3.90
N ARG C 465 -29.32 9.79 -2.62
CA ARG C 465 -28.90 10.98 -1.89
C ARG C 465 -27.62 11.56 -2.47
N GLU C 466 -26.82 10.75 -3.14
CA GLU C 466 -25.55 11.24 -3.68
C GLU C 466 -25.76 11.99 -4.98
N THR C 467 -26.61 11.46 -5.87
CA THR C 467 -26.86 12.08 -7.17
C THR C 467 -28.09 12.99 -7.09
N VAL C 468 -27.93 14.08 -6.35
CA VAL C 468 -28.99 15.06 -6.15
C VAL C 468 -28.52 16.40 -6.70
N VAL C 469 -29.37 17.02 -7.52
CA VAL C 469 -29.13 18.35 -8.06
C VAL C 469 -30.40 19.16 -7.86
N GLU C 470 -30.29 20.47 -8.06
CA GLU C 470 -31.42 21.36 -7.94
C GLU C 470 -31.89 21.76 -9.33
N VAL C 471 -33.17 21.57 -9.59
CA VAL C 471 -33.79 21.93 -10.86
C VAL C 471 -34.59 23.20 -10.65
N PRO C 472 -34.50 24.18 -11.53
CA PRO C 472 -35.00 25.52 -11.22
C PRO C 472 -36.49 25.71 -11.52
N GLN C 473 -37.31 24.78 -11.03
CA GLN C 473 -38.77 24.94 -11.00
C GLN C 473 -39.33 25.27 -12.38
N VAL C 474 -38.97 24.47 -13.38
CA VAL C 474 -39.53 24.65 -14.71
C VAL C 474 -40.73 23.72 -14.90
N THR C 475 -41.84 24.26 -15.37
CA THR C 475 -43.05 23.48 -15.58
C THR C 475 -43.37 23.42 -17.06
N TRP C 476 -44.39 22.64 -17.41
CA TRP C 476 -44.77 22.48 -18.80
C TRP C 476 -45.27 23.79 -19.40
N GLU C 477 -45.95 24.61 -18.60
CA GLU C 477 -46.40 25.90 -19.10
C GLU C 477 -45.24 26.84 -19.37
N ASP C 478 -44.12 26.66 -18.66
CA ASP C 478 -42.95 27.48 -18.92
C ASP C 478 -42.38 27.20 -20.31
N ILE C 479 -42.45 25.95 -20.75
CA ILE C 479 -42.06 25.62 -22.11
C ILE C 479 -43.12 26.10 -23.08
N GLY C 480 -42.70 26.73 -24.17
CA GLY C 480 -43.62 27.17 -25.18
C GLY C 480 -43.52 26.34 -26.44
N GLY C 481 -44.66 25.95 -27.00
CA GLY C 481 -44.64 25.09 -28.16
C GLY C 481 -44.26 23.67 -27.80
N LEU C 482 -43.84 22.92 -28.82
CA LEU C 482 -43.41 21.53 -28.65
C LEU C 482 -44.47 20.69 -27.96
N GLU C 483 -45.72 20.84 -28.40
CA GLU C 483 -46.82 20.15 -27.73
C GLU C 483 -46.75 18.64 -27.95
N ASP C 484 -46.38 18.22 -29.16
CA ASP C 484 -46.27 16.80 -29.45
C ASP C 484 -45.23 16.13 -28.55
N VAL C 485 -44.08 16.78 -28.37
CA VAL C 485 -43.04 16.23 -27.52
C VAL C 485 -43.52 16.16 -26.08
N LYS C 486 -44.26 17.16 -25.61
CA LYS C 486 -44.81 17.12 -24.27
C LYS C 486 -45.73 15.92 -24.10
N ARG C 487 -46.62 15.70 -25.06
CA ARG C 487 -47.55 14.57 -24.96
C ARG C 487 -46.80 13.24 -24.97
N GLU C 488 -45.80 13.11 -25.85
CA GLU C 488 -45.06 11.86 -25.92
C GLU C 488 -44.28 11.59 -24.64
N LEU C 489 -43.65 12.62 -24.07
CA LEU C 489 -42.89 12.44 -22.84
C LEU C 489 -43.80 12.08 -21.67
N GLN C 490 -44.92 12.79 -21.54
CA GLN C 490 -45.84 12.47 -20.45
C GLN C 490 -46.38 11.05 -20.59
N GLU C 491 -46.77 10.64 -21.81
CA GLU C 491 -47.24 9.28 -21.99
C GLU C 491 -46.14 8.27 -21.67
N LEU C 492 -44.92 8.52 -22.14
CA LEU C 492 -43.83 7.58 -21.93
C LEU C 492 -43.58 7.35 -20.45
N VAL C 493 -43.51 8.42 -19.67
CA VAL C 493 -43.18 8.25 -18.26
C VAL C 493 -44.39 7.75 -17.47
N GLN C 494 -45.60 8.04 -17.94
CA GLN C 494 -46.79 7.79 -17.13
C GLN C 494 -47.37 6.40 -17.37
N TYR C 495 -47.39 5.94 -18.63
CA TYR C 495 -48.12 4.71 -18.94
C TYR C 495 -47.61 3.48 -18.20
N PRO C 496 -46.32 3.13 -18.24
CA PRO C 496 -45.88 1.93 -17.51
C PRO C 496 -46.08 2.03 -16.00
N VAL C 497 -46.01 3.24 -15.46
CA VAL C 497 -46.09 3.41 -14.01
C VAL C 497 -47.56 3.36 -13.56
N GLU C 498 -48.40 4.21 -14.16
CA GLU C 498 -49.79 4.30 -13.70
C GLU C 498 -50.63 3.12 -14.19
N HIS C 499 -50.33 2.60 -15.37
CA HIS C 499 -51.17 1.61 -16.03
C HIS C 499 -50.37 0.37 -16.41
N PRO C 500 -49.92 -0.41 -15.43
CA PRO C 500 -49.19 -1.63 -15.78
C PRO C 500 -50.10 -2.74 -16.25
N ASP C 501 -51.33 -2.80 -15.74
CA ASP C 501 -52.27 -3.84 -16.13
C ASP C 501 -52.64 -3.72 -17.60
N LYS C 502 -52.66 -2.49 -18.13
CA LYS C 502 -52.90 -2.32 -19.56
C LYS C 502 -51.81 -2.96 -20.38
N PHE C 503 -50.56 -2.83 -19.94
CA PHE C 503 -49.45 -3.43 -20.68
C PHE C 503 -49.45 -4.95 -20.51
N LEU C 504 -49.89 -5.43 -19.35
CA LEU C 504 -50.01 -6.87 -19.16
C LEU C 504 -51.08 -7.46 -20.07
N LYS C 505 -52.21 -6.76 -20.22
CA LYS C 505 -53.29 -7.28 -21.05
C LYS C 505 -52.85 -7.47 -22.49
N PHE C 506 -52.16 -6.49 -23.05
CA PHE C 506 -51.57 -6.63 -24.38
C PHE C 506 -50.24 -7.36 -24.35
N GLY C 507 -49.72 -7.67 -23.17
CA GLY C 507 -48.54 -8.52 -23.06
C GLY C 507 -47.31 -8.02 -23.78
N MET C 508 -46.99 -6.74 -23.61
CA MET C 508 -45.86 -6.15 -24.31
C MET C 508 -45.03 -5.30 -23.36
N THR C 509 -43.73 -5.25 -23.61
CA THR C 509 -42.84 -4.44 -22.80
C THR C 509 -42.95 -2.97 -23.21
N PRO C 510 -42.99 -2.05 -22.25
CA PRO C 510 -43.11 -0.63 -22.61
C PRO C 510 -41.83 -0.11 -23.27
N SER C 511 -41.98 0.98 -24.02
CA SER C 511 -40.83 1.68 -24.56
C SER C 511 -40.16 2.52 -23.47
N LYS C 512 -38.83 2.56 -23.48
CA LYS C 512 -38.10 3.22 -22.40
C LYS C 512 -36.88 3.99 -22.90
N GLY C 513 -36.94 4.62 -24.07
CA GLY C 513 -35.82 5.39 -24.53
C GLY C 513 -36.20 6.57 -25.40
N VAL C 514 -35.56 7.73 -25.18
CA VAL C 514 -35.78 8.92 -25.97
C VAL C 514 -34.46 9.62 -26.20
N LEU C 515 -34.24 10.11 -27.42
CA LEU C 515 -33.09 10.93 -27.75
C LEU C 515 -33.57 12.29 -28.24
N PHE C 516 -32.93 13.36 -27.77
CA PHE C 516 -33.24 14.71 -28.20
C PHE C 516 -32.07 15.24 -29.01
N TYR C 517 -32.33 15.69 -30.24
CA TYR C 517 -31.28 16.23 -31.07
C TYR C 517 -31.82 17.40 -31.87
N GLY C 518 -31.01 18.45 -31.98
CA GLY C 518 -31.41 19.64 -32.70
C GLY C 518 -30.46 20.79 -32.47
N PRO C 519 -30.74 21.92 -33.09
CA PRO C 519 -29.83 23.06 -32.98
C PRO C 519 -29.82 23.61 -31.57
N PRO C 520 -28.74 24.29 -31.18
CA PRO C 520 -28.62 24.75 -29.79
C PRO C 520 -29.70 25.76 -29.43
N GLY C 521 -30.08 25.75 -28.15
CA GLY C 521 -31.04 26.70 -27.64
C GLY C 521 -32.45 26.54 -28.19
N CYS C 522 -32.93 25.30 -28.25
CA CYS C 522 -34.27 25.03 -28.77
C CYS C 522 -35.18 24.33 -27.78
N GLY C 523 -34.67 23.95 -26.62
CA GLY C 523 -35.51 23.38 -25.58
C GLY C 523 -35.20 21.95 -25.18
N LYS C 524 -34.00 21.46 -25.44
CA LYS C 524 -33.67 20.08 -25.07
C LYS C 524 -33.51 19.94 -23.56
N THR C 525 -32.77 20.85 -22.92
CA THR C 525 -32.58 20.77 -21.48
C THR C 525 -33.84 21.20 -20.74
N LEU C 526 -34.64 22.07 -21.35
CA LEU C 526 -35.86 22.54 -20.71
C LEU C 526 -36.84 21.40 -20.48
N LEU C 527 -36.97 20.51 -21.47
CA LEU C 527 -37.85 19.36 -21.29
C LEU C 527 -37.36 18.46 -20.18
N ALA C 528 -36.04 18.29 -20.06
CA ALA C 528 -35.49 17.51 -18.97
C ALA C 528 -35.80 18.15 -17.63
N LYS C 529 -35.69 19.48 -17.54
CA LYS C 529 -36.04 20.15 -16.30
C LYS C 529 -37.50 19.95 -15.95
N ALA C 530 -38.39 20.03 -16.94
CA ALA C 530 -39.81 19.79 -16.69
C ALA C 530 -40.04 18.38 -16.19
N ILE C 531 -39.41 17.39 -16.82
CA ILE C 531 -39.55 16.00 -16.41
C ILE C 531 -39.04 15.82 -14.98
N ALA C 532 -37.93 16.46 -14.65
CA ALA C 532 -37.39 16.36 -13.30
C ALA C 532 -38.36 16.96 -12.28
N ASN C 533 -39.00 18.07 -12.63
CA ASN C 533 -39.95 18.69 -11.70
C ASN C 533 -41.21 17.84 -11.55
N GLU C 534 -41.58 17.10 -12.59
CA GLU C 534 -42.69 16.16 -12.45
C GLU C 534 -42.36 15.08 -11.43
N CYS C 535 -43.38 14.61 -10.71
CA CYS C 535 -43.20 13.60 -9.68
C CYS C 535 -43.63 12.21 -10.12
N GLN C 536 -43.60 11.93 -11.42
CA GLN C 536 -44.00 10.61 -11.88
C GLN C 536 -42.92 9.57 -11.59
N ALA C 537 -41.66 9.98 -11.54
CA ALA C 537 -40.57 9.06 -11.26
C ALA C 537 -39.36 9.85 -10.78
N ASN C 538 -38.42 9.13 -10.16
CA ASN C 538 -37.18 9.75 -9.73
C ASN C 538 -36.42 10.32 -10.92
N PHE C 539 -35.43 11.16 -10.64
CA PHE C 539 -34.62 11.76 -11.68
C PHE C 539 -33.15 11.73 -11.27
N ILE C 540 -32.31 11.25 -12.17
CA ILE C 540 -30.85 11.31 -12.03
C ILE C 540 -30.29 12.04 -13.24
N SER C 541 -29.53 13.09 -12.99
CA SER C 541 -28.96 13.91 -14.05
C SER C 541 -27.46 13.65 -14.14
N ILE C 542 -26.99 13.32 -15.34
CA ILE C 542 -25.59 13.01 -15.57
C ILE C 542 -25.05 13.95 -16.63
N LYS C 543 -24.17 14.86 -16.24
CA LYS C 543 -23.40 15.61 -17.22
C LYS C 543 -22.48 14.64 -17.95
N GLY C 544 -22.15 14.97 -19.20
CA GLY C 544 -21.54 14.02 -20.09
C GLY C 544 -20.29 13.34 -19.55
N PRO C 545 -19.20 14.10 -19.45
CA PRO C 545 -17.93 13.48 -19.05
C PRO C 545 -17.77 13.30 -17.55
N GLU C 546 -18.84 13.36 -16.78
CA GLU C 546 -18.73 13.22 -15.32
C GLU C 546 -18.21 11.84 -14.95
N LEU C 547 -18.53 10.82 -15.75
CA LEU C 547 -18.25 9.44 -15.36
C LEU C 547 -16.76 9.11 -15.51
N LEU C 548 -16.09 9.74 -16.47
CA LEU C 548 -14.74 9.35 -16.83
C LEU C 548 -13.75 9.58 -15.70
N THR C 549 -12.80 8.66 -15.56
CA THR C 549 -11.78 8.70 -14.51
C THR C 549 -10.48 8.18 -15.10
N MET C 550 -9.35 8.71 -14.60
CA MET C 550 -8.07 8.38 -15.24
C MET C 550 -7.62 6.96 -14.93
N TRP C 551 -8.17 6.36 -13.88
CA TRP C 551 -7.74 5.03 -13.51
C TRP C 551 -8.25 4.01 -14.54
N PHE C 552 -7.66 2.82 -14.52
CA PHE C 552 -7.82 1.90 -15.65
C PHE C 552 -9.24 1.35 -15.74
N GLY C 553 -9.82 0.94 -14.61
CA GLY C 553 -11.12 0.31 -14.67
C GLY C 553 -12.23 1.08 -14.01
N GLU C 554 -11.97 2.32 -13.62
CA GLU C 554 -12.93 3.04 -12.77
C GLU C 554 -14.04 3.66 -13.60
N SER C 555 -13.80 3.95 -14.88
CA SER C 555 -14.84 4.55 -15.70
C SER C 555 -16.03 3.61 -15.85
N GLU C 556 -15.76 2.36 -16.22
CA GLU C 556 -16.83 1.40 -16.38
C GLU C 556 -17.45 1.05 -15.03
N ALA C 557 -16.65 1.09 -13.96
CA ALA C 557 -17.22 0.89 -12.63
C ALA C 557 -18.21 1.99 -12.29
N ASN C 558 -17.89 3.24 -12.64
CA ASN C 558 -18.83 4.33 -12.42
C ASN C 558 -20.09 4.13 -13.25
N VAL C 559 -19.95 3.68 -14.49
CA VAL C 559 -21.12 3.46 -15.33
C VAL C 559 -22.01 2.38 -14.73
N ARG C 560 -21.43 1.25 -14.32
CA ARG C 560 -22.23 0.21 -13.68
C ARG C 560 -22.89 0.71 -12.41
N GLU C 561 -22.16 1.49 -11.61
CA GLU C 561 -22.71 2.00 -10.37
C GLU C 561 -23.91 2.91 -10.62
N ILE C 562 -23.81 3.79 -11.62
CA ILE C 562 -24.92 4.71 -11.86
C ILE C 562 -26.13 3.96 -12.42
N PHE C 563 -25.90 2.97 -13.30
CA PHE C 563 -27.03 2.21 -13.81
C PHE C 563 -27.66 1.35 -12.72
N ASP C 564 -26.86 0.88 -11.78
CA ASP C 564 -27.41 0.11 -10.67
C ASP C 564 -28.21 1.00 -9.73
N LYS C 565 -27.72 2.21 -9.46
CA LYS C 565 -28.50 3.16 -8.67
C LYS C 565 -29.82 3.47 -9.37
N ALA C 566 -29.80 3.58 -10.70
CA ALA C 566 -31.04 3.80 -11.43
C ALA C 566 -31.98 2.60 -11.31
N ARG C 567 -31.43 1.38 -11.37
CA ARG C 567 -32.27 0.19 -11.25
C ARG C 567 -32.92 0.09 -9.87
N GLN C 568 -32.17 0.40 -8.81
CA GLN C 568 -32.73 0.27 -7.47
C GLN C 568 -33.87 1.25 -7.26
N ALA C 569 -33.73 2.47 -7.75
CA ALA C 569 -34.73 3.51 -7.54
C ALA C 569 -35.81 3.52 -8.62
N ALA C 570 -36.06 2.39 -9.26
CA ALA C 570 -37.08 2.34 -10.29
C ALA C 570 -38.45 2.60 -9.69
N PRO C 571 -39.33 3.32 -10.40
CA PRO C 571 -39.13 3.90 -11.72
C PRO C 571 -38.25 5.13 -11.67
N CYS C 572 -37.23 5.19 -12.52
CA CYS C 572 -36.26 6.27 -12.49
C CYS C 572 -36.01 6.76 -13.90
N VAL C 573 -35.69 8.04 -14.02
CA VAL C 573 -35.38 8.68 -15.29
C VAL C 573 -33.89 9.00 -15.29
N LEU C 574 -33.18 8.50 -16.26
CA LEU C 574 -31.74 8.72 -16.40
C LEU C 574 -31.52 9.66 -17.57
N PHE C 575 -31.01 10.85 -17.29
CA PHE C 575 -30.83 11.87 -18.31
C PHE C 575 -29.34 12.11 -18.54
N PHE C 576 -28.87 11.75 -19.73
CA PHE C 576 -27.48 11.97 -20.13
C PHE C 576 -27.41 13.27 -20.91
N ASP C 577 -26.94 14.32 -20.27
CA ASP C 577 -26.74 15.59 -20.95
C ASP C 577 -25.46 15.53 -21.78
N GLN C 578 -25.54 16.03 -23.01
CA GLN C 578 -24.43 15.98 -23.96
C GLN C 578 -23.96 14.54 -24.14
N LEU C 579 -24.85 13.72 -24.71
CA LEU C 579 -24.55 12.30 -24.90
C LEU C 579 -23.36 12.07 -25.82
N ASP C 580 -23.03 13.04 -26.68
CA ASP C 580 -21.97 12.82 -27.65
C ASP C 580 -20.60 12.83 -27.00
N SER C 581 -20.51 13.22 -25.73
CA SER C 581 -19.22 13.27 -25.06
C SER C 581 -18.71 11.88 -24.72
N ILE C 582 -19.61 10.97 -24.37
CA ILE C 582 -19.21 9.62 -23.96
C ILE C 582 -19.62 8.53 -24.94
N ALA C 583 -20.49 8.84 -25.91
CA ALA C 583 -20.88 7.89 -26.95
C ALA C 583 -20.24 8.32 -28.26
N LYS C 584 -19.49 7.42 -28.89
CA LYS C 584 -18.77 7.73 -30.10
C LYS C 584 -18.72 6.48 -30.98
N ALA C 585 -18.31 6.68 -32.24
CA ALA C 585 -18.43 5.60 -33.22
C ALA C 585 -17.48 4.44 -32.93
N ARG C 586 -16.54 4.61 -32.00
CA ARG C 586 -15.51 3.67 -31.59
C ARG C 586 -14.42 3.49 -32.64
N GLY C 587 -14.53 4.13 -33.80
CA GLY C 587 -13.49 4.02 -34.80
C GLY C 587 -12.63 5.26 -34.89
N GLY C 588 -13.25 6.43 -34.81
CA GLY C 588 -12.50 7.67 -34.94
C GLY C 588 -11.55 7.90 -33.78
N ASN C 589 -12.02 7.68 -32.56
CA ASN C 589 -11.19 7.91 -31.38
C ASN C 589 -10.06 6.91 -31.33
N ILE C 590 -8.84 7.38 -31.59
CA ILE C 590 -7.65 6.53 -31.63
C ILE C 590 -6.67 7.05 -30.58
N GLY C 591 -6.19 6.14 -29.73
CA GLY C 591 -5.32 6.55 -28.64
C GLY C 591 -6.02 7.42 -27.62
N ASP C 592 -7.29 7.14 -27.33
CA ASP C 592 -8.05 7.87 -26.32
C ASP C 592 -7.95 7.09 -25.01
N GLY C 593 -6.91 7.37 -24.23
CA GLY C 593 -6.70 6.65 -23.00
C GLY C 593 -6.49 5.16 -23.17
N GLY C 594 -5.84 4.75 -24.26
CA GLY C 594 -5.69 3.34 -24.54
C GLY C 594 -7.01 2.64 -24.78
N GLY C 595 -7.92 3.26 -25.53
CA GLY C 595 -9.21 2.68 -25.81
C GLY C 595 -10.22 2.78 -24.69
N ALA C 596 -10.03 3.70 -23.74
CA ALA C 596 -10.92 3.79 -22.60
C ALA C 596 -12.33 4.19 -23.02
N ALA C 597 -12.44 5.12 -23.98
CA ALA C 597 -13.75 5.53 -24.44
C ALA C 597 -14.49 4.38 -25.09
N ASP C 598 -13.78 3.51 -25.81
CA ASP C 598 -14.42 2.35 -26.42
C ASP C 598 -14.97 1.42 -25.35
N ARG C 599 -14.21 1.20 -24.28
CA ARG C 599 -14.71 0.35 -23.20
C ARG C 599 -15.89 0.98 -22.49
N VAL C 600 -15.89 2.30 -22.33
CA VAL C 600 -17.05 2.96 -21.72
C VAL C 600 -18.28 2.78 -22.58
N ILE C 601 -18.14 2.94 -23.90
CA ILE C 601 -19.28 2.75 -24.79
C ILE C 601 -19.78 1.31 -24.72
N ASN C 602 -18.87 0.34 -24.70
CA ASN C 602 -19.28 -1.05 -24.60
C ASN C 602 -20.01 -1.34 -23.29
N GLN C 603 -19.53 -0.76 -22.19
CA GLN C 603 -20.22 -0.94 -20.92
C GLN C 603 -21.61 -0.33 -20.95
N ILE C 604 -21.76 0.85 -21.56
CA ILE C 604 -23.10 1.45 -21.66
C ILE C 604 -24.01 0.57 -22.51
N LEU C 605 -23.47 0.03 -23.60
CA LEU C 605 -24.27 -0.85 -24.45
C LEU C 605 -24.75 -2.07 -23.69
N THR C 606 -23.87 -2.67 -22.89
CA THR C 606 -24.28 -3.83 -22.10
C THR C 606 -25.31 -3.46 -21.05
N GLU C 607 -25.16 -2.29 -20.43
CA GLU C 607 -26.07 -1.91 -19.36
C GLU C 607 -27.47 -1.62 -19.89
N MET C 608 -27.56 -0.91 -21.03
CA MET C 608 -28.87 -0.54 -21.55
C MET C 608 -29.70 -1.75 -21.94
N ASP C 609 -29.13 -2.65 -22.73
CA ASP C 609 -29.83 -3.84 -23.21
C ASP C 609 -28.88 -5.02 -23.19
N GLY C 610 -29.07 -5.94 -22.25
CA GLY C 610 -28.19 -7.08 -22.11
C GLY C 610 -28.92 -8.22 -21.45
N MET C 611 -28.14 -9.14 -20.89
CA MET C 611 -28.69 -10.32 -20.22
C MET C 611 -29.15 -10.00 -18.80
N SER C 612 -30.23 -9.22 -18.72
CA SER C 612 -30.85 -8.92 -17.45
C SER C 612 -32.31 -8.55 -17.68
N THR C 613 -33.13 -8.75 -16.65
CA THR C 613 -34.53 -8.39 -16.76
C THR C 613 -34.68 -6.87 -16.83
N LYS C 614 -35.56 -6.42 -17.70
CA LYS C 614 -35.82 -5.00 -17.84
C LYS C 614 -36.48 -4.43 -16.59
N LYS C 615 -36.08 -3.21 -16.22
CA LYS C 615 -36.71 -2.47 -15.16
C LYS C 615 -37.33 -1.20 -15.74
N ASN C 616 -37.93 -0.40 -14.85
CA ASN C 616 -38.55 0.87 -15.25
C ASN C 616 -37.52 1.99 -15.17
N VAL C 617 -36.49 1.87 -16.00
CA VAL C 617 -35.44 2.87 -16.10
C VAL C 617 -35.51 3.50 -17.48
N PHE C 618 -35.98 4.73 -17.55
CA PHE C 618 -36.15 5.44 -18.81
C PHE C 618 -34.94 6.32 -19.04
N ILE C 619 -34.23 6.06 -20.14
CA ILE C 619 -32.99 6.74 -20.45
C ILE C 619 -33.28 7.84 -21.48
N ILE C 620 -32.98 9.07 -21.12
CA ILE C 620 -33.18 10.23 -21.99
C ILE C 620 -31.82 10.83 -22.30
N GLY C 621 -31.56 11.09 -23.56
CA GLY C 621 -30.30 11.71 -23.95
C GLY C 621 -30.52 12.94 -24.79
N ALA C 622 -29.75 13.99 -24.55
CA ALA C 622 -29.82 15.21 -25.32
C ALA C 622 -28.47 15.46 -25.95
N THR C 623 -28.38 15.32 -27.27
CA THR C 623 -27.14 15.51 -27.99
C THR C 623 -27.28 16.66 -28.96
N ASN C 624 -26.21 17.44 -29.11
CA ASN C 624 -26.26 18.59 -30.00
C ASN C 624 -25.93 18.18 -31.43
N ARG C 625 -24.94 17.31 -31.61
CA ARG C 625 -24.59 16.78 -32.92
C ARG C 625 -24.76 15.26 -32.91
N PRO C 626 -25.85 14.72 -33.42
CA PRO C 626 -26.13 13.29 -33.27
C PRO C 626 -25.53 12.39 -34.34
N ASP C 627 -24.69 12.91 -35.24
CA ASP C 627 -24.13 12.06 -36.28
C ASP C 627 -23.01 11.17 -35.74
N ILE C 628 -22.28 11.65 -34.73
CA ILE C 628 -21.15 10.88 -34.21
C ILE C 628 -21.55 9.81 -33.21
N ILE C 629 -22.81 9.76 -32.79
CA ILE C 629 -23.21 8.79 -31.78
C ILE C 629 -23.08 7.39 -32.36
N ASP C 630 -22.70 6.44 -31.51
CA ASP C 630 -22.50 5.08 -31.96
C ASP C 630 -23.81 4.50 -32.47
N PRO C 631 -23.82 3.86 -33.64
CA PRO C 631 -25.09 3.34 -34.18
C PRO C 631 -25.77 2.35 -33.27
N ALA C 632 -25.01 1.59 -32.46
CA ALA C 632 -25.62 0.64 -31.54
C ALA C 632 -26.44 1.36 -30.48
N ILE C 633 -26.03 2.57 -30.09
CA ILE C 633 -26.80 3.34 -29.13
C ILE C 633 -28.18 3.69 -29.67
N LEU C 634 -28.25 4.10 -30.93
CA LEU C 634 -29.52 4.53 -31.51
C LEU C 634 -30.43 3.37 -31.86
N ARG C 635 -30.00 2.15 -31.63
CA ARG C 635 -30.80 0.99 -31.97
C ARG C 635 -32.10 0.98 -31.15
N PRO C 636 -33.23 0.59 -31.76
CA PRO C 636 -34.51 0.59 -31.04
C PRO C 636 -34.53 -0.29 -29.80
N GLY C 637 -33.48 -1.09 -29.56
CA GLY C 637 -33.36 -1.72 -28.26
C GLY C 637 -33.07 -0.74 -27.15
N ARG C 638 -32.22 0.25 -27.43
CA ARG C 638 -31.65 1.07 -26.36
C ARG C 638 -32.31 2.43 -26.26
N LEU C 639 -32.15 3.27 -27.29
CA LEU C 639 -32.76 4.60 -27.31
C LEU C 639 -33.90 4.53 -28.33
N ASP C 640 -35.11 4.31 -27.81
CA ASP C 640 -36.22 3.88 -28.65
C ASP C 640 -36.59 4.95 -29.67
N GLN C 641 -36.75 6.20 -29.23
CA GLN C 641 -37.32 7.26 -30.04
C GLN C 641 -36.28 8.34 -30.26
N LEU C 642 -36.18 8.81 -31.50
CA LEU C 642 -35.37 9.96 -31.84
C LEU C 642 -36.31 11.12 -32.17
N ILE C 643 -36.29 12.15 -31.33
CA ILE C 643 -37.15 13.31 -31.49
C ILE C 643 -36.29 14.48 -31.92
N TYR C 644 -36.66 15.12 -33.02
CA TYR C 644 -35.91 16.24 -33.56
C TYR C 644 -36.56 17.54 -33.11
N ILE C 645 -35.81 18.33 -32.35
CA ILE C 645 -36.29 19.62 -31.83
C ILE C 645 -35.98 20.68 -32.87
N PRO C 646 -36.97 21.17 -33.62
CA PRO C 646 -36.67 22.10 -34.71
C PRO C 646 -36.62 23.53 -34.21
N LEU C 647 -36.29 24.43 -35.13
CA LEU C 647 -36.40 25.84 -34.83
C LEU C 647 -37.87 26.21 -34.67
N PRO C 648 -38.21 27.05 -33.69
CA PRO C 648 -39.61 27.39 -33.46
C PRO C 648 -40.21 28.11 -34.67
N ASP C 649 -41.46 27.77 -34.99
CA ASP C 649 -42.20 28.45 -36.02
C ASP C 649 -42.98 29.62 -35.43
N GLU C 650 -43.77 30.28 -36.28
CA GLU C 650 -44.38 31.55 -35.87
C GLU C 650 -45.31 31.37 -34.66
N LYS C 651 -46.18 30.38 -34.70
CA LYS C 651 -47.01 30.09 -33.53
C LYS C 651 -46.16 29.67 -32.35
N SER C 652 -45.12 28.87 -32.61
CA SER C 652 -44.20 28.47 -31.55
C SER C 652 -43.50 29.68 -30.94
N ARG C 653 -43.13 30.66 -31.77
CA ARG C 653 -42.47 31.85 -31.27
C ARG C 653 -43.42 32.72 -30.47
N VAL C 654 -44.68 32.80 -30.89
CA VAL C 654 -45.68 33.50 -30.09
C VAL C 654 -45.80 32.84 -28.72
N ALA C 655 -45.85 31.50 -28.70
CA ALA C 655 -45.96 30.78 -27.44
C ALA C 655 -44.74 31.02 -26.56
N ILE C 656 -43.55 31.02 -27.15
CA ILE C 656 -42.33 31.26 -26.39
C ILE C 656 -42.35 32.64 -25.76
N LEU C 657 -42.71 33.65 -26.54
CA LEU C 657 -42.75 35.01 -26.01
C LEU C 657 -43.77 35.14 -24.90
N LYS C 658 -44.95 34.52 -25.05
CA LYS C 658 -45.95 34.56 -23.99
C LYS C 658 -45.45 33.84 -22.75
N ALA C 659 -44.73 32.73 -22.94
CA ALA C 659 -44.27 31.94 -21.80
C ALA C 659 -43.19 32.66 -21.00
N ASN C 660 -42.24 33.30 -21.69
CA ASN C 660 -41.18 33.99 -20.97
C ASN C 660 -41.70 35.21 -20.21
N LEU C 661 -42.63 35.94 -20.80
CA LEU C 661 -43.07 37.22 -20.27
C LEU C 661 -44.33 37.12 -19.40
N ARG C 662 -44.87 35.92 -19.19
CA ARG C 662 -46.13 35.81 -18.47
C ARG C 662 -46.01 36.28 -17.03
N LYS C 663 -44.85 36.06 -16.41
CA LYS C 663 -44.65 36.53 -15.04
C LYS C 663 -44.37 38.02 -15.01
N SER C 664 -43.64 38.53 -16.00
CA SER C 664 -43.22 39.93 -15.98
C SER C 664 -44.39 40.85 -16.32
N PRO C 665 -44.56 41.97 -15.63
CA PRO C 665 -45.57 42.95 -16.05
C PRO C 665 -45.13 43.65 -17.32
N VAL C 666 -46.00 43.59 -18.33
CA VAL C 666 -45.69 44.16 -19.64
C VAL C 666 -46.86 45.02 -20.08
N ALA C 667 -46.54 46.09 -20.81
CA ALA C 667 -47.56 47.01 -21.28
C ALA C 667 -48.43 46.35 -22.34
N LYS C 668 -49.69 46.79 -22.42
CA LYS C 668 -50.63 46.18 -23.35
C LYS C 668 -50.32 46.53 -24.80
N ASP C 669 -49.61 47.64 -25.01
CA ASP C 669 -49.41 48.14 -26.37
C ASP C 669 -48.51 47.21 -27.18
N VAL C 670 -47.54 46.58 -26.53
CA VAL C 670 -46.59 45.74 -27.25
C VAL C 670 -47.32 44.56 -27.88
N ASP C 671 -46.98 44.26 -29.13
CA ASP C 671 -47.66 43.25 -29.92
C ASP C 671 -46.69 42.09 -30.14
N LEU C 672 -46.90 40.99 -29.41
CA LEU C 672 -45.98 39.86 -29.48
C LEU C 672 -46.05 39.16 -30.82
N GLU C 673 -47.21 39.24 -31.49
CA GLU C 673 -47.32 38.62 -32.81
C GLU C 673 -46.36 39.26 -33.80
N PHE C 674 -46.17 40.57 -33.71
CA PHE C 674 -45.22 41.23 -34.60
C PHE C 674 -43.79 40.79 -34.31
N LEU C 675 -43.45 40.65 -33.03
CA LEU C 675 -42.12 40.15 -32.68
C LEU C 675 -41.90 38.75 -33.22
N ALA C 676 -42.92 37.89 -33.13
CA ALA C 676 -42.80 36.55 -33.69
C ALA C 676 -42.64 36.60 -35.20
N LYS C 677 -43.39 37.48 -35.87
CA LYS C 677 -43.30 37.57 -37.32
C LYS C 677 -41.95 38.06 -37.78
N MET C 678 -41.39 39.06 -37.09
CA MET C 678 -40.13 39.66 -37.53
C MET C 678 -38.97 38.69 -37.35
N THR C 679 -38.97 37.92 -36.26
CA THR C 679 -37.90 36.96 -35.97
C THR C 679 -38.18 35.62 -36.66
N ASN C 680 -37.60 35.46 -37.85
CA ASN C 680 -37.83 34.25 -38.63
C ASN C 680 -37.04 33.06 -38.07
N GLY C 681 -35.71 33.15 -38.10
CA GLY C 681 -34.85 32.06 -37.71
C GLY C 681 -34.42 32.04 -36.26
N PHE C 682 -34.98 32.92 -35.44
CA PHE C 682 -34.57 33.01 -34.05
C PHE C 682 -35.00 31.77 -33.28
N SER C 683 -34.10 31.22 -32.48
CA SER C 683 -34.43 30.11 -31.60
C SER C 683 -34.98 30.63 -30.28
N GLY C 684 -35.33 29.71 -29.39
CA GLY C 684 -35.90 30.10 -28.11
C GLY C 684 -34.96 30.95 -27.28
N ALA C 685 -33.67 30.61 -27.28
CA ALA C 685 -32.69 31.37 -26.52
C ALA C 685 -32.64 32.82 -26.98
N ASP C 686 -32.77 33.04 -28.29
CA ASP C 686 -32.74 34.40 -28.81
C ASP C 686 -33.94 35.20 -28.35
N LEU C 687 -35.13 34.58 -28.33
CA LEU C 687 -36.31 35.29 -27.84
C LEU C 687 -36.17 35.65 -26.37
N THR C 688 -35.69 34.70 -25.57
CA THR C 688 -35.45 35.00 -24.16
C THR C 688 -34.40 36.09 -24.01
N GLU C 689 -33.42 36.13 -24.92
CA GLU C 689 -32.42 37.19 -24.88
C GLU C 689 -33.04 38.54 -25.16
N ILE C 690 -33.94 38.62 -26.14
CA ILE C 690 -34.63 39.88 -26.40
C ILE C 690 -35.40 40.33 -25.17
N CYS C 691 -36.11 39.41 -24.53
CA CYS C 691 -36.87 39.77 -23.34
C CYS C 691 -35.95 40.26 -22.21
N GLN C 692 -34.81 39.59 -22.03
CA GLN C 692 -33.90 39.98 -20.96
C GLN C 692 -33.26 41.33 -21.26
N ARG C 693 -32.96 41.61 -22.53
CA ARG C 693 -32.42 42.91 -22.89
C ARG C 693 -33.44 44.02 -22.60
N ALA C 694 -34.71 43.77 -22.93
CA ALA C 694 -35.74 44.76 -22.62
C ALA C 694 -35.86 44.97 -21.12
N CYS C 695 -35.79 43.89 -20.34
CA CYS C 695 -35.85 44.03 -18.88
C CYS C 695 -34.67 44.85 -18.37
N LYS C 696 -33.47 44.62 -18.92
CA LYS C 696 -32.30 45.40 -18.51
C LYS C 696 -32.50 46.88 -18.80
N LEU C 697 -33.02 47.20 -19.98
CA LEU C 697 -33.24 48.60 -20.31
C LEU C 697 -34.25 49.24 -19.38
N ALA C 698 -35.31 48.49 -19.04
CA ALA C 698 -36.30 49.02 -18.10
C ALA C 698 -35.67 49.28 -16.73
N ILE C 699 -34.82 48.36 -16.26
CA ILE C 699 -34.14 48.56 -14.98
C ILE C 699 -33.27 49.80 -15.03
N ARG C 700 -32.59 50.00 -16.16
CA ARG C 700 -31.73 51.17 -16.30
C ARG C 700 -32.54 52.46 -16.25
N GLU C 701 -33.70 52.48 -16.90
CA GLU C 701 -34.57 53.64 -16.82
C GLU C 701 -35.05 53.88 -15.39
N SER C 702 -35.40 52.81 -14.68
CA SER C 702 -35.85 52.96 -13.31
C SER C 702 -34.77 53.56 -12.42
N ILE C 703 -33.54 53.07 -12.55
CA ILE C 703 -32.47 53.60 -11.72
C ILE C 703 -32.14 55.04 -12.10
N GLU C 704 -32.26 55.38 -13.39
CA GLU C 704 -32.05 56.77 -13.80
C GLU C 704 -33.10 57.69 -13.18
N SER C 705 -34.36 57.26 -13.17
CA SER C 705 -35.40 58.06 -12.55
C SER C 705 -35.17 58.20 -11.04
N GLU C 706 -34.71 57.12 -10.40
CA GLU C 706 -34.39 57.21 -8.98
C GLU C 706 -33.28 58.23 -8.73
N ILE C 707 -32.25 58.23 -9.60
CA ILE C 707 -31.15 59.18 -9.43
C ILE C 707 -31.64 60.61 -9.62
N ARG C 708 -32.49 60.86 -10.62
CA ARG C 708 -32.96 62.23 -10.82
C ARG C 708 -33.84 62.68 -9.66
N ARG C 709 -34.63 61.76 -9.09
CA ARG C 709 -35.41 62.09 -7.91
C ARG C 709 -34.51 62.44 -6.73
N GLU C 710 -33.45 61.66 -6.53
CA GLU C 710 -32.51 61.98 -5.47
C GLU C 710 -31.83 63.32 -5.70
N ARG C 711 -31.55 63.65 -6.97
CA ARG C 711 -30.94 64.94 -7.27
C ARG C 711 -31.88 66.09 -6.96
N GLU C 712 -33.16 65.96 -7.32
CA GLU C 712 -34.11 67.05 -7.06
C GLU C 712 -34.40 67.18 -5.58
N ARG C 713 -34.41 66.06 -4.84
CA ARG C 713 -34.61 66.13 -3.40
C ARG C 713 -33.45 66.85 -2.71
N GLN C 714 -32.23 66.56 -3.13
CA GLN C 714 -31.05 67.18 -2.52
C GLN C 714 -30.84 68.59 -3.06
N PRO C 727 -42.18 55.42 -12.00
CA PRO C 727 -41.15 55.56 -13.03
C PRO C 727 -41.42 54.67 -14.24
N VAL C 728 -41.06 53.40 -14.13
CA VAL C 728 -41.32 52.42 -15.20
C VAL C 728 -42.04 51.21 -14.60
N PRO C 729 -43.34 51.31 -14.37
CA PRO C 729 -44.06 50.18 -13.75
C PRO C 729 -44.00 48.90 -14.58
N GLU C 730 -43.98 49.00 -15.90
CA GLU C 730 -43.88 47.83 -16.76
C GLU C 730 -42.96 48.12 -17.95
N ILE C 731 -42.52 47.04 -18.60
CA ILE C 731 -41.70 47.17 -19.80
C ILE C 731 -42.52 47.78 -20.91
N ARG C 732 -41.97 48.80 -21.55
CA ARG C 732 -42.65 49.53 -22.60
C ARG C 732 -42.25 49.02 -23.98
N ARG C 733 -42.88 49.58 -25.00
CA ARG C 733 -42.70 49.08 -26.36
C ARG C 733 -41.37 49.54 -26.96
N ASP C 734 -40.92 50.74 -26.59
CA ASP C 734 -39.61 51.21 -27.05
C ASP C 734 -38.49 50.34 -26.49
N HIS C 735 -38.67 49.80 -25.28
CA HIS C 735 -37.70 48.85 -24.75
C HIS C 735 -37.55 47.66 -25.69
N PHE C 736 -38.67 47.11 -26.15
CA PHE C 736 -38.59 45.97 -27.06
C PHE C 736 -38.00 46.38 -28.41
N GLU C 737 -38.26 47.62 -28.85
CA GLU C 737 -37.65 48.09 -30.08
C GLU C 737 -36.12 48.11 -29.97
N GLU C 738 -35.59 48.68 -28.88
CA GLU C 738 -34.14 48.70 -28.69
C GLU C 738 -33.59 47.28 -28.54
N ALA C 739 -34.28 46.43 -27.79
CA ALA C 739 -33.79 45.07 -27.61
C ALA C 739 -33.72 44.32 -28.93
N MET C 740 -34.73 44.49 -29.78
CA MET C 740 -34.69 43.85 -31.09
C MET C 740 -33.62 44.47 -31.97
N ARG C 741 -33.32 45.75 -31.75
CA ARG C 741 -32.18 46.36 -32.44
C ARG C 741 -30.88 45.65 -32.09
N PHE C 742 -30.69 45.32 -30.81
CA PHE C 742 -29.43 44.70 -30.40
C PHE C 742 -29.41 43.20 -30.70
N ALA C 743 -30.57 42.60 -30.98
CA ALA C 743 -30.66 41.15 -31.04
C ALA C 743 -29.86 40.58 -32.22
N ARG C 744 -29.54 39.29 -32.13
CA ARG C 744 -28.87 38.57 -33.20
C ARG C 744 -29.41 37.15 -33.26
N ARG C 745 -29.27 36.53 -34.43
CA ARG C 745 -29.68 35.13 -34.63
C ARG C 745 -28.48 34.25 -34.39
N SER C 746 -28.53 33.44 -33.32
CA SER C 746 -27.37 32.66 -32.93
C SER C 746 -27.13 31.48 -33.88
N VAL C 747 -28.20 30.78 -34.26
CA VAL C 747 -28.06 29.61 -35.10
C VAL C 747 -27.94 30.02 -36.57
N SER C 748 -26.85 29.61 -37.21
CA SER C 748 -26.64 29.91 -38.61
C SER C 748 -27.46 28.99 -39.49
N ASP C 749 -27.48 29.29 -40.80
CA ASP C 749 -28.23 28.46 -41.74
C ASP C 749 -27.52 27.15 -42.02
N ASN C 750 -26.19 27.13 -41.93
CA ASN C 750 -25.45 25.90 -42.19
C ASN C 750 -25.77 24.83 -41.16
N ASP C 751 -25.84 25.20 -39.88
CA ASP C 751 -26.21 24.23 -38.85
C ASP C 751 -27.60 23.69 -39.11
N ILE C 752 -28.56 24.57 -39.42
CA ILE C 752 -29.92 24.13 -39.69
C ILE C 752 -29.94 23.16 -40.86
N ARG C 753 -29.17 23.45 -41.91
CA ARG C 753 -29.11 22.55 -43.05
C ARG C 753 -28.53 21.20 -42.64
N LYS C 754 -27.54 21.19 -41.75
CA LYS C 754 -26.98 19.92 -41.30
C LYS C 754 -28.02 19.08 -40.55
N TYR C 755 -28.75 19.69 -39.62
CA TYR C 755 -29.75 18.93 -38.88
C TYR C 755 -30.90 18.50 -39.79
N GLU C 756 -31.25 19.33 -40.78
CA GLU C 756 -32.24 18.93 -41.76
C GLU C 756 -31.75 17.73 -42.55
N MET C 757 -30.46 17.69 -42.88
CA MET C 757 -29.91 16.55 -43.59
C MET C 757 -30.00 15.28 -42.76
N PHE C 758 -29.70 15.38 -41.46
CA PHE C 758 -29.80 14.18 -40.61
C PHE C 758 -31.25 13.71 -40.51
N ALA C 759 -32.18 14.64 -40.28
CA ALA C 759 -33.59 14.26 -40.23
C ALA C 759 -34.05 13.68 -41.56
N GLN C 760 -33.52 14.19 -42.66
CA GLN C 760 -33.85 13.66 -43.99
C GLN C 760 -33.34 12.24 -44.15
N THR C 761 -32.14 11.96 -43.63
CA THR C 761 -31.64 10.58 -43.66
C THR C 761 -32.56 9.66 -42.88
N LEU C 762 -32.99 10.08 -41.68
CA LEU C 762 -33.90 9.24 -40.91
C LEU C 762 -35.23 9.04 -41.63
N GLN C 763 -35.78 10.11 -42.20
CA GLN C 763 -37.07 10.00 -42.88
C GLN C 763 -36.97 9.11 -44.12
N GLN C 764 -35.86 9.21 -44.86
CA GLN C 764 -35.65 8.33 -46.00
C GLN C 764 -35.51 6.88 -45.54
N SER C 765 -34.84 6.66 -44.40
CA SER C 765 -34.78 5.32 -43.84
C SER C 765 -36.17 4.81 -43.49
N ARG C 766 -37.06 5.72 -43.08
CA ARG C 766 -38.44 5.31 -42.78
C ARG C 766 -39.11 4.69 -44.00
N GLY C 767 -38.72 5.12 -45.20
CA GLY C 767 -39.24 4.54 -46.43
C GLY C 767 -40.38 5.34 -47.01
N PHE C 768 -41.19 4.65 -47.82
CA PHE C 768 -42.37 5.27 -48.40
C PHE C 768 -43.39 5.59 -47.32
N GLY C 769 -43.93 6.82 -47.38
CA GLY C 769 -44.90 7.24 -46.40
C GLY C 769 -46.31 6.79 -46.73
N SER C 770 -47.22 7.10 -45.81
CA SER C 770 -48.65 6.78 -45.94
C SER C 770 -48.86 5.28 -46.13
N PHE C 771 -48.33 4.49 -45.19
CA PHE C 771 -48.61 3.05 -45.16
C PHE C 771 -50.11 2.81 -45.00
N ARG C 772 -50.68 2.04 -45.93
CA ARG C 772 -52.07 1.60 -45.83
C ARG C 772 -52.16 0.14 -46.20
N PHE C 773 -52.81 -0.65 -45.35
CA PHE C 773 -52.98 -2.07 -45.62
C PHE C 773 -53.87 -2.27 -46.84
N PRO C 774 -53.64 -3.33 -47.60
CA PRO C 774 -54.55 -3.65 -48.72
C PRO C 774 -55.99 -3.80 -48.23
N SER C 775 -56.91 -3.25 -49.01
CA SER C 775 -58.34 -3.26 -48.69
C SER C 775 -58.61 -2.78 -47.27
N LEU D 12 -6.47 -53.64 -8.77
CA LEU D 12 -5.31 -53.03 -8.12
C LEU D 12 -5.73 -52.10 -7.00
N SER D 13 -5.81 -50.80 -7.33
CA SER D 13 -6.20 -49.81 -6.32
C SER D 13 -7.63 -50.03 -5.85
N THR D 14 -8.54 -50.35 -6.78
CA THR D 14 -9.94 -50.52 -6.42
C THR D 14 -10.17 -51.82 -5.65
N ALA D 15 -9.14 -52.66 -5.54
CA ALA D 15 -9.34 -54.00 -4.98
C ALA D 15 -9.72 -53.94 -3.50
N ILE D 16 -9.26 -52.93 -2.77
CA ILE D 16 -9.49 -52.89 -1.32
C ILE D 16 -10.96 -52.66 -1.03
N LEU D 17 -11.67 -51.96 -1.93
CA LEU D 17 -13.10 -51.77 -1.74
C LEU D 17 -13.88 -53.04 -2.08
N LYS D 18 -13.27 -53.94 -2.84
CA LYS D 18 -13.92 -55.20 -3.17
C LYS D 18 -13.99 -56.12 -1.96
N GLN D 19 -15.14 -56.78 -1.80
CA GLN D 19 -15.29 -57.74 -0.70
C GLN D 19 -14.77 -59.12 -1.09
N LYS D 20 -14.55 -59.35 -2.39
CA LYS D 20 -14.09 -60.62 -2.94
C LYS D 20 -15.06 -61.77 -2.70
N ASN D 21 -16.24 -61.47 -2.16
CA ASN D 21 -17.29 -62.48 -1.93
C ASN D 21 -16.76 -63.64 -1.09
N ARG D 22 -16.21 -63.31 0.08
CA ARG D 22 -15.71 -64.34 0.97
C ARG D 22 -16.86 -65.22 1.45
N PRO D 23 -16.65 -66.53 1.58
CA PRO D 23 -17.74 -67.40 2.04
C PRO D 23 -18.22 -67.08 3.45
N ASN D 24 -17.32 -66.68 4.35
CA ASN D 24 -17.73 -66.38 5.72
C ASN D 24 -18.67 -65.18 5.76
N ARG D 25 -18.38 -64.15 4.98
CA ARG D 25 -19.26 -63.00 4.87
C ARG D 25 -20.60 -63.42 4.31
N LEU D 26 -21.69 -62.88 4.88
CA LEU D 26 -23.04 -63.32 4.55
C LEU D 26 -23.99 -62.13 4.48
N ILE D 27 -25.12 -62.35 3.81
CA ILE D 27 -26.11 -61.29 3.61
C ILE D 27 -26.96 -61.11 4.85
N VAL D 28 -27.25 -59.86 5.20
CA VAL D 28 -28.13 -59.57 6.32
C VAL D 28 -29.57 -59.83 5.92
N ASP D 29 -30.29 -60.58 6.76
CA ASP D 29 -31.69 -60.90 6.51
C ASP D 29 -32.50 -60.71 7.79
N GLU D 30 -33.79 -60.47 7.62
CA GLU D 30 -34.67 -60.22 8.75
C GLU D 30 -34.87 -61.49 9.57
N ALA D 31 -35.00 -61.32 10.88
CA ALA D 31 -35.27 -62.44 11.80
C ALA D 31 -36.77 -62.44 12.10
N ILE D 32 -37.46 -63.47 11.61
CA ILE D 32 -38.90 -63.56 11.83
C ILE D 32 -39.21 -63.89 13.29
N ASN D 33 -38.46 -64.83 13.88
CA ASN D 33 -38.76 -65.34 15.20
C ASN D 33 -37.60 -65.20 16.19
N GLU D 34 -36.38 -64.98 15.73
CA GLU D 34 -35.24 -64.96 16.63
C GLU D 34 -35.30 -63.76 17.57
N ASP D 35 -34.89 -63.98 18.82
CA ASP D 35 -34.97 -62.96 19.85
C ASP D 35 -33.80 -62.00 19.74
N ASN D 36 -33.65 -61.16 20.78
CA ASN D 36 -32.62 -60.12 20.76
C ASN D 36 -31.23 -60.73 20.83
N SER D 37 -31.08 -61.87 21.50
CA SER D 37 -29.76 -62.43 21.78
C SER D 37 -29.42 -63.67 20.98
N VAL D 38 -30.21 -64.02 19.96
CA VAL D 38 -29.93 -65.20 19.16
C VAL D 38 -29.99 -64.85 17.68
N VAL D 39 -29.28 -65.64 16.87
CA VAL D 39 -29.30 -65.53 15.41
C VAL D 39 -29.49 -66.91 14.83
N SER D 40 -30.10 -66.96 13.65
CA SER D 40 -30.39 -68.22 12.96
C SER D 40 -29.80 -68.19 11.57
N LEU D 41 -29.13 -69.28 11.20
CA LEU D 41 -28.53 -69.43 9.88
C LEU D 41 -28.91 -70.78 9.32
N SER D 42 -28.63 -70.97 8.04
CA SER D 42 -28.92 -72.25 7.40
C SER D 42 -28.02 -73.35 7.94
N GLN D 43 -28.60 -74.54 8.13
CA GLN D 43 -27.80 -75.69 8.55
C GLN D 43 -26.65 -76.01 7.61
N PRO D 44 -26.81 -75.97 6.27
CA PRO D 44 -25.61 -76.15 5.42
C PRO D 44 -24.53 -75.13 5.69
N LYS D 45 -24.91 -73.92 6.11
CA LYS D 45 -23.90 -72.94 6.48
C LYS D 45 -23.13 -73.39 7.73
N MET D 46 -23.83 -74.03 8.68
CA MET D 46 -23.12 -74.68 9.78
C MET D 46 -22.18 -75.75 9.26
N ASP D 47 -22.62 -76.51 8.25
CA ASP D 47 -21.78 -77.55 7.68
C ASP D 47 -20.51 -76.97 7.10
N GLU D 48 -20.62 -75.84 6.39
CA GLU D 48 -19.43 -75.20 5.84
C GLU D 48 -18.59 -74.53 6.93
N LEU D 49 -19.26 -73.95 7.93
CA LEU D 49 -18.56 -73.21 8.97
C LEU D 49 -18.15 -74.07 10.16
N GLN D 50 -18.47 -75.37 10.15
CA GLN D 50 -18.09 -76.28 11.22
C GLN D 50 -18.61 -75.80 12.58
N LEU D 51 -19.86 -75.36 12.60
CA LEU D 51 -20.47 -74.78 13.79
C LEU D 51 -21.57 -75.68 14.33
N PHE D 52 -21.67 -75.77 15.64
CA PHE D 52 -22.74 -76.51 16.30
C PHE D 52 -23.76 -75.55 16.90
N ARG D 53 -24.97 -76.05 17.10
CA ARG D 53 -26.05 -75.24 17.65
C ARG D 53 -25.75 -74.84 19.09
N GLY D 54 -26.14 -73.62 19.45
CA GLY D 54 -25.87 -73.09 20.77
C GLY D 54 -24.50 -72.46 20.93
N ASP D 55 -23.65 -72.53 19.91
CA ASP D 55 -22.34 -71.91 19.97
C ASP D 55 -22.46 -70.39 19.93
N THR D 56 -21.70 -69.72 20.78
CA THR D 56 -21.63 -68.27 20.72
C THR D 56 -20.78 -67.83 19.53
N VAL D 57 -21.30 -66.90 18.75
CA VAL D 57 -20.65 -66.43 17.53
C VAL D 57 -20.50 -64.92 17.61
N LEU D 58 -19.33 -64.43 17.21
CA LEU D 58 -19.02 -63.00 17.23
C LEU D 58 -19.18 -62.46 15.82
N LEU D 59 -20.09 -61.48 15.67
CA LEU D 59 -20.41 -60.90 14.38
C LEU D 59 -19.67 -59.59 14.20
N LYS D 60 -18.84 -59.52 13.15
CA LYS D 60 -18.16 -58.29 12.81
C LYS D 60 -19.16 -57.29 12.23
N GLY D 61 -19.14 -56.07 12.75
CA GLY D 61 -20.09 -55.07 12.34
C GLY D 61 -19.41 -53.74 12.07
N LYS D 62 -20.13 -52.87 11.39
CA LYS D 62 -19.57 -51.59 10.97
C LYS D 62 -19.37 -50.67 12.17
N LYS D 63 -18.56 -49.62 11.97
CA LYS D 63 -18.20 -48.66 13.01
C LYS D 63 -17.57 -49.36 14.21
N ARG D 64 -16.83 -50.44 13.94
CA ARG D 64 -16.11 -51.18 14.97
C ARG D 64 -17.04 -51.66 16.08
N ARG D 65 -18.21 -52.15 15.70
CA ARG D 65 -19.19 -52.71 16.63
C ARG D 65 -19.23 -54.22 16.45
N GLU D 66 -19.29 -54.95 17.56
CA GLU D 66 -19.38 -56.40 17.54
C GLU D 66 -20.46 -56.88 18.51
N ALA D 67 -21.18 -57.92 18.10
CA ALA D 67 -22.24 -58.50 18.92
C ALA D 67 -22.14 -60.02 18.87
N VAL D 68 -22.46 -60.67 19.99
CA VAL D 68 -22.47 -62.13 20.09
C VAL D 68 -23.89 -62.61 20.30
N CYS D 69 -24.27 -63.64 19.56
CA CYS D 69 -25.60 -64.22 19.65
C CYS D 69 -25.47 -65.74 19.67
N ILE D 70 -26.59 -66.41 19.93
CA ILE D 70 -26.65 -67.86 19.97
C ILE D 70 -27.08 -68.35 18.60
N VAL D 71 -26.26 -69.19 17.98
CA VAL D 71 -26.53 -69.66 16.62
C VAL D 71 -27.66 -70.68 16.65
N LEU D 72 -28.53 -70.62 15.66
CA LEU D 72 -29.66 -71.53 15.54
C LEU D 72 -29.82 -71.97 14.09
N SER D 73 -30.43 -73.13 13.91
CA SER D 73 -30.64 -73.72 12.59
C SER D 73 -32.01 -73.27 12.07
N ASP D 74 -32.03 -72.70 10.87
CA ASP D 74 -33.27 -72.25 10.24
C ASP D 74 -33.27 -72.62 8.77
N ASP D 75 -34.39 -73.17 8.30
CA ASP D 75 -34.52 -73.47 6.88
C ASP D 75 -34.82 -72.21 6.08
N THR D 76 -35.60 -71.30 6.65
CA THR D 76 -35.99 -70.08 5.93
C THR D 76 -34.79 -69.19 5.68
N CYS D 77 -33.82 -69.19 6.58
CA CYS D 77 -32.60 -68.41 6.38
C CYS D 77 -31.81 -68.98 5.21
N SER D 78 -31.41 -68.11 4.29
CA SER D 78 -30.68 -68.54 3.11
C SER D 78 -29.23 -68.86 3.47
N ASP D 79 -28.59 -69.66 2.60
CA ASP D 79 -27.20 -70.04 2.85
C ASP D 79 -26.28 -68.83 2.84
N GLU D 80 -26.51 -67.90 1.93
CA GLU D 80 -25.73 -66.67 1.87
C GLU D 80 -26.28 -65.60 2.82
N LYS D 81 -27.38 -65.87 3.52
CA LYS D 81 -28.01 -64.89 4.37
C LYS D 81 -27.89 -65.29 5.84
N ILE D 82 -28.04 -64.29 6.71
CA ILE D 82 -28.08 -64.48 8.16
C ILE D 82 -29.29 -63.72 8.68
N ARG D 83 -30.06 -64.36 9.57
CA ARG D 83 -31.25 -63.73 10.11
C ARG D 83 -30.91 -63.07 11.44
N MET D 84 -31.16 -61.77 11.53
CA MET D 84 -30.84 -60.99 12.72
C MET D 84 -32.01 -60.07 13.06
N ASN D 85 -32.31 -59.96 14.35
CA ASN D 85 -33.40 -59.10 14.79
C ASN D 85 -32.98 -57.64 14.68
N ARG D 86 -33.99 -56.76 14.78
CA ARG D 86 -33.72 -55.32 14.70
C ARG D 86 -32.74 -54.89 15.78
N VAL D 87 -32.80 -55.52 16.96
CA VAL D 87 -31.86 -55.20 18.02
C VAL D 87 -30.43 -55.54 17.61
N VAL D 88 -30.24 -56.69 16.98
CA VAL D 88 -28.91 -57.09 16.52
C VAL D 88 -28.38 -56.11 15.48
N ARG D 89 -29.23 -55.73 14.53
CA ARG D 89 -28.82 -54.76 13.51
C ARG D 89 -28.46 -53.43 14.14
N ASN D 90 -29.25 -52.97 15.11
CA ASN D 90 -28.96 -51.72 15.79
C ASN D 90 -27.63 -51.79 16.54
N ASN D 91 -27.38 -52.92 17.22
CA ASN D 91 -26.15 -53.06 17.99
C ASN D 91 -24.92 -53.14 17.08
N LEU D 92 -25.06 -53.80 15.93
CA LEU D 92 -23.98 -53.89 14.97
C LEU D 92 -23.90 -52.70 14.03
N ARG D 93 -24.83 -51.74 14.13
CA ARG D 93 -24.89 -50.60 13.22
C ARG D 93 -24.89 -51.05 11.76
N VAL D 94 -25.62 -52.12 11.48
CA VAL D 94 -25.67 -52.72 10.16
C VAL D 94 -27.09 -52.60 9.62
N ARG D 95 -27.20 -52.28 8.33
CA ARG D 95 -28.50 -52.17 7.69
C ARG D 95 -28.85 -53.48 6.97
N LEU D 96 -30.13 -53.60 6.60
CA LEU D 96 -30.58 -54.79 5.90
C LEU D 96 -29.92 -54.87 4.52
N GLY D 97 -29.54 -56.08 4.14
CA GLY D 97 -28.88 -56.30 2.86
C GLY D 97 -27.39 -56.14 2.87
N ASP D 98 -26.80 -55.67 3.97
CA ASP D 98 -25.36 -55.54 4.04
C ASP D 98 -24.69 -56.90 4.18
N VAL D 99 -23.37 -56.91 4.15
CA VAL D 99 -22.59 -58.14 4.17
C VAL D 99 -21.69 -58.13 5.40
N ILE D 100 -21.89 -59.10 6.29
CA ILE D 100 -21.05 -59.26 7.48
C ILE D 100 -20.65 -60.72 7.58
N SER D 101 -19.55 -60.98 8.29
CA SER D 101 -19.09 -62.34 8.50
C SER D 101 -19.42 -62.81 9.91
N ILE D 102 -19.36 -64.13 10.10
CA ILE D 102 -19.64 -64.76 11.39
C ILE D 102 -18.41 -65.54 11.83
N GLN D 103 -18.03 -65.38 13.09
CA GLN D 103 -16.90 -66.05 13.70
C GLN D 103 -17.21 -66.38 15.15
N PRO D 104 -16.99 -67.62 15.58
CA PRO D 104 -17.32 -67.99 16.97
C PRO D 104 -16.54 -67.16 17.99
N CYS D 105 -17.21 -66.81 19.08
CA CYS D 105 -16.58 -66.02 20.13
C CYS D 105 -15.53 -66.87 20.85
N PRO D 106 -14.32 -66.34 21.02
CA PRO D 106 -13.24 -67.15 21.59
C PRO D 106 -13.21 -67.15 23.11
N ASP D 107 -13.30 -68.34 23.71
CA ASP D 107 -13.09 -68.53 25.14
C ASP D 107 -14.08 -67.70 25.96
N VAL D 108 -15.36 -67.96 25.78
CA VAL D 108 -16.39 -67.18 26.45
C VAL D 108 -16.43 -67.52 27.93
N LYS D 109 -16.45 -66.48 28.77
CA LYS D 109 -16.57 -66.63 30.22
C LYS D 109 -17.92 -66.10 30.68
N TYR D 110 -18.50 -66.78 31.66
CA TYR D 110 -19.79 -66.36 32.21
C TYR D 110 -19.66 -64.99 32.87
N GLY D 111 -20.72 -64.19 32.74
CA GLY D 111 -20.68 -62.83 33.26
C GLY D 111 -20.64 -62.82 34.77
N LYS D 112 -19.58 -62.23 35.34
CA LYS D 112 -19.47 -62.12 36.79
C LYS D 112 -20.41 -61.05 37.33
N ARG D 113 -20.50 -59.91 36.65
CA ARG D 113 -21.44 -58.86 37.01
C ARG D 113 -21.81 -58.09 35.75
N ILE D 114 -22.99 -57.50 35.75
CA ILE D 114 -23.48 -56.72 34.61
C ILE D 114 -24.05 -55.40 35.12
N HIS D 115 -23.70 -54.32 34.43
CA HIS D 115 -24.29 -53.00 34.66
C HIS D 115 -25.07 -52.61 33.41
N VAL D 116 -26.35 -52.31 33.59
CA VAL D 116 -27.25 -51.99 32.49
C VAL D 116 -27.91 -50.65 32.77
N LEU D 117 -28.03 -49.83 31.73
CA LEU D 117 -28.57 -48.48 31.85
C LEU D 117 -29.72 -48.29 30.87
N PRO D 118 -30.86 -47.78 31.32
CA PRO D 118 -31.99 -47.58 30.41
C PRO D 118 -31.81 -46.34 29.55
N ILE D 119 -32.80 -46.12 28.68
CA ILE D 119 -32.85 -44.88 27.91
C ILE D 119 -33.83 -43.93 28.58
N ASP D 120 -33.51 -42.63 28.55
CA ASP D 120 -34.25 -41.66 29.36
C ASP D 120 -35.67 -41.45 28.83
N ASP D 121 -35.91 -41.71 27.55
CA ASP D 121 -37.26 -41.50 27.01
C ASP D 121 -38.20 -42.62 27.44
N THR D 122 -37.70 -43.85 27.51
CA THR D 122 -38.56 -44.98 27.85
C THR D 122 -38.87 -45.03 29.34
N VAL D 123 -37.92 -44.64 30.18
CA VAL D 123 -38.11 -44.74 31.63
C VAL D 123 -39.25 -43.83 32.08
N GLU D 124 -39.52 -42.76 31.33
CA GLU D 124 -40.64 -41.89 31.66
C GLU D 124 -41.96 -42.65 31.58
N GLY D 125 -42.79 -42.47 32.61
CA GLY D 125 -44.09 -43.11 32.66
C GLY D 125 -44.09 -44.53 33.18
N ILE D 126 -42.94 -45.08 33.53
CA ILE D 126 -42.84 -46.44 34.05
C ILE D 126 -43.05 -46.35 35.56
N THR D 127 -44.24 -46.73 36.01
CA THR D 127 -44.57 -46.60 37.42
C THR D 127 -43.70 -47.50 38.30
N GLY D 128 -43.61 -48.77 37.96
CA GLY D 128 -42.75 -49.67 38.69
C GLY D 128 -41.29 -49.43 38.37
N ASN D 129 -40.41 -49.82 39.29
CA ASN D 129 -38.99 -49.71 39.04
C ASN D 129 -38.56 -50.67 37.93
N LEU D 130 -37.63 -50.22 37.09
CA LEU D 130 -37.32 -50.93 35.86
C LEU D 130 -36.74 -52.32 36.11
N PHE D 131 -35.99 -52.49 37.20
CA PHE D 131 -35.25 -53.73 37.43
C PHE D 131 -36.19 -54.93 37.55
N GLU D 132 -37.22 -54.81 38.39
CA GLU D 132 -38.10 -55.96 38.65
C GLU D 132 -39.09 -56.17 37.50
N VAL D 133 -39.51 -55.09 36.85
CA VAL D 133 -40.45 -55.21 35.75
C VAL D 133 -39.75 -55.72 34.49
N TYR D 134 -38.58 -55.18 34.16
CA TYR D 134 -37.88 -55.55 32.93
C TYR D 134 -36.68 -56.45 33.18
N LEU D 135 -35.74 -56.02 34.02
CA LEU D 135 -34.49 -56.75 34.16
C LEU D 135 -34.71 -58.11 34.81
N LYS D 136 -35.52 -58.16 35.87
CA LYS D 136 -35.66 -59.40 36.64
C LYS D 136 -36.25 -60.55 35.83
N PRO D 137 -37.33 -60.39 35.06
CA PRO D 137 -37.82 -61.55 34.29
C PRO D 137 -36.99 -61.84 33.06
N TYR D 138 -36.49 -60.79 32.38
CA TYR D 138 -35.77 -60.99 31.13
C TYR D 138 -34.47 -61.75 31.35
N PHE D 139 -33.71 -61.40 32.39
CA PHE D 139 -32.41 -61.98 32.65
C PHE D 139 -32.46 -63.24 33.50
N LEU D 140 -33.64 -63.61 34.00
CA LEU D 140 -33.77 -64.76 34.89
C LEU D 140 -33.69 -66.05 34.07
N GLU D 141 -32.57 -66.77 34.21
CA GLU D 141 -32.26 -67.94 33.39
C GLU D 141 -32.23 -67.59 31.91
N ALA D 142 -31.82 -66.36 31.58
CA ALA D 142 -31.76 -65.95 30.18
C ALA D 142 -30.63 -66.63 29.44
N TYR D 143 -29.43 -66.66 30.04
CA TYR D 143 -28.22 -67.17 29.38
C TYR D 143 -28.00 -66.46 28.05
N ARG D 144 -28.28 -65.16 28.04
CA ARG D 144 -28.22 -64.34 26.83
C ARG D 144 -26.86 -63.66 26.74
N PRO D 145 -26.09 -63.92 25.68
CA PRO D 145 -24.83 -63.18 25.49
C PRO D 145 -25.09 -61.72 25.16
N ILE D 146 -24.28 -60.83 25.74
CA ILE D 146 -24.40 -59.39 25.54
C ILE D 146 -23.02 -58.80 25.28
N ARG D 147 -23.03 -57.52 24.90
CA ARG D 147 -21.80 -56.77 24.65
C ARG D 147 -21.92 -55.40 25.27
N LYS D 148 -20.77 -54.81 25.60
CA LYS D 148 -20.73 -53.41 26.00
C LYS D 148 -21.17 -52.53 24.84
N GLY D 149 -22.04 -51.58 25.13
CA GLY D 149 -22.53 -50.69 24.09
C GLY D 149 -23.68 -51.21 23.26
N ASP D 150 -24.26 -52.35 23.61
CA ASP D 150 -25.42 -52.89 22.90
C ASP D 150 -26.69 -52.43 23.59
N ILE D 151 -27.71 -52.10 22.79
CA ILE D 151 -29.02 -51.72 23.30
C ILE D 151 -30.00 -52.80 22.89
N PHE D 152 -30.68 -53.39 23.88
CA PHE D 152 -31.68 -54.43 23.63
C PHE D 152 -33.03 -53.96 24.14
N LEU D 153 -34.06 -54.13 23.32
CA LEU D 153 -35.40 -53.68 23.68
C LEU D 153 -36.08 -54.72 24.55
N VAL D 154 -36.67 -54.26 25.65
CA VAL D 154 -37.39 -55.12 26.59
C VAL D 154 -38.85 -54.71 26.59
N ARG D 155 -39.73 -55.66 26.28
CA ARG D 155 -41.16 -55.40 26.34
C ARG D 155 -41.64 -55.27 27.78
N GLY D 156 -42.76 -54.57 27.94
CA GLY D 156 -43.37 -54.37 29.23
C GLY D 156 -43.64 -52.90 29.52
N GLY D 157 -44.45 -52.69 30.55
CA GLY D 157 -44.80 -51.34 30.97
C GLY D 157 -45.64 -50.60 29.94
N MET D 158 -45.86 -49.32 30.22
CA MET D 158 -46.68 -48.50 29.33
C MET D 158 -45.97 -48.25 28.00
N ARG D 159 -44.63 -48.18 28.02
CA ARG D 159 -43.83 -48.23 26.80
C ARG D 159 -42.69 -49.22 26.98
N ALA D 160 -42.43 -50.00 25.93
CA ALA D 160 -41.31 -50.93 25.95
C ALA D 160 -40.00 -50.17 26.05
N VAL D 161 -39.08 -50.68 26.87
CA VAL D 161 -37.90 -49.95 27.27
C VAL D 161 -36.69 -50.58 26.58
N GLU D 162 -35.89 -49.74 25.93
CA GLU D 162 -34.60 -50.18 25.43
C GLU D 162 -33.56 -50.07 26.54
N PHE D 163 -32.79 -51.14 26.74
CA PHE D 163 -31.79 -51.21 27.80
C PHE D 163 -30.41 -51.39 27.20
N LYS D 164 -29.44 -50.64 27.71
CA LYS D 164 -28.05 -50.72 27.28
C LYS D 164 -27.16 -51.15 28.45
N VAL D 165 -26.42 -52.23 28.26
CA VAL D 165 -25.44 -52.67 29.24
C VAL D 165 -24.13 -51.94 29.00
N VAL D 166 -23.97 -50.79 29.66
CA VAL D 166 -22.78 -49.97 29.43
C VAL D 166 -21.53 -50.69 29.92
N GLU D 167 -21.65 -51.47 31.00
CA GLU D 167 -20.54 -52.22 31.56
C GLU D 167 -20.93 -53.69 31.67
N THR D 168 -20.21 -54.54 30.97
CA THR D 168 -20.37 -55.99 31.06
C THR D 168 -19.10 -56.59 31.60
N ASP D 169 -19.22 -57.40 32.65
CA ASP D 169 -18.07 -58.03 33.28
C ASP D 169 -18.21 -59.54 33.19
N PRO D 170 -17.18 -60.26 32.71
CA PRO D 170 -15.89 -59.70 32.31
C PRO D 170 -15.93 -58.99 30.98
N SER D 171 -15.15 -57.91 30.88
CA SER D 171 -15.09 -57.12 29.67
C SER D 171 -14.21 -57.82 28.62
N PRO D 172 -14.71 -57.97 27.38
CA PRO D 172 -16.07 -57.66 26.91
C PRO D 172 -16.93 -58.90 26.61
N TYR D 173 -16.38 -60.08 26.95
CA TYR D 173 -17.02 -61.37 26.69
C TYR D 173 -17.73 -61.84 27.95
N CYS D 174 -19.04 -62.06 27.86
CA CYS D 174 -19.81 -62.40 29.04
C CYS D 174 -21.11 -63.10 28.67
N ILE D 175 -21.64 -63.85 29.64
CA ILE D 175 -22.94 -64.49 29.54
C ILE D 175 -23.74 -64.17 30.79
N VAL D 176 -24.99 -63.72 30.61
CA VAL D 176 -25.83 -63.43 31.76
C VAL D 176 -26.31 -64.73 32.41
N ALA D 177 -26.27 -64.78 33.73
CA ALA D 177 -26.70 -65.93 34.49
C ALA D 177 -27.57 -65.44 35.64
N PRO D 178 -28.45 -66.30 36.17
CA PRO D 178 -29.31 -65.87 37.28
C PRO D 178 -28.55 -65.40 38.51
N ASP D 179 -27.39 -65.98 38.78
CA ASP D 179 -26.62 -65.58 39.97
C ASP D 179 -25.93 -64.25 39.77
N THR D 180 -25.85 -63.78 38.52
CA THR D 180 -25.22 -62.49 38.23
C THR D 180 -26.01 -61.36 38.87
N VAL D 181 -25.31 -60.38 39.42
CA VAL D 181 -25.95 -59.23 40.05
C VAL D 181 -26.42 -58.28 38.97
N ILE D 182 -27.69 -57.89 39.03
CA ILE D 182 -28.31 -57.00 38.05
C ILE D 182 -28.80 -55.76 38.78
N HIS D 183 -28.34 -54.59 38.32
CA HIS D 183 -28.79 -53.32 38.87
C HIS D 183 -28.95 -52.32 37.75
N CYS D 184 -29.89 -51.40 37.92
CA CYS D 184 -30.17 -50.34 36.95
C CYS D 184 -29.75 -48.97 37.45
N GLU D 185 -28.88 -48.91 38.46
CA GLU D 185 -28.49 -47.63 39.03
C GLU D 185 -27.69 -46.80 38.01
N GLY D 186 -27.87 -45.49 38.08
CA GLY D 186 -27.17 -44.57 37.20
C GLY D 186 -28.14 -43.75 36.37
N GLU D 187 -27.61 -42.69 35.78
CA GLU D 187 -28.41 -41.84 34.90
C GLU D 187 -28.81 -42.62 33.66
N PRO D 188 -30.07 -42.54 33.22
CA PRO D 188 -30.46 -43.24 31.98
C PRO D 188 -29.68 -42.71 30.79
N ILE D 189 -29.39 -43.60 29.85
CA ILE D 189 -28.66 -43.21 28.66
C ILE D 189 -29.52 -42.29 27.82
N LYS D 190 -28.94 -41.16 27.40
CA LYS D 190 -29.68 -40.17 26.65
C LYS D 190 -30.04 -40.69 25.27
N ARG D 191 -31.29 -40.44 24.85
CA ARG D 191 -31.73 -40.89 23.54
C ARG D 191 -31.01 -40.14 22.44
N GLU D 192 -30.68 -38.87 22.66
CA GLU D 192 -29.93 -38.11 21.67
C GLU D 192 -28.53 -38.70 21.50
N ASP D 193 -27.93 -39.18 22.58
CA ASP D 193 -26.66 -39.90 22.46
C ASP D 193 -26.83 -41.14 21.60
N GLU D 194 -27.93 -41.86 21.78
CA GLU D 194 -28.19 -43.05 20.97
C GLU D 194 -28.31 -42.68 19.49
N GLU D 195 -29.02 -41.60 19.19
CA GLU D 195 -29.16 -41.17 17.80
C GLU D 195 -27.83 -40.75 17.21
N GLU D 196 -27.02 -40.01 17.98
CA GLU D 196 -25.71 -39.60 17.49
C GLU D 196 -24.82 -40.81 17.24
N SER D 197 -24.91 -41.83 18.09
CA SER D 197 -24.20 -43.08 17.84
C SER D 197 -24.78 -43.81 16.62
N LEU D 198 -26.05 -43.55 16.31
CA LEU D 198 -26.62 -44.06 15.07
C LEU D 198 -26.23 -43.20 13.88
N ASN D 199 -26.14 -41.88 14.09
CA ASN D 199 -25.71 -40.97 13.02
C ASN D 199 -24.18 -40.85 13.05
N GLU D 200 -23.54 -41.96 12.69
CA GLU D 200 -22.09 -42.02 12.56
C GLU D 200 -21.74 -42.33 11.11
N VAL D 201 -20.80 -41.57 10.57
CA VAL D 201 -20.44 -41.71 9.16
C VAL D 201 -19.36 -42.76 9.01
N GLY D 202 -19.57 -43.70 8.07
CA GLY D 202 -18.60 -44.72 7.79
C GLY D 202 -18.09 -44.60 6.36
N TYR D 203 -17.17 -45.49 6.02
CA TYR D 203 -16.63 -45.51 4.66
C TYR D 203 -17.73 -45.79 3.64
N ASP D 204 -18.80 -46.46 4.04
CA ASP D 204 -19.91 -46.68 3.12
C ASP D 204 -20.63 -45.38 2.79
N ASP D 205 -20.51 -44.38 3.67
CA ASP D 205 -21.24 -43.13 3.47
C ASP D 205 -20.61 -42.28 2.37
N ILE D 206 -19.29 -42.37 2.19
CA ILE D 206 -18.64 -41.56 1.18
C ILE D 206 -19.10 -42.00 -0.20
N GLY D 207 -19.53 -41.04 -1.01
CA GLY D 207 -20.01 -41.33 -2.34
C GLY D 207 -19.10 -40.76 -3.41
N GLY D 208 -18.89 -41.51 -4.47
CA GLY D 208 -17.96 -41.10 -5.50
C GLY D 208 -16.53 -41.25 -5.01
N CYS D 209 -15.60 -40.76 -5.84
CA CYS D 209 -14.18 -40.73 -5.54
C CYS D 209 -13.69 -42.05 -4.93
N ARG D 210 -14.08 -43.16 -5.56
CA ARG D 210 -13.75 -44.47 -5.01
C ARG D 210 -12.25 -44.70 -4.98
N LYS D 211 -11.53 -44.25 -6.00
CA LYS D 211 -10.08 -44.41 -6.01
C LYS D 211 -9.43 -43.64 -4.87
N GLN D 212 -9.91 -42.42 -4.59
CA GLN D 212 -9.36 -41.65 -3.48
C GLN D 212 -9.63 -42.34 -2.15
N LEU D 213 -10.84 -42.89 -1.99
CA LEU D 213 -11.15 -43.62 -0.76
C LEU D 213 -10.26 -44.84 -0.62
N ALA D 214 -9.98 -45.54 -1.73
CA ALA D 214 -9.07 -46.67 -1.68
C ALA D 214 -7.67 -46.25 -1.28
N GLN D 215 -7.19 -45.13 -1.81
CA GLN D 215 -5.86 -44.65 -1.43
C GLN D 215 -5.81 -44.31 0.05
N ILE D 216 -6.85 -43.67 0.56
CA ILE D 216 -6.89 -43.35 1.99
C ILE D 216 -6.91 -44.63 2.82
N LYS D 217 -7.69 -45.63 2.40
CA LYS D 217 -7.72 -46.90 3.11
C LYS D 217 -6.33 -47.54 3.14
N GLU D 218 -5.62 -47.50 2.01
CA GLU D 218 -4.26 -48.02 1.99
C GLU D 218 -3.34 -47.22 2.91
N MET D 219 -3.58 -45.91 3.03
CA MET D 219 -2.72 -45.08 3.86
C MET D 219 -2.91 -45.37 5.34
N VAL D 220 -4.16 -45.43 5.82
CA VAL D 220 -4.44 -45.47 7.25
C VAL D 220 -4.91 -46.85 7.70
N GLU D 221 -5.72 -47.53 6.90
CA GLU D 221 -6.30 -48.78 7.36
C GLU D 221 -5.35 -49.96 7.16
N LEU D 222 -4.70 -50.02 6.00
CA LEU D 222 -3.83 -51.17 5.72
C LEU D 222 -2.66 -51.30 6.69
N PRO D 223 -1.87 -50.25 6.99
CA PRO D 223 -0.76 -50.45 7.95
C PRO D 223 -1.21 -50.92 9.32
N LEU D 224 -2.37 -50.46 9.78
CA LEU D 224 -2.83 -50.84 11.11
C LEU D 224 -3.34 -52.28 11.11
N ARG D 225 -4.08 -52.67 10.08
CA ARG D 225 -4.57 -54.04 9.99
C ARG D 225 -3.45 -55.03 9.76
N HIS D 226 -2.55 -54.74 8.81
CA HIS D 226 -1.53 -55.69 8.37
C HIS D 226 -0.16 -55.04 8.38
N PRO D 227 0.36 -54.68 9.56
CA PRO D 227 1.73 -54.13 9.60
C PRO D 227 2.79 -55.14 9.20
N ALA D 228 2.47 -56.43 9.31
CA ALA D 228 3.44 -57.47 9.00
C ALA D 228 3.91 -57.41 7.56
N LEU D 229 3.03 -56.97 6.64
CA LEU D 229 3.42 -56.89 5.23
C LEU D 229 4.55 -55.88 5.04
N PHE D 230 4.37 -54.67 5.56
CA PHE D 230 5.38 -53.63 5.41
C PHE D 230 6.63 -53.96 6.22
N LYS D 231 6.47 -54.69 7.33
CA LYS D 231 7.65 -55.16 8.04
C LYS D 231 8.44 -56.16 7.22
N GLU D 232 7.73 -57.05 6.50
CA GLU D 232 8.40 -58.05 5.68
C GLU D 232 9.16 -57.40 4.53
N ILE D 233 8.49 -56.51 3.77
CA ILE D 233 9.16 -55.87 2.65
C ILE D 233 10.24 -54.90 3.10
N GLY D 234 10.20 -54.45 4.35
CA GLY D 234 11.19 -53.50 4.82
C GLY D 234 11.03 -52.11 4.24
N VAL D 235 9.80 -51.62 4.20
CA VAL D 235 9.50 -50.25 3.79
C VAL D 235 8.62 -49.62 4.85
N LYS D 236 8.61 -48.31 4.87
CA LYS D 236 7.72 -47.60 5.78
C LYS D 236 6.50 -47.11 5.03
N PRO D 237 5.30 -47.38 5.53
CA PRO D 237 4.09 -46.88 4.88
C PRO D 237 4.06 -45.36 4.92
N PRO D 238 3.35 -44.72 3.98
CA PRO D 238 3.25 -43.26 4.02
C PRO D 238 2.64 -42.78 5.33
N ARG D 239 3.16 -41.67 5.83
CA ARG D 239 2.68 -41.09 7.08
C ARG D 239 1.99 -39.74 6.90
N GLY D 240 1.91 -39.24 5.67
CA GLY D 240 1.25 -37.98 5.44
C GLY D 240 0.21 -38.05 4.34
N ILE D 241 -0.97 -37.47 4.58
CA ILE D 241 -2.03 -37.43 3.58
C ILE D 241 -2.59 -36.02 3.54
N LEU D 242 -2.63 -35.42 2.36
CA LEU D 242 -3.22 -34.10 2.16
C LEU D 242 -4.43 -34.25 1.27
N LEU D 243 -5.59 -33.85 1.77
CA LEU D 243 -6.83 -33.90 1.01
C LEU D 243 -7.16 -32.49 0.55
N TYR D 244 -7.06 -32.25 -0.75
CA TYR D 244 -7.24 -30.91 -1.30
C TYR D 244 -8.25 -30.95 -2.43
N GLY D 245 -9.13 -29.96 -2.46
CA GLY D 245 -10.16 -29.86 -3.49
C GLY D 245 -11.06 -28.68 -3.24
N PRO D 246 -11.98 -28.42 -4.17
CA PRO D 246 -12.91 -27.30 -4.00
C PRO D 246 -13.84 -27.54 -2.84
N PRO D 247 -14.45 -26.49 -2.28
CA PRO D 247 -15.29 -26.66 -1.10
C PRO D 247 -16.48 -27.58 -1.38
N GLY D 248 -16.80 -28.42 -0.41
CA GLY D 248 -17.94 -29.29 -0.50
C GLY D 248 -17.72 -30.61 -1.20
N THR D 249 -16.48 -30.94 -1.56
CA THR D 249 -16.25 -32.23 -2.22
C THR D 249 -16.36 -33.38 -1.25
N GLY D 250 -16.09 -33.14 0.03
CA GLY D 250 -16.17 -34.19 1.03
C GLY D 250 -14.91 -34.54 1.77
N LYS D 251 -13.98 -33.59 1.95
CA LYS D 251 -12.76 -33.89 2.69
C LYS D 251 -13.04 -34.09 4.18
N THR D 252 -13.75 -33.16 4.80
CA THR D 252 -14.06 -33.30 6.22
C THR D 252 -14.94 -34.52 6.47
N LEU D 253 -15.76 -34.89 5.50
CA LEU D 253 -16.57 -36.10 5.65
C LEU D 253 -15.70 -37.34 5.69
N ILE D 254 -14.68 -37.39 4.83
CA ILE D 254 -13.75 -38.52 4.86
C ILE D 254 -12.98 -38.54 6.18
N ALA D 255 -12.60 -37.37 6.67
CA ALA D 255 -11.92 -37.30 7.96
C ALA D 255 -12.83 -37.82 9.07
N ARG D 256 -14.10 -37.47 9.04
CA ARG D 256 -15.03 -37.96 10.05
C ARG D 256 -15.20 -39.47 9.96
N ALA D 257 -15.28 -40.00 8.74
CA ALA D 257 -15.39 -41.44 8.57
C ALA D 257 -14.17 -42.16 9.12
N VAL D 258 -12.98 -41.64 8.81
CA VAL D 258 -11.75 -42.25 9.32
C VAL D 258 -11.71 -42.19 10.84
N ALA D 259 -12.16 -41.07 11.42
CA ALA D 259 -12.21 -40.95 12.87
C ALA D 259 -13.16 -41.98 13.47
N ASN D 260 -14.32 -42.17 12.86
CA ASN D 260 -15.30 -43.10 13.41
C ASN D 260 -14.85 -44.55 13.29
N GLU D 261 -14.22 -44.92 12.19
CA GLU D 261 -13.96 -46.33 11.91
C GLU D 261 -12.48 -46.67 11.87
N THR D 262 -11.69 -46.18 12.82
CA THR D 262 -10.34 -46.65 13.05
C THR D 262 -10.14 -46.90 14.53
N GLY D 263 -9.62 -48.09 14.86
CA GLY D 263 -9.37 -48.41 16.26
C GLY D 263 -8.31 -47.54 16.88
N ALA D 264 -7.38 -47.04 16.07
CA ALA D 264 -6.29 -46.21 16.57
C ALA D 264 -6.83 -44.89 17.10
N PHE D 265 -6.03 -44.26 17.95
CA PHE D 265 -6.41 -42.98 18.54
C PHE D 265 -6.56 -41.91 17.46
N PHE D 266 -7.53 -41.02 17.66
CA PHE D 266 -7.76 -39.90 16.76
C PHE D 266 -7.57 -38.59 17.51
N PHE D 267 -6.75 -37.70 16.96
CA PHE D 267 -6.52 -36.39 17.52
C PHE D 267 -6.94 -35.34 16.51
N LEU D 268 -7.76 -34.38 16.95
CA LEU D 268 -8.27 -33.32 16.10
C LEU D 268 -7.56 -32.01 16.41
N ILE D 269 -7.00 -31.39 15.38
CA ILE D 269 -6.45 -30.06 15.48
C ILE D 269 -7.17 -29.17 14.47
N ASN D 270 -7.79 -28.11 14.96
CA ASN D 270 -8.30 -27.04 14.11
C ASN D 270 -7.20 -26.04 13.91
N GLY D 271 -7.11 -25.47 12.71
CA GLY D 271 -6.02 -24.59 12.36
C GLY D 271 -5.88 -23.42 13.32
N PRO D 272 -6.82 -22.48 13.28
CA PRO D 272 -6.70 -21.28 14.11
C PRO D 272 -6.75 -21.57 15.60
N GLU D 273 -7.25 -22.73 16.01
CA GLU D 273 -7.37 -23.04 17.42
C GLU D 273 -6.00 -23.08 18.10
N ILE D 274 -4.94 -23.32 17.32
CA ILE D 274 -3.60 -23.44 17.89
C ILE D 274 -3.14 -22.11 18.47
N MET D 275 -3.52 -21.00 17.82
CA MET D 275 -3.02 -19.68 18.19
C MET D 275 -3.38 -19.34 19.63
N SER D 276 -2.42 -18.75 20.35
CA SER D 276 -2.65 -18.26 21.70
C SER D 276 -1.91 -16.96 21.91
N LYS D 277 -2.38 -16.18 22.89
CA LYS D 277 -1.87 -14.81 23.06
C LYS D 277 -0.43 -14.81 23.57
N LEU D 278 -0.10 -15.72 24.47
CA LEU D 278 1.23 -15.75 25.06
C LEU D 278 2.29 -16.05 24.00
N ALA D 279 3.48 -15.51 24.20
CA ALA D 279 4.56 -15.74 23.25
C ALA D 279 5.02 -17.19 23.31
N GLY D 280 5.10 -17.83 22.16
CA GLY D 280 5.54 -19.21 22.08
C GLY D 280 4.51 -20.23 22.53
N GLU D 281 3.28 -19.81 22.81
CA GLU D 281 2.27 -20.74 23.30
C GLU D 281 1.74 -21.62 22.17
N SER D 282 1.75 -21.11 20.93
CA SER D 282 1.30 -21.92 19.80
C SER D 282 2.21 -23.12 19.59
N GLU D 283 3.53 -22.91 19.66
CA GLU D 283 4.46 -24.02 19.55
C GLU D 283 4.26 -25.01 20.68
N SER D 284 3.97 -24.51 21.88
CA SER D 284 3.67 -25.41 22.99
C SER D 284 2.44 -26.26 22.70
N ASN D 285 1.40 -25.64 22.12
CA ASN D 285 0.20 -26.40 21.79
C ASN D 285 0.48 -27.47 20.74
N LEU D 286 1.25 -27.13 19.71
CA LEU D 286 1.60 -28.12 18.69
C LEU D 286 2.42 -29.26 19.28
N ARG D 287 3.41 -28.93 20.12
CA ARG D 287 4.24 -29.96 20.72
C ARG D 287 3.41 -30.86 21.63
N LYS D 288 2.50 -30.27 22.41
CA LYS D 288 1.64 -31.08 23.25
C LYS D 288 0.76 -32.01 22.42
N ALA D 289 0.21 -31.50 21.31
CA ALA D 289 -0.61 -32.34 20.46
C ALA D 289 0.17 -33.53 19.91
N PHE D 290 1.35 -33.26 19.33
CA PHE D 290 2.13 -34.34 18.74
C PHE D 290 2.62 -35.33 19.80
N GLU D 291 3.03 -34.83 20.97
CA GLU D 291 3.48 -35.72 22.03
C GLU D 291 2.35 -36.58 22.55
N GLU D 292 1.16 -36.00 22.73
CA GLU D 292 0.01 -36.78 23.16
C GLU D 292 -0.35 -37.83 22.14
N ALA D 293 -0.20 -37.51 20.85
CA ALA D 293 -0.39 -38.53 19.82
C ALA D 293 0.63 -39.65 19.97
N GLU D 294 1.89 -39.29 20.23
CA GLU D 294 2.94 -40.30 20.38
C GLU D 294 2.71 -41.16 21.61
N LYS D 295 2.03 -40.63 22.63
CA LYS D 295 1.81 -41.37 23.86
C LYS D 295 0.99 -42.64 23.61
N ASN D 296 0.00 -42.56 22.71
CA ASN D 296 -0.86 -43.69 22.42
C ASN D 296 -0.42 -44.47 21.19
N ALA D 297 0.80 -44.23 20.70
CA ALA D 297 1.47 -44.96 19.63
C ALA D 297 0.62 -44.92 18.34
N PRO D 298 -0.10 -45.96 17.88
CA PRO D 298 -0.78 -45.80 16.60
C PRO D 298 -1.90 -44.78 16.71
N ALA D 299 -1.73 -43.65 16.05
CA ALA D 299 -2.68 -42.56 16.16
C ALA D 299 -2.73 -41.80 14.85
N ILE D 300 -3.84 -41.09 14.64
CA ILE D 300 -4.04 -40.25 13.48
C ILE D 300 -4.27 -38.82 13.96
N ILE D 301 -3.53 -37.89 13.38
CA ILE D 301 -3.70 -36.47 13.65
C ILE D 301 -4.35 -35.83 12.44
N PHE D 302 -5.50 -35.20 12.64
CA PHE D 302 -6.17 -34.49 11.56
C PHE D 302 -6.06 -33.00 11.81
N ILE D 303 -5.44 -32.30 10.87
CA ILE D 303 -5.26 -30.85 10.93
C ILE D 303 -6.24 -30.23 9.95
N ASP D 304 -7.42 -29.86 10.42
CA ASP D 304 -8.39 -29.21 9.57
C ASP D 304 -7.94 -27.81 9.20
N GLU D 305 -8.18 -27.42 7.95
CA GLU D 305 -7.77 -26.12 7.44
C GLU D 305 -6.28 -25.90 7.63
N LEU D 306 -5.48 -26.73 6.97
CA LEU D 306 -4.04 -26.64 7.09
C LEU D 306 -3.51 -25.27 6.64
N ASP D 307 -4.17 -24.66 5.66
CA ASP D 307 -3.69 -23.38 5.14
C ASP D 307 -3.84 -22.26 6.18
N ALA D 308 -4.59 -22.51 7.24
CA ALA D 308 -4.74 -21.49 8.28
C ALA D 308 -3.44 -21.29 9.04
N ILE D 309 -2.72 -22.37 9.35
CA ILE D 309 -1.53 -22.26 10.19
C ILE D 309 -0.23 -22.44 9.43
N ALA D 310 -0.27 -22.79 8.14
CA ALA D 310 0.94 -23.09 7.38
C ALA D 310 0.97 -22.26 6.10
N PRO D 311 1.16 -20.95 6.21
CA PRO D 311 1.40 -20.14 5.02
C PRO D 311 2.84 -20.23 4.58
N LYS D 312 3.12 -19.68 3.41
CA LYS D 312 4.48 -19.68 2.90
C LYS D 312 5.38 -18.83 3.80
N ARG D 313 6.55 -19.37 4.14
CA ARG D 313 7.47 -18.65 5.01
C ARG D 313 7.97 -17.37 4.36
N GLU D 314 8.26 -17.41 3.07
CA GLU D 314 8.71 -16.20 2.37
C GLU D 314 7.60 -15.18 2.28
N LYS D 315 6.36 -15.64 2.05
CA LYS D 315 5.25 -14.70 1.89
C LYS D 315 4.82 -14.11 3.23
N THR D 316 4.90 -14.90 4.31
CA THR D 316 4.39 -14.45 5.60
C THR D 316 5.16 -13.23 6.10
N HIS D 317 4.45 -12.26 6.65
CA HIS D 317 5.05 -11.08 7.26
C HIS D 317 5.03 -11.13 8.78
N GLY D 318 4.36 -12.11 9.38
CA GLY D 318 4.31 -12.20 10.81
C GLY D 318 5.35 -13.15 11.35
N GLU D 319 5.99 -12.78 12.46
CA GLU D 319 7.06 -13.62 13.02
C GLU D 319 6.48 -14.91 13.61
N VAL D 320 5.37 -14.79 14.34
CA VAL D 320 4.81 -15.94 15.06
C VAL D 320 4.36 -17.01 14.08
N GLU D 321 3.75 -16.59 12.96
CA GLU D 321 3.30 -17.56 11.97
C GLU D 321 4.47 -18.30 11.34
N ARG D 322 5.58 -17.60 11.08
CA ARG D 322 6.75 -18.27 10.53
C ARG D 322 7.33 -19.25 11.54
N ARG D 323 7.36 -18.86 12.82
CA ARG D 323 7.84 -19.79 13.84
C ARG D 323 6.93 -21.01 13.95
N ILE D 324 5.62 -20.82 13.80
CA ILE D 324 4.69 -21.94 13.88
C ILE D 324 4.89 -22.90 12.71
N VAL D 325 5.04 -22.37 11.49
CA VAL D 325 5.25 -23.25 10.35
C VAL D 325 6.59 -23.98 10.47
N SER D 326 7.61 -23.31 11.02
CA SER D 326 8.87 -24.00 11.28
C SER D 326 8.70 -25.09 12.33
N GLN D 327 7.89 -24.84 13.35
CA GLN D 327 7.63 -25.86 14.36
C GLN D 327 6.93 -27.06 13.76
N LEU D 328 5.98 -26.82 12.86
CA LEU D 328 5.33 -27.93 12.17
C LEU D 328 6.33 -28.71 11.33
N LEU D 329 7.21 -28.00 10.62
CA LEU D 329 8.21 -28.68 9.81
C LEU D 329 9.10 -29.56 10.67
N THR D 330 9.53 -29.05 11.83
CA THR D 330 10.40 -29.84 12.70
C THR D 330 9.67 -31.01 13.33
N LEU D 331 8.42 -30.82 13.75
CA LEU D 331 7.67 -31.92 14.34
C LEU D 331 7.44 -33.03 13.32
N MET D 332 7.11 -32.66 12.08
CA MET D 332 6.88 -33.68 11.07
C MET D 332 8.18 -34.41 10.72
N ASP D 333 9.27 -33.67 10.56
CA ASP D 333 10.58 -34.24 10.21
C ASP D 333 11.66 -33.54 11.01
N GLY D 334 12.57 -34.33 11.60
CA GLY D 334 13.61 -33.76 12.43
C GLY D 334 14.65 -34.81 12.78
N LEU D 335 15.43 -34.55 13.83
CA LEU D 335 16.32 -35.60 14.31
C LEU D 335 15.54 -36.80 14.83
N LYS D 336 14.48 -36.56 15.59
CA LYS D 336 13.66 -37.63 16.14
C LYS D 336 12.45 -37.83 15.26
N GLN D 337 12.47 -38.88 14.45
CA GLN D 337 11.37 -39.15 13.53
C GLN D 337 10.18 -39.72 14.29
N ARG D 338 9.00 -39.54 13.72
CA ARG D 338 7.78 -40.01 14.36
C ARG D 338 7.76 -41.54 14.41
N ALA D 339 7.06 -42.08 15.40
CA ALA D 339 6.95 -43.52 15.59
C ALA D 339 5.49 -43.93 15.36
N HIS D 340 5.17 -44.28 14.12
CA HIS D 340 3.84 -44.77 13.75
C HIS D 340 2.75 -43.76 14.09
N VAL D 341 2.90 -42.54 13.57
CA VAL D 341 1.89 -41.50 13.72
C VAL D 341 1.53 -41.00 12.32
N ILE D 342 0.24 -41.09 11.98
CA ILE D 342 -0.28 -40.68 10.68
C ILE D 342 -0.87 -39.29 10.83
N VAL D 343 -0.49 -38.38 9.94
CA VAL D 343 -0.97 -37.01 9.96
C VAL D 343 -1.76 -36.76 8.68
N MET D 344 -3.03 -36.41 8.83
CA MET D 344 -3.89 -36.03 7.72
C MET D 344 -4.23 -34.55 7.84
N ALA D 345 -4.25 -33.85 6.73
CA ALA D 345 -4.66 -32.45 6.70
C ALA D 345 -5.54 -32.20 5.49
N ALA D 346 -6.62 -31.47 5.71
CA ALA D 346 -7.55 -31.11 4.65
C ALA D 346 -7.44 -29.62 4.41
N THR D 347 -7.10 -29.23 3.19
CA THR D 347 -6.94 -27.82 2.85
C THR D 347 -7.74 -27.51 1.60
N ASN D 348 -8.17 -26.26 1.48
CA ASN D 348 -8.89 -25.82 0.29
C ASN D 348 -7.93 -25.30 -0.77
N ARG D 349 -6.87 -24.62 -0.35
CA ARG D 349 -5.86 -24.10 -1.27
C ARG D 349 -4.56 -24.87 -1.10
N PRO D 350 -4.26 -25.85 -1.96
CA PRO D 350 -3.02 -26.61 -1.78
C PRO D 350 -1.79 -25.80 -2.11
N ASN D 351 -1.90 -24.78 -2.95
CA ASN D 351 -0.72 -24.00 -3.33
C ASN D 351 -0.31 -23.05 -2.21
N SER D 352 -1.23 -22.74 -1.29
CA SER D 352 -0.90 -21.82 -0.21
C SER D 352 0.01 -22.48 0.83
N ILE D 353 0.07 -23.82 0.84
CA ILE D 353 0.90 -24.52 1.81
C ILE D 353 2.38 -24.25 1.53
N ASP D 354 3.18 -24.25 2.58
CA ASP D 354 4.61 -24.02 2.44
C ASP D 354 5.24 -25.17 1.63
N PRO D 355 6.14 -24.85 0.69
CA PRO D 355 6.68 -25.92 -0.17
C PRO D 355 7.39 -27.03 0.57
N ALA D 356 8.08 -26.70 1.67
CA ALA D 356 8.83 -27.71 2.39
C ALA D 356 7.90 -28.72 3.04
N LEU D 357 6.68 -28.31 3.38
CA LEU D 357 5.72 -29.24 3.97
C LEU D 357 5.28 -30.29 2.96
N ARG D 358 5.21 -29.91 1.68
CA ARG D 358 4.73 -30.83 0.65
C ARG D 358 5.78 -31.83 0.20
N ARG D 359 6.90 -31.91 0.90
CA ARG D 359 7.96 -32.86 0.55
C ARG D 359 7.60 -34.24 1.08
N PHE D 360 8.35 -35.25 0.62
CA PHE D 360 8.06 -36.63 0.99
C PHE D 360 8.11 -36.86 2.49
N GLY D 361 9.04 -36.21 3.19
CA GLY D 361 9.21 -36.49 4.60
C GLY D 361 7.96 -36.22 5.42
N ARG D 362 7.23 -35.15 5.08
CA ARG D 362 6.14 -34.68 5.92
C ARG D 362 4.76 -34.98 5.36
N PHE D 363 4.44 -34.48 4.16
CA PHE D 363 3.16 -34.76 3.50
C PHE D 363 3.48 -35.40 2.16
N ASP D 364 3.70 -36.71 2.18
CA ASP D 364 4.22 -37.38 0.98
C ASP D 364 3.11 -37.66 -0.03
N ARG D 365 1.93 -38.04 0.45
CA ARG D 365 0.84 -38.44 -0.42
C ARG D 365 -0.22 -37.36 -0.41
N GLU D 366 -0.55 -36.84 -1.60
CA GLU D 366 -1.62 -35.86 -1.76
C GLU D 366 -2.79 -36.52 -2.47
N VAL D 367 -3.96 -36.45 -1.86
CA VAL D 367 -5.17 -37.08 -2.38
C VAL D 367 -6.05 -35.97 -2.94
N ASP D 368 -6.47 -36.13 -4.19
CA ASP D 368 -7.24 -35.13 -4.90
C ASP D 368 -8.72 -35.50 -4.85
N ILE D 369 -9.46 -34.86 -3.96
CA ILE D 369 -10.91 -35.00 -3.92
C ILE D 369 -11.49 -34.00 -4.91
N GLY D 370 -12.08 -34.51 -5.99
CA GLY D 370 -12.46 -33.66 -7.10
C GLY D 370 -13.96 -33.68 -7.34
N ILE D 371 -14.37 -32.94 -8.36
CA ILE D 371 -15.79 -32.85 -8.71
C ILE D 371 -16.27 -34.22 -9.18
N PRO D 372 -17.34 -34.77 -8.61
CA PRO D 372 -17.84 -36.06 -9.09
C PRO D 372 -18.44 -35.94 -10.48
N ASP D 373 -18.31 -37.01 -11.26
CA ASP D 373 -18.97 -37.11 -12.55
C ASP D 373 -20.39 -37.65 -12.37
N ALA D 374 -21.08 -37.89 -13.49
CA ALA D 374 -22.50 -38.18 -13.43
C ALA D 374 -22.79 -39.44 -12.59
N THR D 375 -22.04 -40.51 -12.83
CA THR D 375 -22.24 -41.71 -12.03
C THR D 375 -21.88 -41.48 -10.58
N GLY D 376 -20.86 -40.65 -10.32
CA GLY D 376 -20.50 -40.34 -8.95
C GLY D 376 -21.61 -39.64 -8.20
N ARG D 377 -22.24 -38.64 -8.81
CA ARG D 377 -23.32 -37.94 -8.12
C ARG D 377 -24.58 -38.79 -8.07
N LEU D 378 -24.74 -39.73 -9.01
CA LEU D 378 -25.80 -40.73 -8.85
C LEU D 378 -25.58 -41.57 -7.59
N GLU D 379 -24.33 -42.00 -7.38
CA GLU D 379 -24.03 -42.78 -6.18
C GLU D 379 -24.23 -41.95 -4.92
N ILE D 380 -23.83 -40.69 -4.94
CA ILE D 380 -24.03 -39.81 -3.79
C ILE D 380 -25.51 -39.67 -3.50
N LEU D 381 -26.32 -39.50 -4.55
CA LEU D 381 -27.77 -39.39 -4.34
C LEU D 381 -28.34 -40.66 -3.74
N GLN D 382 -27.88 -41.83 -4.21
CA GLN D 382 -28.39 -43.07 -3.62
C GLN D 382 -28.03 -43.16 -2.15
N ILE D 383 -26.79 -42.84 -1.79
CA ILE D 383 -26.37 -42.92 -0.39
C ILE D 383 -27.17 -41.95 0.46
N HIS D 384 -27.36 -40.72 -0.01
CA HIS D 384 -28.12 -39.75 0.76
C HIS D 384 -29.58 -40.15 0.90
N THR D 385 -30.19 -40.66 -0.16
CA THR D 385 -31.61 -40.94 -0.18
C THR D 385 -31.98 -42.29 0.40
N LYS D 386 -31.00 -43.12 0.76
CA LYS D 386 -31.33 -44.38 1.42
C LYS D 386 -32.10 -44.14 2.71
N ASN D 387 -31.72 -43.12 3.48
CA ASN D 387 -32.34 -42.89 4.78
C ASN D 387 -33.73 -42.26 4.65
N MET D 388 -33.88 -41.28 3.77
CA MET D 388 -35.12 -40.51 3.73
C MET D 388 -36.26 -41.34 3.16
N LYS D 389 -37.48 -40.98 3.51
CA LYS D 389 -38.65 -41.62 2.92
C LYS D 389 -38.86 -41.13 1.49
N LEU D 390 -39.16 -42.05 0.58
CA LEU D 390 -39.33 -41.73 -0.83
C LEU D 390 -40.59 -42.38 -1.37
N ALA D 391 -41.17 -41.76 -2.39
CA ALA D 391 -42.30 -42.36 -3.09
C ALA D 391 -41.81 -43.44 -4.05
N ASP D 392 -42.74 -43.98 -4.83
CA ASP D 392 -42.40 -45.05 -5.77
C ASP D 392 -41.96 -44.47 -7.11
N ASP D 393 -42.48 -43.29 -7.47
CA ASP D 393 -42.21 -42.76 -8.80
C ASP D 393 -40.88 -42.02 -8.85
N VAL D 394 -40.19 -41.91 -7.72
CA VAL D 394 -38.90 -41.23 -7.70
C VAL D 394 -37.90 -42.00 -8.54
N ASP D 395 -37.09 -41.28 -9.30
CA ASP D 395 -36.10 -41.86 -10.21
C ASP D 395 -34.83 -41.04 -10.10
N LEU D 396 -33.83 -41.57 -9.39
CA LEU D 396 -32.66 -40.77 -9.08
C LEU D 396 -31.72 -40.64 -10.28
N GLU D 397 -31.92 -41.46 -11.31
CA GLU D 397 -31.06 -41.35 -12.49
C GLU D 397 -31.29 -40.03 -13.21
N GLN D 398 -32.56 -39.63 -13.38
CA GLN D 398 -32.84 -38.35 -14.01
C GLN D 398 -32.32 -37.20 -13.18
N VAL D 399 -32.50 -37.27 -11.86
CA VAL D 399 -32.03 -36.20 -10.98
C VAL D 399 -30.51 -36.10 -11.04
N ALA D 400 -29.83 -37.24 -11.11
CA ALA D 400 -28.37 -37.22 -11.25
C ALA D 400 -27.95 -36.61 -12.57
N ASN D 401 -28.66 -36.93 -13.65
CA ASN D 401 -28.33 -36.34 -14.95
C ASN D 401 -28.54 -34.83 -14.96
N GLU D 402 -29.60 -34.35 -14.30
CA GLU D 402 -29.89 -32.92 -14.33
C GLU D 402 -28.85 -32.11 -13.58
N THR D 403 -28.38 -32.61 -12.42
CA THR D 403 -27.46 -31.88 -11.57
C THR D 403 -26.08 -31.85 -12.23
N HIS D 404 -25.83 -30.78 -12.98
CA HIS D 404 -24.67 -30.75 -13.86
C HIS D 404 -23.36 -30.52 -13.11
N GLY D 405 -23.22 -29.36 -12.46
CA GLY D 405 -21.98 -29.01 -11.81
C GLY D 405 -21.94 -29.24 -10.32
N HIS D 406 -22.94 -29.91 -9.75
CA HIS D 406 -23.04 -30.04 -8.31
C HIS D 406 -21.92 -30.90 -7.75
N VAL D 407 -21.55 -30.63 -6.50
CA VAL D 407 -20.32 -31.17 -5.93
C VAL D 407 -20.56 -32.28 -4.92
N GLY D 408 -21.72 -32.30 -4.27
CA GLY D 408 -22.02 -33.26 -3.23
C GLY D 408 -22.60 -32.62 -1.98
N ALA D 409 -22.11 -31.45 -1.60
CA ALA D 409 -22.86 -30.62 -0.66
C ALA D 409 -24.09 -30.06 -1.32
N ASP D 410 -23.99 -29.71 -2.60
CA ASP D 410 -25.13 -29.18 -3.33
C ASP D 410 -26.21 -30.23 -3.49
N LEU D 411 -25.83 -31.49 -3.63
CA LEU D 411 -26.82 -32.57 -3.68
C LEU D 411 -27.57 -32.68 -2.36
N ALA D 412 -26.85 -32.55 -1.25
CA ALA D 412 -27.52 -32.53 0.06
C ALA D 412 -28.47 -31.34 0.16
N ALA D 413 -28.06 -30.18 -0.36
CA ALA D 413 -28.96 -29.04 -0.38
C ALA D 413 -30.21 -29.34 -1.20
N LEU D 414 -30.04 -30.01 -2.33
CA LEU D 414 -31.18 -30.39 -3.16
C LEU D 414 -32.13 -31.31 -2.40
N CYS D 415 -31.59 -32.30 -1.69
CA CYS D 415 -32.43 -33.19 -0.90
C CYS D 415 -33.18 -32.43 0.19
N SER D 416 -32.49 -31.51 0.88
CA SER D 416 -33.15 -30.75 1.94
C SER D 416 -34.24 -29.86 1.38
N GLU D 417 -33.99 -29.21 0.24
CA GLU D 417 -35.00 -28.37 -0.37
C GLU D 417 -36.21 -29.18 -0.80
N ALA D 418 -35.98 -30.36 -1.36
CA ALA D 418 -37.10 -31.20 -1.77
C ALA D 418 -37.92 -31.64 -0.57
N ALA D 419 -37.26 -32.01 0.53
CA ALA D 419 -38.00 -32.38 1.73
C ALA D 419 -38.81 -31.20 2.25
N LEU D 420 -38.23 -30.00 2.22
CA LEU D 420 -38.96 -28.83 2.67
C LEU D 420 -40.18 -28.56 1.80
N GLN D 421 -40.05 -28.77 0.49
CA GLN D 421 -41.21 -28.63 -0.39
C GLN D 421 -42.28 -29.65 -0.08
N ALA D 422 -41.86 -30.90 0.18
CA ALA D 422 -42.82 -31.94 0.52
C ALA D 422 -43.59 -31.59 1.78
N ILE D 423 -42.90 -31.03 2.77
CA ILE D 423 -43.57 -30.60 4.00
C ILE D 423 -44.46 -29.39 3.74
N ARG D 424 -44.05 -28.52 2.80
CA ARG D 424 -44.91 -27.40 2.43
C ARG D 424 -46.23 -27.89 1.86
N LYS D 425 -46.20 -28.99 1.10
CA LYS D 425 -47.44 -29.46 0.47
C LYS D 425 -48.49 -29.84 1.51
N LYS D 426 -48.07 -30.40 2.64
CA LYS D 426 -48.98 -30.82 3.69
C LYS D 426 -49.29 -29.72 4.70
N MET D 427 -49.19 -28.45 4.31
CA MET D 427 -49.33 -27.37 5.28
C MET D 427 -50.78 -27.12 5.65
N ASP D 428 -51.73 -27.42 4.74
CA ASP D 428 -53.12 -27.14 5.06
C ASP D 428 -53.64 -28.08 6.14
N LEU D 429 -53.18 -29.34 6.14
CA LEU D 429 -53.55 -30.25 7.22
C LEU D 429 -52.86 -29.86 8.52
N ILE D 430 -51.58 -29.49 8.45
CA ILE D 430 -50.81 -29.15 9.65
C ILE D 430 -51.21 -27.77 10.15
N ASP D 431 -51.11 -27.57 11.45
CA ASP D 431 -51.29 -26.27 12.06
C ASP D 431 -50.01 -25.91 12.81
N LEU D 432 -49.45 -24.74 12.48
CA LEU D 432 -48.20 -24.33 13.11
C LEU D 432 -48.39 -24.10 14.61
N GLU D 433 -49.51 -23.50 15.00
CA GLU D 433 -49.75 -23.20 16.42
C GLU D 433 -49.97 -24.47 17.23
N ASP D 434 -50.46 -25.53 16.60
CA ASP D 434 -50.75 -26.77 17.32
C ASP D 434 -49.47 -27.35 17.91
N GLU D 435 -49.60 -27.96 19.09
CA GLU D 435 -48.44 -28.54 19.76
C GLU D 435 -47.97 -29.81 19.05
N THR D 436 -48.90 -30.58 18.51
CA THR D 436 -48.59 -31.86 17.90
C THR D 436 -49.35 -32.01 16.59
N ILE D 437 -48.86 -32.90 15.73
CA ILE D 437 -49.44 -33.14 14.42
C ILE D 437 -50.05 -34.53 14.41
N ASP D 438 -51.12 -34.70 13.62
CA ASP D 438 -51.79 -35.98 13.54
C ASP D 438 -50.87 -37.03 12.92
N ALA D 439 -50.93 -38.24 13.47
CA ALA D 439 -50.02 -39.30 13.03
C ALA D 439 -50.28 -39.68 11.58
N GLU D 440 -51.54 -39.57 11.14
CA GLU D 440 -51.86 -39.85 9.74
C GLU D 440 -51.08 -38.93 8.81
N VAL D 441 -50.88 -37.67 9.23
CA VAL D 441 -50.13 -36.73 8.41
C VAL D 441 -48.70 -37.19 8.23
N MET D 442 -48.03 -37.56 9.33
CA MET D 442 -46.64 -38.00 9.22
C MET D 442 -46.53 -39.30 8.44
N ASN D 443 -47.51 -40.19 8.58
CA ASN D 443 -47.51 -41.40 7.77
C ASN D 443 -47.65 -41.08 6.28
N SER D 444 -48.53 -40.13 5.96
CA SER D 444 -48.75 -39.78 4.55
C SER D 444 -47.60 -38.95 4.00
N LEU D 445 -46.90 -38.21 4.85
CA LEU D 445 -45.87 -37.29 4.42
C LEU D 445 -44.66 -38.04 3.87
N ALA D 446 -44.27 -37.72 2.63
CA ALA D 446 -43.13 -38.38 2.00
C ALA D 446 -42.65 -37.53 0.83
N VAL D 447 -41.43 -37.81 0.38
CA VAL D 447 -40.83 -37.09 -0.75
C VAL D 447 -41.30 -37.72 -2.05
N THR D 448 -41.57 -36.88 -3.05
CA THR D 448 -42.05 -37.33 -4.35
C THR D 448 -41.19 -36.73 -5.45
N MET D 449 -41.42 -37.20 -6.69
CA MET D 449 -40.64 -36.72 -7.83
C MET D 449 -40.90 -35.25 -8.11
N ASP D 450 -42.12 -34.78 -7.86
CA ASP D 450 -42.41 -33.35 -8.02
C ASP D 450 -41.50 -32.51 -7.14
N ASP D 451 -41.21 -32.99 -5.93
CA ASP D 451 -40.31 -32.26 -5.03
C ASP D 451 -38.92 -32.16 -5.64
N PHE D 452 -38.40 -33.25 -6.19
CA PHE D 452 -37.08 -33.19 -6.80
C PHE D 452 -37.07 -32.28 -8.01
N ARG D 453 -38.14 -32.29 -8.80
CA ARG D 453 -38.20 -31.40 -9.97
C ARG D 453 -38.19 -29.94 -9.54
N TRP D 454 -38.98 -29.59 -8.52
CA TRP D 454 -39.00 -28.21 -8.05
C TRP D 454 -37.66 -27.81 -7.45
N ALA D 455 -37.06 -28.69 -6.65
CA ALA D 455 -35.76 -28.38 -6.07
C ALA D 455 -34.70 -28.21 -7.15
N LEU D 456 -34.77 -29.02 -8.20
CA LEU D 456 -33.86 -28.86 -9.33
C LEU D 456 -34.04 -27.51 -9.99
N SER D 457 -35.30 -27.08 -10.14
CA SER D 457 -35.54 -25.73 -10.67
C SER D 457 -34.92 -24.68 -9.76
N GLN D 458 -34.98 -24.87 -8.44
CA GLN D 458 -34.40 -23.90 -7.52
C GLN D 458 -32.89 -24.07 -7.40
N SER D 459 -32.37 -25.25 -7.66
CA SER D 459 -30.98 -25.56 -7.37
C SER D 459 -30.02 -24.78 -8.25
N ASN D 460 -28.93 -24.30 -7.63
CA ASN D 460 -27.80 -23.71 -8.33
C ASN D 460 -26.52 -24.17 -7.67
N PRO D 461 -25.46 -24.40 -8.44
CA PRO D 461 -24.20 -24.84 -7.84
C PRO D 461 -23.66 -23.79 -6.88
N SER D 462 -23.02 -24.27 -5.80
CA SER D 462 -22.46 -23.36 -4.82
C SER D 462 -21.27 -22.60 -5.38
N ALA D 463 -20.57 -23.18 -6.34
CA ALA D 463 -19.40 -22.51 -6.91
C ALA D 463 -19.80 -21.29 -7.72
N LEU D 464 -20.98 -21.33 -8.33
CA LEU D 464 -21.44 -20.27 -9.21
C LEU D 464 -22.35 -19.26 -8.51
N ARG D 465 -22.47 -19.34 -7.18
CA ARG D 465 -23.39 -18.46 -6.47
C ARG D 465 -23.02 -17.00 -6.67
N GLU D 466 -21.74 -16.70 -6.78
CA GLU D 466 -21.31 -15.33 -6.98
C GLU D 466 -21.71 -14.82 -8.36
N THR D 467 -21.60 -15.67 -9.38
CA THR D 467 -21.93 -15.29 -10.76
C THR D 467 -23.33 -15.77 -11.13
N VAL D 468 -24.32 -15.18 -10.47
CA VAL D 468 -25.73 -15.48 -10.75
C VAL D 468 -26.39 -14.20 -11.23
N VAL D 469 -27.02 -14.28 -12.41
CA VAL D 469 -27.71 -13.16 -13.02
C VAL D 469 -29.12 -13.59 -13.38
N GLU D 470 -30.09 -12.73 -13.08
CA GLU D 470 -31.46 -12.99 -13.49
C GLU D 470 -31.60 -12.85 -15.00
N VAL D 471 -32.32 -13.78 -15.62
CA VAL D 471 -32.44 -13.83 -17.07
C VAL D 471 -33.91 -13.64 -17.48
N PRO D 472 -34.18 -13.11 -18.66
CA PRO D 472 -35.56 -12.71 -19.00
C PRO D 472 -36.47 -13.87 -19.39
N GLN D 473 -36.05 -15.13 -19.20
CA GLN D 473 -36.89 -16.29 -19.50
C GLN D 473 -37.29 -16.33 -20.98
N VAL D 474 -36.30 -16.46 -21.87
CA VAL D 474 -36.58 -16.59 -23.29
C VAL D 474 -36.48 -18.06 -23.70
N THR D 475 -37.33 -18.48 -24.62
CA THR D 475 -37.33 -19.84 -25.15
C THR D 475 -36.97 -19.82 -26.62
N TRP D 476 -36.64 -21.00 -27.15
CA TRP D 476 -36.22 -21.09 -28.56
C TRP D 476 -37.33 -20.63 -29.50
N GLU D 477 -38.59 -20.83 -29.12
CA GLU D 477 -39.68 -20.50 -30.01
C GLU D 477 -39.89 -18.99 -30.12
N ASP D 478 -39.36 -18.22 -29.17
CA ASP D 478 -39.49 -16.77 -29.24
C ASP D 478 -38.58 -16.19 -30.32
N ILE D 479 -37.49 -16.87 -30.64
CA ILE D 479 -36.62 -16.40 -31.71
C ILE D 479 -37.16 -16.84 -33.06
N GLY D 480 -37.37 -15.87 -33.95
CA GLY D 480 -37.86 -16.18 -35.27
C GLY D 480 -36.75 -16.17 -36.30
N GLY D 481 -36.73 -17.17 -37.18
CA GLY D 481 -35.63 -17.30 -38.10
C GLY D 481 -34.42 -17.90 -37.42
N LEU D 482 -33.28 -17.81 -38.12
CA LEU D 482 -32.01 -18.33 -37.62
C LEU D 482 -32.12 -19.81 -37.26
N GLU D 483 -32.88 -20.56 -38.06
CA GLU D 483 -33.10 -21.96 -37.75
C GLU D 483 -31.81 -22.75 -37.79
N ASP D 484 -30.97 -22.50 -38.79
CA ASP D 484 -29.69 -23.19 -38.89
C ASP D 484 -28.81 -22.88 -37.68
N VAL D 485 -28.79 -21.61 -37.26
CA VAL D 485 -28.00 -21.23 -36.09
C VAL D 485 -28.54 -21.91 -34.84
N LYS D 486 -29.87 -21.99 -34.71
CA LYS D 486 -30.45 -22.69 -33.56
C LYS D 486 -30.01 -24.13 -33.53
N ARG D 487 -30.07 -24.81 -34.68
CA ARG D 487 -29.70 -26.22 -34.70
C ARG D 487 -28.21 -26.39 -34.40
N GLU D 488 -27.37 -25.50 -34.92
CA GLU D 488 -25.94 -25.58 -34.64
C GLU D 488 -25.67 -25.38 -33.15
N LEU D 489 -26.33 -24.42 -32.52
CA LEU D 489 -26.11 -24.17 -31.09
C LEU D 489 -26.56 -25.35 -30.26
N GLN D 490 -27.74 -25.90 -30.55
CA GLN D 490 -28.23 -27.04 -29.79
C GLN D 490 -27.30 -28.24 -29.97
N GLU D 491 -26.85 -28.50 -31.19
CA GLU D 491 -25.93 -29.61 -31.42
C GLU D 491 -24.63 -29.39 -30.66
N LEU D 492 -24.10 -28.17 -30.69
CA LEU D 492 -22.85 -27.90 -30.00
C LEU D 492 -22.95 -28.14 -28.51
N VAL D 493 -24.06 -27.72 -27.90
CA VAL D 493 -24.16 -27.85 -26.45
C VAL D 493 -24.56 -29.28 -26.07
N GLN D 494 -25.18 -30.02 -27.00
CA GLN D 494 -25.71 -31.33 -26.63
C GLN D 494 -24.72 -32.45 -26.89
N TYR D 495 -24.06 -32.45 -28.05
CA TYR D 495 -23.33 -33.64 -28.49
C TYR D 495 -22.19 -34.03 -27.55
N PRO D 496 -21.28 -33.15 -27.14
CA PRO D 496 -20.20 -33.61 -26.25
C PRO D 496 -20.71 -34.10 -24.90
N VAL D 497 -21.88 -33.64 -24.47
CA VAL D 497 -22.40 -34.05 -23.17
C VAL D 497 -23.20 -35.34 -23.30
N GLU D 498 -24.18 -35.37 -24.21
CA GLU D 498 -25.07 -36.52 -24.31
C GLU D 498 -24.41 -37.70 -25.01
N HIS D 499 -23.54 -37.44 -25.99
CA HIS D 499 -22.96 -38.48 -26.83
C HIS D 499 -21.45 -38.37 -26.87
N PRO D 500 -20.76 -38.74 -25.78
CA PRO D 500 -19.29 -38.76 -25.84
C PRO D 500 -18.76 -39.99 -26.54
N ASP D 501 -19.53 -41.08 -26.51
CA ASP D 501 -19.07 -42.32 -27.12
C ASP D 501 -18.86 -42.16 -28.62
N LYS D 502 -19.69 -41.36 -29.27
CA LYS D 502 -19.51 -41.12 -30.70
C LYS D 502 -18.18 -40.44 -30.98
N PHE D 503 -17.85 -39.41 -30.19
CA PHE D 503 -16.60 -38.70 -30.39
C PHE D 503 -15.41 -39.59 -30.12
N LEU D 504 -15.51 -40.47 -29.10
CA LEU D 504 -14.42 -41.41 -28.85
C LEU D 504 -14.32 -42.44 -29.98
N LYS D 505 -15.45 -42.84 -30.54
CA LYS D 505 -15.44 -43.77 -31.67
C LYS D 505 -14.73 -43.17 -32.87
N PHE D 506 -15.01 -41.90 -33.17
CA PHE D 506 -14.28 -41.21 -34.22
C PHE D 506 -12.98 -40.60 -33.73
N GLY D 507 -12.73 -40.62 -32.42
CA GLY D 507 -11.45 -40.18 -31.89
C GLY D 507 -11.13 -38.73 -32.13
N MET D 508 -12.13 -37.85 -31.99
CA MET D 508 -11.94 -36.42 -32.22
C MET D 508 -12.60 -35.63 -31.12
N THR D 509 -11.94 -34.56 -30.68
CA THR D 509 -12.51 -33.71 -29.65
C THR D 509 -13.53 -32.76 -30.26
N PRO D 510 -14.55 -32.35 -29.50
CA PRO D 510 -15.57 -31.47 -30.05
C PRO D 510 -15.05 -30.04 -30.19
N SER D 511 -15.75 -29.25 -31.01
CA SER D 511 -15.48 -27.82 -31.09
C SER D 511 -16.14 -27.11 -29.90
N LYS D 512 -15.47 -26.08 -29.38
CA LYS D 512 -15.96 -25.40 -28.18
C LYS D 512 -15.95 -23.89 -28.29
N GLY D 513 -16.02 -23.32 -29.49
CA GLY D 513 -16.05 -21.88 -29.61
C GLY D 513 -17.01 -21.38 -30.68
N VAL D 514 -17.79 -20.34 -30.35
CA VAL D 514 -18.69 -19.71 -31.30
C VAL D 514 -18.63 -18.20 -31.09
N LEU D 515 -18.51 -17.45 -32.17
CA LEU D 515 -18.55 -16.00 -32.14
C LEU D 515 -19.71 -15.52 -32.98
N PHE D 516 -20.53 -14.64 -32.40
CA PHE D 516 -21.63 -14.01 -33.12
C PHE D 516 -21.21 -12.61 -33.51
N TYR D 517 -21.29 -12.29 -34.80
CA TYR D 517 -21.01 -10.94 -35.27
C TYR D 517 -22.08 -10.54 -36.29
N GLY D 518 -22.58 -9.32 -36.17
CA GLY D 518 -23.60 -8.84 -37.06
C GLY D 518 -24.05 -7.44 -36.72
N PRO D 519 -24.97 -6.90 -37.52
CA PRO D 519 -25.49 -5.57 -37.23
C PRO D 519 -26.27 -5.58 -35.94
N PRO D 520 -26.36 -4.43 -35.26
CA PRO D 520 -27.12 -4.38 -34.00
C PRO D 520 -28.58 -4.72 -34.21
N GLY D 521 -29.15 -5.45 -33.26
CA GLY D 521 -30.54 -5.83 -33.31
C GLY D 521 -30.87 -7.06 -34.12
N CYS D 522 -29.92 -7.96 -34.31
CA CYS D 522 -30.14 -9.11 -35.16
C CYS D 522 -30.46 -10.39 -34.40
N GLY D 523 -30.12 -10.48 -33.12
CA GLY D 523 -30.44 -11.65 -32.33
C GLY D 523 -29.30 -12.40 -31.69
N LYS D 524 -28.20 -11.73 -31.34
CA LYS D 524 -27.10 -12.41 -30.67
C LYS D 524 -27.39 -12.61 -29.19
N THR D 525 -27.65 -11.52 -28.46
CA THR D 525 -27.98 -11.65 -27.05
C THR D 525 -29.26 -12.45 -26.84
N LEU D 526 -30.16 -12.44 -27.83
CA LEU D 526 -31.35 -13.27 -27.74
C LEU D 526 -31.00 -14.75 -27.76
N LEU D 527 -30.08 -15.15 -28.65
CA LEU D 527 -29.62 -16.54 -28.65
C LEU D 527 -28.93 -16.87 -27.34
N ALA D 528 -28.17 -15.93 -26.78
CA ALA D 528 -27.53 -16.18 -25.50
C ALA D 528 -28.57 -16.40 -24.40
N LYS D 529 -29.63 -15.59 -24.38
CA LYS D 529 -30.68 -15.77 -23.39
C LYS D 529 -31.37 -17.12 -23.57
N ALA D 530 -31.61 -17.52 -24.82
CA ALA D 530 -32.25 -18.81 -25.08
C ALA D 530 -31.39 -19.94 -24.56
N ILE D 531 -30.07 -19.87 -24.80
CA ILE D 531 -29.17 -20.90 -24.31
C ILE D 531 -29.15 -20.92 -22.78
N ALA D 532 -29.13 -19.75 -22.16
CA ALA D 532 -29.09 -19.69 -20.71
C ALA D 532 -30.34 -20.30 -20.09
N ASN D 533 -31.51 -20.02 -20.67
CA ASN D 533 -32.75 -20.53 -20.10
C ASN D 533 -32.93 -22.02 -20.39
N GLU D 534 -32.64 -22.45 -21.61
CA GLU D 534 -33.01 -23.80 -22.04
C GLU D 534 -31.91 -24.82 -21.86
N CYS D 535 -30.73 -24.58 -22.42
CA CYS D 535 -29.74 -25.64 -22.58
C CYS D 535 -29.32 -26.22 -21.24
N GLN D 536 -28.92 -27.48 -21.26
CA GLN D 536 -28.56 -28.22 -20.05
C GLN D 536 -27.04 -28.12 -19.84
N ALA D 537 -26.62 -26.91 -19.47
CA ALA D 537 -25.27 -26.65 -19.02
C ALA D 537 -25.28 -25.34 -18.26
N ASN D 538 -24.42 -25.26 -17.24
CA ASN D 538 -24.37 -24.06 -16.42
C ASN D 538 -23.98 -22.85 -17.27
N PHE D 539 -24.54 -21.70 -16.94
CA PHE D 539 -24.34 -20.48 -17.72
C PHE D 539 -23.64 -19.44 -16.87
N ILE D 540 -22.53 -18.90 -17.37
CA ILE D 540 -21.82 -17.80 -16.76
C ILE D 540 -21.84 -16.63 -17.73
N SER D 541 -22.39 -15.52 -17.29
CA SER D 541 -22.52 -14.33 -18.12
C SER D 541 -21.50 -13.31 -17.67
N ILE D 542 -20.69 -12.82 -18.60
CA ILE D 542 -19.66 -11.83 -18.31
C ILE D 542 -19.91 -10.62 -19.18
N LYS D 543 -20.13 -9.47 -18.54
CA LYS D 543 -20.16 -8.21 -19.26
C LYS D 543 -18.76 -7.89 -19.77
N GLY D 544 -18.67 -6.89 -20.64
CA GLY D 544 -17.41 -6.60 -21.28
C GLY D 544 -16.30 -6.22 -20.32
N PRO D 545 -16.38 -5.03 -19.74
CA PRO D 545 -15.28 -4.51 -18.93
C PRO D 545 -15.36 -4.79 -17.43
N GLU D 546 -16.23 -5.70 -16.97
CA GLU D 546 -16.37 -5.88 -15.54
C GLU D 546 -15.18 -6.62 -14.94
N LEU D 547 -14.36 -7.25 -15.79
CA LEU D 547 -13.21 -7.98 -15.30
C LEU D 547 -12.07 -7.03 -14.93
N LEU D 548 -11.99 -5.89 -15.61
CA LEU D 548 -10.87 -4.98 -15.44
C LEU D 548 -10.92 -4.30 -14.08
N THR D 549 -9.74 -3.99 -13.54
CA THR D 549 -9.62 -3.41 -12.21
C THR D 549 -8.43 -2.46 -12.18
N MET D 550 -8.52 -1.46 -11.31
CA MET D 550 -7.45 -0.47 -11.14
C MET D 550 -6.10 -1.13 -10.90
N TRP D 551 -6.03 -2.05 -9.95
CA TRP D 551 -4.76 -2.51 -9.42
C TRP D 551 -3.99 -3.33 -10.46
N PHE D 552 -2.67 -3.33 -10.30
CA PHE D 552 -1.79 -3.98 -11.26
C PHE D 552 -1.83 -5.48 -11.05
N GLY D 553 -2.17 -6.23 -12.10
CA GLY D 553 -2.22 -7.66 -12.01
C GLY D 553 -3.52 -8.24 -11.48
N GLU D 554 -4.48 -7.40 -11.10
CA GLU D 554 -5.76 -7.92 -10.62
C GLU D 554 -6.66 -8.37 -11.77
N SER D 555 -6.56 -7.70 -12.92
CA SER D 555 -7.43 -8.03 -14.04
C SER D 555 -7.19 -9.45 -14.54
N GLU D 556 -5.92 -9.82 -14.68
CA GLU D 556 -5.61 -11.19 -15.08
C GLU D 556 -6.05 -12.18 -14.03
N ALA D 557 -5.98 -11.79 -12.76
CA ALA D 557 -6.46 -12.66 -11.69
C ALA D 557 -7.94 -12.91 -11.83
N ASN D 558 -8.72 -11.86 -12.17
CA ASN D 558 -10.15 -12.05 -12.38
C ASN D 558 -10.42 -12.95 -13.58
N VAL D 559 -9.67 -12.77 -14.67
CA VAL D 559 -9.87 -13.62 -15.84
C VAL D 559 -9.59 -15.07 -15.50
N ARG D 560 -8.47 -15.31 -14.81
CA ARG D 560 -8.13 -16.66 -14.42
C ARG D 560 -9.19 -17.26 -13.49
N GLU D 561 -9.69 -16.45 -12.56
CA GLU D 561 -10.69 -16.94 -11.61
C GLU D 561 -11.98 -17.32 -12.31
N ILE D 562 -12.42 -16.51 -13.28
CA ILE D 562 -13.68 -16.81 -13.95
C ILE D 562 -13.53 -18.04 -14.84
N PHE D 563 -12.37 -18.20 -15.49
CA PHE D 563 -12.17 -19.41 -16.28
C PHE D 563 -12.08 -20.64 -15.39
N ASP D 564 -11.49 -20.49 -14.20
CA ASP D 564 -11.45 -21.60 -13.26
C ASP D 564 -12.85 -21.98 -12.77
N LYS D 565 -13.69 -20.97 -12.51
CA LYS D 565 -15.08 -21.25 -12.14
C LYS D 565 -15.80 -21.98 -13.27
N ALA D 566 -15.55 -21.58 -14.51
CA ALA D 566 -16.14 -22.30 -15.64
C ALA D 566 -15.67 -23.74 -15.68
N ARG D 567 -14.39 -23.98 -15.41
CA ARG D 567 -13.87 -25.35 -15.47
C ARG D 567 -14.42 -26.20 -14.32
N GLN D 568 -14.62 -25.61 -13.14
CA GLN D 568 -15.16 -26.39 -12.03
C GLN D 568 -16.58 -26.88 -12.33
N ALA D 569 -17.40 -26.02 -12.92
CA ALA D 569 -18.81 -26.35 -13.17
C ALA D 569 -19.04 -26.96 -14.54
N ALA D 570 -18.04 -27.61 -15.11
CA ALA D 570 -18.22 -28.22 -16.42
C ALA D 570 -19.29 -29.32 -16.34
N PRO D 571 -20.16 -29.44 -17.35
CA PRO D 571 -20.18 -28.59 -18.55
C PRO D 571 -20.76 -27.21 -18.27
N CYS D 572 -20.15 -26.18 -18.84
CA CYS D 572 -20.55 -24.81 -18.59
C CYS D 572 -20.40 -24.01 -19.87
N VAL D 573 -21.14 -22.90 -19.94
CA VAL D 573 -21.09 -21.99 -21.08
C VAL D 573 -20.59 -20.65 -20.58
N LEU D 574 -19.59 -20.11 -21.25
CA LEU D 574 -19.03 -18.81 -20.91
C LEU D 574 -19.39 -17.84 -22.03
N PHE D 575 -20.17 -16.82 -21.71
CA PHE D 575 -20.67 -15.87 -22.69
C PHE D 575 -20.11 -14.48 -22.42
N PHE D 576 -19.48 -13.90 -23.42
CA PHE D 576 -18.99 -12.53 -23.37
C PHE D 576 -19.91 -11.66 -24.22
N ASP D 577 -20.68 -10.79 -23.56
CA ASP D 577 -21.67 -10.01 -24.29
C ASP D 577 -21.02 -9.05 -25.27
N GLN D 578 -19.94 -8.39 -24.85
CA GLN D 578 -19.21 -7.46 -25.72
C GLN D 578 -17.75 -7.92 -25.74
N LEU D 579 -17.43 -8.82 -26.67
CA LEU D 579 -16.08 -9.36 -26.74
C LEU D 579 -15.07 -8.30 -27.14
N ASP D 580 -15.45 -7.38 -28.02
CA ASP D 580 -14.49 -6.42 -28.54
C ASP D 580 -13.95 -5.50 -27.45
N SER D 581 -14.67 -5.38 -26.34
CA SER D 581 -14.19 -4.54 -25.24
C SER D 581 -13.02 -5.20 -24.52
N ILE D 582 -13.13 -6.49 -24.24
CA ILE D 582 -12.14 -7.15 -23.39
C ILE D 582 -10.97 -7.67 -24.21
N ALA D 583 -11.21 -8.03 -25.47
CA ALA D 583 -10.17 -8.58 -26.34
C ALA D 583 -10.10 -7.74 -27.61
N LYS D 584 -8.99 -7.03 -27.78
CA LYS D 584 -8.80 -6.14 -28.91
C LYS D 584 -7.38 -6.37 -29.44
N ALA D 585 -7.11 -5.85 -30.63
CA ALA D 585 -5.79 -6.01 -31.23
C ALA D 585 -4.71 -5.46 -30.31
N ARG D 586 -3.67 -6.25 -30.08
CA ARG D 586 -2.63 -5.86 -29.14
C ARG D 586 -1.75 -4.75 -29.69
N GLY D 587 -1.16 -3.99 -28.78
CA GLY D 587 -0.21 -2.95 -29.15
C GLY D 587 -0.82 -1.65 -29.60
N GLY D 588 -2.14 -1.54 -29.63
CA GLY D 588 -2.81 -0.33 -30.06
C GLY D 588 -3.15 0.66 -28.97
N ASN D 589 -2.65 0.46 -27.76
CA ASN D 589 -2.97 1.29 -26.61
C ASN D 589 -1.78 2.20 -26.30
N ILE D 590 -2.01 3.51 -26.40
CA ILE D 590 -1.00 4.47 -25.96
C ILE D 590 -0.88 4.45 -24.44
N GLY D 591 -2.01 4.31 -23.74
CA GLY D 591 -2.00 4.22 -22.30
C GLY D 591 -2.37 2.85 -21.77
N ASP D 592 -3.62 2.70 -21.31
CA ASP D 592 -4.13 1.43 -20.80
C ASP D 592 -3.27 0.89 -19.66
N GLY D 593 -2.76 1.80 -18.83
CA GLY D 593 -1.89 1.38 -17.76
C GLY D 593 -0.59 0.85 -18.30
N GLY D 594 0.00 -0.08 -17.54
CA GLY D 594 1.18 -0.77 -17.98
C GLY D 594 0.84 -1.92 -18.91
N GLY D 595 0.22 -1.61 -20.03
CA GLY D 595 -0.24 -2.65 -20.94
C GLY D 595 -1.23 -3.59 -20.33
N ALA D 596 -2.14 -3.08 -19.48
CA ALA D 596 -3.07 -3.96 -18.79
C ALA D 596 -4.01 -4.64 -19.77
N ALA D 597 -4.46 -3.93 -20.80
CA ALA D 597 -5.33 -4.55 -21.79
C ALA D 597 -4.63 -5.68 -22.52
N ASP D 598 -3.37 -5.46 -22.91
CA ASP D 598 -2.62 -6.51 -23.60
C ASP D 598 -2.36 -7.71 -22.71
N ARG D 599 -2.07 -7.46 -21.43
CA ARG D 599 -1.87 -8.58 -20.52
C ARG D 599 -3.16 -9.36 -20.31
N VAL D 600 -4.30 -8.67 -20.26
CA VAL D 600 -5.58 -9.35 -20.14
C VAL D 600 -5.82 -10.21 -21.38
N ILE D 601 -5.53 -9.67 -22.57
CA ILE D 601 -5.73 -10.44 -23.79
C ILE D 601 -4.84 -11.68 -23.79
N ASN D 602 -3.58 -11.53 -23.37
CA ASN D 602 -2.69 -12.67 -23.31
C ASN D 602 -3.20 -13.72 -22.33
N GLN D 603 -3.72 -13.28 -21.18
CA GLN D 603 -4.27 -14.23 -20.21
C GLN D 603 -5.44 -14.99 -20.81
N ILE D 604 -6.34 -14.29 -21.51
CA ILE D 604 -7.46 -14.97 -22.16
C ILE D 604 -6.97 -15.97 -23.18
N LEU D 605 -5.98 -15.58 -24.00
CA LEU D 605 -5.43 -16.47 -25.00
C LEU D 605 -4.87 -17.73 -24.37
N THR D 606 -4.12 -17.58 -23.28
CA THR D 606 -3.53 -18.75 -22.65
C THR D 606 -4.58 -19.60 -21.97
N GLU D 607 -5.68 -18.98 -21.52
CA GLU D 607 -6.73 -19.75 -20.86
C GLU D 607 -7.50 -20.62 -21.86
N MET D 608 -7.89 -20.04 -22.99
CA MET D 608 -8.68 -20.82 -23.95
C MET D 608 -7.89 -21.98 -24.52
N ASP D 609 -6.71 -21.71 -25.07
CA ASP D 609 -5.89 -22.73 -25.73
C ASP D 609 -4.50 -22.71 -25.11
N GLY D 610 -4.25 -23.64 -24.20
CA GLY D 610 -2.98 -23.67 -23.50
C GLY D 610 -2.59 -25.10 -23.21
N MET D 611 -1.48 -25.24 -22.48
CA MET D 611 -0.97 -26.58 -22.19
C MET D 611 -1.87 -27.34 -21.22
N SER D 612 -2.76 -26.65 -20.51
CA SER D 612 -3.71 -27.34 -19.65
C SER D 612 -4.65 -28.20 -20.49
N THR D 613 -4.95 -29.39 -19.98
CA THR D 613 -5.82 -30.30 -20.72
C THR D 613 -7.19 -29.68 -20.92
N LYS D 614 -7.74 -29.87 -22.11
CA LYS D 614 -9.01 -29.25 -22.46
C LYS D 614 -10.16 -29.90 -21.69
N LYS D 615 -11.01 -29.05 -21.12
CA LYS D 615 -12.18 -29.49 -20.39
C LYS D 615 -13.43 -29.00 -21.10
N ASN D 616 -14.58 -29.41 -20.60
CA ASN D 616 -15.86 -29.22 -21.29
C ASN D 616 -16.44 -27.85 -20.94
N VAL D 617 -15.78 -26.82 -21.47
CA VAL D 617 -16.20 -25.43 -21.30
C VAL D 617 -16.32 -24.79 -22.67
N PHE D 618 -17.50 -24.28 -22.99
CA PHE D 618 -17.76 -23.66 -24.28
C PHE D 618 -17.77 -22.15 -24.11
N ILE D 619 -16.98 -21.45 -24.92
CA ILE D 619 -16.88 -20.00 -24.89
C ILE D 619 -17.67 -19.45 -26.06
N ILE D 620 -18.60 -18.53 -25.77
CA ILE D 620 -19.43 -17.90 -26.77
C ILE D 620 -19.24 -16.40 -26.67
N GLY D 621 -19.08 -15.74 -27.81
CA GLY D 621 -18.88 -14.30 -27.82
C GLY D 621 -19.78 -13.61 -28.81
N ALA D 622 -20.18 -12.40 -28.46
CA ALA D 622 -21.00 -11.54 -29.32
C ALA D 622 -20.29 -10.21 -29.47
N THR D 623 -20.20 -9.73 -30.71
CA THR D 623 -19.45 -8.52 -31.01
C THR D 623 -20.13 -7.72 -32.11
N ASN D 624 -20.04 -6.40 -32.02
CA ASN D 624 -20.60 -5.55 -33.06
C ASN D 624 -19.55 -5.24 -34.12
N ARG D 625 -18.30 -5.10 -33.73
CA ARG D 625 -17.22 -4.86 -34.69
C ARG D 625 -16.22 -5.99 -34.61
N PRO D 626 -16.34 -7.03 -35.43
CA PRO D 626 -15.41 -8.16 -35.31
C PRO D 626 -14.03 -7.87 -35.88
N ASP D 627 -13.87 -6.76 -36.60
CA ASP D 627 -12.58 -6.44 -37.20
C ASP D 627 -11.55 -6.09 -36.14
N ILE D 628 -11.95 -5.33 -35.11
CA ILE D 628 -10.99 -4.85 -34.12
C ILE D 628 -10.57 -5.98 -33.18
N ILE D 629 -11.23 -7.13 -33.24
CA ILE D 629 -10.89 -8.23 -32.36
C ILE D 629 -9.54 -8.81 -32.75
N ASP D 630 -8.74 -9.15 -31.74
CA ASP D 630 -7.39 -9.62 -31.98
C ASP D 630 -7.41 -10.90 -32.81
N PRO D 631 -6.53 -11.02 -33.81
CA PRO D 631 -6.56 -12.21 -34.67
C PRO D 631 -6.30 -13.50 -33.94
N ALA D 632 -5.53 -13.47 -32.85
CA ALA D 632 -5.20 -14.70 -32.14
C ALA D 632 -6.44 -15.32 -31.49
N ILE D 633 -7.43 -14.50 -31.15
CA ILE D 633 -8.67 -15.01 -30.59
C ILE D 633 -9.41 -15.85 -31.62
N LEU D 634 -9.45 -15.38 -32.87
CA LEU D 634 -10.31 -16.01 -33.86
C LEU D 634 -9.70 -17.28 -34.44
N ARG D 635 -8.46 -17.58 -34.08
CA ARG D 635 -7.80 -18.79 -34.56
C ARG D 635 -8.53 -20.02 -34.02
N PRO D 636 -8.81 -21.02 -34.86
CA PRO D 636 -9.56 -22.19 -34.39
C PRO D 636 -8.88 -22.88 -33.21
N GLY D 637 -9.70 -23.41 -32.32
CA GLY D 637 -9.28 -23.77 -30.99
C GLY D 637 -9.61 -22.72 -29.95
N ARG D 638 -9.73 -21.46 -30.37
CA ARG D 638 -10.34 -20.40 -29.58
C ARG D 638 -11.39 -19.77 -30.49
N LEU D 639 -12.64 -19.71 -30.04
CA LEU D 639 -13.72 -19.22 -30.88
C LEU D 639 -13.71 -19.97 -32.21
N ASP D 640 -13.96 -21.28 -32.13
CA ASP D 640 -13.68 -22.18 -33.24
C ASP D 640 -14.50 -21.81 -34.48
N GLN D 641 -15.76 -21.45 -34.30
CA GLN D 641 -16.69 -21.22 -35.39
C GLN D 641 -17.19 -19.78 -35.35
N LEU D 642 -17.18 -19.11 -36.49
CA LEU D 642 -17.72 -17.76 -36.62
C LEU D 642 -19.07 -17.85 -37.30
N ILE D 643 -20.10 -17.35 -36.63
CA ILE D 643 -21.47 -17.35 -37.14
C ILE D 643 -21.89 -15.91 -37.40
N TYR D 644 -22.39 -15.66 -38.61
CA TYR D 644 -22.83 -14.34 -39.00
C TYR D 644 -24.34 -14.24 -38.90
N ILE D 645 -24.82 -13.34 -38.06
CA ILE D 645 -26.25 -13.11 -37.88
C ILE D 645 -26.66 -11.96 -38.81
N PRO D 646 -27.36 -12.23 -39.90
CA PRO D 646 -27.66 -11.18 -40.86
C PRO D 646 -28.97 -10.47 -40.53
N LEU D 647 -29.26 -9.45 -41.32
CA LEU D 647 -30.57 -8.83 -41.26
C LEU D 647 -31.62 -9.81 -41.76
N PRO D 648 -32.79 -9.87 -41.13
CA PRO D 648 -33.76 -10.90 -41.47
C PRO D 648 -34.28 -10.75 -42.90
N ASP D 649 -34.64 -11.89 -43.50
CA ASP D 649 -35.29 -11.91 -44.79
C ASP D 649 -36.80 -11.74 -44.62
N GLU D 650 -37.52 -11.78 -45.74
CA GLU D 650 -38.97 -11.61 -45.66
C GLU D 650 -39.62 -12.75 -44.88
N LYS D 651 -39.20 -13.99 -45.12
CA LYS D 651 -39.73 -15.11 -44.34
C LYS D 651 -39.31 -15.00 -42.87
N SER D 652 -38.06 -14.62 -42.64
CA SER D 652 -37.61 -14.42 -41.26
C SER D 652 -38.37 -13.28 -40.61
N ARG D 653 -38.70 -12.23 -41.36
CA ARG D 653 -39.47 -11.13 -40.79
C ARG D 653 -40.89 -11.56 -40.44
N VAL D 654 -41.49 -12.41 -41.29
CA VAL D 654 -42.79 -12.99 -40.94
C VAL D 654 -42.69 -13.77 -39.64
N ALA D 655 -41.64 -14.59 -39.51
CA ALA D 655 -41.47 -15.38 -38.30
C ALA D 655 -41.29 -14.48 -37.08
N ILE D 656 -40.51 -13.42 -37.21
CA ILE D 656 -40.27 -12.50 -36.09
C ILE D 656 -41.57 -11.83 -35.68
N LEU D 657 -42.34 -11.34 -36.65
CA LEU D 657 -43.60 -10.67 -36.32
C LEU D 657 -44.57 -11.64 -35.67
N LYS D 658 -44.60 -12.89 -36.12
CA LYS D 658 -45.42 -13.89 -35.44
C LYS D 658 -44.94 -14.10 -34.00
N ALA D 659 -43.62 -14.20 -33.82
CA ALA D 659 -43.07 -14.55 -32.50
C ALA D 659 -43.34 -13.44 -31.48
N ASN D 660 -43.17 -12.18 -31.89
CA ASN D 660 -43.39 -11.10 -30.93
C ASN D 660 -44.86 -11.01 -30.51
N LEU D 661 -45.77 -11.35 -31.42
CA LEU D 661 -47.20 -11.09 -31.25
C LEU D 661 -47.98 -12.30 -30.77
N ARG D 662 -47.32 -13.40 -30.40
CA ARG D 662 -48.05 -14.60 -30.02
C ARG D 662 -48.86 -14.37 -28.75
N LYS D 663 -48.29 -13.66 -27.78
CA LYS D 663 -49.01 -13.39 -26.53
C LYS D 663 -50.01 -12.25 -26.71
N SER D 664 -49.69 -11.28 -27.55
CA SER D 664 -50.53 -10.10 -27.69
C SER D 664 -51.73 -10.41 -28.60
N PRO D 665 -52.95 -10.11 -28.16
CA PRO D 665 -54.11 -10.32 -29.03
C PRO D 665 -54.12 -9.35 -30.20
N VAL D 666 -54.21 -9.89 -31.41
CA VAL D 666 -54.14 -9.09 -32.63
C VAL D 666 -55.32 -9.44 -33.52
N ALA D 667 -55.81 -8.43 -34.24
CA ALA D 667 -56.97 -8.63 -35.12
C ALA D 667 -56.60 -9.52 -36.29
N LYS D 668 -57.59 -10.31 -36.76
CA LYS D 668 -57.34 -11.27 -37.82
C LYS D 668 -57.03 -10.58 -39.15
N ASP D 669 -57.60 -9.39 -39.36
CA ASP D 669 -57.40 -8.70 -40.63
C ASP D 669 -55.95 -8.30 -40.83
N VAL D 670 -55.20 -8.12 -39.74
CA VAL D 670 -53.81 -7.73 -39.84
C VAL D 670 -53.00 -8.86 -40.46
N ASP D 671 -52.35 -8.57 -41.58
CA ASP D 671 -51.55 -9.56 -42.30
C ASP D 671 -50.08 -9.20 -42.12
N LEU D 672 -49.35 -10.04 -41.40
CA LEU D 672 -47.95 -9.75 -41.12
C LEU D 672 -47.09 -9.87 -42.37
N GLU D 673 -47.56 -10.64 -43.35
CA GLU D 673 -46.76 -10.87 -44.55
C GLU D 673 -46.58 -9.58 -45.35
N PHE D 674 -47.58 -8.70 -45.35
CA PHE D 674 -47.41 -7.43 -46.05
C PHE D 674 -46.37 -6.55 -45.39
N LEU D 675 -46.41 -6.45 -44.06
CA LEU D 675 -45.38 -5.73 -43.33
C LEU D 675 -44.01 -6.28 -43.64
N ALA D 676 -43.86 -7.61 -43.59
CA ALA D 676 -42.56 -8.21 -43.89
C ALA D 676 -42.16 -7.98 -45.34
N LYS D 677 -43.16 -7.80 -46.22
CA LYS D 677 -42.87 -7.56 -47.62
C LYS D 677 -42.29 -6.17 -47.84
N MET D 678 -42.90 -5.14 -47.25
CA MET D 678 -42.39 -3.80 -47.47
C MET D 678 -41.13 -3.51 -46.65
N THR D 679 -41.11 -3.95 -45.40
CA THR D 679 -40.01 -3.63 -44.50
C THR D 679 -38.75 -4.35 -44.98
N ASN D 680 -37.89 -3.65 -45.68
CA ASN D 680 -36.65 -4.20 -46.21
C ASN D 680 -35.49 -3.53 -45.49
N GLY D 681 -34.55 -4.34 -44.99
CA GLY D 681 -33.45 -3.82 -44.23
C GLY D 681 -33.75 -3.53 -42.78
N PHE D 682 -34.98 -3.81 -42.33
CA PHE D 682 -35.32 -3.62 -40.93
C PHE D 682 -34.73 -4.76 -40.09
N SER D 683 -34.21 -4.41 -38.91
CA SER D 683 -33.74 -5.40 -37.98
C SER D 683 -34.90 -5.98 -37.19
N GLY D 684 -34.62 -7.02 -36.41
CA GLY D 684 -35.63 -7.54 -35.50
C GLY D 684 -36.04 -6.53 -34.46
N ALA D 685 -35.08 -5.71 -33.99
CA ALA D 685 -35.39 -4.69 -33.01
C ALA D 685 -36.37 -3.67 -33.56
N ASP D 686 -36.23 -3.30 -34.84
CA ASP D 686 -37.17 -2.35 -35.43
C ASP D 686 -38.58 -2.92 -35.49
N LEU D 687 -38.72 -4.19 -35.85
CA LEU D 687 -40.03 -4.80 -35.90
C LEU D 687 -40.65 -4.86 -34.50
N THR D 688 -39.83 -5.19 -33.50
CA THR D 688 -40.33 -5.17 -32.13
C THR D 688 -40.76 -3.75 -31.73
N GLU D 689 -40.04 -2.73 -32.19
CA GLU D 689 -40.42 -1.37 -31.87
C GLU D 689 -41.73 -0.99 -32.54
N ILE D 690 -41.94 -1.44 -33.77
CA ILE D 690 -43.21 -1.22 -34.45
C ILE D 690 -44.35 -1.85 -33.64
N CYS D 691 -44.16 -3.09 -33.22
CA CYS D 691 -45.20 -3.76 -32.45
C CYS D 691 -45.46 -3.04 -31.12
N GLN D 692 -44.39 -2.58 -30.47
CA GLN D 692 -44.55 -1.87 -29.20
C GLN D 692 -45.26 -0.53 -29.40
N ARG D 693 -44.99 0.15 -30.52
CA ARG D 693 -45.68 1.40 -30.80
C ARG D 693 -47.16 1.15 -31.05
N ALA D 694 -47.49 0.08 -31.77
CA ALA D 694 -48.90 -0.27 -31.96
C ALA D 694 -49.57 -0.56 -30.63
N CYS D 695 -48.89 -1.30 -29.76
CA CYS D 695 -49.43 -1.57 -28.43
C CYS D 695 -49.66 -0.29 -27.65
N LYS D 696 -48.71 0.65 -27.71
CA LYS D 696 -48.87 1.91 -26.99
C LYS D 696 -50.03 2.73 -27.52
N LEU D 697 -50.23 2.72 -28.84
CA LEU D 697 -51.38 3.43 -29.40
C LEU D 697 -52.69 2.81 -28.92
N ALA D 698 -52.75 1.48 -28.86
CA ALA D 698 -53.94 0.83 -28.32
C ALA D 698 -54.16 1.20 -26.85
N ILE D 699 -53.08 1.25 -26.07
CA ILE D 699 -53.20 1.66 -24.68
C ILE D 699 -53.74 3.08 -24.58
N ARG D 700 -53.23 3.98 -25.42
CA ARG D 700 -53.74 5.34 -25.44
C ARG D 700 -55.23 5.39 -25.74
N GLU D 701 -55.67 4.62 -26.74
CA GLU D 701 -57.08 4.63 -27.09
C GLU D 701 -57.94 4.09 -25.94
N SER D 702 -57.50 3.01 -25.30
CA SER D 702 -58.28 2.45 -24.20
C SER D 702 -58.36 3.43 -23.03
N ILE D 703 -57.25 4.10 -22.71
CA ILE D 703 -57.26 5.08 -21.63
C ILE D 703 -58.19 6.24 -21.98
N GLU D 704 -58.17 6.68 -23.24
CA GLU D 704 -59.07 7.76 -23.64
C GLU D 704 -60.52 7.34 -23.51
N SER D 705 -60.84 6.11 -23.89
CA SER D 705 -62.22 5.64 -23.74
C SER D 705 -62.64 5.58 -22.28
N GLU D 706 -61.72 5.15 -21.40
CA GLU D 706 -62.04 5.11 -19.98
C GLU D 706 -62.27 6.51 -19.43
N ILE D 707 -61.45 7.48 -19.84
CA ILE D 707 -61.66 8.85 -19.41
C ILE D 707 -62.99 9.38 -19.91
N ARG D 708 -63.35 9.05 -21.15
CA ARG D 708 -64.64 9.49 -21.68
C ARG D 708 -65.80 8.89 -20.90
N ARG D 709 -65.69 7.61 -20.54
CA ARG D 709 -66.75 6.98 -19.75
C ARG D 709 -66.86 7.62 -18.37
N GLU D 710 -65.72 7.92 -17.74
CA GLU D 710 -65.75 8.62 -16.45
C GLU D 710 -66.38 10.00 -16.59
N ARG D 711 -66.09 10.70 -17.70
CA ARG D 711 -66.67 12.01 -17.93
C ARG D 711 -68.18 11.93 -18.13
N GLU D 712 -68.64 10.95 -18.90
CA GLU D 712 -70.08 10.81 -19.12
C GLU D 712 -70.79 10.36 -17.85
N ARG D 713 -70.06 9.68 -16.95
CA ARG D 713 -70.63 9.33 -15.66
C ARG D 713 -70.99 10.59 -14.88
N GLN D 714 -70.20 11.65 -15.05
CA GLN D 714 -70.48 12.92 -14.38
C GLN D 714 -71.73 13.58 -14.95
N PRO D 727 -64.10 -1.99 -25.50
CA PRO D 727 -63.65 -0.69 -26.01
C PRO D 727 -62.50 -0.84 -26.98
N VAL D 728 -61.37 -1.35 -26.49
CA VAL D 728 -60.23 -1.66 -27.32
C VAL D 728 -59.87 -3.12 -27.06
N PRO D 729 -60.59 -4.07 -27.68
CA PRO D 729 -60.31 -5.49 -27.39
C PRO D 729 -58.98 -5.97 -27.93
N GLU D 730 -58.53 -5.43 -29.05
CA GLU D 730 -57.32 -5.90 -29.69
C GLU D 730 -56.72 -4.81 -30.56
N ILE D 731 -55.45 -4.99 -30.91
CA ILE D 731 -54.78 -4.04 -31.80
C ILE D 731 -55.36 -4.16 -33.20
N ARG D 732 -55.72 -3.01 -33.78
CA ARG D 732 -56.39 -2.96 -35.07
C ARG D 732 -55.41 -2.49 -36.14
N ARG D 733 -55.93 -2.40 -37.38
CA ARG D 733 -55.08 -2.08 -38.51
C ARG D 733 -54.55 -0.65 -38.43
N ASP D 734 -55.37 0.28 -37.97
CA ASP D 734 -54.95 1.68 -37.93
C ASP D 734 -53.77 1.89 -36.98
N HIS D 735 -53.75 1.15 -35.87
CA HIS D 735 -52.62 1.23 -34.96
C HIS D 735 -51.32 0.87 -35.65
N PHE D 736 -51.33 -0.24 -36.40
CA PHE D 736 -50.13 -0.64 -37.12
C PHE D 736 -49.79 0.36 -38.22
N GLU D 737 -50.80 0.97 -38.83
CA GLU D 737 -50.53 2.00 -39.83
C GLU D 737 -49.79 3.18 -39.22
N GLU D 738 -50.27 3.69 -38.08
CA GLU D 738 -49.59 4.80 -37.44
C GLU D 738 -48.19 4.42 -36.97
N ALA D 739 -48.05 3.22 -36.40
CA ALA D 739 -46.74 2.77 -35.97
C ALA D 739 -45.77 2.70 -37.14
N MET D 740 -46.21 2.17 -38.28
CA MET D 740 -45.36 2.09 -39.45
C MET D 740 -45.07 3.49 -40.01
N ARG D 741 -45.97 4.44 -39.77
CA ARG D 741 -45.64 5.83 -40.10
C ARG D 741 -44.47 6.32 -39.25
N PHE D 742 -44.47 5.96 -37.96
CA PHE D 742 -43.38 6.39 -37.09
C PHE D 742 -42.11 5.55 -37.29
N ALA D 743 -42.23 4.40 -37.94
CA ALA D 743 -41.11 3.45 -37.98
C ALA D 743 -39.94 4.00 -38.79
N ARG D 744 -38.74 3.55 -38.43
CA ARG D 744 -37.51 3.95 -39.11
C ARG D 744 -36.58 2.75 -39.22
N ARG D 745 -35.64 2.85 -40.14
CA ARG D 745 -34.71 1.76 -40.45
C ARG D 745 -33.43 1.98 -39.64
N SER D 746 -33.16 1.07 -38.70
CA SER D 746 -32.10 1.33 -37.72
C SER D 746 -30.72 1.28 -38.35
N VAL D 747 -30.43 0.24 -39.11
CA VAL D 747 -29.07 0.00 -39.62
C VAL D 747 -28.96 0.66 -41.00
N SER D 748 -27.98 1.55 -41.13
CA SER D 748 -27.73 2.18 -42.41
C SER D 748 -27.12 1.19 -43.39
N ASP D 749 -26.99 1.62 -44.65
CA ASP D 749 -26.47 0.73 -45.68
C ASP D 749 -24.96 0.52 -45.51
N ASN D 750 -24.25 1.54 -45.06
CA ASN D 750 -22.79 1.46 -44.97
C ASN D 750 -22.35 0.43 -43.93
N ASP D 751 -23.07 0.36 -42.80
CA ASP D 751 -22.75 -0.65 -41.81
C ASP D 751 -22.93 -2.05 -42.38
N ILE D 752 -24.05 -2.27 -43.07
CA ILE D 752 -24.25 -3.54 -43.76
C ILE D 752 -23.10 -3.81 -44.71
N ARG D 753 -22.61 -2.76 -45.37
CA ARG D 753 -21.51 -2.91 -46.30
C ARG D 753 -20.25 -3.38 -45.60
N LYS D 754 -19.96 -2.84 -44.41
CA LYS D 754 -18.73 -3.23 -43.73
C LYS D 754 -18.83 -4.64 -43.16
N TYR D 755 -20.00 -5.02 -42.64
CA TYR D 755 -20.16 -6.41 -42.20
C TYR D 755 -20.05 -7.37 -43.37
N GLU D 756 -20.64 -7.02 -44.51
CA GLU D 756 -20.49 -7.87 -45.69
C GLU D 756 -19.05 -7.90 -46.18
N MET D 757 -18.31 -6.80 -45.98
CA MET D 757 -16.90 -6.82 -46.34
C MET D 757 -16.13 -7.83 -45.48
N PHE D 758 -16.39 -7.83 -44.18
CA PHE D 758 -15.76 -8.84 -43.32
C PHE D 758 -16.15 -10.25 -43.76
N ALA D 759 -17.45 -10.48 -43.98
CA ALA D 759 -17.92 -11.81 -44.35
C ALA D 759 -17.33 -12.26 -45.68
N GLN D 760 -17.22 -11.34 -46.64
CA GLN D 760 -16.72 -11.71 -47.96
C GLN D 760 -15.21 -11.88 -47.95
N THR D 761 -14.50 -11.18 -47.07
CA THR D 761 -13.08 -11.51 -46.87
C THR D 761 -12.95 -12.94 -46.37
N LEU D 762 -13.79 -13.32 -45.40
CA LEU D 762 -13.75 -14.70 -44.92
C LEU D 762 -14.10 -15.70 -46.02
N GLN D 763 -15.12 -15.39 -46.83
CA GLN D 763 -15.54 -16.30 -47.89
C GLN D 763 -14.47 -16.42 -48.98
N GLN D 764 -13.82 -15.31 -49.33
CA GLN D 764 -12.72 -15.36 -50.27
C GLN D 764 -11.54 -16.13 -49.70
N SER D 765 -11.38 -16.10 -48.38
CA SER D 765 -10.42 -16.98 -47.74
C SER D 765 -10.81 -18.43 -47.94
N ARG D 766 -12.11 -18.74 -47.86
CA ARG D 766 -12.56 -20.09 -48.18
C ARG D 766 -12.19 -20.47 -49.61
N GLY D 767 -12.50 -19.59 -50.57
CA GLY D 767 -11.99 -19.71 -51.91
C GLY D 767 -12.79 -20.57 -52.87
N PHE D 768 -13.79 -21.31 -52.39
CA PHE D 768 -14.59 -22.16 -53.26
C PHE D 768 -15.99 -22.31 -52.66
N GLY D 769 -16.99 -21.75 -53.35
CA GLY D 769 -18.36 -21.97 -52.94
C GLY D 769 -18.77 -23.43 -53.09
N SER D 770 -18.22 -24.11 -54.09
CA SER D 770 -18.49 -25.52 -54.32
C SER D 770 -17.18 -26.28 -54.35
N PHE D 771 -17.17 -27.44 -53.71
CA PHE D 771 -16.01 -28.30 -53.61
C PHE D 771 -16.45 -29.71 -53.97
N ARG D 772 -15.55 -30.51 -54.53
CA ARG D 772 -15.88 -31.87 -54.94
C ARG D 772 -14.61 -32.71 -55.08
N PHE D 773 -14.67 -33.95 -54.61
CA PHE D 773 -13.58 -34.87 -54.80
C PHE D 773 -13.52 -35.33 -56.25
N PRO D 774 -12.32 -35.51 -56.81
CA PRO D 774 -12.21 -36.20 -58.10
C PRO D 774 -12.55 -37.68 -57.93
N SER D 775 -13.37 -38.18 -58.86
CA SER D 775 -13.80 -39.57 -58.79
C SER D 775 -13.34 -40.33 -60.03
N PRO E 23 46.88 -52.95 10.08
CA PRO E 23 46.28 -54.29 10.00
C PRO E 23 45.02 -54.41 10.85
N ASN E 24 44.56 -53.29 11.42
CA ASN E 24 43.36 -53.31 12.22
C ASN E 24 42.12 -53.51 11.36
N ARG E 25 42.17 -53.06 10.11
CA ARG E 25 41.03 -53.19 9.21
C ARG E 25 40.81 -54.65 8.81
N LEU E 26 39.54 -55.06 8.82
CA LEU E 26 39.16 -56.41 8.47
C LEU E 26 37.77 -56.38 7.85
N ILE E 27 37.42 -57.43 7.12
CA ILE E 27 36.15 -57.53 6.43
C ILE E 27 35.29 -58.58 7.12
N VAL E 28 34.05 -58.22 7.45
CA VAL E 28 33.17 -59.13 8.18
C VAL E 28 32.80 -60.30 7.30
N ASP E 29 32.98 -61.51 7.83
CA ASP E 29 32.64 -62.74 7.12
C ASP E 29 31.81 -63.63 8.04
N GLU E 30 31.01 -64.50 7.41
CA GLU E 30 30.09 -65.33 8.17
C GLU E 30 30.84 -66.33 9.04
N ALA E 31 30.34 -66.54 10.25
CA ALA E 31 30.91 -67.50 11.20
C ALA E 31 30.09 -68.77 11.15
N ILE E 32 30.74 -69.90 10.85
CA ILE E 32 30.03 -71.16 10.68
C ILE E 32 29.44 -71.62 12.01
N ASN E 33 30.25 -71.62 13.07
CA ASN E 33 29.83 -72.17 14.35
C ASN E 33 30.10 -71.27 15.54
N GLU E 34 30.96 -70.26 15.41
CA GLU E 34 31.34 -69.45 16.56
C GLU E 34 30.22 -68.48 16.93
N ASP E 35 29.90 -68.45 18.23
CA ASP E 35 28.88 -67.55 18.74
C ASP E 35 29.41 -66.13 18.77
N ASN E 36 28.53 -65.19 19.17
CA ASN E 36 28.93 -63.79 19.20
C ASN E 36 29.80 -63.47 20.41
N SER E 37 29.91 -64.40 21.35
CA SER E 37 30.76 -64.18 22.52
C SER E 37 32.23 -64.15 22.14
N VAL E 38 32.61 -64.88 21.10
CA VAL E 38 33.99 -64.94 20.64
C VAL E 38 34.06 -64.56 19.16
N VAL E 39 35.27 -64.30 18.70
CA VAL E 39 35.53 -64.02 17.29
C VAL E 39 36.64 -64.95 16.82
N SER E 40 36.66 -65.20 15.51
CA SER E 40 37.62 -66.11 14.90
C SER E 40 38.54 -65.35 13.95
N LEU E 41 39.83 -65.59 14.09
CA LEU E 41 40.85 -64.98 13.22
C LEU E 41 41.72 -66.06 12.61
N SER E 42 42.26 -65.76 11.44
CA SER E 42 43.26 -66.63 10.82
C SER E 42 44.57 -66.53 11.58
N GLN E 43 45.34 -67.62 11.53
CA GLN E 43 46.63 -67.64 12.22
C GLN E 43 47.60 -66.57 11.74
N PRO E 44 47.83 -66.38 10.43
CA PRO E 44 48.68 -65.26 10.02
C PRO E 44 48.15 -63.90 10.45
N LYS E 45 46.82 -63.74 10.46
CA LYS E 45 46.24 -62.46 10.92
C LYS E 45 46.49 -62.25 12.41
N MET E 46 46.31 -63.29 13.21
CA MET E 46 46.53 -63.15 14.66
C MET E 46 48.00 -62.89 14.95
N ASP E 47 48.90 -63.52 14.19
CA ASP E 47 50.32 -63.20 14.31
C ASP E 47 50.59 -61.77 13.89
N GLU E 48 49.84 -61.27 12.90
CA GLU E 48 50.01 -59.89 12.45
C GLU E 48 49.54 -58.91 13.52
N LEU E 49 48.47 -59.24 14.23
CA LEU E 49 47.91 -58.36 15.26
C LEU E 49 48.49 -58.61 16.65
N GLN E 50 49.38 -59.59 16.80
CA GLN E 50 50.01 -59.90 18.09
C GLN E 50 48.97 -60.17 19.18
N LEU E 51 47.92 -60.90 18.83
CA LEU E 51 46.88 -61.25 19.80
C LEU E 51 47.22 -62.58 20.45
N PHE E 52 47.50 -62.54 21.75
CA PHE E 52 47.84 -63.74 22.48
C PHE E 52 46.60 -64.62 22.66
N ARG E 53 46.86 -65.90 22.96
CA ARG E 53 45.76 -66.87 23.10
C ARG E 53 44.83 -66.47 24.24
N GLY E 54 43.54 -66.40 23.92
CA GLY E 54 42.53 -66.07 24.90
C GLY E 54 42.38 -64.60 25.22
N ASP E 55 43.13 -63.73 24.54
CA ASP E 55 43.08 -62.30 24.84
C ASP E 55 41.79 -61.69 24.31
N THR E 56 41.24 -60.76 25.09
CA THR E 56 40.01 -60.06 24.72
C THR E 56 40.37 -58.87 23.83
N VAL E 57 39.65 -58.75 22.71
CA VAL E 57 39.90 -57.72 21.72
C VAL E 57 38.70 -56.79 21.63
N LEU E 58 38.96 -55.48 21.63
CA LEU E 58 37.91 -54.50 21.43
C LEU E 58 37.64 -54.33 19.94
N LEU E 59 36.36 -54.36 19.56
CA LEU E 59 35.96 -54.38 18.17
C LEU E 59 35.22 -53.09 17.85
N LYS E 60 35.82 -52.26 16.99
CA LYS E 60 35.20 -51.01 16.59
C LYS E 60 34.24 -51.23 15.43
N GLY E 61 33.11 -50.52 15.48
CA GLY E 61 32.08 -50.68 14.46
C GLY E 61 31.40 -49.36 14.18
N LYS E 62 30.41 -49.43 13.30
CA LYS E 62 29.69 -48.23 12.88
C LYS E 62 28.90 -47.63 14.03
N LYS E 63 28.66 -46.32 13.96
CA LYS E 63 27.85 -45.57 14.92
C LYS E 63 28.43 -45.67 16.34
N ARG E 64 29.75 -45.86 16.43
CA ARG E 64 30.46 -45.85 17.71
C ARG E 64 29.90 -46.89 18.69
N ARG E 65 29.56 -48.07 18.16
CA ARG E 65 29.18 -49.21 18.99
C ARG E 65 30.26 -50.26 18.92
N GLU E 66 30.65 -50.79 20.08
CA GLU E 66 31.78 -51.69 20.19
C GLU E 66 31.40 -52.90 21.04
N ALA E 67 32.12 -54.00 20.82
CA ALA E 67 31.96 -55.21 21.60
C ALA E 67 33.33 -55.82 21.85
N VAL E 68 33.44 -56.54 22.95
CA VAL E 68 34.68 -57.23 23.34
C VAL E 68 34.43 -58.73 23.24
N CYS E 69 35.29 -59.43 22.50
CA CYS E 69 35.12 -60.84 22.25
C CYS E 69 36.46 -61.55 22.34
N ILE E 70 36.42 -62.87 22.55
CA ILE E 70 37.64 -63.66 22.67
C ILE E 70 38.16 -64.02 21.29
N VAL E 71 39.48 -63.89 21.11
CA VAL E 71 40.13 -64.27 19.86
C VAL E 71 40.08 -65.78 19.68
N LEU E 72 40.06 -66.22 18.42
CA LEU E 72 40.12 -67.63 18.07
C LEU E 72 40.98 -67.82 16.83
N SER E 73 41.47 -69.04 16.64
CA SER E 73 42.30 -69.41 15.50
C SER E 73 41.56 -70.45 14.67
N ASP E 74 41.27 -70.11 13.41
CA ASP E 74 40.61 -71.01 12.47
C ASP E 74 41.27 -70.87 11.11
N ASP E 75 41.58 -72.00 10.48
CA ASP E 75 42.26 -71.98 9.19
C ASP E 75 41.32 -71.57 8.07
N THR E 76 40.02 -71.84 8.22
CA THR E 76 39.07 -71.49 7.17
C THR E 76 38.88 -69.97 7.08
N CYS E 77 39.09 -69.26 8.17
CA CYS E 77 38.99 -67.81 8.16
C CYS E 77 40.09 -67.20 7.31
N SER E 78 39.72 -66.21 6.50
CA SER E 78 40.67 -65.55 5.62
C SER E 78 41.50 -64.53 6.39
N ASP E 79 42.65 -64.17 5.80
CA ASP E 79 43.50 -63.16 6.43
C ASP E 79 42.82 -61.79 6.44
N GLU E 80 42.15 -61.44 5.35
CA GLU E 80 41.45 -60.16 5.26
C GLU E 80 40.01 -60.23 5.73
N LYS E 81 39.52 -61.40 6.11
CA LYS E 81 38.15 -61.56 6.56
C LYS E 81 38.13 -61.89 8.06
N ILE E 82 37.07 -61.45 8.73
CA ILE E 82 36.84 -61.74 10.14
C ILE E 82 35.53 -62.50 10.26
N ARG E 83 35.54 -63.57 11.04
CA ARG E 83 34.35 -64.42 11.18
C ARG E 83 33.38 -63.78 12.16
N MET E 84 32.25 -63.31 11.65
CA MET E 84 31.21 -62.68 12.44
C MET E 84 29.88 -63.36 12.14
N ASN E 85 29.10 -63.63 13.18
CA ASN E 85 27.72 -64.02 13.00
C ASN E 85 26.85 -62.77 12.85
N ARG E 86 25.58 -62.99 12.52
CA ARG E 86 24.67 -61.86 12.32
C ARG E 86 24.41 -61.13 13.64
N VAL E 87 24.34 -61.88 14.74
CA VAL E 87 24.05 -61.27 16.03
C VAL E 87 25.16 -60.32 16.46
N VAL E 88 26.42 -60.78 16.31
CA VAL E 88 27.54 -59.89 16.64
C VAL E 88 27.64 -58.76 15.62
N ARG E 89 27.18 -59.00 14.39
CA ARG E 89 27.12 -57.93 13.40
C ARG E 89 26.18 -56.82 13.87
N ASN E 90 25.02 -57.20 14.41
CA ASN E 90 24.12 -56.20 14.97
C ASN E 90 24.69 -55.59 16.24
N ASN E 91 25.50 -56.36 16.98
CA ASN E 91 26.20 -55.80 18.14
C ASN E 91 27.13 -54.67 17.70
N LEU E 92 27.85 -54.86 16.59
CA LEU E 92 28.73 -53.83 16.07
C LEU E 92 28.05 -52.90 15.07
N ARG E 93 26.75 -53.11 14.81
CA ARG E 93 25.98 -52.26 13.89
C ARG E 93 26.62 -52.20 12.51
N VAL E 94 27.14 -53.33 12.05
CA VAL E 94 27.83 -53.41 10.76
C VAL E 94 27.18 -54.47 9.90
N ARG E 95 27.06 -54.18 8.61
CA ARG E 95 26.56 -55.14 7.64
C ARG E 95 27.60 -56.21 7.36
N LEU E 96 27.19 -57.25 6.64
CA LEU E 96 28.12 -58.29 6.22
C LEU E 96 29.16 -57.70 5.29
N GLY E 97 30.43 -57.96 5.58
CA GLY E 97 31.53 -57.44 4.80
C GLY E 97 31.96 -56.04 5.16
N ASP E 98 31.32 -55.41 6.15
CA ASP E 98 31.69 -54.05 6.52
C ASP E 98 33.01 -54.02 7.26
N VAL E 99 33.79 -52.96 7.04
CA VAL E 99 35.11 -52.86 7.63
C VAL E 99 35.00 -52.56 9.13
N ILE E 100 35.79 -53.27 9.92
CA ILE E 100 35.83 -53.07 11.37
C ILE E 100 37.28 -52.87 11.78
N SER E 101 37.47 -52.27 12.96
CA SER E 101 38.78 -52.05 13.54
C SER E 101 38.93 -52.95 14.76
N ILE E 102 39.99 -53.75 14.76
CA ILE E 102 40.24 -54.73 15.82
C ILE E 102 41.49 -54.33 16.57
N GLN E 103 41.37 -54.21 17.89
CA GLN E 103 42.47 -53.94 18.79
C GLN E 103 42.25 -54.77 20.05
N PRO E 104 43.33 -55.13 20.76
CA PRO E 104 43.17 -55.79 22.06
C PRO E 104 42.41 -54.90 23.03
N CYS E 105 41.57 -55.51 23.85
CA CYS E 105 40.82 -54.74 24.84
C CYS E 105 41.79 -54.26 25.92
N PRO E 106 41.94 -52.95 26.10
CA PRO E 106 42.96 -52.46 27.02
C PRO E 106 42.47 -52.35 28.46
N ASP E 107 43.25 -52.89 29.40
CA ASP E 107 42.95 -52.83 30.82
C ASP E 107 41.61 -53.47 31.14
N VAL E 108 41.33 -54.59 30.48
CA VAL E 108 40.06 -55.29 30.69
C VAL E 108 40.06 -55.96 32.07
N LYS E 109 38.94 -55.88 32.75
CA LYS E 109 38.79 -56.42 34.09
C LYS E 109 37.55 -57.29 34.16
N TYR E 110 37.59 -58.30 35.03
CA TYR E 110 36.44 -59.18 35.21
C TYR E 110 35.32 -58.45 35.94
N GLY E 111 34.08 -58.80 35.60
CA GLY E 111 32.93 -58.12 36.20
C GLY E 111 32.48 -58.81 37.47
N LYS E 112 32.35 -58.04 38.55
CA LYS E 112 31.85 -58.60 39.80
C LYS E 112 30.41 -59.06 39.66
N ARG E 113 29.55 -58.25 39.04
CA ARG E 113 28.17 -58.63 38.80
C ARG E 113 27.72 -58.03 37.47
N ILE E 114 26.73 -58.68 36.85
CA ILE E 114 26.24 -58.30 35.54
C ILE E 114 24.71 -58.41 35.53
N HIS E 115 24.06 -57.49 34.83
CA HIS E 115 22.61 -57.47 34.70
C HIS E 115 22.23 -57.37 33.22
N VAL E 116 21.33 -58.24 32.78
CA VAL E 116 20.93 -58.33 31.38
C VAL E 116 19.41 -58.32 31.29
N LEU E 117 18.89 -57.73 30.21
CA LEU E 117 17.46 -57.65 29.96
C LEU E 117 17.15 -58.30 28.62
N PRO E 118 16.35 -59.37 28.59
CA PRO E 118 16.01 -59.99 27.31
C PRO E 118 14.92 -59.24 26.57
N ILE E 119 14.66 -59.68 25.33
CA ILE E 119 13.74 -58.98 24.45
C ILE E 119 12.31 -59.48 24.68
N ASP E 120 11.34 -58.57 24.51
CA ASP E 120 9.95 -58.86 24.87
C ASP E 120 9.35 -59.95 23.98
N ASP E 121 9.59 -59.88 22.67
CA ASP E 121 8.98 -60.87 21.78
C ASP E 121 9.63 -62.23 21.96
N THR E 122 10.87 -62.26 22.44
CA THR E 122 11.54 -63.53 22.67
C THR E 122 11.02 -64.23 23.92
N VAL E 123 10.78 -63.47 25.00
CA VAL E 123 10.40 -64.09 26.27
C VAL E 123 9.00 -64.69 26.17
N GLU E 124 8.17 -64.15 25.28
CA GLU E 124 6.83 -64.69 25.10
C GLU E 124 6.88 -66.09 24.50
N GLY E 125 5.99 -66.96 24.98
CA GLY E 125 5.99 -68.35 24.57
C GLY E 125 6.87 -69.26 25.39
N ILE E 126 7.56 -68.74 26.42
CA ILE E 126 8.41 -69.54 27.29
C ILE E 126 7.74 -69.60 28.66
N THR E 127 7.34 -70.82 29.06
CA THR E 127 6.72 -70.99 30.37
C THR E 127 7.76 -70.99 31.49
N GLY E 128 8.92 -71.58 31.24
CA GLY E 128 9.92 -71.71 32.28
C GLY E 128 10.65 -70.40 32.55
N ASN E 129 11.41 -70.41 33.64
CA ASN E 129 12.19 -69.24 34.03
C ASN E 129 13.26 -68.95 32.99
N LEU E 130 13.41 -67.67 32.65
CA LEU E 130 14.38 -67.29 31.63
C LEU E 130 15.81 -67.57 32.08
N PHE E 131 16.12 -67.26 33.35
CA PHE E 131 17.49 -67.39 33.83
C PHE E 131 17.91 -68.84 33.91
N GLU E 132 17.04 -69.71 34.43
CA GLU E 132 17.42 -71.11 34.64
C GLU E 132 17.69 -71.82 33.32
N VAL E 133 16.85 -71.58 32.31
CA VAL E 133 16.97 -72.32 31.06
C VAL E 133 18.22 -71.89 30.29
N TYR E 134 18.46 -70.59 30.20
CA TYR E 134 19.53 -70.07 29.34
C TYR E 134 20.66 -69.40 30.10
N LEU E 135 20.34 -68.41 30.96
CA LEU E 135 21.38 -67.59 31.55
C LEU E 135 22.31 -68.38 32.45
N LYS E 136 21.75 -69.26 33.29
CA LYS E 136 22.57 -69.97 34.26
C LYS E 136 23.62 -70.87 33.62
N PRO E 137 23.30 -71.72 32.64
CA PRO E 137 24.37 -72.53 32.02
C PRO E 137 25.28 -71.72 31.13
N TYR E 138 24.73 -70.75 30.38
CA TYR E 138 25.55 -69.95 29.48
C TYR E 138 26.59 -69.14 30.23
N PHE E 139 26.22 -68.58 31.37
CA PHE E 139 27.11 -67.74 32.15
C PHE E 139 27.82 -68.50 33.26
N LEU E 140 27.77 -69.83 33.24
CA LEU E 140 28.52 -70.64 34.18
C LEU E 140 29.88 -70.99 33.57
N GLU E 141 30.95 -70.47 34.19
CA GLU E 141 32.32 -70.62 33.70
C GLU E 141 32.45 -70.09 32.27
N ALA E 142 31.68 -69.05 31.95
CA ALA E 142 31.66 -68.53 30.58
C ALA E 142 32.99 -67.87 30.23
N TYR E 143 33.50 -67.01 31.11
CA TYR E 143 34.66 -66.17 30.81
C TYR E 143 34.47 -65.39 29.51
N ARG E 144 33.25 -64.92 29.30
CA ARG E 144 32.89 -64.23 28.06
C ARG E 144 32.87 -62.73 28.30
N PRO E 145 33.79 -61.97 27.72
CA PRO E 145 33.72 -60.51 27.84
C PRO E 145 32.54 -59.96 27.05
N ILE E 146 31.89 -58.95 27.63
CA ILE E 146 30.74 -58.31 27.01
C ILE E 146 30.84 -56.80 27.20
N ARG E 147 30.15 -56.07 26.32
CA ARG E 147 30.12 -54.61 26.37
C ARG E 147 28.67 -54.15 26.28
N LYS E 148 28.43 -52.92 26.73
CA LYS E 148 27.08 -52.39 26.80
C LYS E 148 26.44 -52.36 25.42
N GLY E 149 25.16 -52.69 25.36
CA GLY E 149 24.41 -52.74 24.13
C GLY E 149 24.49 -54.04 23.37
N ASP E 150 25.33 -54.96 23.79
CA ASP E 150 25.47 -56.24 23.10
C ASP E 150 24.24 -57.11 23.35
N ILE E 151 23.89 -57.91 22.35
CA ILE E 151 22.83 -58.90 22.45
C ILE E 151 23.39 -60.24 22.00
N PHE E 152 23.02 -61.30 22.71
CA PHE E 152 23.41 -62.66 22.36
C PHE E 152 22.18 -63.55 22.35
N LEU E 153 22.03 -64.31 21.27
CA LEU E 153 20.90 -65.22 21.10
C LEU E 153 21.34 -66.64 21.47
N VAL E 154 20.65 -67.22 22.44
CA VAL E 154 20.97 -68.54 22.97
C VAL E 154 19.85 -69.50 22.60
N ARG E 155 20.20 -70.67 22.12
CA ARG E 155 19.21 -71.61 21.60
C ARG E 155 18.55 -72.36 22.76
N GLY E 156 17.31 -72.80 22.51
CA GLY E 156 16.58 -73.57 23.51
C GLY E 156 15.17 -73.07 23.77
N GLY E 157 14.33 -73.94 24.33
CA GLY E 157 12.95 -73.59 24.61
C GLY E 157 12.07 -73.65 23.38
N MET E 158 10.81 -73.28 23.57
CA MET E 158 9.89 -73.20 22.44
C MET E 158 10.33 -72.13 21.45
N ARG E 159 10.78 -70.99 21.95
CA ARG E 159 11.31 -69.90 21.13
C ARG E 159 12.64 -69.46 21.72
N ALA E 160 13.66 -69.37 20.86
CA ALA E 160 14.98 -68.95 21.33
C ALA E 160 14.93 -67.52 21.84
N VAL E 161 15.60 -67.28 22.96
CA VAL E 161 15.52 -66.00 23.67
C VAL E 161 16.82 -65.23 23.46
N GLU E 162 16.69 -63.95 23.16
CA GLU E 162 17.82 -63.05 22.99
C GLU E 162 17.96 -62.18 24.23
N PHE E 163 19.19 -62.05 24.74
CA PHE E 163 19.47 -61.27 25.93
C PHE E 163 20.32 -60.06 25.55
N LYS E 164 19.85 -58.87 25.89
CA LYS E 164 20.55 -57.62 25.60
C LYS E 164 21.04 -57.00 26.91
N VAL E 165 22.33 -56.69 26.97
CA VAL E 165 22.95 -56.15 28.19
C VAL E 165 22.62 -54.66 28.22
N VAL E 166 21.95 -54.24 29.29
CA VAL E 166 21.64 -52.83 29.47
C VAL E 166 22.66 -52.17 30.38
N GLU E 167 23.18 -52.90 31.36
CA GLU E 167 24.16 -52.40 32.31
C GLU E 167 25.36 -53.33 32.33
N THR E 168 26.55 -52.75 32.20
CA THR E 168 27.80 -53.49 32.29
C THR E 168 28.60 -53.00 33.48
N ASP E 169 28.97 -53.94 34.36
CA ASP E 169 29.75 -53.63 35.55
C ASP E 169 31.01 -54.48 35.55
N PRO E 170 32.20 -53.88 35.46
CA PRO E 170 32.39 -52.43 35.31
C PRO E 170 32.15 -51.94 33.88
N SER E 171 31.65 -50.72 33.74
CA SER E 171 31.45 -50.14 32.42
C SER E 171 32.79 -49.69 31.85
N PRO E 172 33.00 -49.87 30.54
CA PRO E 172 32.09 -50.57 29.63
C PRO E 172 32.46 -52.04 29.40
N TYR E 173 33.60 -52.47 29.92
CA TYR E 173 34.12 -53.81 29.67
C TYR E 173 34.01 -54.65 30.94
N CYS E 174 33.41 -55.83 30.82
CA CYS E 174 33.30 -56.76 31.93
C CYS E 174 33.34 -58.18 31.40
N ILE E 175 33.85 -59.09 32.22
CA ILE E 175 33.92 -60.51 31.90
C ILE E 175 33.12 -61.27 32.94
N VAL E 176 32.22 -62.14 32.49
CA VAL E 176 31.33 -62.86 33.38
C VAL E 176 32.11 -63.98 34.06
N ALA E 177 32.38 -63.80 35.35
CA ALA E 177 33.02 -64.81 36.15
C ALA E 177 32.00 -65.86 36.60
N PRO E 178 32.43 -67.07 36.92
CA PRO E 178 31.47 -68.08 37.39
C PRO E 178 30.73 -67.68 38.65
N ASP E 179 31.40 -66.98 39.57
CA ASP E 179 30.74 -66.59 40.81
C ASP E 179 29.79 -65.41 40.59
N THR E 180 29.93 -64.73 39.45
CA THR E 180 29.00 -63.66 39.10
C THR E 180 27.59 -64.23 38.96
N VAL E 181 26.63 -63.56 39.61
CA VAL E 181 25.24 -63.96 39.59
C VAL E 181 24.50 -63.08 38.59
N ILE E 182 23.77 -63.71 37.67
CA ILE E 182 23.09 -63.02 36.59
C ILE E 182 21.59 -63.10 36.83
N HIS E 183 20.92 -61.95 36.75
CA HIS E 183 19.47 -61.86 36.91
C HIS E 183 18.89 -61.05 35.76
N CYS E 184 17.77 -61.53 35.22
CA CYS E 184 17.11 -60.88 34.10
C CYS E 184 15.88 -60.09 34.53
N GLU E 185 15.71 -59.82 35.82
CA GLU E 185 14.54 -59.11 36.30
C GLU E 185 14.52 -57.67 35.78
N GLY E 186 13.34 -57.20 35.42
CA GLY E 186 13.16 -55.85 34.93
C GLY E 186 12.15 -55.83 33.80
N GLU E 187 12.09 -54.69 33.12
CA GLU E 187 11.18 -54.51 31.99
C GLU E 187 11.84 -55.02 30.73
N PRO E 188 11.23 -55.96 30.00
CA PRO E 188 11.87 -56.51 28.80
C PRO E 188 12.09 -55.45 27.73
N ILE E 189 13.18 -55.61 26.98
CA ILE E 189 13.50 -54.68 25.91
C ILE E 189 12.52 -54.86 24.76
N LYS E 190 11.96 -53.74 24.28
CA LYS E 190 11.03 -53.79 23.17
C LYS E 190 11.76 -54.16 21.87
N ARG E 191 11.08 -54.94 21.04
CA ARG E 191 11.63 -55.29 19.73
C ARG E 191 11.79 -54.05 18.86
N GLU E 192 10.84 -53.12 18.94
CA GLU E 192 10.93 -51.89 18.15
C GLU E 192 12.11 -51.05 18.61
N ASP E 193 12.37 -51.01 19.92
CA ASP E 193 13.56 -50.33 20.43
C ASP E 193 14.83 -50.98 19.90
N GLU E 194 14.86 -52.31 19.84
CA GLU E 194 16.01 -52.99 19.28
C GLU E 194 16.22 -52.63 17.81
N GLU E 195 15.13 -52.55 17.05
CA GLU E 195 15.23 -52.13 15.66
C GLU E 195 15.75 -50.70 15.56
N GLU E 196 15.25 -49.80 16.40
CA GLU E 196 15.68 -48.40 16.36
C GLU E 196 17.16 -48.28 16.70
N SER E 197 17.63 -49.00 17.70
CA SER E 197 19.05 -48.99 18.02
C SER E 197 19.87 -49.59 16.88
N LEU E 198 19.36 -50.67 16.27
CA LEU E 198 20.04 -51.25 15.12
C LEU E 198 20.04 -50.31 13.94
N ASN E 199 18.93 -49.62 13.69
CA ASN E 199 18.81 -48.70 12.57
C ASN E 199 19.23 -47.31 13.04
N GLU E 200 20.52 -47.03 12.96
CA GLU E 200 21.09 -45.75 13.35
C GLU E 200 21.82 -45.16 12.16
N VAL E 201 21.60 -43.86 11.92
CA VAL E 201 22.10 -43.24 10.70
C VAL E 201 23.62 -43.11 10.77
N GLY E 202 24.28 -43.52 9.69
CA GLY E 202 25.73 -43.39 9.61
C GLY E 202 26.12 -42.75 8.29
N TYR E 203 27.43 -42.48 8.16
CA TYR E 203 27.92 -41.86 6.93
C TYR E 203 27.68 -42.74 5.72
N ASP E 204 27.57 -44.05 5.93
CA ASP E 204 27.33 -44.95 4.80
C ASP E 204 25.90 -44.84 4.30
N ASP E 205 24.97 -44.47 5.17
CA ASP E 205 23.58 -44.29 4.73
C ASP E 205 23.44 -43.07 3.84
N ILE E 206 24.34 -42.09 3.98
CA ILE E 206 24.30 -40.92 3.11
C ILE E 206 24.84 -41.29 1.73
N GLY E 207 24.15 -40.83 0.70
CA GLY E 207 24.56 -41.11 -0.66
C GLY E 207 24.45 -39.89 -1.54
N GLY E 208 25.33 -39.83 -2.53
CA GLY E 208 25.32 -38.77 -3.52
C GLY E 208 26.13 -37.55 -3.19
N CYS E 209 26.76 -37.51 -2.03
CA CYS E 209 27.59 -36.37 -1.62
C CYS E 209 28.88 -36.82 -0.96
N ARG E 210 29.56 -37.81 -1.55
CA ARG E 210 30.76 -38.35 -0.93
C ARG E 210 31.85 -37.30 -0.82
N LYS E 211 32.01 -36.46 -1.85
CA LYS E 211 32.96 -35.35 -1.75
C LYS E 211 32.52 -34.35 -0.68
N GLN E 212 31.23 -33.99 -0.68
CA GLN E 212 30.73 -33.08 0.35
C GLN E 212 30.83 -33.71 1.73
N LEU E 213 30.54 -35.01 1.84
CA LEU E 213 30.66 -35.68 3.12
C LEU E 213 32.10 -35.70 3.61
N ALA E 214 33.05 -35.95 2.70
CA ALA E 214 34.46 -35.91 3.09
C ALA E 214 34.87 -34.52 3.55
N GLN E 215 34.40 -33.48 2.84
CA GLN E 215 34.70 -32.12 3.24
C GLN E 215 34.13 -31.82 4.63
N ILE E 216 32.90 -32.25 4.89
CA ILE E 216 32.28 -32.03 6.20
C ILE E 216 33.07 -32.76 7.28
N LYS E 217 33.44 -34.01 7.03
CA LYS E 217 34.20 -34.77 8.03
C LYS E 217 35.54 -34.13 8.32
N GLU E 218 36.23 -33.63 7.29
CA GLU E 218 37.44 -32.86 7.52
C GLU E 218 37.14 -31.60 8.34
N MET E 219 35.94 -31.05 8.19
CA MET E 219 35.65 -29.77 8.81
C MET E 219 35.20 -29.90 10.26
N VAL E 220 34.42 -30.94 10.59
CA VAL E 220 33.82 -31.07 11.90
C VAL E 220 34.40 -32.24 12.69
N GLU E 221 34.61 -33.37 12.02
CA GLU E 221 35.15 -34.54 12.73
C GLU E 221 36.65 -34.40 12.98
N LEU E 222 37.39 -33.95 11.96
CA LEU E 222 38.84 -33.85 12.09
C LEU E 222 39.29 -32.87 13.16
N PRO E 223 38.78 -31.62 13.21
CA PRO E 223 39.24 -30.71 14.28
C PRO E 223 38.94 -31.23 15.67
N LEU E 224 37.82 -31.93 15.84
CA LEU E 224 37.52 -32.52 17.14
C LEU E 224 38.52 -33.62 17.49
N ARG E 225 38.83 -34.48 16.51
CA ARG E 225 39.70 -35.62 16.81
C ARG E 225 41.12 -35.19 17.15
N HIS E 226 41.69 -34.25 16.39
CA HIS E 226 43.10 -33.89 16.52
C HIS E 226 43.22 -32.38 16.67
N PRO E 227 42.89 -31.83 17.84
CA PRO E 227 43.07 -30.39 18.04
C PRO E 227 44.54 -29.98 18.07
N ALA E 228 45.40 -30.79 18.68
CA ALA E 228 46.82 -30.47 18.71
C ALA E 228 47.42 -30.45 17.31
N LEU E 229 46.86 -31.26 16.40
CA LEU E 229 47.36 -31.26 15.03
C LEU E 229 47.21 -29.88 14.40
N PHE E 230 46.00 -29.33 14.41
CA PHE E 230 45.81 -27.98 13.87
C PHE E 230 46.53 -26.93 14.71
N LYS E 231 46.72 -27.20 16.00
CA LYS E 231 47.47 -26.26 16.84
C LYS E 231 48.90 -26.13 16.34
N GLU E 232 49.55 -27.26 16.02
CA GLU E 232 50.90 -27.19 15.48
C GLU E 232 50.91 -26.71 14.04
N ILE E 233 49.91 -27.10 13.26
CA ILE E 233 49.81 -26.66 11.86
C ILE E 233 49.73 -25.14 11.78
N GLY E 234 49.00 -24.51 12.69
CA GLY E 234 48.96 -23.07 12.77
C GLY E 234 47.78 -22.39 12.11
N VAL E 235 46.79 -23.15 11.64
CA VAL E 235 45.60 -22.59 11.03
C VAL E 235 44.42 -22.80 11.98
N LYS E 236 43.62 -21.77 12.16
CA LYS E 236 42.46 -21.88 13.03
C LYS E 236 41.36 -22.65 12.31
N PRO E 237 40.88 -23.76 12.87
CA PRO E 237 39.72 -24.44 12.30
C PRO E 237 38.50 -23.53 12.33
N PRO E 238 37.69 -23.54 11.29
CA PRO E 238 36.50 -22.67 11.27
C PRO E 238 35.50 -23.08 12.32
N ARG E 239 35.00 -22.09 13.07
CA ARG E 239 34.05 -22.38 14.13
C ARG E 239 32.69 -22.80 13.58
N GLY E 240 32.26 -22.18 12.48
CA GLY E 240 30.93 -22.40 11.97
C GLY E 240 30.87 -23.01 10.58
N ILE E 241 29.92 -23.93 10.38
CA ILE E 241 29.56 -24.47 9.08
C ILE E 241 28.06 -24.35 8.88
N LEU E 242 27.66 -23.98 7.67
CA LEU E 242 26.27 -23.87 7.28
C LEU E 242 25.99 -24.83 6.14
N LEU E 243 24.99 -25.69 6.32
CA LEU E 243 24.54 -26.61 5.29
C LEU E 243 23.23 -26.09 4.71
N TYR E 244 23.27 -25.59 3.49
CA TYR E 244 22.10 -24.99 2.85
C TYR E 244 21.86 -25.67 1.52
N GLY E 245 20.59 -25.87 1.19
CA GLY E 245 20.23 -26.52 -0.05
C GLY E 245 18.74 -26.68 -0.19
N PRO E 246 18.30 -27.26 -1.30
CA PRO E 246 16.88 -27.49 -1.49
C PRO E 246 16.38 -28.52 -0.50
N PRO E 247 15.07 -28.55 -0.24
CA PRO E 247 14.52 -29.55 0.68
C PRO E 247 14.78 -30.97 0.19
N GLY E 248 15.03 -31.86 1.13
CA GLY E 248 15.20 -33.26 0.82
C GLY E 248 16.56 -33.66 0.30
N THR E 249 17.56 -32.78 0.39
CA THR E 249 18.90 -33.10 -0.06
C THR E 249 19.76 -33.75 1.00
N GLY E 250 19.21 -34.00 2.19
CA GLY E 250 19.91 -34.77 3.19
C GLY E 250 20.67 -33.97 4.23
N LYS E 251 20.26 -32.73 4.51
CA LYS E 251 20.94 -31.96 5.55
C LYS E 251 20.71 -32.55 6.93
N THR E 252 19.46 -32.79 7.28
CA THR E 252 19.17 -33.37 8.59
C THR E 252 19.69 -34.80 8.68
N LEU E 253 19.72 -35.51 7.55
CA LEU E 253 20.34 -36.84 7.54
C LEU E 253 21.82 -36.76 7.84
N ILE E 254 22.51 -35.75 7.28
CA ILE E 254 23.92 -35.54 7.61
C ILE E 254 24.08 -35.21 9.09
N ALA E 255 23.16 -34.40 9.64
CA ALA E 255 23.23 -34.10 11.07
C ALA E 255 23.08 -35.36 11.90
N ARG E 256 22.14 -36.23 11.55
CA ARG E 256 21.99 -37.49 12.29
C ARG E 256 23.24 -38.36 12.15
N ALA E 257 23.82 -38.41 10.95
CA ALA E 257 25.03 -39.20 10.77
C ALA E 257 26.17 -38.68 11.63
N VAL E 258 26.37 -37.37 11.65
CA VAL E 258 27.43 -36.79 12.47
C VAL E 258 27.17 -37.06 13.95
N ALA E 259 25.93 -36.88 14.38
CA ALA E 259 25.61 -37.08 15.80
C ALA E 259 25.84 -38.53 16.21
N ASN E 260 25.42 -39.47 15.37
CA ASN E 260 25.54 -40.88 15.74
C ASN E 260 26.98 -41.38 15.63
N GLU E 261 27.77 -40.78 14.74
CA GLU E 261 29.14 -41.22 14.53
C GLU E 261 30.18 -40.23 15.04
N THR E 262 29.87 -39.44 16.06
CA THR E 262 30.85 -38.60 16.74
C THR E 262 30.65 -38.72 18.24
N GLY E 263 31.75 -38.88 18.98
CA GLY E 263 31.68 -38.99 20.42
C GLY E 263 31.52 -37.66 21.12
N ALA E 264 31.69 -36.55 20.40
CA ALA E 264 31.55 -35.24 21.01
C ALA E 264 30.12 -35.02 21.49
N PHE E 265 29.96 -34.15 22.47
CA PHE E 265 28.63 -33.85 23.00
C PHE E 265 27.79 -33.17 21.94
N PHE E 266 26.67 -33.78 21.59
CA PHE E 266 25.80 -33.30 20.52
C PHE E 266 24.54 -32.71 21.14
N PHE E 267 24.23 -31.47 20.77
CA PHE E 267 23.07 -30.75 21.29
C PHE E 267 22.22 -30.23 20.14
N LEU E 268 20.90 -30.22 20.34
CA LEU E 268 19.95 -29.77 19.33
C LEU E 268 19.35 -28.41 19.67
N ILE E 269 19.36 -27.51 18.69
CA ILE E 269 18.69 -26.23 18.77
C ILE E 269 17.60 -26.20 17.72
N ASN E 270 16.36 -25.99 18.16
CA ASN E 270 15.21 -25.88 17.29
C ASN E 270 14.74 -24.42 17.30
N GLY E 271 14.58 -23.84 16.10
CA GLY E 271 14.23 -22.44 15.99
C GLY E 271 13.03 -22.01 16.79
N PRO E 272 11.82 -22.51 16.49
CA PRO E 272 10.66 -22.11 17.30
C PRO E 272 10.76 -22.51 18.76
N GLU E 273 11.41 -23.62 19.05
CA GLU E 273 11.48 -24.11 20.42
C GLU E 273 12.27 -23.15 21.30
N ILE E 274 13.14 -22.33 20.71
CA ILE E 274 14.00 -21.43 21.48
C ILE E 274 13.17 -20.45 22.29
N MET E 275 12.15 -19.86 21.66
CA MET E 275 11.40 -18.80 22.32
C MET E 275 10.45 -19.36 23.36
N SER E 276 10.32 -18.63 24.47
CA SER E 276 9.46 -19.02 25.58
C SER E 276 8.64 -17.82 26.01
N LYS E 277 7.63 -18.08 26.86
CA LYS E 277 6.68 -17.03 27.22
C LYS E 277 7.29 -16.03 28.20
N LEU E 278 8.10 -16.50 29.13
CA LEU E 278 8.64 -15.61 30.16
C LEU E 278 9.65 -14.63 29.57
N ALA E 279 9.82 -13.50 30.25
CA ALA E 279 10.73 -12.47 29.76
C ALA E 279 12.18 -12.90 29.99
N GLY E 280 13.00 -12.79 28.95
CA GLY E 280 14.41 -13.11 29.02
C GLY E 280 14.75 -14.58 28.98
N GLU E 281 13.74 -15.45 28.88
CA GLU E 281 13.99 -16.89 28.94
C GLU E 281 14.56 -17.42 27.63
N SER E 282 14.30 -16.74 26.52
CA SER E 282 14.80 -17.22 25.23
C SER E 282 16.32 -17.09 25.13
N GLU E 283 16.84 -15.90 25.45
CA GLU E 283 18.29 -15.71 25.50
C GLU E 283 18.89 -16.59 26.59
N SER E 284 18.14 -16.83 27.66
CA SER E 284 18.58 -17.76 28.68
C SER E 284 18.74 -19.16 28.09
N ASN E 285 17.80 -19.60 27.26
CA ASN E 285 17.89 -20.93 26.67
C ASN E 285 19.07 -21.04 25.72
N LEU E 286 19.28 -20.01 24.88
CA LEU E 286 20.40 -20.03 23.95
C LEU E 286 21.74 -20.06 24.71
N ARG E 287 21.89 -19.18 25.70
CA ARG E 287 23.11 -19.15 26.49
C ARG E 287 23.29 -20.45 27.26
N LYS E 288 22.19 -21.04 27.74
CA LYS E 288 22.28 -22.31 28.45
C LYS E 288 22.77 -23.41 27.53
N ALA E 289 22.28 -23.43 26.29
CA ALA E 289 22.77 -24.41 25.32
C ALA E 289 24.27 -24.25 25.09
N PHE E 290 24.73 -23.01 24.93
CA PHE E 290 26.16 -22.79 24.73
C PHE E 290 26.97 -23.20 25.97
N GLU E 291 26.42 -22.94 27.15
CA GLU E 291 27.10 -23.32 28.38
C GLU E 291 27.18 -24.84 28.51
N GLU E 292 26.12 -25.56 28.14
CA GLU E 292 26.16 -27.01 28.17
C GLU E 292 27.16 -27.54 27.16
N ALA E 293 27.30 -26.85 26.02
CA ALA E 293 28.36 -27.21 25.09
C ALA E 293 29.74 -27.04 25.73
N GLU E 294 29.92 -25.95 26.47
CA GLU E 294 31.20 -25.73 27.15
C GLU E 294 31.46 -26.78 28.23
N LYS E 295 30.40 -27.25 28.88
CA LYS E 295 30.56 -28.17 30.00
C LYS E 295 31.21 -29.47 29.56
N ASN E 296 30.76 -30.03 28.44
CA ASN E 296 31.29 -31.28 27.92
C ASN E 296 31.98 -30.99 26.59
N ALA E 297 33.31 -31.04 26.59
CA ALA E 297 34.09 -30.76 25.40
C ALA E 297 34.80 -32.03 24.96
N PRO E 298 34.90 -32.30 23.65
CA PRO E 298 34.34 -31.50 22.55
C PRO E 298 32.83 -31.58 22.45
N ALA E 299 32.21 -30.53 21.91
CA ALA E 299 30.76 -30.46 21.79
C ALA E 299 30.36 -29.99 20.40
N ILE E 300 29.23 -30.48 19.91
CA ILE E 300 28.67 -30.05 18.64
C ILE E 300 27.28 -29.50 18.90
N ILE E 301 27.03 -28.29 18.42
CA ILE E 301 25.72 -27.65 18.49
C ILE E 301 25.13 -27.65 17.09
N PHE E 302 23.98 -28.29 16.93
CA PHE E 302 23.29 -28.34 15.65
C PHE E 302 22.03 -27.48 15.73
N ILE E 303 21.95 -26.50 14.84
CA ILE E 303 20.79 -25.60 14.77
C ILE E 303 19.98 -26.00 13.55
N ASP E 304 18.80 -26.57 13.78
CA ASP E 304 17.90 -26.96 12.71
C ASP E 304 16.96 -25.81 12.40
N GLU E 305 16.76 -25.55 11.12
CA GLU E 305 15.99 -24.41 10.65
C GLU E 305 16.55 -23.12 11.24
N LEU E 306 17.78 -22.81 10.85
CA LEU E 306 18.46 -21.61 11.37
C LEU E 306 17.69 -20.35 11.03
N ASP E 307 17.04 -20.32 9.86
CA ASP E 307 16.31 -19.13 9.45
C ASP E 307 15.16 -18.82 10.39
N ALA E 308 14.72 -19.82 11.17
CA ALA E 308 13.65 -19.58 12.13
C ALA E 308 14.07 -18.58 13.21
N ILE E 309 15.30 -18.70 13.71
CA ILE E 309 15.79 -17.80 14.74
C ILE E 309 16.80 -16.78 14.25
N ALA E 310 17.12 -16.77 12.95
CA ALA E 310 18.09 -15.85 12.39
C ALA E 310 17.54 -15.17 11.15
N PRO E 311 16.54 -14.30 11.30
CA PRO E 311 16.10 -13.49 10.16
C PRO E 311 16.84 -12.17 10.11
N LYS E 312 16.77 -11.54 8.93
CA LYS E 312 17.37 -10.22 8.78
C LYS E 312 16.71 -9.24 9.74
N ARG E 313 17.53 -8.53 10.51
CA ARG E 313 16.99 -7.68 11.57
C ARG E 313 16.13 -6.56 11.01
N GLU E 314 16.48 -6.04 9.83
CA GLU E 314 15.67 -5.00 9.22
C GLU E 314 14.32 -5.55 8.76
N LYS E 315 14.27 -6.79 8.31
CA LYS E 315 13.00 -7.40 7.93
C LYS E 315 12.16 -7.73 9.17
N THR E 316 12.81 -7.92 10.31
CA THR E 316 12.10 -8.25 11.54
C THR E 316 11.33 -7.03 12.06
N HIS E 317 10.09 -7.27 12.47
CA HIS E 317 9.22 -6.22 12.99
C HIS E 317 9.13 -6.22 14.51
N GLY E 318 9.77 -7.16 15.19
CA GLY E 318 9.71 -7.28 16.63
C GLY E 318 11.10 -7.11 17.23
N GLU E 319 11.14 -6.53 18.43
CA GLU E 319 12.41 -6.32 19.11
C GLU E 319 12.99 -7.62 19.65
N VAL E 320 12.14 -8.51 20.17
CA VAL E 320 12.66 -9.72 20.81
C VAL E 320 13.40 -10.59 19.81
N GLU E 321 12.89 -10.69 18.58
CA GLU E 321 13.58 -11.50 17.57
C GLU E 321 14.91 -10.86 17.17
N ARG E 322 14.95 -9.53 17.07
CA ARG E 322 16.22 -8.85 16.82
C ARG E 322 17.21 -9.13 17.93
N ARG E 323 16.73 -9.15 19.18
CA ARG E 323 17.61 -9.45 20.30
C ARG E 323 18.10 -10.88 20.24
N ILE E 324 17.26 -11.80 19.76
CA ILE E 324 17.71 -13.18 19.57
C ILE E 324 18.82 -13.25 18.53
N VAL E 325 18.66 -12.52 17.42
CA VAL E 325 19.70 -12.52 16.40
C VAL E 325 21.00 -11.97 16.95
N SER E 326 20.93 -10.84 17.67
CA SER E 326 22.13 -10.24 18.23
C SER E 326 22.75 -11.15 19.29
N GLN E 327 21.92 -11.85 20.06
CA GLN E 327 22.43 -12.77 21.06
C GLN E 327 23.13 -13.94 20.40
N LEU E 328 22.59 -14.45 19.29
CA LEU E 328 23.29 -15.49 18.54
C LEU E 328 24.64 -15.01 18.07
N LEU E 329 24.68 -13.79 17.52
CA LEU E 329 25.95 -13.22 17.09
C LEU E 329 26.95 -13.13 18.23
N THR E 330 26.49 -12.64 19.40
CA THR E 330 27.40 -12.45 20.52
C THR E 330 27.89 -13.79 21.08
N LEU E 331 26.98 -14.75 21.25
CA LEU E 331 27.39 -16.07 21.72
C LEU E 331 28.38 -16.73 20.78
N MET E 332 28.23 -16.52 19.46
CA MET E 332 29.17 -17.19 18.57
C MET E 332 30.47 -16.39 18.43
N ASP E 333 30.42 -15.08 18.65
CA ASP E 333 31.66 -14.31 18.76
C ASP E 333 32.46 -14.79 19.97
N GLY E 334 31.78 -15.07 21.08
CA GLY E 334 32.43 -15.73 22.19
C GLY E 334 32.87 -17.15 21.85
N LEU E 335 32.09 -17.82 20.99
CA LEU E 335 32.45 -19.14 20.50
C LEU E 335 33.82 -19.12 19.83
N LYS E 336 34.14 -18.02 19.16
CA LYS E 336 35.43 -17.90 18.48
C LYS E 336 36.59 -18.18 19.44
N GLN E 337 36.48 -17.73 20.70
CA GLN E 337 37.57 -17.94 21.66
C GLN E 337 37.60 -19.38 22.17
N ARG E 338 36.47 -20.08 22.11
CA ARG E 338 36.35 -21.39 22.75
C ARG E 338 37.22 -22.42 22.04
N ALA E 339 37.46 -23.54 22.71
CA ALA E 339 38.39 -24.53 22.18
C ALA E 339 37.70 -25.56 21.29
N HIS E 340 36.81 -26.38 21.84
CA HIS E 340 36.43 -27.63 21.21
C HIS E 340 34.95 -27.73 20.84
N VAL E 341 34.27 -26.61 20.65
CA VAL E 341 32.85 -26.63 20.29
C VAL E 341 32.66 -26.08 18.88
N ILE E 342 31.91 -26.82 18.06
CA ILE E 342 31.65 -26.46 16.67
C ILE E 342 30.15 -26.43 16.44
N VAL E 343 29.66 -25.40 15.76
CA VAL E 343 28.23 -25.21 15.50
C VAL E 343 27.97 -25.43 14.01
N MET E 344 26.98 -26.26 13.71
CA MET E 344 26.50 -26.47 12.34
C MET E 344 25.03 -26.12 12.28
N ALA E 345 24.61 -25.52 11.16
CA ALA E 345 23.23 -25.10 10.96
C ALA E 345 22.74 -25.53 9.59
N ALA E 346 21.45 -25.86 9.51
CA ALA E 346 20.82 -26.29 8.29
C ALA E 346 19.61 -25.42 8.00
N THR E 347 19.55 -24.87 6.79
CA THR E 347 18.44 -24.02 6.37
C THR E 347 18.06 -24.35 4.94
N ASN E 348 16.78 -24.22 4.62
CA ASN E 348 16.33 -24.41 3.24
C ASN E 348 16.67 -23.21 2.37
N ARG E 349 16.50 -22.02 2.90
CA ARG E 349 16.68 -20.79 2.13
C ARG E 349 17.83 -19.98 2.68
N PRO E 350 19.02 -20.05 2.07
CA PRO E 350 20.18 -19.35 2.65
C PRO E 350 20.06 -17.85 2.64
N ASN E 351 19.28 -17.29 1.71
CA ASN E 351 19.18 -15.83 1.59
C ASN E 351 18.61 -15.21 2.86
N SER E 352 17.65 -15.90 3.48
CA SER E 352 16.97 -15.34 4.65
C SER E 352 17.90 -15.21 5.85
N ILE E 353 19.04 -15.89 5.84
CA ILE E 353 19.97 -15.79 6.94
C ILE E 353 20.50 -14.36 7.03
N ASP E 354 20.61 -13.86 8.25
CA ASP E 354 21.06 -12.49 8.46
C ASP E 354 22.45 -12.31 7.88
N PRO E 355 22.73 -11.19 7.20
CA PRO E 355 24.02 -11.03 6.53
C PRO E 355 25.21 -11.11 7.46
N ALA E 356 25.06 -10.68 8.71
CA ALA E 356 26.16 -10.74 9.67
C ALA E 356 26.61 -12.18 9.90
N LEU E 357 25.66 -13.12 9.94
CA LEU E 357 26.02 -14.52 10.14
C LEU E 357 26.79 -15.07 8.94
N ARG E 358 26.69 -14.41 7.78
CA ARG E 358 27.49 -14.82 6.63
C ARG E 358 28.79 -14.04 6.51
N ARG E 359 28.98 -13.04 7.36
CA ARG E 359 30.18 -12.21 7.34
C ARG E 359 31.41 -13.05 7.70
N PHE E 360 32.56 -12.64 7.18
CA PHE E 360 33.80 -13.33 7.47
C PHE E 360 34.05 -13.35 8.98
N GLY E 361 34.46 -14.52 9.47
CA GLY E 361 34.52 -14.79 10.88
C GLY E 361 33.25 -15.39 11.45
N ARG E 362 32.15 -15.33 10.70
CA ARG E 362 30.89 -15.93 11.10
C ARG E 362 30.39 -16.84 10.00
N PHE E 363 30.23 -18.12 10.32
CA PHE E 363 29.91 -19.15 9.32
C PHE E 363 30.81 -18.99 8.10
N ASP E 364 32.12 -18.97 8.36
CA ASP E 364 33.09 -18.64 7.32
C ASP E 364 33.04 -19.65 6.18
N ARG E 365 32.87 -20.92 6.50
CA ARG E 365 32.75 -21.98 5.50
C ARG E 365 31.29 -22.34 5.36
N GLU E 366 30.82 -22.41 4.11
CA GLU E 366 29.43 -22.70 3.80
C GLU E 366 29.37 -23.78 2.73
N VAL E 367 28.63 -24.86 3.00
CA VAL E 367 28.57 -26.01 2.11
C VAL E 367 27.22 -25.99 1.39
N ASP E 368 27.28 -26.05 0.07
CA ASP E 368 26.09 -26.16 -0.77
C ASP E 368 25.81 -27.64 -1.02
N ILE E 369 24.74 -28.15 -0.42
CA ILE E 369 24.32 -29.52 -0.63
C ILE E 369 23.49 -29.56 -1.90
N GLY E 370 24.16 -29.73 -3.03
CA GLY E 370 23.46 -29.72 -4.30
C GLY E 370 22.67 -30.98 -4.55
N ILE E 371 21.84 -30.91 -5.59
CA ILE E 371 21.02 -32.08 -5.94
C ILE E 371 21.93 -33.20 -6.42
N PRO E 372 21.63 -34.46 -6.13
CA PRO E 372 22.50 -35.55 -6.59
C PRO E 372 22.48 -35.68 -8.10
N ASP E 373 23.61 -36.10 -8.65
CA ASP E 373 23.69 -36.44 -10.06
C ASP E 373 23.32 -37.91 -10.27
N ALA E 374 23.52 -38.38 -11.50
CA ALA E 374 23.09 -39.74 -11.85
C ALA E 374 23.79 -40.79 -11.00
N THR E 375 25.12 -40.67 -10.86
CA THR E 375 25.85 -41.59 -10.00
C THR E 375 25.41 -41.46 -8.55
N GLY E 376 25.16 -40.23 -8.10
CA GLY E 376 24.65 -40.04 -6.76
C GLY E 376 23.31 -40.69 -6.54
N ARG E 377 22.40 -40.57 -7.52
CA ARG E 377 21.10 -41.20 -7.40
C ARG E 377 21.23 -42.72 -7.36
N LEU E 378 22.13 -43.27 -8.18
CA LEU E 378 22.36 -44.71 -8.15
C LEU E 378 22.89 -45.15 -6.79
N GLU E 379 23.81 -44.37 -6.21
CA GLU E 379 24.33 -44.69 -4.89
C GLU E 379 23.23 -44.63 -3.83
N ILE E 380 22.36 -43.63 -3.90
CA ILE E 380 21.26 -43.52 -2.96
C ILE E 380 20.33 -44.72 -3.08
N LEU E 381 20.03 -45.12 -4.31
CA LEU E 381 19.17 -46.29 -4.51
C LEU E 381 19.82 -47.55 -3.96
N GLN E 382 21.13 -47.72 -4.17
CA GLN E 382 21.82 -48.88 -3.63
C GLN E 382 21.77 -48.89 -2.11
N ILE E 383 21.97 -47.73 -1.48
CA ILE E 383 21.92 -47.66 -0.02
C ILE E 383 20.53 -47.98 0.50
N HIS E 384 19.50 -47.37 -0.09
CA HIS E 384 18.17 -47.49 0.49
C HIS E 384 17.54 -48.85 0.20
N THR E 385 17.88 -49.45 -0.94
CA THR E 385 17.23 -50.68 -1.39
C THR E 385 17.89 -51.94 -0.85
N LYS E 386 18.95 -51.82 -0.05
CA LYS E 386 19.58 -53.02 0.49
C LYS E 386 18.65 -53.75 1.45
N ASN E 387 17.76 -53.02 2.13
CA ASN E 387 16.84 -53.64 3.06
C ASN E 387 15.70 -54.34 2.34
N MET E 388 15.20 -53.73 1.26
CA MET E 388 14.00 -54.23 0.60
C MET E 388 14.27 -55.54 -0.12
N LYS E 389 13.20 -56.32 -0.32
CA LYS E 389 13.28 -57.62 -0.98
C LYS E 389 13.23 -57.43 -2.50
N LEU E 390 14.33 -56.88 -3.03
CA LEU E 390 14.41 -56.65 -4.46
C LEU E 390 14.52 -57.96 -5.22
N ALA E 391 13.90 -58.01 -6.40
CA ALA E 391 13.99 -59.17 -7.26
C ALA E 391 15.26 -59.13 -8.09
N ASP E 392 15.41 -60.13 -8.96
CA ASP E 392 16.61 -60.20 -9.80
C ASP E 392 16.43 -59.42 -11.09
N ASP E 393 15.19 -59.16 -11.49
CA ASP E 393 14.94 -58.48 -12.76
C ASP E 393 15.18 -56.98 -12.63
N VAL E 394 15.21 -56.46 -11.41
CA VAL E 394 15.40 -55.03 -11.21
C VAL E 394 16.89 -54.69 -11.29
N ASP E 395 17.21 -53.65 -12.05
CA ASP E 395 18.55 -53.08 -12.11
C ASP E 395 18.46 -51.59 -11.84
N LEU E 396 19.28 -51.12 -10.89
CA LEU E 396 19.08 -49.79 -10.34
C LEU E 396 19.65 -48.71 -11.26
N GLU E 397 20.51 -49.11 -12.20
CA GLU E 397 21.10 -48.13 -13.11
C GLU E 397 20.04 -47.48 -14.00
N GLN E 398 19.11 -48.27 -14.52
CA GLN E 398 18.04 -47.71 -15.34
C GLN E 398 17.17 -46.77 -14.52
N VAL E 399 16.85 -47.14 -13.29
CA VAL E 399 16.05 -46.28 -12.42
C VAL E 399 16.77 -44.97 -12.15
N ALA E 400 18.09 -45.04 -11.92
CA ALA E 400 18.86 -43.82 -11.70
C ALA E 400 18.86 -42.94 -12.94
N ASN E 401 18.97 -43.54 -14.13
CA ASN E 401 19.00 -42.76 -15.36
C ASN E 401 17.64 -42.13 -15.64
N GLU E 402 16.55 -42.81 -15.29
CA GLU E 402 15.22 -42.29 -15.61
C GLU E 402 14.92 -40.99 -14.86
N THR E 403 15.22 -40.95 -13.57
CA THR E 403 14.91 -39.78 -12.77
C THR E 403 15.79 -38.61 -13.19
N HIS E 404 15.25 -37.39 -13.08
CA HIS E 404 15.96 -36.20 -13.52
C HIS E 404 16.32 -35.27 -12.37
N GLY E 405 15.34 -34.82 -11.59
CA GLY E 405 15.58 -33.90 -10.50
C GLY E 405 15.35 -34.46 -9.12
N HIS E 406 15.23 -35.77 -8.97
CA HIS E 406 14.94 -36.34 -7.67
C HIS E 406 16.12 -36.10 -6.73
N VAL E 407 15.81 -35.64 -5.51
CA VAL E 407 16.85 -35.16 -4.61
C VAL E 407 17.15 -36.14 -3.47
N GLY E 408 16.56 -37.34 -3.50
CA GLY E 408 16.80 -38.35 -2.50
C GLY E 408 15.59 -38.68 -1.66
N ALA E 409 14.83 -37.67 -1.23
CA ALA E 409 13.52 -37.94 -0.63
C ALA E 409 12.57 -38.50 -1.67
N ASP E 410 12.64 -37.99 -2.91
CA ASP E 410 11.82 -38.52 -3.98
C ASP E 410 12.18 -39.96 -4.29
N LEU E 411 13.45 -40.34 -4.10
CA LEU E 411 13.83 -41.73 -4.33
C LEU E 411 13.22 -42.64 -3.27
N ALA E 412 13.18 -42.19 -2.02
CA ALA E 412 12.48 -42.96 -0.99
C ALA E 412 10.99 -43.05 -1.31
N ALA E 413 10.41 -41.97 -1.83
CA ALA E 413 9.00 -42.01 -2.24
C ALA E 413 8.79 -43.01 -3.37
N LEU E 414 9.72 -43.05 -4.32
CA LEU E 414 9.65 -44.02 -5.40
C LEU E 414 9.68 -45.44 -4.87
N CYS E 415 10.61 -45.74 -3.97
CA CYS E 415 10.68 -47.08 -3.41
C CYS E 415 9.42 -47.44 -2.65
N SER E 416 8.89 -46.50 -1.86
CA SER E 416 7.69 -46.78 -1.08
C SER E 416 6.48 -47.01 -1.98
N GLU E 417 6.36 -46.22 -3.04
CA GLU E 417 5.26 -46.43 -3.99
C GLU E 417 5.38 -47.78 -4.67
N ALA E 418 6.61 -48.16 -5.06
CA ALA E 418 6.79 -49.47 -5.68
C ALA E 418 6.42 -50.59 -4.73
N ALA E 419 6.80 -50.47 -3.45
CA ALA E 419 6.43 -51.47 -2.47
C ALA E 419 4.92 -51.52 -2.29
N LEU E 420 4.25 -50.36 -2.30
CA LEU E 420 2.80 -50.34 -2.20
C LEU E 420 2.16 -51.05 -3.38
N GLN E 421 2.66 -50.82 -4.59
CA GLN E 421 2.14 -51.51 -5.76
C GLN E 421 2.37 -53.02 -5.66
N ALA E 422 3.54 -53.42 -5.18
CA ALA E 422 3.81 -54.84 -4.99
C ALA E 422 2.85 -55.45 -4.00
N ILE E 423 2.52 -54.73 -2.92
CA ILE E 423 1.48 -55.16 -2.00
C ILE E 423 0.17 -55.34 -2.75
N ARG E 424 -0.19 -54.35 -3.59
CA ARG E 424 -1.45 -54.41 -4.32
C ARG E 424 -1.53 -55.65 -5.19
N LYS E 425 -0.40 -56.06 -5.80
CA LYS E 425 -0.43 -57.26 -6.63
C LYS E 425 -0.81 -58.49 -5.84
N LYS E 426 -0.18 -58.71 -4.68
CA LYS E 426 -0.53 -59.84 -3.83
C LYS E 426 -1.79 -59.57 -3.01
N MET E 427 -2.35 -58.37 -3.12
CA MET E 427 -3.48 -57.98 -2.28
C MET E 427 -4.79 -58.61 -2.76
N ASP E 428 -4.80 -59.17 -3.96
CA ASP E 428 -5.96 -59.93 -4.40
C ASP E 428 -6.01 -61.31 -3.77
N LEU E 429 -4.84 -61.91 -3.52
CA LEU E 429 -4.81 -63.21 -2.86
C LEU E 429 -5.39 -63.13 -1.45
N ILE E 430 -4.89 -62.20 -0.65
CA ILE E 430 -5.31 -62.04 0.75
C ILE E 430 -5.92 -60.67 0.92
N ASP E 431 -7.10 -60.61 1.51
CA ASP E 431 -7.84 -59.36 1.55
C ASP E 431 -7.59 -58.65 2.88
N LEU E 432 -7.85 -57.34 2.89
CA LEU E 432 -7.64 -56.54 4.09
C LEU E 432 -8.50 -57.03 5.25
N GLU E 433 -9.77 -57.32 4.98
CA GLU E 433 -10.69 -57.69 6.05
C GLU E 433 -10.34 -59.05 6.63
N ASP E 434 -9.56 -59.85 5.90
CA ASP E 434 -9.05 -61.10 6.45
C ASP E 434 -8.09 -60.80 7.59
N GLU E 435 -8.29 -61.47 8.73
CA GLU E 435 -7.55 -61.13 9.93
C GLU E 435 -6.09 -61.56 9.83
N THR E 436 -5.80 -62.61 9.07
CA THR E 436 -4.47 -63.16 8.96
C THR E 436 -4.06 -63.26 7.50
N ILE E 437 -2.76 -63.43 7.28
CA ILE E 437 -2.19 -63.50 5.94
C ILE E 437 -1.50 -64.85 5.78
N ASP E 438 -1.69 -65.47 4.61
CA ASP E 438 -1.04 -66.74 4.33
C ASP E 438 0.47 -66.55 4.30
N ALA E 439 1.18 -67.51 4.90
CA ALA E 439 2.64 -67.48 4.86
C ALA E 439 3.16 -67.61 3.43
N GLU E 440 2.38 -68.27 2.57
CA GLU E 440 2.77 -68.38 1.18
C GLU E 440 2.74 -67.02 0.49
N VAL E 441 1.81 -66.16 0.87
CA VAL E 441 1.81 -64.79 0.35
C VAL E 441 3.02 -64.03 0.89
N MET E 442 3.38 -64.26 2.15
CA MET E 442 4.56 -63.61 2.72
C MET E 442 5.83 -64.00 1.97
N ASN E 443 5.96 -65.27 1.62
CA ASN E 443 7.09 -65.68 0.80
C ASN E 443 6.98 -65.13 -0.62
N SER E 444 5.75 -65.03 -1.14
CA SER E 444 5.57 -64.61 -2.52
C SER E 444 5.78 -63.11 -2.70
N LEU E 445 5.84 -62.37 -1.59
CA LEU E 445 5.98 -60.93 -1.67
C LEU E 445 7.37 -60.54 -2.17
N ALA E 446 7.42 -59.75 -3.22
CA ALA E 446 8.69 -59.33 -3.80
C ALA E 446 8.45 -58.06 -4.62
N VAL E 447 9.51 -57.27 -4.76
CA VAL E 447 9.47 -56.02 -5.51
C VAL E 447 10.11 -56.26 -6.87
N THR E 448 9.33 -56.14 -7.94
CA THR E 448 9.80 -56.43 -9.28
C THR E 448 10.13 -55.13 -10.00
N MET E 449 10.75 -55.27 -11.17
CA MET E 449 11.06 -54.10 -11.98
C MET E 449 9.80 -53.45 -12.53
N ASP E 450 8.73 -54.22 -12.69
CA ASP E 450 7.46 -53.63 -13.11
C ASP E 450 6.95 -52.63 -12.08
N ASP E 451 7.14 -52.94 -10.79
CA ASP E 451 6.71 -52.01 -9.75
C ASP E 451 7.51 -50.72 -9.80
N PHE E 452 8.82 -50.81 -10.03
CA PHE E 452 9.62 -49.60 -10.16
C PHE E 452 9.25 -48.82 -11.41
N ARG E 453 8.88 -49.51 -12.48
CA ARG E 453 8.41 -48.81 -13.67
C ARG E 453 7.12 -48.05 -13.38
N TRP E 454 6.20 -48.69 -12.65
CA TRP E 454 4.98 -48.00 -12.23
C TRP E 454 5.29 -46.79 -11.36
N ALA E 455 6.21 -46.95 -10.40
CA ALA E 455 6.55 -45.84 -9.52
C ALA E 455 7.17 -44.69 -10.31
N LEU E 456 8.04 -45.01 -11.27
CA LEU E 456 8.62 -43.98 -12.12
C LEU E 456 7.54 -43.27 -12.93
N SER E 457 6.55 -44.01 -13.41
CA SER E 457 5.43 -43.38 -14.10
C SER E 457 4.68 -42.44 -13.17
N GLN E 458 4.54 -42.81 -11.90
CA GLN E 458 3.79 -41.97 -10.96
C GLN E 458 4.67 -40.89 -10.35
N SER E 459 5.99 -41.05 -10.39
CA SER E 459 6.89 -40.19 -9.64
C SER E 459 6.85 -38.75 -10.15
N ASN E 460 7.13 -37.81 -9.26
CA ASN E 460 7.24 -36.39 -9.58
C ASN E 460 8.12 -35.71 -8.55
N PRO E 461 9.08 -34.90 -8.98
CA PRO E 461 9.95 -34.20 -8.02
C PRO E 461 9.16 -33.28 -7.10
N SER E 462 9.68 -33.10 -5.89
CA SER E 462 8.98 -32.29 -4.90
C SER E 462 8.89 -30.82 -5.33
N ALA E 463 9.95 -30.31 -5.95
CA ALA E 463 9.93 -28.92 -6.40
C ALA E 463 8.86 -28.69 -7.45
N LEU E 464 8.69 -29.64 -8.37
CA LEU E 464 7.71 -29.49 -9.44
C LEU E 464 6.28 -29.67 -8.93
N ARG E 465 6.10 -30.16 -7.70
CA ARG E 465 4.77 -30.41 -7.20
C ARG E 465 3.95 -29.12 -7.10
N GLU E 466 4.61 -28.00 -6.81
CA GLU E 466 3.91 -26.73 -6.71
C GLU E 466 3.45 -26.25 -8.08
N THR E 467 4.15 -26.63 -9.14
CA THR E 467 3.89 -26.08 -10.47
C THR E 467 3.59 -27.16 -11.50
N VAL E 468 2.77 -28.13 -11.15
CA VAL E 468 2.41 -29.24 -12.03
C VAL E 468 1.03 -28.97 -12.62
N VAL E 469 0.91 -29.14 -13.93
CA VAL E 469 -0.36 -28.99 -14.64
C VAL E 469 -0.52 -30.16 -15.60
N GLU E 470 -1.76 -30.60 -15.79
CA GLU E 470 -2.02 -31.70 -16.72
C GLU E 470 -1.81 -31.23 -18.15
N VAL E 471 -1.09 -32.04 -18.92
CA VAL E 471 -0.74 -31.72 -20.31
C VAL E 471 -1.25 -32.86 -21.18
N PRO E 472 -1.96 -32.57 -22.28
CA PRO E 472 -2.46 -33.64 -23.14
C PRO E 472 -1.31 -34.47 -23.72
N GLN E 473 -1.53 -35.77 -23.85
CA GLN E 473 -0.49 -36.67 -24.31
C GLN E 473 -0.21 -36.45 -25.79
N VAL E 474 0.96 -35.90 -26.10
CA VAL E 474 1.37 -35.61 -27.48
C VAL E 474 2.75 -36.18 -27.72
N THR E 475 2.90 -36.90 -28.83
CA THR E 475 4.19 -37.42 -29.27
C THR E 475 4.61 -36.72 -30.56
N TRP E 476 5.84 -37.02 -31.00
CA TRP E 476 6.37 -36.36 -32.19
C TRP E 476 5.65 -36.81 -33.45
N GLU E 477 5.29 -38.09 -33.53
CA GLU E 477 4.55 -38.57 -34.70
C GLU E 477 3.15 -37.99 -34.74
N ASP E 478 2.65 -37.53 -33.59
CA ASP E 478 1.38 -36.80 -33.59
C ASP E 478 1.52 -35.48 -34.33
N ILE E 479 2.65 -34.79 -34.15
CA ILE E 479 2.90 -33.56 -34.88
C ILE E 479 3.21 -33.87 -36.34
N GLY E 480 2.70 -33.06 -37.24
CA GLY E 480 2.94 -33.20 -38.66
C GLY E 480 3.89 -32.14 -39.17
N GLY E 481 4.84 -32.55 -40.00
CA GLY E 481 5.80 -31.64 -40.56
C GLY E 481 6.81 -31.16 -39.53
N LEU E 482 7.53 -30.10 -39.90
CA LEU E 482 8.51 -29.47 -39.03
C LEU E 482 9.55 -30.47 -38.54
N GLU E 483 9.98 -31.37 -39.43
CA GLU E 483 10.94 -32.40 -39.05
C GLU E 483 12.27 -31.78 -38.61
N ASP E 484 12.73 -30.76 -39.33
CA ASP E 484 13.97 -30.10 -38.95
C ASP E 484 13.84 -29.45 -37.58
N VAL E 485 12.68 -28.84 -37.30
CA VAL E 485 12.49 -28.20 -35.99
C VAL E 485 12.47 -29.24 -34.89
N LYS E 486 11.83 -30.38 -35.13
CA LYS E 486 11.86 -31.46 -34.15
C LYS E 486 13.29 -31.90 -33.88
N ARG E 487 14.08 -32.09 -34.94
CA ARG E 487 15.46 -32.53 -34.77
C ARG E 487 16.27 -31.50 -34.01
N GLU E 488 16.09 -30.21 -34.33
CA GLU E 488 16.83 -29.16 -33.64
C GLU E 488 16.47 -29.13 -32.16
N LEU E 489 15.17 -29.19 -31.84
CA LEU E 489 14.78 -29.16 -30.44
C LEU E 489 15.35 -30.35 -29.69
N GLN E 490 15.27 -31.54 -30.29
CA GLN E 490 15.85 -32.72 -29.65
C GLN E 490 17.34 -32.53 -29.41
N GLU E 491 18.05 -31.96 -30.39
CA GLU E 491 19.48 -31.79 -30.24
C GLU E 491 19.82 -30.81 -29.12
N LEU E 492 19.15 -29.65 -29.10
CA LEU E 492 19.45 -28.67 -28.06
C LEU E 492 19.08 -29.18 -26.67
N VAL E 493 18.06 -30.03 -26.57
CA VAL E 493 17.70 -30.57 -25.25
C VAL E 493 18.66 -31.68 -24.84
N GLN E 494 19.17 -32.44 -25.81
CA GLN E 494 19.92 -33.65 -25.48
C GLN E 494 21.41 -33.39 -25.33
N TYR E 495 21.99 -32.52 -26.17
CA TYR E 495 23.44 -32.40 -26.23
C TYR E 495 24.07 -31.95 -24.92
N PRO E 496 23.65 -30.85 -24.27
CA PRO E 496 24.37 -30.42 -23.07
C PRO E 496 24.32 -31.45 -21.94
N VAL E 497 23.18 -32.09 -21.72
CA VAL E 497 23.07 -33.05 -20.64
C VAL E 497 23.84 -34.32 -20.97
N GLU E 498 23.75 -34.79 -22.22
CA GLU E 498 24.41 -36.04 -22.58
C GLU E 498 25.91 -35.84 -22.80
N HIS E 499 26.29 -34.82 -23.57
CA HIS E 499 27.67 -34.65 -24.03
C HIS E 499 28.17 -33.25 -23.71
N PRO E 500 28.46 -32.97 -22.43
CA PRO E 500 29.14 -31.70 -22.12
C PRO E 500 30.61 -31.72 -22.50
N ASP E 501 31.21 -32.91 -22.59
CA ASP E 501 32.62 -33.02 -22.88
C ASP E 501 32.95 -32.47 -24.27
N LYS E 502 32.06 -32.69 -25.24
CA LYS E 502 32.30 -32.15 -26.58
C LYS E 502 32.36 -30.64 -26.56
N PHE E 503 31.39 -30.01 -25.90
CA PHE E 503 31.37 -28.55 -25.82
C PHE E 503 32.58 -28.02 -25.08
N LEU E 504 33.01 -28.73 -24.04
CA LEU E 504 34.22 -28.34 -23.33
C LEU E 504 35.45 -28.45 -24.23
N LYS E 505 35.51 -29.50 -25.05
CA LYS E 505 36.63 -29.67 -25.97
C LYS E 505 36.70 -28.54 -26.98
N PHE E 506 35.56 -28.22 -27.60
CA PHE E 506 35.53 -27.22 -28.66
C PHE E 506 35.44 -25.79 -28.14
N GLY E 507 35.23 -25.61 -26.84
CA GLY E 507 35.24 -24.28 -26.25
C GLY E 507 34.08 -23.39 -26.66
N MET E 508 32.87 -23.94 -26.78
CA MET E 508 31.67 -23.14 -26.95
C MET E 508 30.67 -23.49 -25.86
N THR E 509 30.03 -22.45 -25.31
CA THR E 509 28.95 -22.66 -24.37
C THR E 509 27.68 -23.08 -25.12
N PRO E 510 26.89 -24.00 -24.56
CA PRO E 510 25.61 -24.34 -25.20
C PRO E 510 24.66 -23.16 -25.18
N SER E 511 23.83 -23.07 -26.21
CA SER E 511 22.80 -22.05 -26.25
C SER E 511 21.57 -22.54 -25.50
N LYS E 512 21.18 -21.81 -24.46
CA LYS E 512 20.07 -22.20 -23.60
C LYS E 512 18.77 -21.49 -23.95
N GLY E 513 18.79 -20.53 -24.86
CA GLY E 513 17.60 -19.76 -25.16
C GLY E 513 17.03 -20.04 -26.53
N VAL E 514 15.73 -20.36 -26.59
CA VAL E 514 15.03 -20.64 -27.84
C VAL E 514 13.78 -19.79 -27.87
N LEU E 515 13.52 -19.13 -29.00
CA LEU E 515 12.33 -18.32 -29.17
C LEU E 515 11.52 -18.85 -30.33
N PHE E 516 10.22 -19.02 -30.13
CA PHE E 516 9.30 -19.45 -31.17
C PHE E 516 8.43 -18.27 -31.55
N TYR E 517 8.44 -17.91 -32.83
CA TYR E 517 7.53 -16.89 -33.33
C TYR E 517 6.98 -17.35 -34.68
N GLY E 518 5.69 -17.14 -34.87
CA GLY E 518 5.02 -17.53 -36.09
C GLY E 518 3.55 -17.20 -36.03
N PRO E 519 2.86 -17.38 -37.15
CA PRO E 519 1.43 -17.10 -37.16
C PRO E 519 0.70 -18.01 -36.19
N PRO E 520 -0.39 -17.54 -35.60
CA PRO E 520 -1.13 -18.38 -34.65
C PRO E 520 -1.65 -19.65 -35.32
N GLY E 521 -1.58 -20.75 -34.58
CA GLY E 521 -2.05 -22.02 -35.08
C GLY E 521 -1.06 -22.82 -35.88
N CYS E 522 0.23 -22.51 -35.78
CA CYS E 522 1.24 -23.22 -36.55
C CYS E 522 1.97 -24.29 -35.76
N GLY E 523 1.80 -24.35 -34.44
CA GLY E 523 2.29 -25.48 -33.68
C GLY E 523 3.39 -25.20 -32.68
N LYS E 524 3.50 -23.97 -32.17
CA LYS E 524 4.49 -23.70 -31.13
C LYS E 524 4.12 -24.37 -29.82
N THR E 525 2.89 -24.16 -29.36
CA THR E 525 2.45 -24.78 -28.12
C THR E 525 2.39 -26.29 -28.26
N LEU E 526 2.10 -26.79 -29.46
CA LEU E 526 2.12 -28.23 -29.68
C LEU E 526 3.52 -28.79 -29.51
N LEU E 527 4.53 -28.09 -30.03
CA LEU E 527 5.91 -28.52 -29.83
C LEU E 527 6.26 -28.48 -28.35
N ALA E 528 5.79 -27.46 -27.63
CA ALA E 528 6.03 -27.40 -26.19
C ALA E 528 5.40 -28.58 -25.47
N LYS E 529 4.17 -28.95 -25.86
CA LYS E 529 3.52 -30.10 -25.24
C LYS E 529 4.29 -31.38 -25.53
N ALA E 530 4.77 -31.55 -26.77
CA ALA E 530 5.53 -32.75 -27.10
C ALA E 530 6.81 -32.83 -26.28
N ILE E 531 7.48 -31.68 -26.12
CA ILE E 531 8.68 -31.64 -25.29
C ILE E 531 8.34 -31.99 -23.84
N ALA E 532 7.22 -31.48 -23.34
CA ALA E 532 6.82 -31.76 -21.97
C ALA E 532 6.55 -33.25 -21.79
N ASN E 533 5.96 -33.89 -22.79
CA ASN E 533 5.59 -35.29 -22.64
C ASN E 533 6.80 -36.22 -22.79
N GLU E 534 7.55 -36.11 -23.88
CA GLU E 534 8.52 -37.17 -24.12
C GLU E 534 9.89 -36.85 -23.52
N CYS E 535 10.31 -35.58 -23.55
CA CYS E 535 11.69 -35.24 -23.20
C CYS E 535 12.03 -35.71 -21.80
N GLN E 536 13.28 -36.16 -21.64
CA GLN E 536 13.79 -36.61 -20.36
C GLN E 536 14.42 -35.41 -19.64
N ALA E 537 13.62 -34.37 -19.50
CA ALA E 537 14.00 -33.17 -18.78
C ALA E 537 12.75 -32.55 -18.18
N ASN E 538 12.89 -32.06 -16.96
CA ASN E 538 11.74 -31.51 -16.24
C ASN E 538 11.17 -30.30 -16.95
N PHE E 539 9.86 -30.14 -16.87
CA PHE E 539 9.16 -29.07 -17.58
C PHE E 539 8.41 -28.20 -16.58
N ILE E 540 8.67 -26.89 -16.62
CA ILE E 540 7.89 -25.90 -15.89
C ILE E 540 7.17 -25.03 -16.90
N SER E 541 5.85 -25.06 -16.88
CA SER E 541 5.02 -24.29 -17.79
C SER E 541 4.31 -23.22 -17.00
N ILE E 542 4.51 -21.96 -17.38
CA ILE E 542 3.89 -20.84 -16.70
C ILE E 542 3.23 -19.94 -17.74
N LYS E 543 2.00 -19.52 -17.46
CA LYS E 543 1.36 -18.49 -18.27
C LYS E 543 2.12 -17.18 -18.10
N GLY E 544 1.96 -16.28 -19.05
CA GLY E 544 2.66 -15.02 -19.00
C GLY E 544 2.28 -14.16 -17.82
N PRO E 545 1.06 -13.63 -17.84
CA PRO E 545 0.67 -12.63 -16.82
C PRO E 545 0.52 -13.20 -15.42
N GLU E 546 0.54 -14.53 -15.26
CA GLU E 546 0.19 -15.12 -13.97
C GLU E 546 1.22 -14.76 -12.90
N LEU E 547 2.39 -14.28 -13.30
CA LEU E 547 3.43 -13.96 -12.32
C LEU E 547 3.14 -12.67 -11.58
N LEU E 548 2.48 -11.72 -12.25
CA LEU E 548 2.30 -10.39 -11.69
C LEU E 548 1.37 -10.39 -10.49
N THR E 549 1.68 -9.54 -9.51
CA THR E 549 0.87 -9.39 -8.30
C THR E 549 0.78 -7.90 -7.98
N MET E 550 -0.31 -7.52 -7.30
CA MET E 550 -0.54 -6.10 -7.03
C MET E 550 0.39 -5.58 -5.94
N TRP E 551 0.75 -6.42 -4.98
CA TRP E 551 1.53 -5.96 -3.84
C TRP E 551 2.94 -5.58 -4.29
N PHE E 552 3.51 -4.57 -3.64
CA PHE E 552 4.83 -4.09 -4.01
C PHE E 552 5.91 -5.13 -3.73
N GLY E 553 6.63 -5.52 -4.77
CA GLY E 553 7.73 -6.44 -4.65
C GLY E 553 7.39 -7.90 -4.84
N GLU E 554 6.11 -8.24 -4.99
CA GLU E 554 5.74 -9.65 -5.07
C GLU E 554 6.05 -10.23 -6.45
N SER E 555 5.99 -9.41 -7.49
CA SER E 555 6.23 -9.92 -8.84
C SER E 555 7.69 -10.34 -9.03
N GLU E 556 8.62 -9.51 -8.57
CA GLU E 556 10.04 -9.88 -8.64
C GLU E 556 10.31 -11.11 -7.79
N ALA E 557 9.65 -11.20 -6.63
CA ALA E 557 9.80 -12.38 -5.79
C ALA E 557 9.32 -13.63 -6.51
N ASN E 558 8.21 -13.52 -7.24
CA ASN E 558 7.70 -14.67 -7.99
C ASN E 558 8.66 -15.06 -9.10
N VAL E 559 9.25 -14.08 -9.78
CA VAL E 559 10.22 -14.38 -10.83
C VAL E 559 11.44 -15.11 -10.25
N ARG E 560 11.96 -14.59 -9.14
CA ARG E 560 13.11 -15.25 -8.50
C ARG E 560 12.74 -16.66 -8.04
N GLU E 561 11.54 -16.82 -7.48
CA GLU E 561 11.12 -18.15 -7.02
C GLU E 561 11.01 -19.13 -8.17
N ILE E 562 10.41 -18.72 -9.29
CA ILE E 562 10.23 -19.64 -10.40
C ILE E 562 11.58 -20.02 -10.98
N PHE E 563 12.51 -19.06 -11.10
CA PHE E 563 13.82 -19.40 -11.64
C PHE E 563 14.59 -20.28 -10.66
N ASP E 564 14.44 -20.06 -9.36
CA ASP E 564 15.11 -20.89 -8.38
C ASP E 564 14.61 -22.34 -8.45
N LYS E 565 13.30 -22.54 -8.50
CA LYS E 565 12.77 -23.89 -8.56
C LYS E 565 13.00 -24.51 -9.93
N ALA E 566 13.30 -23.69 -10.93
CA ALA E 566 13.76 -24.23 -12.20
C ALA E 566 15.19 -24.74 -12.10
N ARG E 567 16.06 -23.99 -11.43
CA ARG E 567 17.44 -24.42 -11.26
C ARG E 567 17.52 -25.67 -10.38
N GLN E 568 16.67 -25.75 -9.37
CA GLN E 568 16.76 -26.87 -8.43
C GLN E 568 16.55 -28.21 -9.14
N ALA E 569 15.61 -28.28 -10.07
CA ALA E 569 15.28 -29.52 -10.74
C ALA E 569 16.01 -29.69 -12.07
N ALA E 570 17.22 -29.17 -12.20
CA ALA E 570 17.96 -29.32 -13.44
C ALA E 570 18.27 -30.80 -13.69
N PRO E 571 18.23 -31.27 -14.94
CA PRO E 571 17.91 -30.51 -16.16
C PRO E 571 16.43 -30.19 -16.28
N CYS E 572 16.11 -28.90 -16.43
CA CYS E 572 14.73 -28.46 -16.48
C CYS E 572 14.53 -27.53 -17.67
N VAL E 573 13.33 -27.58 -18.24
CA VAL E 573 12.94 -26.74 -19.36
C VAL E 573 11.94 -25.73 -18.85
N LEU E 574 12.20 -24.45 -19.13
CA LEU E 574 11.36 -23.36 -18.67
C LEU E 574 10.65 -22.75 -19.87
N PHE E 575 9.33 -22.83 -19.87
CA PHE E 575 8.52 -22.41 -21.02
C PHE E 575 7.68 -21.20 -20.64
N PHE E 576 7.87 -20.11 -21.37
CA PHE E 576 7.08 -18.89 -21.20
C PHE E 576 6.10 -18.79 -22.36
N ASP E 577 4.91 -19.34 -22.17
CA ASP E 577 3.86 -19.16 -23.16
C ASP E 577 3.41 -17.70 -23.17
N GLN E 578 3.20 -17.19 -24.39
CA GLN E 578 2.77 -15.80 -24.58
C GLN E 578 3.76 -14.84 -23.93
N LEU E 579 4.98 -14.84 -24.47
CA LEU E 579 6.06 -14.04 -23.90
C LEU E 579 5.81 -12.55 -24.02
N ASP E 580 5.01 -12.12 -24.99
CA ASP E 580 4.81 -10.69 -25.20
C ASP E 580 4.05 -10.06 -24.04
N SER E 581 3.41 -10.88 -23.20
CA SER E 581 2.70 -10.34 -22.04
C SER E 581 3.68 -9.82 -21.01
N ILE E 582 4.72 -10.59 -20.69
CA ILE E 582 5.66 -10.17 -19.67
C ILE E 582 6.68 -9.20 -20.24
N ALA E 583 7.29 -9.55 -21.37
CA ALA E 583 8.35 -8.74 -21.97
C ALA E 583 7.73 -7.79 -22.98
N LYS E 584 7.78 -6.50 -22.68
CA LYS E 584 7.30 -5.47 -23.58
C LYS E 584 8.39 -4.43 -23.77
N ALA E 585 8.22 -3.61 -24.81
CA ALA E 585 9.17 -2.55 -25.08
C ALA E 585 9.31 -1.64 -23.87
N ARG E 586 10.55 -1.36 -23.50
CA ARG E 586 10.81 -0.58 -22.29
C ARG E 586 10.32 0.85 -22.47
N GLY E 587 9.83 1.44 -21.38
CA GLY E 587 9.40 2.81 -21.37
C GLY E 587 7.92 3.02 -21.65
N GLY E 588 7.25 2.03 -22.23
CA GLY E 588 5.81 2.15 -22.42
C GLY E 588 5.04 2.18 -21.12
N ASN E 589 5.39 1.29 -20.19
CA ASN E 589 4.75 1.31 -18.88
C ASN E 589 5.18 2.53 -18.07
N ILE E 590 6.44 2.96 -18.25
CA ILE E 590 6.92 4.15 -17.56
C ILE E 590 6.15 5.37 -18.02
N GLY E 591 5.89 5.48 -19.33
CA GLY E 591 5.12 6.59 -19.85
C GLY E 591 3.68 6.57 -19.38
N ASP E 592 3.05 5.39 -19.39
CA ASP E 592 1.67 5.22 -18.98
C ASP E 592 1.56 4.01 -18.06
N GLY E 593 1.06 4.22 -16.86
CA GLY E 593 0.96 3.17 -15.88
C GLY E 593 2.01 3.26 -14.79
N GLY E 594 1.98 2.27 -13.89
CA GLY E 594 2.89 2.28 -12.76
C GLY E 594 4.34 2.12 -13.15
N GLY E 595 4.62 1.17 -14.04
CA GLY E 595 5.99 0.87 -14.40
C GLY E 595 6.62 -0.30 -13.69
N ALA E 596 5.83 -1.13 -13.00
CA ALA E 596 6.38 -2.29 -12.32
C ALA E 596 6.72 -3.41 -13.30
N ALA E 597 6.09 -3.40 -14.48
CA ALA E 597 6.45 -4.37 -15.51
C ALA E 597 7.90 -4.19 -15.94
N ASP E 598 8.39 -2.95 -15.92
CA ASP E 598 9.80 -2.70 -16.17
C ASP E 598 10.66 -3.39 -15.13
N ARG E 599 10.27 -3.34 -13.85
CA ARG E 599 11.04 -4.04 -12.83
C ARG E 599 10.95 -5.55 -13.00
N VAL E 600 9.80 -6.05 -13.47
CA VAL E 600 9.68 -7.48 -13.72
C VAL E 600 10.63 -7.92 -14.83
N ILE E 601 10.69 -7.17 -15.92
CA ILE E 601 11.56 -7.57 -17.03
C ILE E 601 13.02 -7.41 -16.63
N ASN E 602 13.33 -6.39 -15.82
CA ASN E 602 14.69 -6.26 -15.30
C ASN E 602 15.07 -7.45 -14.43
N GLN E 603 14.15 -7.89 -13.58
CA GLN E 603 14.42 -9.05 -12.73
C GLN E 603 14.61 -10.31 -13.56
N ILE E 604 13.82 -10.49 -14.62
CA ILE E 604 13.97 -11.66 -15.47
C ILE E 604 15.31 -11.63 -16.18
N LEU E 605 15.70 -10.46 -16.70
CA LEU E 605 17.01 -10.37 -17.35
C LEU E 605 18.14 -10.64 -16.37
N THR E 606 18.03 -10.09 -15.15
CA THR E 606 19.06 -10.31 -14.14
C THR E 606 19.19 -11.78 -13.78
N GLU E 607 18.06 -12.46 -13.58
CA GLU E 607 18.11 -13.88 -13.23
C GLU E 607 18.63 -14.72 -14.39
N MET E 608 18.16 -14.43 -15.61
CA MET E 608 18.51 -15.24 -16.75
C MET E 608 19.96 -15.06 -17.14
N ASP E 609 20.55 -13.91 -16.78
CA ASP E 609 22.01 -13.80 -16.84
C ASP E 609 22.66 -14.53 -15.68
N GLY E 610 22.00 -14.53 -14.51
CA GLY E 610 22.67 -14.98 -13.30
C GLY E 610 23.03 -16.46 -13.32
N MET E 611 22.18 -17.29 -13.92
CA MET E 611 22.41 -18.73 -13.90
C MET E 611 23.69 -19.07 -14.65
N SER E 612 24.43 -20.06 -14.14
CA SER E 612 25.69 -20.43 -14.76
C SER E 612 25.45 -21.29 -15.99
N THR E 613 26.46 -21.33 -16.87
CA THR E 613 26.34 -22.11 -18.09
C THR E 613 26.23 -23.59 -17.79
N LYS E 614 26.95 -24.06 -16.78
CA LYS E 614 26.92 -25.49 -16.45
C LYS E 614 25.53 -25.94 -16.04
N LYS E 615 24.78 -25.07 -15.38
CA LYS E 615 23.42 -25.40 -14.98
C LYS E 615 22.55 -25.67 -16.19
N ASN E 616 21.79 -26.76 -16.15
CA ASN E 616 21.06 -27.25 -17.31
C ASN E 616 19.63 -26.72 -17.29
N VAL E 617 19.51 -25.42 -17.55
CA VAL E 617 18.22 -24.74 -17.60
C VAL E 617 18.05 -24.17 -19.00
N PHE E 618 16.99 -24.59 -19.68
CA PHE E 618 16.70 -24.15 -21.04
C PHE E 618 15.41 -23.34 -21.03
N ILE E 619 15.42 -22.20 -21.70
CA ILE E 619 14.30 -21.26 -21.69
C ILE E 619 13.70 -21.22 -23.09
N ILE E 620 12.41 -21.50 -23.18
CA ILE E 620 11.67 -21.47 -24.43
C ILE E 620 10.54 -20.47 -24.28
N GLY E 621 10.45 -19.54 -25.23
CA GLY E 621 9.37 -18.58 -25.24
C GLY E 621 8.64 -18.56 -26.57
N ALA E 622 7.31 -18.56 -26.52
CA ALA E 622 6.49 -18.56 -27.72
C ALA E 622 5.68 -17.28 -27.76
N THR E 623 5.70 -16.59 -28.89
CA THR E 623 4.92 -15.38 -29.09
C THR E 623 4.50 -15.27 -30.54
N ASN E 624 3.32 -14.71 -30.78
CA ASN E 624 2.88 -14.44 -32.14
C ASN E 624 2.97 -12.97 -32.49
N ARG E 625 3.57 -12.15 -31.63
CA ARG E 625 3.80 -10.73 -31.91
C ARG E 625 5.27 -10.42 -31.60
N PRO E 626 6.20 -10.92 -32.41
CA PRO E 626 7.62 -10.73 -32.09
C PRO E 626 8.06 -9.28 -32.12
N ASP E 627 7.31 -8.41 -32.80
CA ASP E 627 7.73 -7.01 -32.89
C ASP E 627 7.68 -6.34 -31.52
N ILE E 628 6.67 -6.67 -30.71
CA ILE E 628 6.47 -6.00 -29.44
C ILE E 628 7.44 -6.49 -28.37
N ILE E 629 8.18 -7.57 -28.64
CA ILE E 629 9.12 -8.10 -27.67
C ILE E 629 10.23 -7.09 -27.43
N ASP E 630 10.65 -6.97 -26.17
CA ASP E 630 11.75 -6.08 -25.84
C ASP E 630 13.04 -6.58 -26.50
N PRO E 631 13.71 -5.76 -27.30
CA PRO E 631 14.91 -6.24 -28.02
C PRO E 631 16.03 -6.66 -27.09
N ALA E 632 16.01 -6.20 -25.84
CA ALA E 632 17.08 -6.56 -24.91
C ALA E 632 17.12 -8.07 -24.65
N ILE E 633 15.95 -8.70 -24.58
CA ILE E 633 15.91 -10.14 -24.30
C ILE E 633 16.34 -10.94 -25.52
N LEU E 634 16.31 -10.30 -26.70
CA LEU E 634 16.77 -10.98 -27.91
C LEU E 634 18.28 -10.86 -28.11
N ARG E 635 18.96 -10.03 -27.31
CA ARG E 635 20.38 -9.80 -27.49
C ARG E 635 21.15 -11.10 -27.24
N PRO E 636 22.20 -11.36 -28.02
CA PRO E 636 22.94 -12.62 -27.84
C PRO E 636 23.46 -12.77 -26.43
N GLY E 637 23.46 -14.01 -25.96
CA GLY E 637 23.67 -14.34 -24.57
C GLY E 637 22.38 -14.59 -23.82
N ARG E 638 21.27 -14.10 -24.35
CA ARG E 638 19.94 -14.34 -23.81
C ARG E 638 19.00 -14.62 -24.97
N LEU E 639 18.38 -15.80 -24.97
CA LEU E 639 17.48 -16.21 -26.05
C LEU E 639 18.14 -16.02 -27.41
N ASP E 640 19.40 -16.43 -27.50
CA ASP E 640 20.19 -16.17 -28.70
C ASP E 640 19.64 -16.92 -29.91
N GLN E 641 19.14 -18.12 -29.71
CA GLN E 641 18.58 -18.89 -30.81
C GLN E 641 17.14 -18.48 -31.05
N LEU E 642 16.81 -18.19 -32.31
CA LEU E 642 15.46 -17.84 -32.72
C LEU E 642 14.98 -18.84 -33.76
N ILE E 643 13.74 -19.30 -33.63
CA ILE E 643 13.13 -20.21 -34.57
C ILE E 643 11.85 -19.59 -35.08
N TYR E 644 11.66 -19.59 -36.40
CA TYR E 644 10.44 -19.09 -37.03
C TYR E 644 9.62 -20.27 -37.52
N ILE E 645 8.45 -20.47 -36.93
CA ILE E 645 7.54 -21.54 -37.31
C ILE E 645 6.69 -21.03 -38.48
N PRO E 646 6.86 -21.56 -39.68
CA PRO E 646 6.18 -21.01 -40.84
C PRO E 646 4.77 -21.57 -40.99
N LEU E 647 4.00 -20.90 -41.83
CA LEU E 647 2.72 -21.44 -42.26
C LEU E 647 2.98 -22.69 -43.09
N PRO E 648 2.33 -23.82 -42.77
CA PRO E 648 2.74 -25.10 -43.36
C PRO E 648 2.60 -25.11 -44.88
N ASP E 649 3.51 -25.81 -45.54
CA ASP E 649 3.53 -25.95 -46.98
C ASP E 649 2.78 -27.20 -47.42
N GLU E 650 2.95 -27.57 -48.69
CA GLU E 650 2.12 -28.60 -49.29
C GLU E 650 2.31 -29.96 -48.61
N LYS E 651 3.52 -30.50 -48.66
CA LYS E 651 3.79 -31.78 -48.02
C LYS E 651 3.56 -31.70 -46.52
N SER E 652 3.84 -30.52 -45.94
CA SER E 652 3.56 -30.32 -44.52
C SER E 652 2.07 -30.44 -44.24
N ARG E 653 1.24 -29.87 -45.11
CA ARG E 653 -0.20 -29.99 -44.93
C ARG E 653 -0.67 -31.42 -45.11
N VAL E 654 -0.05 -32.16 -46.04
CA VAL E 654 -0.36 -33.58 -46.18
C VAL E 654 -0.06 -34.31 -44.88
N ALA E 655 1.12 -34.05 -44.31
CA ALA E 655 1.51 -34.72 -43.07
C ALA E 655 0.56 -34.35 -41.93
N ILE E 656 0.16 -33.08 -41.85
CA ILE E 656 -0.76 -32.66 -40.80
C ILE E 656 -2.10 -33.36 -40.95
N LEU E 657 -2.63 -33.42 -42.17
CA LEU E 657 -3.91 -34.09 -42.39
C LEU E 657 -3.82 -35.57 -42.04
N LYS E 658 -2.70 -36.21 -42.38
CA LYS E 658 -2.52 -37.61 -41.99
C LYS E 658 -2.46 -37.76 -40.48
N ALA E 659 -1.75 -36.86 -39.81
CA ALA E 659 -1.54 -36.97 -38.37
C ALA E 659 -2.85 -36.76 -37.61
N ASN E 660 -3.70 -35.83 -38.07
CA ASN E 660 -4.95 -35.59 -37.37
C ASN E 660 -5.87 -36.81 -37.42
N LEU E 661 -5.76 -37.62 -38.46
CA LEU E 661 -6.64 -38.77 -38.66
C LEU E 661 -5.97 -40.09 -38.34
N ARG E 662 -4.81 -40.08 -37.69
CA ARG E 662 -4.10 -41.34 -37.43
C ARG E 662 -4.90 -42.26 -36.53
N LYS E 663 -5.79 -41.69 -35.71
CA LYS E 663 -6.61 -42.47 -34.78
C LYS E 663 -8.06 -42.59 -35.24
N SER E 664 -8.46 -41.86 -36.29
CA SER E 664 -9.84 -41.80 -36.73
C SER E 664 -10.05 -42.67 -37.97
N PRO E 665 -11.02 -43.60 -37.93
CA PRO E 665 -11.32 -44.39 -39.13
C PRO E 665 -11.89 -43.50 -40.24
N VAL E 666 -11.36 -43.67 -41.44
CA VAL E 666 -11.75 -42.86 -42.59
C VAL E 666 -11.86 -43.75 -43.81
N ALA E 667 -12.87 -43.50 -44.64
CA ALA E 667 -13.05 -44.25 -45.88
C ALA E 667 -11.88 -43.99 -46.83
N LYS E 668 -11.47 -45.03 -47.55
CA LYS E 668 -10.30 -44.93 -48.40
C LYS E 668 -10.54 -44.03 -49.60
N ASP E 669 -11.80 -43.91 -50.03
CA ASP E 669 -12.11 -43.12 -51.21
C ASP E 669 -11.88 -41.63 -50.98
N VAL E 670 -11.70 -41.23 -49.71
CA VAL E 670 -11.35 -39.85 -49.40
C VAL E 670 -9.86 -39.63 -49.62
N ASP E 671 -9.51 -38.58 -50.34
CA ASP E 671 -8.14 -38.27 -50.70
C ASP E 671 -7.67 -37.05 -49.92
N LEU E 672 -6.75 -37.26 -48.97
CA LEU E 672 -6.24 -36.16 -48.16
C LEU E 672 -5.35 -35.24 -48.97
N GLU E 673 -4.64 -35.80 -49.95
CA GLU E 673 -3.76 -34.98 -50.79
C GLU E 673 -4.54 -33.91 -51.52
N PHE E 674 -5.76 -34.23 -51.97
CA PHE E 674 -6.56 -33.23 -52.66
C PHE E 674 -6.94 -32.08 -51.73
N LEU E 675 -7.29 -32.39 -50.47
CA LEU E 675 -7.53 -31.33 -49.51
C LEU E 675 -6.29 -30.48 -49.31
N ALA E 676 -5.12 -31.11 -49.24
CA ALA E 676 -3.89 -30.34 -49.09
C ALA E 676 -3.67 -29.41 -50.27
N LYS E 677 -3.92 -29.89 -51.49
CA LYS E 677 -3.75 -29.05 -52.66
C LYS E 677 -4.75 -27.89 -52.66
N MET E 678 -6.00 -28.16 -52.29
CA MET E 678 -7.01 -27.10 -52.32
C MET E 678 -6.81 -26.09 -51.21
N THR E 679 -6.37 -26.54 -50.04
CA THR E 679 -6.12 -25.66 -48.91
C THR E 679 -4.69 -25.15 -48.97
N ASN E 680 -4.51 -24.01 -49.65
CA ASN E 680 -3.16 -23.49 -49.86
C ASN E 680 -2.63 -22.80 -48.60
N GLY E 681 -3.26 -21.72 -48.16
CA GLY E 681 -2.79 -20.93 -47.06
C GLY E 681 -3.35 -21.30 -45.70
N PHE E 682 -4.07 -22.42 -45.63
CA PHE E 682 -4.64 -22.86 -44.36
C PHE E 682 -3.54 -23.25 -43.39
N SER E 683 -3.73 -22.88 -42.13
CA SER E 683 -2.81 -23.31 -41.08
C SER E 683 -3.18 -24.68 -40.58
N GLY E 684 -2.37 -25.21 -39.64
CA GLY E 684 -2.67 -26.52 -39.09
C GLY E 684 -3.98 -26.56 -38.34
N ALA E 685 -4.31 -25.48 -37.62
CA ALA E 685 -5.57 -25.41 -36.90
C ALA E 685 -6.75 -25.44 -37.87
N ASP E 686 -6.61 -24.82 -39.03
CA ASP E 686 -7.69 -24.86 -40.01
C ASP E 686 -7.92 -26.27 -40.52
N LEU E 687 -6.85 -27.01 -40.82
CA LEU E 687 -7.01 -28.40 -41.23
C LEU E 687 -7.66 -29.21 -40.12
N THR E 688 -7.26 -28.94 -38.87
CA THR E 688 -7.85 -29.66 -37.74
C THR E 688 -9.33 -29.40 -37.62
N GLU E 689 -9.76 -28.14 -37.77
CA GLU E 689 -11.19 -27.85 -37.62
C GLU E 689 -11.98 -28.40 -38.79
N ILE E 690 -11.38 -28.48 -39.98
CA ILE E 690 -12.05 -29.15 -41.09
C ILE E 690 -12.30 -30.61 -40.76
N CYS E 691 -11.28 -31.28 -40.22
CA CYS E 691 -11.45 -32.68 -39.84
C CYS E 691 -12.50 -32.83 -38.74
N GLN E 692 -12.52 -31.89 -37.78
CA GLN E 692 -13.48 -31.97 -36.69
C GLN E 692 -14.90 -31.70 -37.18
N ARG E 693 -15.06 -30.81 -38.16
CA ARG E 693 -16.37 -30.60 -38.75
C ARG E 693 -16.84 -31.84 -39.50
N ALA E 694 -15.92 -32.53 -40.18
CA ALA E 694 -16.29 -33.80 -40.79
C ALA E 694 -16.75 -34.80 -39.75
N CYS E 695 -16.04 -34.88 -38.63
CA CYS E 695 -16.44 -35.78 -37.55
C CYS E 695 -17.82 -35.40 -36.99
N LYS E 696 -18.08 -34.10 -36.83
CA LYS E 696 -19.37 -33.65 -36.33
C LYS E 696 -20.49 -34.04 -37.29
N LEU E 697 -20.27 -33.88 -38.59
CA LEU E 697 -21.30 -34.26 -39.55
C LEU E 697 -21.54 -35.77 -39.50
N ALA E 698 -20.48 -36.56 -39.37
CA ALA E 698 -20.67 -38.00 -39.22
C ALA E 698 -21.51 -38.32 -37.99
N ILE E 699 -21.24 -37.63 -36.88
CA ILE E 699 -22.00 -37.88 -35.66
C ILE E 699 -23.46 -37.49 -35.84
N ARG E 700 -23.71 -36.36 -36.53
CA ARG E 700 -25.09 -35.97 -36.79
C ARG E 700 -25.83 -37.01 -37.60
N GLU E 701 -25.19 -37.53 -38.65
CA GLU E 701 -25.84 -38.54 -39.48
C GLU E 701 -26.11 -39.81 -38.69
N SER E 702 -25.14 -40.24 -37.88
CA SER E 702 -25.35 -41.43 -37.07
C SER E 702 -26.50 -41.24 -36.09
N ILE E 703 -26.57 -40.07 -35.46
CA ILE E 703 -27.63 -39.81 -34.48
C ILE E 703 -28.99 -39.80 -35.15
N GLU E 704 -29.10 -39.19 -36.34
CA GLU E 704 -30.40 -39.15 -37.00
C GLU E 704 -30.83 -40.55 -37.43
N SER E 705 -29.88 -41.37 -37.90
CA SER E 705 -30.22 -42.75 -38.23
C SER E 705 -30.69 -43.52 -37.00
N GLU E 706 -29.99 -43.35 -35.88
CA GLU E 706 -30.40 -44.02 -34.65
C GLU E 706 -31.81 -43.61 -34.24
N ILE E 707 -32.07 -42.31 -34.17
CA ILE E 707 -33.38 -41.84 -33.72
C ILE E 707 -34.47 -42.30 -34.68
N ARG E 708 -34.14 -42.41 -35.97
CA ARG E 708 -35.08 -43.00 -36.92
C ARG E 708 -35.38 -44.44 -36.55
N ARG E 709 -34.35 -45.20 -36.17
CA ARG E 709 -34.58 -46.59 -35.76
C ARG E 709 -35.48 -46.68 -34.54
N GLU E 710 -35.20 -45.88 -33.50
CA GLU E 710 -36.05 -45.95 -32.30
C GLU E 710 -37.46 -45.46 -32.59
N ARG E 711 -37.61 -44.49 -33.50
CA ARG E 711 -38.94 -44.06 -33.90
C ARG E 711 -39.69 -45.19 -34.59
N GLU E 712 -39.01 -45.94 -35.46
CA GLU E 712 -39.65 -47.05 -36.13
C GLU E 712 -40.04 -48.15 -35.14
N ARG E 713 -39.19 -48.42 -34.15
CA ARG E 713 -39.51 -49.45 -33.17
C ARG E 713 -40.74 -49.06 -32.35
N GLN E 714 -40.83 -47.81 -31.92
CA GLN E 714 -41.95 -47.33 -31.15
C GLN E 714 -42.85 -46.42 -31.97
N PRO E 727 -24.18 -47.83 -39.97
CA PRO E 727 -24.65 -46.61 -40.62
C PRO E 727 -23.51 -45.79 -41.20
N VAL E 728 -22.69 -45.20 -40.33
CA VAL E 728 -21.50 -44.47 -40.74
C VAL E 728 -20.29 -44.95 -39.95
N PRO E 729 -19.82 -46.17 -40.19
CA PRO E 729 -18.63 -46.64 -39.48
C PRO E 729 -17.40 -45.78 -39.71
N GLU E 730 -17.30 -45.15 -40.87
CA GLU E 730 -16.18 -44.27 -41.18
C GLU E 730 -16.68 -43.03 -41.89
N ILE E 731 -15.89 -41.95 -41.78
CA ILE E 731 -16.28 -40.69 -42.40
C ILE E 731 -16.11 -40.77 -43.90
N ARG E 732 -17.10 -40.25 -44.63
CA ARG E 732 -17.19 -40.39 -46.07
C ARG E 732 -16.73 -39.12 -46.78
N ARG E 733 -16.97 -39.09 -48.09
CA ARG E 733 -16.57 -37.94 -48.90
C ARG E 733 -17.44 -36.71 -48.63
N ASP E 734 -18.75 -36.91 -48.53
CA ASP E 734 -19.67 -35.77 -48.43
C ASP E 734 -19.46 -34.99 -47.14
N HIS E 735 -19.08 -35.67 -46.06
CA HIS E 735 -18.75 -34.95 -44.83
C HIS E 735 -17.60 -33.99 -45.06
N PHE E 736 -16.54 -34.45 -45.71
CA PHE E 736 -15.41 -33.58 -46.03
C PHE E 736 -15.83 -32.48 -47.00
N GLU E 737 -16.79 -32.77 -47.88
CA GLU E 737 -17.31 -31.76 -48.78
C GLU E 737 -17.89 -30.59 -47.99
N GLU E 738 -18.80 -30.89 -47.06
CA GLU E 738 -19.44 -29.83 -46.27
C GLU E 738 -18.42 -29.14 -45.37
N ALA E 739 -17.48 -29.90 -44.83
CA ALA E 739 -16.43 -29.29 -44.02
C ALA E 739 -15.62 -28.29 -44.83
N MET E 740 -15.27 -28.64 -46.07
CA MET E 740 -14.53 -27.72 -46.92
C MET E 740 -15.36 -26.49 -47.26
N ARG E 741 -16.67 -26.68 -47.42
CA ARG E 741 -17.52 -25.50 -47.65
C ARG E 741 -17.51 -24.58 -46.45
N PHE E 742 -17.46 -25.13 -45.24
CA PHE E 742 -17.44 -24.28 -44.05
C PHE E 742 -16.04 -23.73 -43.77
N ALA E 743 -15.02 -24.27 -44.43
CA ALA E 743 -13.64 -23.93 -44.09
C ALA E 743 -13.33 -22.47 -44.38
N ARG E 744 -12.33 -21.94 -43.69
CA ARG E 744 -11.88 -20.57 -43.88
C ARG E 744 -10.44 -20.43 -43.39
N ARG E 745 -9.75 -19.42 -43.91
CA ARG E 745 -8.35 -19.21 -43.57
C ARG E 745 -8.24 -18.40 -42.29
N SER E 746 -7.49 -18.92 -41.32
CA SER E 746 -7.38 -18.24 -40.02
C SER E 746 -6.47 -17.02 -40.10
N VAL E 747 -5.35 -17.14 -40.80
CA VAL E 747 -4.32 -16.11 -40.83
C VAL E 747 -4.39 -15.38 -42.16
N SER E 748 -4.49 -14.06 -42.12
CA SER E 748 -4.50 -13.26 -43.32
C SER E 748 -3.09 -13.09 -43.88
N ASP E 749 -3.01 -12.59 -45.11
CA ASP E 749 -1.72 -12.42 -45.76
C ASP E 749 -0.91 -11.29 -45.12
N ASN E 750 -1.60 -10.26 -44.60
CA ASN E 750 -0.90 -9.14 -43.99
C ASN E 750 -0.11 -9.57 -42.76
N ASP E 751 -0.68 -10.48 -41.96
CA ASP E 751 0.06 -11.00 -40.81
C ASP E 751 1.31 -11.76 -41.26
N ILE E 752 1.19 -12.54 -42.33
CA ILE E 752 2.35 -13.26 -42.86
C ILE E 752 3.42 -12.27 -43.29
N ARG E 753 3.01 -11.19 -43.96
CA ARG E 753 3.97 -10.18 -44.38
C ARG E 753 4.63 -9.53 -43.17
N LYS E 754 3.87 -9.31 -42.10
CA LYS E 754 4.46 -8.73 -40.90
C LYS E 754 5.51 -9.65 -40.29
N TYR E 755 5.22 -10.95 -40.25
CA TYR E 755 6.21 -11.89 -39.71
C TYR E 755 7.46 -11.93 -40.58
N GLU E 756 7.29 -11.89 -41.91
CA GLU E 756 8.45 -11.85 -42.78
C GLU E 756 9.24 -10.56 -42.58
N MET E 757 8.55 -9.45 -42.31
CA MET E 757 9.23 -8.19 -42.04
C MET E 757 10.07 -8.28 -40.78
N PHE E 758 9.52 -8.91 -39.73
CA PHE E 758 10.30 -9.08 -38.51
C PHE E 758 11.51 -9.98 -38.76
N ALA E 759 11.33 -11.05 -39.55
CA ALA E 759 12.45 -11.92 -39.86
C ALA E 759 13.53 -11.18 -40.64
N GLN E 760 13.12 -10.33 -41.59
CA GLN E 760 14.07 -9.54 -42.34
C GLN E 760 14.81 -8.53 -41.45
N THR E 761 14.07 -7.89 -40.54
CA THR E 761 14.72 -6.96 -39.61
C THR E 761 15.72 -7.69 -38.73
N LEU E 762 15.38 -8.90 -38.28
CA LEU E 762 16.30 -9.69 -37.48
C LEU E 762 17.56 -10.05 -38.28
N GLN E 763 17.37 -10.48 -39.54
CA GLN E 763 18.52 -10.85 -40.36
C GLN E 763 19.41 -9.65 -40.63
N GLN E 764 18.82 -8.49 -40.89
CA GLN E 764 19.60 -7.27 -41.11
C GLN E 764 20.33 -6.85 -39.84
N SER E 765 19.68 -7.02 -38.68
CA SER E 765 20.32 -6.68 -37.42
C SER E 765 21.53 -7.58 -37.15
N ARG E 766 21.40 -8.87 -37.45
CA ARG E 766 22.48 -9.81 -37.22
C ARG E 766 23.68 -9.50 -38.12
N PRO F 23 67.13 12.10 19.09
CA PRO F 23 68.27 11.33 19.60
C PRO F 23 67.84 10.20 20.53
N ASN F 24 66.66 10.34 21.15
CA ASN F 24 66.15 9.27 22.00
C ASN F 24 65.83 8.02 21.19
N ARG F 25 65.25 8.19 20.01
CA ARG F 25 64.95 7.05 19.15
C ARG F 25 66.23 6.40 18.66
N LEU F 26 66.27 5.06 18.70
CA LEU F 26 67.42 4.30 18.22
C LEU F 26 66.93 2.97 17.65
N ILE F 27 67.76 2.38 16.80
CA ILE F 27 67.40 1.11 16.16
C ILE F 27 67.55 -0.02 17.17
N VAL F 28 66.49 -0.83 17.31
CA VAL F 28 66.50 -1.93 18.26
C VAL F 28 67.39 -3.06 17.75
N ASP F 29 68.26 -3.56 18.62
CA ASP F 29 69.17 -4.64 18.28
C ASP F 29 69.29 -5.59 19.47
N GLU F 30 70.14 -6.60 19.33
CA GLU F 30 70.31 -7.64 20.34
C GLU F 30 71.71 -7.57 20.93
N ALA F 31 71.80 -7.80 22.24
CA ALA F 31 73.08 -7.84 22.95
C ALA F 31 73.17 -9.17 23.69
N ILE F 32 73.89 -10.14 23.10
CA ILE F 32 73.99 -11.47 23.69
C ILE F 32 74.93 -11.47 24.89
N ASN F 33 76.05 -10.75 24.80
CA ASN F 33 77.07 -10.83 25.85
C ASN F 33 76.56 -10.27 27.18
N GLU F 34 75.77 -9.21 27.13
CA GLU F 34 75.19 -8.66 28.35
C GLU F 34 74.20 -9.64 28.96
N ASP F 35 74.03 -9.54 30.27
CA ASP F 35 73.06 -10.37 30.95
C ASP F 35 71.64 -9.88 30.63
N ASN F 36 70.66 -10.72 30.94
CA ASN F 36 69.28 -10.44 30.57
C ASN F 36 68.75 -9.20 31.30
N SER F 37 69.24 -8.95 32.52
CA SER F 37 68.72 -7.85 33.32
C SER F 37 69.04 -6.49 32.70
N VAL F 38 70.27 -6.30 32.24
CA VAL F 38 70.74 -5.00 31.81
C VAL F 38 70.75 -4.90 30.29
N VAL F 39 70.92 -3.68 29.80
CA VAL F 39 70.99 -3.39 28.36
C VAL F 39 72.26 -2.61 28.09
N SER F 40 72.65 -2.59 26.82
CA SER F 40 73.92 -2.02 26.39
C SER F 40 73.69 -0.93 25.34
N LEU F 41 74.49 0.12 25.41
CA LEU F 41 74.48 1.20 24.44
C LEU F 41 75.90 1.74 24.25
N SER F 42 76.16 2.28 23.06
CA SER F 42 77.49 2.73 22.72
C SER F 42 77.90 3.94 23.55
N GLN F 43 79.22 4.08 23.73
CA GLN F 43 79.76 5.23 24.45
C GLN F 43 79.43 6.57 23.80
N PRO F 44 79.59 6.76 22.48
CA PRO F 44 79.20 8.06 21.91
C PRO F 44 77.74 8.40 22.14
N LYS F 45 76.86 7.39 22.10
CA LYS F 45 75.45 7.63 22.38
C LYS F 45 75.24 8.02 23.85
N MET F 46 76.04 7.44 24.75
CA MET F 46 76.04 7.90 26.13
C MET F 46 76.44 9.36 26.25
N ASP F 47 77.48 9.75 25.50
CA ASP F 47 77.92 11.14 25.53
C ASP F 47 76.85 12.08 25.00
N GLU F 48 76.15 11.66 23.95
CA GLU F 48 75.08 12.48 23.38
C GLU F 48 73.83 12.45 24.26
N LEU F 49 73.49 11.27 24.81
CA LEU F 49 72.30 11.16 25.65
C LEU F 49 72.54 11.65 27.07
N GLN F 50 73.78 12.00 27.42
CA GLN F 50 74.19 12.55 28.71
C GLN F 50 74.03 11.55 29.85
N LEU F 51 73.61 10.32 29.57
CA LEU F 51 73.47 9.33 30.62
C LEU F 51 74.83 8.82 31.07
N PHE F 52 74.85 8.20 32.25
CA PHE F 52 76.05 7.62 32.81
C PHE F 52 75.86 6.13 33.00
N ARG F 53 76.98 5.42 33.13
CA ARG F 53 76.93 3.97 33.29
C ARG F 53 76.26 3.60 34.61
N GLY F 54 75.42 2.56 34.55
CA GLY F 54 74.71 2.10 35.73
C GLY F 54 73.44 2.85 36.07
N ASP F 55 72.92 3.65 35.14
CA ASP F 55 71.72 4.43 35.39
C ASP F 55 70.48 3.68 34.91
N THR F 56 69.49 3.55 35.78
CA THR F 56 68.22 2.95 35.40
C THR F 56 67.49 3.85 34.40
N VAL F 57 66.97 3.26 33.33
CA VAL F 57 66.40 4.01 32.22
C VAL F 57 65.04 3.42 31.86
N LEU F 58 64.08 4.30 31.57
CA LEU F 58 62.77 3.85 31.10
C LEU F 58 62.77 3.74 29.59
N LEU F 59 62.10 2.71 29.08
CA LEU F 59 62.08 2.39 27.66
C LEU F 59 60.64 2.41 27.17
N LYS F 60 60.42 2.97 25.98
CA LYS F 60 59.08 3.15 25.44
C LYS F 60 58.88 2.24 24.23
N GLY F 61 57.78 1.50 24.23
CA GLY F 61 57.44 0.63 23.13
C GLY F 61 55.95 0.68 22.84
N LYS F 62 55.57 0.09 21.71
CA LYS F 62 54.16 0.09 21.32
C LYS F 62 53.35 -0.86 22.20
N LYS F 63 52.03 -0.85 21.97
CA LYS F 63 51.06 -1.62 22.74
C LYS F 63 51.04 -1.25 24.22
N ARG F 64 51.52 -0.05 24.57
CA ARG F 64 51.56 0.42 25.96
C ARG F 64 52.33 -0.55 26.85
N ARG F 65 53.38 -1.13 26.30
CA ARG F 65 54.28 -2.02 27.03
C ARG F 65 55.64 -1.36 27.15
N GLU F 66 56.16 -1.29 28.38
CA GLU F 66 57.41 -0.59 28.66
C GLU F 66 58.30 -1.48 29.52
N ALA F 67 59.60 -1.17 29.49
CA ALA F 67 60.59 -1.85 30.31
C ALA F 67 61.54 -0.82 30.92
N VAL F 68 62.07 -1.16 32.09
CA VAL F 68 63.06 -0.33 32.79
C VAL F 68 64.22 -1.23 33.20
N CYS F 69 65.44 -0.82 32.85
CA CYS F 69 66.62 -1.63 33.06
C CYS F 69 67.83 -0.73 33.27
N ILE F 70 68.89 -1.32 33.82
CA ILE F 70 70.18 -0.64 33.90
C ILE F 70 70.85 -0.68 32.54
N VAL F 71 71.36 0.47 32.10
CA VAL F 71 72.07 0.58 30.83
C VAL F 71 73.54 0.79 31.11
N LEU F 72 74.40 0.16 30.31
CA LEU F 72 75.85 0.21 30.51
C LEU F 72 76.53 0.48 29.17
N SER F 73 77.72 1.09 29.24
CA SER F 73 78.47 1.37 28.03
C SER F 73 79.08 0.09 27.47
N ASP F 74 78.88 -0.13 26.16
CA ASP F 74 79.42 -1.30 25.48
C ASP F 74 80.06 -0.85 24.17
N ASP F 75 81.30 -1.30 23.94
CA ASP F 75 82.00 -0.92 22.72
C ASP F 75 81.37 -1.55 21.49
N THR F 76 80.90 -2.80 21.61
CA THR F 76 80.37 -3.51 20.44
C THR F 76 79.06 -2.90 19.96
N CYS F 77 78.40 -2.13 20.81
CA CYS F 77 77.13 -1.53 20.41
C CYS F 77 77.36 -0.41 19.40
N SER F 78 76.47 -0.35 18.40
CA SER F 78 76.55 0.70 17.39
C SER F 78 76.11 2.03 17.97
N ASP F 79 76.62 3.11 17.38
CA ASP F 79 76.25 4.45 17.83
C ASP F 79 74.77 4.74 17.57
N GLU F 80 74.27 4.31 16.41
CA GLU F 80 72.90 4.60 16.00
C GLU F 80 71.92 3.49 16.38
N LYS F 81 72.37 2.47 17.10
CA LYS F 81 71.52 1.34 17.44
C LYS F 81 71.57 1.07 18.93
N ILE F 82 70.47 0.52 19.46
CA ILE F 82 70.37 0.08 20.84
C ILE F 82 70.37 -1.44 20.85
N ARG F 83 71.33 -2.03 21.55
CA ARG F 83 71.45 -3.47 21.68
C ARG F 83 70.77 -3.91 22.96
N MET F 84 69.74 -4.75 22.83
CA MET F 84 68.88 -5.12 23.93
C MET F 84 68.69 -6.64 23.98
N ASN F 85 68.69 -7.18 25.20
CA ASN F 85 68.48 -8.60 25.38
C ASN F 85 67.06 -8.98 24.93
N ARG F 86 66.90 -10.27 24.59
CA ARG F 86 65.63 -10.74 24.04
C ARG F 86 64.48 -10.51 25.01
N VAL F 87 64.73 -10.71 26.30
CA VAL F 87 63.66 -10.66 27.29
C VAL F 87 63.16 -9.22 27.48
N VAL F 88 64.08 -8.25 27.43
CA VAL F 88 63.67 -6.85 27.56
C VAL F 88 62.90 -6.42 26.31
N ARG F 89 63.28 -6.93 25.14
CA ARG F 89 62.51 -6.69 23.93
C ARG F 89 61.11 -7.29 24.04
N ASN F 90 61.01 -8.46 24.67
CA ASN F 90 59.69 -9.04 24.93
C ASN F 90 58.89 -8.16 25.88
N ASN F 91 59.56 -7.54 26.85
CA ASN F 91 58.89 -6.56 27.70
C ASN F 91 58.33 -5.40 26.89
N LEU F 92 59.15 -4.81 26.03
CA LEU F 92 58.69 -3.66 25.25
C LEU F 92 57.67 -4.07 24.20
N ARG F 93 57.66 -5.35 23.82
CA ARG F 93 56.76 -5.84 22.77
C ARG F 93 56.92 -5.04 21.48
N VAL F 94 58.17 -4.77 21.12
CA VAL F 94 58.51 -3.97 19.96
C VAL F 94 59.34 -4.83 19.01
N ARG F 95 59.09 -4.67 17.71
CA ARG F 95 59.77 -5.49 16.71
C ARG F 95 61.23 -5.08 16.56
N LEU F 96 62.03 -5.99 15.99
CA LEU F 96 63.44 -5.71 15.77
C LEU F 96 63.64 -4.57 14.78
N GLY F 97 64.65 -3.74 15.03
CA GLY F 97 64.98 -2.64 14.18
C GLY F 97 64.13 -1.40 14.36
N ASP F 98 63.21 -1.40 15.32
CA ASP F 98 62.31 -0.27 15.51
C ASP F 98 62.99 0.86 16.28
N VAL F 99 62.26 1.95 16.47
CA VAL F 99 62.75 3.11 17.20
C VAL F 99 62.02 3.17 18.54
N ILE F 100 62.79 3.35 19.61
CA ILE F 100 62.26 3.36 20.98
C ILE F 100 62.82 4.58 21.71
N SER F 101 61.97 5.25 22.48
CA SER F 101 62.42 6.38 23.28
C SER F 101 63.13 5.90 24.53
N ILE F 102 64.23 6.59 24.88
CA ILE F 102 65.03 6.26 26.05
C ILE F 102 65.05 7.48 26.97
N GLN F 103 64.65 7.28 28.22
CA GLN F 103 64.57 8.33 29.21
C GLN F 103 64.83 7.74 30.59
N PRO F 104 65.60 8.43 31.43
CA PRO F 104 65.90 7.91 32.77
C PRO F 104 64.63 7.77 33.61
N CYS F 105 64.65 6.79 34.51
CA CYS F 105 63.50 6.51 35.36
C CYS F 105 63.23 7.69 36.29
N PRO F 106 62.02 8.22 36.33
CA PRO F 106 61.73 9.37 37.20
C PRO F 106 61.28 8.96 38.60
N ASP F 107 61.95 9.48 39.62
CA ASP F 107 61.55 9.30 41.02
C ASP F 107 61.41 7.82 41.38
N VAL F 108 62.52 7.08 41.29
CA VAL F 108 62.49 5.66 41.58
C VAL F 108 62.16 5.45 43.06
N LYS F 109 61.27 4.48 43.32
CA LYS F 109 60.78 4.20 44.66
C LYS F 109 60.94 2.72 44.95
N TYR F 110 61.36 2.40 46.17
CA TYR F 110 61.49 1.00 46.57
C TYR F 110 60.15 0.43 47.01
N GLY F 111 59.97 -0.87 46.79
CA GLY F 111 58.76 -1.54 47.18
C GLY F 111 58.97 -2.64 48.21
N LYS F 112 58.47 -2.42 49.43
CA LYS F 112 58.69 -3.38 50.50
C LYS F 112 58.02 -4.71 50.22
N ARG F 113 56.78 -4.70 49.73
CA ARG F 113 56.01 -5.90 49.47
C ARG F 113 55.66 -5.98 47.99
N ILE F 114 55.91 -7.13 47.39
CA ILE F 114 55.53 -7.38 46.00
C ILE F 114 55.38 -8.89 45.80
N HIS F 115 54.46 -9.26 44.92
CA HIS F 115 54.18 -10.65 44.59
C HIS F 115 54.33 -10.84 43.08
N VAL F 116 55.06 -11.89 42.69
CA VAL F 116 55.41 -12.12 41.29
C VAL F 116 54.81 -13.46 40.85
N LEU F 117 54.33 -13.50 39.61
CA LEU F 117 53.64 -14.66 39.07
C LEU F 117 54.36 -15.20 37.85
N PRO F 118 54.84 -16.44 37.88
CA PRO F 118 55.59 -16.98 36.74
C PRO F 118 54.66 -17.66 35.73
N ILE F 119 55.26 -18.06 34.61
CA ILE F 119 54.52 -18.80 33.59
C ILE F 119 54.21 -20.20 34.11
N ASP F 120 52.98 -20.66 33.87
CA ASP F 120 52.54 -21.95 34.39
C ASP F 120 53.36 -23.10 33.83
N ASP F 121 53.57 -23.13 32.51
CA ASP F 121 54.22 -24.29 31.89
C ASP F 121 55.69 -24.36 32.27
N THR F 122 56.33 -23.21 32.47
CA THR F 122 57.74 -23.22 32.87
C THR F 122 57.92 -23.82 34.26
N VAL F 123 56.99 -23.55 35.18
CA VAL F 123 57.08 -24.08 36.54
C VAL F 123 56.35 -25.40 36.71
N GLU F 124 55.75 -25.94 35.64
CA GLU F 124 55.02 -27.19 35.74
C GLU F 124 55.96 -28.35 36.06
N GLY F 125 55.49 -29.26 36.90
CA GLY F 125 56.26 -30.42 37.26
C GLY F 125 57.26 -30.24 38.38
N ILE F 126 57.26 -29.09 39.04
CA ILE F 126 58.19 -28.79 40.12
C ILE F 126 57.40 -28.67 41.42
N THR F 127 57.75 -29.50 42.41
CA THR F 127 57.04 -29.54 43.68
C THR F 127 57.56 -28.52 44.70
N GLY F 128 58.73 -27.93 44.46
CA GLY F 128 59.28 -26.99 45.40
C GLY F 128 58.63 -25.62 45.29
N ASN F 129 58.88 -24.79 46.31
CA ASN F 129 58.38 -23.43 46.30
C ASN F 129 59.06 -22.63 45.19
N LEU F 130 58.26 -21.90 44.40
CA LEU F 130 58.81 -21.16 43.27
C LEU F 130 59.79 -20.09 43.72
N PHE F 131 59.45 -19.36 44.78
CA PHE F 131 60.34 -18.30 45.26
C PHE F 131 61.64 -18.89 45.82
N GLU F 132 61.52 -20.02 46.52
CA GLU F 132 62.69 -20.57 47.21
C GLU F 132 63.67 -21.20 46.22
N VAL F 133 63.16 -21.99 45.27
CA VAL F 133 64.05 -22.73 44.38
C VAL F 133 64.77 -21.80 43.41
N TYR F 134 64.03 -20.86 42.82
CA TYR F 134 64.56 -20.02 41.75
C TYR F 134 64.76 -18.57 42.16
N LEU F 135 63.75 -17.93 42.74
CA LEU F 135 63.86 -16.52 43.08
C LEU F 135 64.86 -16.28 44.20
N LYS F 136 64.86 -17.15 45.22
CA LYS F 136 65.70 -16.90 46.40
C LYS F 136 67.18 -16.74 46.08
N PRO F 137 67.82 -17.60 45.27
CA PRO F 137 69.26 -17.40 45.03
C PRO F 137 69.59 -16.14 44.25
N TYR F 138 68.96 -15.92 43.09
CA TYR F 138 69.35 -14.85 42.19
C TYR F 138 68.50 -13.60 42.33
N PHE F 139 67.16 -13.74 42.30
CA PHE F 139 66.29 -12.58 42.30
C PHE F 139 66.45 -11.76 43.57
N LEU F 140 66.66 -12.43 44.70
CA LEU F 140 66.93 -11.71 45.94
C LEU F 140 68.27 -10.99 45.84
N GLU F 141 68.32 -9.76 46.35
CA GLU F 141 69.50 -8.91 46.33
C GLU F 141 69.97 -8.59 44.93
N ALA F 142 69.10 -8.73 43.93
CA ALA F 142 69.52 -8.51 42.54
C ALA F 142 69.76 -7.03 42.26
N TYR F 143 68.91 -6.16 42.80
CA TYR F 143 69.00 -4.72 42.56
C TYR F 143 68.89 -4.39 41.07
N ARG F 144 67.98 -5.07 40.39
CA ARG F 144 67.73 -4.84 38.97
C ARG F 144 66.34 -4.28 38.78
N PRO F 145 66.18 -3.19 38.02
CA PRO F 145 64.88 -2.53 37.90
C PRO F 145 63.85 -3.42 37.21
N ILE F 146 62.60 -3.27 37.63
CA ILE F 146 61.47 -3.99 37.06
C ILE F 146 60.30 -3.02 36.87
N ARG F 147 59.56 -3.22 35.79
CA ARG F 147 58.35 -2.44 35.52
C ARG F 147 57.16 -3.39 35.47
N LYS F 148 55.97 -2.84 35.68
CA LYS F 148 54.77 -3.66 35.75
C LYS F 148 54.56 -4.42 34.44
N GLY F 149 54.38 -5.73 34.56
CA GLY F 149 54.22 -6.59 33.40
C GLY F 149 55.50 -7.07 32.76
N ASP F 150 56.65 -6.84 33.39
CA ASP F 150 57.92 -7.20 32.77
C ASP F 150 58.15 -8.70 32.79
N ILE F 151 58.74 -9.21 31.71
CA ILE F 151 59.21 -10.59 31.61
C ILE F 151 60.71 -10.55 31.90
N PHE F 152 61.19 -11.47 32.74
CA PHE F 152 62.60 -11.53 33.08
C PHE F 152 62.99 -12.96 33.45
N LEU F 153 64.22 -13.33 33.13
CA LEU F 153 64.74 -14.63 33.50
C LEU F 153 65.32 -14.59 34.91
N VAL F 154 65.13 -15.68 35.65
CA VAL F 154 65.70 -15.83 36.99
C VAL F 154 66.56 -17.08 37.00
N ARG F 155 67.80 -16.94 37.48
CA ARG F 155 68.75 -18.05 37.56
C ARG F 155 68.44 -18.86 38.82
N GLY F 156 67.94 -20.08 38.63
CA GLY F 156 67.65 -20.95 39.76
C GLY F 156 67.31 -22.35 39.29
N GLY F 157 67.34 -23.27 40.25
CA GLY F 157 66.95 -24.64 39.97
C GLY F 157 67.91 -25.34 39.02
N MET F 158 67.45 -26.48 38.51
CA MET F 158 68.23 -27.20 37.50
C MET F 158 68.34 -26.40 36.21
N ARG F 159 67.26 -25.74 35.81
CA ARG F 159 67.27 -24.87 34.64
C ARG F 159 66.55 -23.57 34.98
N ALA F 160 67.00 -22.50 34.34
CA ALA F 160 66.46 -21.17 34.61
C ALA F 160 64.99 -21.10 34.21
N VAL F 161 64.20 -20.38 35.01
CA VAL F 161 62.76 -20.25 34.81
C VAL F 161 62.44 -18.77 34.69
N GLU F 162 61.38 -18.46 33.96
CA GLU F 162 60.96 -17.07 33.79
C GLU F 162 59.89 -16.70 34.81
N PHE F 163 60.09 -15.55 35.45
CA PHE F 163 59.13 -14.99 36.37
C PHE F 163 58.69 -13.63 35.85
N LYS F 164 57.43 -13.28 36.10
CA LYS F 164 56.85 -12.04 35.61
C LYS F 164 56.36 -11.21 36.78
N VAL F 165 56.65 -9.90 36.75
CA VAL F 165 56.05 -8.96 37.68
C VAL F 165 54.75 -8.42 37.09
N VAL F 166 53.66 -9.18 37.26
CA VAL F 166 52.36 -8.71 36.80
C VAL F 166 51.91 -7.51 37.62
N GLU F 167 52.15 -7.55 38.93
CA GLU F 167 51.81 -6.47 39.83
C GLU F 167 53.09 -5.93 40.46
N THR F 168 53.24 -4.61 40.46
CA THR F 168 54.38 -3.94 41.05
C THR F 168 53.89 -2.94 42.08
N ASP F 169 54.47 -2.99 43.28
CA ASP F 169 54.05 -2.16 44.39
C ASP F 169 55.25 -1.39 44.95
N PRO F 170 55.26 -0.05 44.84
CA PRO F 170 54.26 0.75 44.14
C PRO F 170 54.42 0.71 42.62
N SER F 171 53.31 0.85 41.90
CA SER F 171 53.34 0.80 40.46
C SER F 171 54.03 2.04 39.89
N PRO F 172 54.73 1.92 38.75
CA PRO F 172 54.99 0.64 38.09
C PRO F 172 56.43 0.14 38.21
N TYR F 173 57.34 0.97 38.72
CA TYR F 173 58.76 0.67 38.73
C TYR F 173 59.25 0.51 40.17
N CYS F 174 60.09 -0.50 40.40
CA CYS F 174 60.61 -0.80 41.72
C CYS F 174 62.00 -1.41 41.59
N ILE F 175 62.73 -1.37 42.70
CA ILE F 175 64.09 -1.91 42.80
C ILE F 175 64.09 -3.00 43.86
N VAL F 176 64.68 -4.14 43.52
CA VAL F 176 64.79 -5.25 44.48
C VAL F 176 65.85 -4.92 45.51
N ALA F 177 65.49 -5.07 46.78
CA ALA F 177 66.40 -4.80 47.90
C ALA F 177 66.20 -5.90 48.93
N PRO F 178 67.22 -6.16 49.77
CA PRO F 178 67.06 -7.22 50.78
C PRO F 178 65.91 -6.97 51.73
N ASP F 179 65.61 -5.70 52.02
CA ASP F 179 64.44 -5.38 52.83
C ASP F 179 63.15 -5.77 52.11
N THR F 180 63.14 -5.64 50.78
CA THR F 180 61.96 -6.00 50.00
C THR F 180 61.73 -7.52 50.05
N VAL F 181 60.46 -7.90 50.02
CA VAL F 181 60.04 -9.29 50.15
C VAL F 181 59.41 -9.73 48.84
N ILE F 182 59.79 -10.92 48.37
CA ILE F 182 59.25 -11.50 47.15
C ILE F 182 58.37 -12.68 47.53
N HIS F 183 57.16 -12.73 46.97
CA HIS F 183 56.19 -13.77 47.25
C HIS F 183 55.82 -14.49 45.96
N CYS F 184 55.62 -15.80 46.07
CA CYS F 184 55.14 -16.63 44.96
C CYS F 184 53.66 -16.93 45.08
N GLU F 185 52.93 -16.24 45.95
CA GLU F 185 51.52 -16.51 46.15
C GLU F 185 50.72 -16.12 44.92
N GLY F 186 49.67 -16.89 44.65
CA GLY F 186 48.86 -16.73 43.47
C GLY F 186 49.19 -17.76 42.39
N GLU F 187 48.17 -18.12 41.63
CA GLU F 187 48.36 -19.13 40.59
C GLU F 187 49.29 -18.59 39.50
N PRO F 188 50.18 -19.43 38.97
CA PRO F 188 51.06 -18.97 37.89
C PRO F 188 50.24 -18.52 36.68
N ILE F 189 50.70 -17.44 36.05
CA ILE F 189 49.97 -16.90 34.91
C ILE F 189 50.05 -17.85 33.74
N LYS F 190 48.96 -17.90 32.96
CA LYS F 190 48.91 -18.78 31.81
C LYS F 190 49.74 -18.22 30.65
N ARG F 191 50.28 -19.12 29.84
CA ARG F 191 51.06 -18.71 28.68
C ARG F 191 50.17 -18.06 27.61
N GLU F 192 48.87 -18.35 27.67
CA GLU F 192 47.94 -17.76 26.71
C GLU F 192 47.92 -16.24 26.83
N ASP F 193 48.05 -15.72 28.05
CA ASP F 193 48.12 -14.28 28.23
C ASP F 193 49.33 -13.68 27.53
N GLU F 194 50.50 -14.33 27.67
CA GLU F 194 51.69 -13.85 27.01
C GLU F 194 51.56 -13.94 25.49
N GLU F 195 50.95 -15.00 24.99
CA GLU F 195 50.74 -15.13 23.55
C GLU F 195 49.79 -14.05 23.04
N GLU F 196 48.73 -13.75 23.79
CA GLU F 196 47.80 -12.70 23.40
C GLU F 196 48.48 -11.33 23.40
N SER F 197 49.36 -11.10 24.38
CA SER F 197 50.17 -9.88 24.36
C SER F 197 51.06 -9.85 23.12
N LEU F 198 51.58 -11.02 22.72
CA LEU F 198 52.31 -11.13 21.46
C LEU F 198 51.38 -10.87 20.28
N ASN F 199 50.15 -11.35 20.35
CA ASN F 199 49.18 -11.23 19.27
C ASN F 199 48.48 -9.88 19.24
N GLU F 200 48.87 -8.96 20.11
CA GLU F 200 48.26 -7.64 20.12
C GLU F 200 48.57 -6.91 18.81
N VAL F 201 47.63 -6.06 18.38
CA VAL F 201 47.72 -5.45 17.06
C VAL F 201 48.85 -4.44 17.00
N GLY F 202 49.58 -4.43 15.89
CA GLY F 202 50.59 -3.43 15.64
C GLY F 202 50.67 -3.13 14.15
N TYR F 203 51.50 -2.14 13.81
CA TYR F 203 51.64 -1.76 12.41
C TYR F 203 52.25 -2.89 11.59
N ASP F 204 53.18 -3.65 12.17
CA ASP F 204 53.76 -4.77 11.44
C ASP F 204 52.70 -5.80 11.07
N ASP F 205 51.66 -5.92 11.90
CA ASP F 205 50.52 -6.75 11.53
C ASP F 205 49.69 -6.10 10.44
N ILE F 206 49.58 -4.78 10.45
CA ILE F 206 48.75 -4.09 9.49
C ILE F 206 49.44 -4.05 8.13
N GLY F 207 48.70 -4.40 7.09
CA GLY F 207 49.24 -4.39 5.74
C GLY F 207 48.31 -3.79 4.71
N GLY F 208 48.84 -2.96 3.82
CA GLY F 208 48.09 -2.41 2.72
C GLY F 208 47.29 -1.16 3.01
N CYS F 209 47.33 -0.67 4.25
CA CYS F 209 46.55 0.50 4.64
C CYS F 209 47.40 1.60 5.26
N ARG F 210 48.67 1.71 4.86
CA ARG F 210 49.52 2.77 5.36
C ARG F 210 48.97 4.14 4.95
N LYS F 211 48.47 4.26 3.73
CA LYS F 211 47.87 5.52 3.29
C LYS F 211 46.68 5.89 4.16
N GLN F 212 45.72 4.97 4.33
CA GLN F 212 44.57 5.24 5.17
C GLN F 212 45.00 5.51 6.61
N LEU F 213 46.05 4.82 7.07
CA LEU F 213 46.62 5.13 8.37
C LEU F 213 47.10 6.57 8.43
N ALA F 214 47.65 7.08 7.31
CA ALA F 214 48.09 8.47 7.29
C ALA F 214 46.93 9.44 7.37
N GLN F 215 45.87 9.20 6.57
CA GLN F 215 44.71 10.08 6.68
C GLN F 215 44.09 10.03 8.07
N ILE F 216 44.14 8.87 8.72
CA ILE F 216 43.61 8.77 10.07
C ILE F 216 44.51 9.52 11.06
N LYS F 217 45.83 9.40 10.91
CA LYS F 217 46.75 10.13 11.78
C LYS F 217 46.53 11.63 11.67
N GLU F 218 46.30 12.12 10.45
CA GLU F 218 45.87 13.52 10.30
C GLU F 218 44.52 13.73 10.98
N MET F 219 43.62 12.75 10.86
CA MET F 219 42.25 12.92 11.32
C MET F 219 42.15 12.91 12.84
N VAL F 220 42.83 11.97 13.49
CA VAL F 220 42.66 11.73 14.93
C VAL F 220 43.89 12.16 15.73
N GLU F 221 45.10 11.88 15.22
CA GLU F 221 46.27 12.05 16.05
C GLU F 221 46.65 13.53 16.20
N LEU F 222 46.50 14.32 15.15
CA LEU F 222 46.80 15.75 15.26
C LEU F 222 45.95 16.46 16.29
N PRO F 223 44.61 16.33 16.31
CA PRO F 223 43.84 17.04 17.34
C PRO F 223 44.12 16.55 18.76
N LEU F 224 44.42 15.26 18.94
CA LEU F 224 44.73 14.77 20.28
C LEU F 224 46.10 15.26 20.74
N ARG F 225 47.11 15.16 19.86
CA ARG F 225 48.48 15.38 20.28
C ARG F 225 48.79 16.85 20.52
N HIS F 226 48.26 17.75 19.68
CA HIS F 226 48.41 19.19 19.85
C HIS F 226 47.03 19.85 19.86
N PRO F 227 46.27 19.70 20.95
CA PRO F 227 44.99 20.42 21.05
C PRO F 227 45.14 21.93 21.00
N ALA F 228 46.23 22.45 21.58
CA ALA F 228 46.47 23.88 21.55
C ALA F 228 46.70 24.37 20.12
N LEU F 229 47.22 23.49 19.25
CA LEU F 229 47.35 23.84 17.84
C LEU F 229 45.99 24.13 17.22
N PHE F 230 45.00 23.28 17.51
CA PHE F 230 43.67 23.49 16.98
C PHE F 230 43.01 24.70 17.63
N LYS F 231 43.30 24.94 18.92
CA LYS F 231 42.74 26.12 19.57
C LYS F 231 43.30 27.41 18.99
N GLU F 232 44.59 27.42 18.66
CA GLU F 232 45.21 28.63 18.12
C GLU F 232 44.59 29.03 16.80
N ILE F 233 44.54 28.09 15.84
CA ILE F 233 43.81 28.35 14.61
C ILE F 233 42.33 28.52 14.91
N GLY F 234 41.85 27.91 15.98
CA GLY F 234 40.48 28.08 16.42
C GLY F 234 39.46 27.17 15.76
N VAL F 235 39.88 26.29 14.86
CA VAL F 235 38.94 25.40 14.20
C VAL F 235 38.36 24.42 15.19
N LYS F 236 37.17 23.92 14.89
CA LYS F 236 36.62 22.81 15.66
C LYS F 236 37.14 21.51 15.10
N PRO F 237 37.93 20.75 15.87
CA PRO F 237 38.48 19.50 15.34
C PRO F 237 37.37 18.53 15.01
N PRO F 238 37.58 17.63 14.06
CA PRO F 238 36.51 16.73 13.62
C PRO F 238 35.98 15.91 14.79
N ARG F 239 34.68 16.11 15.09
CA ARG F 239 34.08 15.50 16.27
C ARG F 239 33.98 13.99 16.12
N GLY F 240 33.66 13.52 14.92
CA GLY F 240 33.57 12.09 14.67
C GLY F 240 33.99 11.76 13.26
N ILE F 241 34.56 10.56 13.10
CA ILE F 241 35.03 10.08 11.81
C ILE F 241 34.29 8.80 11.47
N LEU F 242 33.78 8.72 10.25
CA LEU F 242 33.10 7.56 9.73
C LEU F 242 34.04 6.81 8.78
N LEU F 243 33.90 5.48 8.75
CA LEU F 243 34.70 4.65 7.87
C LEU F 243 33.81 3.67 7.12
N TYR F 244 33.72 3.80 5.80
CA TYR F 244 32.87 2.94 5.00
C TYR F 244 33.73 2.17 4.00
N GLY F 245 33.42 0.90 3.82
CA GLY F 245 34.15 0.06 2.90
C GLY F 245 33.51 -1.30 2.76
N PRO F 246 33.99 -2.09 1.80
CA PRO F 246 33.45 -3.44 1.64
C PRO F 246 33.77 -4.29 2.85
N PRO F 247 32.95 -5.31 3.12
CA PRO F 247 33.20 -6.18 4.26
C PRO F 247 34.54 -6.91 4.13
N GLY F 248 35.18 -7.15 5.26
CA GLY F 248 36.44 -7.87 5.29
C GLY F 248 37.68 -7.02 5.13
N THR F 249 37.54 -5.69 4.99
CA THR F 249 38.71 -4.83 4.86
C THR F 249 39.40 -4.58 6.20
N GLY F 250 38.79 -4.98 7.32
CA GLY F 250 39.43 -4.88 8.61
C GLY F 250 39.72 -3.46 9.06
N LYS F 251 38.75 -2.57 8.89
CA LYS F 251 38.92 -1.18 9.34
C LYS F 251 39.09 -1.10 10.85
N THR F 252 38.39 -1.97 11.58
CA THR F 252 38.54 -1.97 13.03
C THR F 252 39.95 -2.36 13.45
N LEU F 253 40.63 -3.17 12.64
CA LEU F 253 42.03 -3.47 12.91
C LEU F 253 42.89 -2.22 12.75
N ILE F 254 42.61 -1.43 11.72
CA ILE F 254 43.31 -0.17 11.53
C ILE F 254 43.10 0.73 12.75
N ALA F 255 41.85 0.85 13.21
CA ALA F 255 41.56 1.68 14.36
C ALA F 255 42.25 1.16 15.61
N ARG F 256 42.30 -0.16 15.78
CA ARG F 256 43.02 -0.73 16.91
C ARG F 256 44.50 -0.38 16.85
N ALA F 257 45.10 -0.44 15.66
CA ALA F 257 46.51 -0.05 15.55
C ALA F 257 46.71 1.42 15.90
N VAL F 258 45.82 2.29 15.42
CA VAL F 258 45.90 3.70 15.74
C VAL F 258 45.81 3.91 17.25
N ALA F 259 44.94 3.15 17.91
CA ALA F 259 44.82 3.24 19.36
C ALA F 259 46.08 2.70 20.04
N ASN F 260 46.69 1.67 19.47
CA ASN F 260 47.90 1.11 20.07
C ASN F 260 49.05 2.09 20.05
N GLU F 261 49.21 2.85 18.95
CA GLU F 261 50.30 3.82 18.94
C GLU F 261 50.02 4.96 19.92
N THR F 262 48.75 5.19 20.25
CA THR F 262 48.39 6.20 21.23
C THR F 262 48.48 5.64 22.64
N GLY F 263 49.05 6.43 23.56
CA GLY F 263 49.25 5.96 24.91
C GLY F 263 47.96 5.74 25.67
N ALA F 264 46.95 6.57 25.41
CA ALA F 264 45.76 6.58 26.26
C ALA F 264 44.92 5.32 26.04
N PHE F 265 44.03 5.07 26.99
CA PHE F 265 43.16 3.90 26.94
C PHE F 265 42.18 3.98 25.78
N PHE F 266 41.96 2.85 25.12
CA PHE F 266 41.03 2.72 24.01
C PHE F 266 39.94 1.73 24.37
N PHE F 267 38.69 2.09 24.09
CA PHE F 267 37.54 1.23 24.39
C PHE F 267 36.82 0.88 23.10
N LEU F 268 36.48 -0.39 22.95
CA LEU F 268 35.84 -0.90 21.74
C LEU F 268 34.38 -1.24 22.03
N ILE F 269 33.49 -0.81 21.15
CA ILE F 269 32.07 -1.08 21.27
C ILE F 269 31.65 -2.03 20.16
N ASN F 270 31.02 -3.14 20.53
CA ASN F 270 30.50 -4.12 19.59
C ASN F 270 29.00 -3.93 19.46
N GLY F 271 28.54 -3.66 18.22
CA GLY F 271 27.13 -3.48 17.95
C GLY F 271 26.24 -4.64 18.33
N PRO F 272 26.59 -5.88 17.98
CA PRO F 272 25.83 -7.02 18.50
C PRO F 272 25.78 -7.04 20.02
N GLU F 273 26.87 -6.68 20.68
CA GLU F 273 26.85 -6.61 22.14
C GLU F 273 25.86 -5.56 22.63
N ILE F 274 25.81 -4.41 21.97
CA ILE F 274 24.90 -3.36 22.39
C ILE F 274 23.45 -3.77 22.20
N MET F 275 23.12 -4.32 21.01
CA MET F 275 21.74 -4.70 20.75
C MET F 275 21.32 -5.90 21.58
N SER F 276 22.25 -6.79 21.91
CA SER F 276 21.92 -7.99 22.67
C SER F 276 21.44 -7.63 24.07
N LYS F 277 22.04 -6.61 24.68
CA LYS F 277 21.67 -6.22 26.03
C LYS F 277 20.25 -5.67 26.07
N LEU F 278 19.62 -5.82 27.23
CA LEU F 278 18.27 -5.31 27.42
C LEU F 278 18.25 -3.79 27.32
N ALA F 279 17.07 -3.25 27.00
CA ALA F 279 16.94 -1.81 26.82
C ALA F 279 17.29 -1.07 28.10
N GLY F 280 17.94 0.08 27.94
CA GLY F 280 18.41 0.86 29.08
C GLY F 280 19.84 0.57 29.49
N GLU F 281 20.22 -0.71 29.53
CA GLU F 281 21.59 -1.06 29.89
C GLU F 281 22.57 -0.70 28.77
N SER F 282 22.15 -0.83 27.52
CA SER F 282 23.01 -0.48 26.41
C SER F 282 23.38 1.00 26.43
N GLU F 283 22.39 1.86 26.67
CA GLU F 283 22.67 3.29 26.76
C GLU F 283 23.59 3.59 27.94
N SER F 284 23.41 2.85 29.03
CA SER F 284 24.32 3.00 30.17
C SER F 284 25.75 2.67 29.77
N ASN F 285 25.93 1.59 29.00
CA ASN F 285 27.28 1.25 28.54
C ASN F 285 27.85 2.32 27.63
N LEU F 286 27.04 2.86 26.72
CA LEU F 286 27.53 3.91 25.83
C LEU F 286 27.95 5.15 26.62
N ARG F 287 27.12 5.59 27.56
CA ARG F 287 27.47 6.78 28.34
C ARG F 287 28.67 6.51 29.23
N LYS F 288 28.81 5.28 29.74
CA LYS F 288 30.00 4.93 30.50
C LYS F 288 31.25 5.02 29.63
N ALA F 289 31.17 4.54 28.40
CA ALA F 289 32.29 4.66 27.48
C ALA F 289 32.64 6.12 27.22
N PHE F 290 31.63 6.98 27.11
CA PHE F 290 31.93 8.40 26.90
C PHE F 290 32.53 9.05 28.14
N GLU F 291 32.15 8.59 29.34
CA GLU F 291 32.86 9.07 30.53
C GLU F 291 34.31 8.62 30.53
N GLU F 292 34.57 7.38 30.08
CA GLU F 292 35.95 6.94 29.93
C GLU F 292 36.70 7.82 28.94
N ALA F 293 36.02 8.23 27.86
CA ALA F 293 36.63 9.18 26.93
C ALA F 293 36.92 10.51 27.61
N GLU F 294 36.02 10.96 28.48
CA GLU F 294 36.24 12.19 29.22
C GLU F 294 37.45 12.07 30.16
N LYS F 295 37.69 10.87 30.69
CA LYS F 295 38.79 10.69 31.63
C LYS F 295 40.15 10.96 30.99
N ASN F 296 40.35 10.46 29.77
CA ASN F 296 41.62 10.63 29.08
C ASN F 296 41.42 11.50 27.85
N ALA F 297 42.16 12.62 27.79
CA ALA F 297 42.12 13.45 26.59
C ALA F 297 42.51 12.71 25.32
N PRO F 298 43.54 11.86 25.29
CA PRO F 298 43.84 11.11 24.07
C PRO F 298 43.07 9.81 23.92
N ALA F 299 42.00 9.60 24.67
CA ALA F 299 41.24 8.36 24.57
C ALA F 299 40.48 8.30 23.24
N ILE F 300 40.31 7.08 22.73
CA ILE F 300 39.62 6.82 21.48
C ILE F 300 38.55 5.77 21.72
N ILE F 301 37.37 5.99 21.14
CA ILE F 301 36.27 5.02 21.18
C ILE F 301 35.93 4.60 19.76
N PHE F 302 35.81 3.29 19.56
CA PHE F 302 35.43 2.72 18.28
C PHE F 302 34.19 1.86 18.46
N ILE F 303 33.24 1.98 17.55
CA ILE F 303 32.03 1.17 17.55
C ILE F 303 32.04 0.31 16.30
N ASP F 304 31.85 -1.00 16.49
CA ASP F 304 31.87 -1.95 15.39
C ASP F 304 30.45 -2.29 14.98
N GLU F 305 30.21 -2.33 13.67
CA GLU F 305 28.90 -2.65 13.10
C GLU F 305 27.83 -1.64 13.55
N LEU F 306 28.20 -0.36 13.56
CA LEU F 306 27.26 0.67 13.99
C LEU F 306 26.13 0.83 12.98
N ASP F 307 26.46 0.87 11.68
CA ASP F 307 25.43 1.02 10.67
C ASP F 307 24.50 -0.19 10.64
N ALA F 308 25.04 -1.38 10.90
CA ALA F 308 24.24 -2.59 10.86
C ALA F 308 23.15 -2.56 11.93
N ILE F 309 23.50 -2.10 13.13
CA ILE F 309 22.54 -2.15 14.23
C ILE F 309 21.54 -1.00 14.13
N ALA F 310 21.99 0.17 13.69
CA ALA F 310 21.11 1.34 13.65
C ALA F 310 20.86 1.75 12.21
N PRO F 311 19.70 1.42 11.63
CA PRO F 311 19.40 1.86 10.27
C PRO F 311 19.00 3.32 10.23
N LYS F 312 18.57 3.75 9.05
CA LYS F 312 18.08 5.12 8.90
C LYS F 312 16.85 5.36 9.76
N ARG F 313 16.78 6.54 10.36
CA ARG F 313 15.57 6.95 11.07
C ARG F 313 14.38 7.01 10.13
N GLU F 314 14.62 7.39 8.88
CA GLU F 314 13.54 7.53 7.90
C GLU F 314 12.84 6.19 7.68
N LYS F 315 13.59 5.09 7.68
CA LYS F 315 13.04 3.76 7.45
C LYS F 315 13.49 2.84 8.58
N THR F 316 12.72 2.83 9.67
CA THR F 316 12.96 1.95 10.80
C THR F 316 11.64 1.64 11.49
N HIS F 317 11.59 0.50 12.18
CA HIS F 317 10.38 0.05 12.85
C HIS F 317 10.55 -0.16 14.35
N GLY F 318 11.76 0.00 14.87
CA GLY F 318 12.01 -0.27 16.28
C GLY F 318 12.14 0.98 17.12
N GLU F 319 11.17 1.21 18.00
CA GLU F 319 11.19 2.38 18.87
C GLU F 319 12.36 2.31 19.84
N VAL F 320 12.74 1.10 20.27
CA VAL F 320 13.94 0.94 21.08
C VAL F 320 15.17 1.38 20.29
N GLU F 321 15.23 1.02 19.00
CA GLU F 321 16.34 1.47 18.17
C GLU F 321 16.37 2.98 18.07
N ARG F 322 15.19 3.62 17.91
CA ARG F 322 15.14 5.07 17.87
C ARG F 322 15.64 5.67 19.17
N ARG F 323 15.25 5.10 20.31
CA ARG F 323 15.67 5.63 21.60
C ARG F 323 17.19 5.50 21.78
N ILE F 324 17.75 4.35 21.40
CA ILE F 324 19.20 4.16 21.49
C ILE F 324 19.91 5.15 20.57
N VAL F 325 19.37 5.35 19.37
CA VAL F 325 19.98 6.29 18.43
C VAL F 325 19.96 7.70 19.02
N SER F 326 18.83 8.11 19.60
CA SER F 326 18.73 9.44 20.17
C SER F 326 19.70 9.61 21.35
N GLN F 327 19.87 8.57 22.14
CA GLN F 327 20.84 8.60 23.23
C GLN F 327 22.26 8.75 22.68
N LEU F 328 22.56 8.07 21.57
CA LEU F 328 23.87 8.24 20.93
C LEU F 328 24.05 9.67 20.44
N LEU F 329 23.01 10.24 19.84
CA LEU F 329 23.08 11.64 19.41
C LEU F 329 23.37 12.57 20.59
N THR F 330 22.64 12.42 21.69
CA THR F 330 22.82 13.37 22.79
C THR F 330 24.21 13.20 23.43
N LEU F 331 24.69 11.95 23.54
CA LEU F 331 26.05 11.75 24.03
C LEU F 331 27.07 12.39 23.10
N MET F 332 26.84 12.31 21.78
CA MET F 332 27.74 12.97 20.85
C MET F 332 27.73 14.48 21.05
N ASP F 333 26.54 15.08 21.19
CA ASP F 333 26.49 16.52 21.36
C ASP F 333 27.00 16.93 22.75
N GLY F 334 27.22 15.95 23.62
CA GLY F 334 27.86 16.24 24.89
C GLY F 334 29.25 16.85 24.71
N LEU F 335 29.98 16.41 23.70
CA LEU F 335 31.32 16.93 23.44
C LEU F 335 31.25 18.31 22.79
N LYS F 336 32.17 19.19 23.18
CA LYS F 336 32.32 20.50 22.54
C LYS F 336 33.64 20.66 21.81
N GLN F 337 34.42 19.58 21.66
CA GLN F 337 35.73 19.55 21.04
C GLN F 337 36.79 20.26 21.88
N ARG F 338 36.45 20.76 23.07
CA ARG F 338 37.49 21.20 23.99
C ARG F 338 38.34 20.01 24.46
N ALA F 339 37.69 18.88 24.72
CA ALA F 339 38.44 17.67 25.05
C ALA F 339 39.21 17.15 23.85
N HIS F 340 38.75 17.49 22.64
CA HIS F 340 39.33 17.11 21.36
C HIS F 340 39.21 15.60 21.12
N VAL F 341 38.39 14.90 21.90
CA VAL F 341 38.26 13.46 21.76
C VAL F 341 37.44 13.13 20.53
N ILE F 342 37.96 12.23 19.69
CA ILE F 342 37.33 11.85 18.45
C ILE F 342 36.89 10.39 18.55
N VAL F 343 35.63 10.13 18.19
CA VAL F 343 35.07 8.79 18.18
C VAL F 343 35.07 8.29 16.75
N MET F 344 35.31 6.99 16.58
CA MET F 344 35.39 6.36 15.27
C MET F 344 34.31 5.29 15.16
N ALA F 345 33.84 5.05 13.93
CA ALA F 345 32.77 4.09 13.70
C ALA F 345 33.12 3.18 12.53
N ALA F 346 32.55 1.98 12.56
CA ALA F 346 32.71 1.01 11.48
C ALA F 346 31.38 0.85 10.76
N THR F 347 31.36 1.17 9.47
CA THR F 347 30.17 1.06 8.65
C THR F 347 30.49 0.29 7.39
N ASN F 348 29.61 -0.65 7.04
CA ASN F 348 29.74 -1.33 5.74
C ASN F 348 29.25 -0.43 4.61
N ARG F 349 28.34 0.50 4.91
CA ARG F 349 27.81 1.41 3.91
C ARG F 349 27.32 2.68 4.57
N PRO F 350 27.63 3.85 3.99
CA PRO F 350 27.11 5.10 4.56
C PRO F 350 25.59 5.19 4.54
N ASN F 351 24.94 4.41 3.66
CA ASN F 351 23.48 4.41 3.64
C ASN F 351 22.91 3.72 4.87
N SER F 352 23.55 2.65 5.33
CA SER F 352 22.99 1.86 6.43
C SER F 352 23.05 2.62 7.74
N ILE F 353 24.02 3.52 7.90
CA ILE F 353 24.10 4.30 9.14
C ILE F 353 23.06 5.43 9.09
N ASP F 354 22.63 5.85 10.28
CA ASP F 354 21.59 6.86 10.40
C ASP F 354 22.04 8.17 9.73
N PRO F 355 21.15 8.83 9.00
CA PRO F 355 21.55 10.08 8.32
C PRO F 355 22.03 11.18 9.25
N ALA F 356 21.45 11.28 10.45
CA ALA F 356 21.87 12.33 11.38
C ALA F 356 23.32 12.10 11.83
N LEU F 357 23.73 10.84 11.96
CA LEU F 357 25.11 10.56 12.32
C LEU F 357 26.06 11.01 11.23
N ARG F 358 25.56 11.17 10.01
CA ARG F 358 26.39 11.65 8.91
C ARG F 358 26.48 13.18 8.89
N ARG F 359 25.57 13.84 9.60
CA ARG F 359 25.49 15.30 9.57
C ARG F 359 26.56 15.93 10.47
N PHE F 360 26.79 17.22 10.25
CA PHE F 360 27.73 17.98 11.08
C PHE F 360 27.30 17.96 12.53
N GLY F 361 28.29 17.90 13.43
CA GLY F 361 28.04 17.62 14.83
C GLY F 361 27.97 16.14 15.16
N ARG F 362 28.24 15.29 14.18
CA ARG F 362 28.21 13.83 14.27
C ARG F 362 29.38 13.31 13.45
N PHE F 363 29.35 12.05 13.01
CA PHE F 363 30.42 11.55 12.16
C PHE F 363 30.35 12.26 10.81
N ASP F 364 30.68 13.56 10.86
CA ASP F 364 30.63 14.39 9.66
C ASP F 364 31.76 14.07 8.67
N ARG F 365 33.00 13.98 9.16
CA ARG F 365 34.09 13.57 8.28
C ARG F 365 34.00 12.08 7.97
N GLU F 366 34.34 11.73 6.74
CA GLU F 366 34.20 10.37 6.23
C GLU F 366 35.49 9.95 5.55
N VAL F 367 35.90 8.69 5.76
CA VAL F 367 37.06 8.10 5.12
C VAL F 367 36.64 6.81 4.47
N ASP F 368 37.06 6.60 3.23
CA ASP F 368 36.81 5.36 2.50
C ASP F 368 38.02 4.45 2.64
N ILE F 369 37.79 3.22 3.10
CA ILE F 369 38.84 2.23 3.23
C ILE F 369 38.72 1.27 2.05
N GLY F 370 39.66 1.38 1.11
CA GLY F 370 39.61 0.56 -0.08
C GLY F 370 40.31 -0.78 0.08
N ILE F 371 40.41 -1.49 -1.04
CA ILE F 371 41.05 -2.81 -1.04
C ILE F 371 42.54 -2.65 -0.82
N PRO F 372 43.16 -3.42 0.08
CA PRO F 372 44.61 -3.32 0.27
C PRO F 372 45.37 -3.68 -1.00
N ASP F 373 46.53 -3.04 -1.19
CA ASP F 373 47.28 -3.19 -2.42
C ASP F 373 48.01 -4.53 -2.45
N ALA F 374 48.76 -4.74 -3.53
CA ALA F 374 49.51 -5.99 -3.70
C ALA F 374 50.58 -6.14 -2.63
N THR F 375 51.30 -5.06 -2.31
CA THR F 375 52.34 -5.13 -1.29
C THR F 375 51.75 -5.43 0.08
N GLY F 376 50.64 -4.78 0.43
CA GLY F 376 50.03 -5.01 1.72
C GLY F 376 49.46 -6.41 1.85
N ARG F 377 48.76 -6.87 0.82
CA ARG F 377 48.25 -8.25 0.86
C ARG F 377 49.39 -9.25 0.84
N LEU F 378 50.52 -8.88 0.24
CA LEU F 378 51.74 -9.67 0.35
C LEU F 378 52.19 -9.77 1.80
N GLU F 379 52.15 -8.65 2.53
CA GLU F 379 52.53 -8.67 3.94
C GLU F 379 51.56 -9.52 4.76
N ILE F 380 50.26 -9.39 4.49
CA ILE F 380 49.28 -10.21 5.21
C ILE F 380 49.50 -11.69 4.93
N LEU F 381 49.83 -12.01 3.68
CA LEU F 381 50.13 -13.39 3.32
C LEU F 381 51.38 -13.89 4.02
N GLN F 382 52.37 -13.00 4.19
CA GLN F 382 53.54 -13.33 5.00
C GLN F 382 53.12 -13.69 6.43
N ILE F 383 52.23 -12.88 7.00
CA ILE F 383 51.81 -13.09 8.38
C ILE F 383 51.08 -14.42 8.53
N HIS F 384 50.17 -14.72 7.59
CA HIS F 384 49.44 -15.98 7.65
C HIS F 384 50.36 -17.18 7.42
N THR F 385 51.20 -17.11 6.39
CA THR F 385 52.00 -18.28 6.02
C THR F 385 53.14 -18.53 6.99
N LYS F 386 53.62 -17.47 7.67
CA LYS F 386 54.71 -17.66 8.61
C LYS F 386 54.26 -18.46 9.84
N ASN F 387 52.95 -18.50 10.09
CA ASN F 387 52.44 -19.41 11.10
C ASN F 387 52.47 -20.85 10.61
N MET F 388 52.36 -21.04 9.30
CA MET F 388 52.36 -22.36 8.69
C MET F 388 53.77 -22.83 8.36
N LYS F 389 53.95 -24.15 8.39
CA LYS F 389 55.15 -24.74 7.81
C LYS F 389 55.09 -24.59 6.29
N LEU F 390 56.14 -24.04 5.73
CA LEU F 390 56.17 -23.65 4.32
C LEU F 390 57.19 -24.49 3.58
N ALA F 391 56.77 -25.11 2.47
CA ALA F 391 57.70 -25.78 1.59
C ALA F 391 58.52 -24.76 0.82
N ASP F 392 59.66 -25.21 0.31
CA ASP F 392 60.58 -24.30 -0.35
C ASP F 392 60.09 -23.87 -1.73
N ASP F 393 59.34 -24.74 -2.40
CA ASP F 393 59.00 -24.51 -3.80
C ASP F 393 58.06 -23.32 -3.97
N VAL F 394 57.16 -23.10 -3.00
CA VAL F 394 56.17 -22.04 -3.15
C VAL F 394 56.83 -20.68 -3.08
N ASP F 395 56.49 -19.81 -4.03
CA ASP F 395 56.91 -18.43 -4.04
C ASP F 395 55.69 -17.57 -3.74
N LEU F 396 55.80 -16.72 -2.72
CA LEU F 396 54.63 -16.04 -2.19
C LEU F 396 54.17 -14.92 -3.12
N GLU F 397 55.08 -14.43 -3.98
CA GLU F 397 54.71 -13.34 -4.87
C GLU F 397 53.62 -13.75 -5.86
N GLN F 398 53.62 -15.02 -6.27
CA GLN F 398 52.60 -15.47 -7.23
C GLN F 398 51.20 -15.42 -6.61
N VAL F 399 51.04 -15.96 -5.41
CA VAL F 399 49.72 -15.94 -4.76
C VAL F 399 49.36 -14.51 -4.39
N ALA F 400 50.35 -13.67 -4.12
CA ALA F 400 50.07 -12.25 -3.94
C ALA F 400 49.52 -11.63 -5.23
N ASN F 401 50.08 -12.02 -6.38
CA ASN F 401 49.70 -11.42 -7.65
C ASN F 401 48.31 -11.88 -8.09
N GLU F 402 48.00 -13.15 -7.89
CA GLU F 402 46.73 -13.68 -8.39
C GLU F 402 45.55 -13.06 -7.66
N THR F 403 45.70 -12.77 -6.37
CA THR F 403 44.59 -12.26 -5.56
C THR F 403 44.41 -10.76 -5.78
N HIS F 404 43.90 -10.44 -6.98
CA HIS F 404 43.70 -9.04 -7.34
C HIS F 404 42.58 -8.40 -6.52
N GLY F 405 41.45 -9.09 -6.39
CA GLY F 405 40.28 -8.57 -5.71
C GLY F 405 40.08 -9.02 -4.28
N HIS F 406 41.04 -9.76 -3.71
CA HIS F 406 40.90 -10.24 -2.35
C HIS F 406 41.02 -9.09 -1.35
N VAL F 407 40.40 -9.25 -0.17
CA VAL F 407 40.24 -8.14 0.77
C VAL F 407 41.03 -8.31 2.06
N GLY F 408 41.64 -9.49 2.30
CA GLY F 408 42.48 -9.71 3.45
C GLY F 408 42.00 -10.80 4.38
N ALA F 409 40.70 -10.86 4.68
CA ALA F 409 40.18 -12.00 5.41
C ALA F 409 40.08 -13.22 4.51
N ASP F 410 39.69 -13.02 3.25
CA ASP F 410 39.70 -14.11 2.29
C ASP F 410 41.12 -14.56 1.98
N LEU F 411 42.12 -13.73 2.25
CA LEU F 411 43.49 -14.21 2.22
C LEU F 411 43.71 -15.28 3.29
N ALA F 412 43.20 -15.04 4.51
CA ALA F 412 43.30 -16.03 5.56
C ALA F 412 42.52 -17.29 5.20
N ALA F 413 41.35 -17.13 4.58
CA ALA F 413 40.59 -18.29 4.11
C ALA F 413 41.37 -19.06 3.05
N LEU F 414 42.04 -18.35 2.15
CA LEU F 414 42.85 -19.00 1.12
C LEU F 414 43.99 -19.79 1.74
N CYS F 415 44.68 -19.20 2.72
CA CYS F 415 45.77 -19.89 3.39
C CYS F 415 45.26 -21.11 4.15
N SER F 416 44.09 -20.98 4.78
CA SER F 416 43.49 -22.12 5.49
C SER F 416 43.14 -23.24 4.52
N GLU F 417 42.57 -22.90 3.35
CA GLU F 417 42.26 -23.91 2.36
C GLU F 417 43.52 -24.58 1.83
N ALA F 418 44.58 -23.81 1.63
CA ALA F 418 45.86 -24.39 1.20
C ALA F 418 46.41 -25.33 2.26
N ALA F 419 46.31 -24.95 3.53
CA ALA F 419 46.76 -25.84 4.60
C ALA F 419 45.94 -27.11 4.66
N LEU F 420 44.62 -26.99 4.46
CA LEU F 420 43.78 -28.18 4.43
C LEU F 420 44.15 -29.09 3.26
N GLN F 421 44.45 -28.51 2.10
CA GLN F 421 44.89 -29.31 0.96
C GLN F 421 46.21 -30.02 1.27
N ALA F 422 47.14 -29.31 1.91
CA ALA F 422 48.42 -29.91 2.28
C ALA F 422 48.22 -31.07 3.24
N ILE F 423 47.33 -30.91 4.22
CA ILE F 423 47.03 -32.01 5.14
C ILE F 423 46.36 -33.16 4.39
N ARG F 424 45.53 -32.82 3.39
CA ARG F 424 44.88 -33.85 2.58
C ARG F 424 45.89 -34.70 1.83
N LYS F 425 46.96 -34.07 1.31
CA LYS F 425 47.97 -34.83 0.58
C LYS F 425 48.56 -35.95 1.43
N LYS F 426 48.64 -35.74 2.74
CA LYS F 426 49.21 -36.72 3.66
C LYS F 426 48.14 -37.44 4.48
N MET F 427 46.88 -37.40 4.05
CA MET F 427 45.82 -38.05 4.81
C MET F 427 46.01 -39.57 4.84
N ASP F 428 46.73 -40.12 3.85
CA ASP F 428 47.03 -41.55 3.88
C ASP F 428 47.91 -41.90 5.08
N LEU F 429 48.90 -41.05 5.36
CA LEU F 429 49.73 -41.26 6.55
C LEU F 429 48.95 -41.02 7.83
N ILE F 430 48.08 -40.01 7.83
CA ILE F 430 47.38 -39.61 9.05
C ILE F 430 46.27 -40.59 9.38
N ASP F 431 46.21 -41.00 10.63
CA ASP F 431 45.18 -41.92 11.12
C ASP F 431 44.11 -41.12 11.85
N LEU F 432 42.86 -41.28 11.43
CA LEU F 432 41.76 -40.55 12.07
C LEU F 432 41.39 -41.16 13.41
N GLU F 433 41.44 -42.49 13.51
CA GLU F 433 40.97 -43.16 14.73
C GLU F 433 41.89 -42.88 15.92
N ASP F 434 43.19 -42.88 15.68
CA ASP F 434 44.16 -42.61 16.75
C ASP F 434 44.36 -41.12 16.89
N GLU F 435 44.14 -40.59 18.09
CA GLU F 435 44.24 -39.15 18.31
C GLU F 435 45.70 -38.69 18.25
N THR F 436 46.63 -39.59 18.51
CA THR F 436 48.04 -39.23 18.47
C THR F 436 48.58 -39.32 17.04
N ILE F 437 49.56 -38.48 16.74
CA ILE F 437 50.09 -38.33 15.38
C ILE F 437 51.59 -38.55 15.43
N ASP F 438 52.12 -39.23 14.41
CA ASP F 438 53.56 -39.44 14.31
C ASP F 438 54.29 -38.12 14.10
N ALA F 439 55.47 -38.00 14.72
CA ALA F 439 56.27 -36.79 14.56
C ALA F 439 56.77 -36.64 13.12
N GLU F 440 57.18 -37.74 12.50
CA GLU F 440 57.75 -37.67 11.16
C GLU F 440 56.73 -37.14 10.15
N VAL F 441 55.48 -37.60 10.24
CA VAL F 441 54.48 -37.19 9.25
C VAL F 441 54.13 -35.72 9.40
N MET F 442 53.95 -35.24 10.64
CA MET F 442 53.62 -33.83 10.83
C MET F 442 54.79 -32.93 10.44
N ASN F 443 56.01 -33.35 10.79
CA ASN F 443 57.18 -32.58 10.38
C ASN F 443 57.34 -32.57 8.87
N SER F 444 56.96 -33.66 8.21
CA SER F 444 57.02 -33.73 6.75
C SER F 444 55.97 -32.86 6.10
N LEU F 445 54.82 -32.70 6.76
CA LEU F 445 53.69 -32.02 6.13
C LEU F 445 53.94 -30.53 6.01
N ALA F 446 53.94 -30.04 4.77
CA ALA F 446 54.14 -28.62 4.50
C ALA F 446 53.41 -28.27 3.21
N VAL F 447 53.11 -26.99 3.04
CA VAL F 447 52.30 -26.53 1.92
C VAL F 447 53.22 -26.21 0.75
N THR F 448 53.06 -26.94 -0.34
CA THR F 448 53.79 -26.67 -1.56
C THR F 448 53.06 -25.63 -2.40
N MET F 449 53.59 -25.39 -3.61
CA MET F 449 52.98 -24.40 -4.49
C MET F 449 51.66 -24.90 -5.06
N ASP F 450 51.59 -26.19 -5.42
CA ASP F 450 50.39 -26.72 -6.07
C ASP F 450 49.18 -26.62 -5.16
N ASP F 451 49.39 -26.76 -3.84
CA ASP F 451 48.28 -26.58 -2.91
C ASP F 451 47.73 -25.16 -3.00
N PHE F 452 48.63 -24.18 -3.06
CA PHE F 452 48.19 -22.79 -3.22
C PHE F 452 47.47 -22.58 -4.54
N ARG F 453 47.97 -23.21 -5.62
CA ARG F 453 47.32 -23.03 -6.92
C ARG F 453 45.92 -23.63 -6.93
N TRP F 454 45.76 -24.81 -6.33
CA TRP F 454 44.41 -25.39 -6.23
C TRP F 454 43.50 -24.53 -5.37
N ALA F 455 44.04 -23.98 -4.28
CA ALA F 455 43.24 -23.09 -3.43
C ALA F 455 42.84 -21.84 -4.20
N LEU F 456 43.73 -21.31 -5.03
CA LEU F 456 43.41 -20.19 -5.91
C LEU F 456 42.29 -20.57 -6.87
N SER F 457 42.35 -21.79 -7.43
CA SER F 457 41.25 -22.27 -8.24
C SER F 457 39.95 -22.29 -7.44
N GLN F 458 40.03 -22.61 -6.15
CA GLN F 458 38.84 -22.55 -5.30
C GLN F 458 38.43 -21.11 -5.02
N SER F 459 39.39 -20.26 -4.69
CA SER F 459 39.08 -18.90 -4.25
C SER F 459 38.69 -18.01 -5.44
N ASN F 460 38.06 -16.88 -5.12
CA ASN F 460 37.64 -15.91 -6.12
C ASN F 460 38.17 -14.53 -5.76
N PRO F 461 38.62 -13.72 -6.73
CA PRO F 461 39.17 -12.39 -6.49
C PRO F 461 38.14 -11.41 -5.94
N PRO F 472 36.17 -3.50 -20.39
CA PRO F 472 35.75 -4.23 -21.60
C PRO F 472 36.65 -5.43 -21.91
N GLN F 473 36.05 -6.61 -22.04
CA GLN F 473 36.82 -7.80 -22.37
C GLN F 473 37.44 -7.69 -23.75
N VAL F 474 36.77 -6.98 -24.67
CA VAL F 474 37.30 -6.82 -26.01
C VAL F 474 38.57 -5.97 -25.96
N THR F 475 39.64 -6.49 -26.56
CA THR F 475 40.93 -5.82 -26.56
C THR F 475 41.51 -5.83 -27.97
N TRP F 476 42.61 -5.10 -28.13
CA TRP F 476 43.19 -4.93 -29.46
C TRP F 476 43.65 -6.25 -30.05
N GLU F 477 44.04 -7.20 -29.20
CA GLU F 477 44.44 -8.53 -29.69
C GLU F 477 43.24 -9.30 -30.21
N ASP F 478 42.07 -9.14 -29.56
CA ASP F 478 40.87 -9.84 -30.01
C ASP F 478 40.47 -9.40 -31.41
N ILE F 479 40.65 -8.11 -31.72
CA ILE F 479 40.31 -7.61 -33.05
C ILE F 479 41.39 -8.01 -34.04
N GLY F 480 40.96 -8.59 -35.16
CA GLY F 480 41.87 -8.99 -36.22
C GLY F 480 41.85 -7.98 -37.36
N GLY F 481 43.02 -7.75 -37.93
CA GLY F 481 43.14 -6.80 -39.02
C GLY F 481 43.00 -5.36 -38.55
N LEU F 482 42.91 -4.47 -39.53
CA LEU F 482 42.71 -3.04 -39.29
C LEU F 482 43.82 -2.46 -38.41
N GLU F 483 45.06 -2.91 -38.66
CA GLU F 483 46.18 -2.48 -37.83
C GLU F 483 46.40 -0.98 -37.92
N ASP F 484 46.35 -0.43 -39.15
CA ASP F 484 46.57 1.00 -39.33
C ASP F 484 45.50 1.81 -38.60
N VAL F 485 44.24 1.37 -38.70
CA VAL F 485 43.15 2.07 -38.02
C VAL F 485 43.36 2.05 -36.52
N LYS F 486 43.73 0.88 -35.97
CA LYS F 486 43.95 0.79 -34.53
C LYS F 486 45.10 1.67 -34.08
N ARG F 487 46.20 1.67 -34.83
CA ARG F 487 47.34 2.51 -34.46
C ARG F 487 46.98 3.99 -34.54
N GLU F 488 46.25 4.39 -35.58
CA GLU F 488 45.84 5.80 -35.70
C GLU F 488 44.91 6.20 -34.57
N LEU F 489 43.97 5.34 -34.22
CA LEU F 489 43.05 5.64 -33.12
C LEU F 489 43.79 5.74 -31.80
N GLN F 490 44.75 4.84 -31.57
CA GLN F 490 45.57 4.93 -30.37
C GLN F 490 46.37 6.23 -30.35
N GLU F 491 46.91 6.65 -31.49
CA GLU F 491 47.61 7.94 -31.53
C GLU F 491 46.66 9.07 -31.16
N LEU F 492 45.45 9.05 -31.73
CA LEU F 492 44.48 10.12 -31.47
C LEU F 492 44.05 10.13 -30.00
N VAL F 493 44.09 8.98 -29.33
CA VAL F 493 43.63 8.97 -27.94
C VAL F 493 44.78 9.33 -26.99
N GLN F 494 46.01 8.88 -27.28
CA GLN F 494 47.10 9.09 -26.33
C GLN F 494 47.77 10.45 -26.51
N TYR F 495 47.72 11.03 -27.71
CA TYR F 495 48.40 12.32 -27.90
C TYR F 495 47.83 13.43 -27.01
N PRO F 496 46.51 13.62 -26.88
CA PRO F 496 46.04 14.60 -25.90
C PRO F 496 46.47 14.29 -24.47
N VAL F 497 46.58 13.00 -24.13
CA VAL F 497 47.05 12.63 -22.80
C VAL F 497 48.54 12.92 -22.66
N GLU F 498 49.33 12.58 -23.67
CA GLU F 498 50.78 12.75 -23.57
C GLU F 498 51.18 14.21 -23.54
N HIS F 499 50.53 15.06 -24.34
CA HIS F 499 50.91 16.46 -24.48
C HIS F 499 49.69 17.38 -24.25
N PRO F 500 49.21 17.48 -23.01
CA PRO F 500 48.26 18.56 -22.72
C PRO F 500 48.90 19.94 -22.83
N ASP F 501 50.21 20.03 -22.58
CA ASP F 501 50.92 21.29 -22.73
C ASP F 501 50.90 21.77 -24.18
N LYS F 502 51.06 20.86 -25.13
CA LYS F 502 51.01 21.24 -26.54
C LYS F 502 49.64 21.82 -26.90
N PHE F 503 48.57 21.22 -26.38
CA PHE F 503 47.24 21.77 -26.60
C PHE F 503 47.09 23.13 -25.94
N LEU F 504 47.69 23.30 -24.75
CA LEU F 504 47.59 24.58 -24.06
C LEU F 504 48.31 25.69 -24.82
N LYS F 505 49.46 25.38 -25.42
CA LYS F 505 50.20 26.39 -26.18
C LYS F 505 49.36 26.93 -27.34
N PHE F 506 48.60 26.05 -28.00
CA PHE F 506 47.62 26.51 -28.98
C PHE F 506 46.27 26.82 -28.34
N GLY F 507 46.09 26.52 -27.06
CA GLY F 507 44.91 26.94 -26.33
C GLY F 507 43.60 26.34 -26.79
N MET F 508 43.55 25.03 -27.03
CA MET F 508 42.34 24.33 -27.43
C MET F 508 42.09 23.15 -26.50
N THR F 509 40.82 22.94 -26.17
CA THR F 509 40.43 21.80 -25.35
C THR F 509 40.69 20.50 -26.12
N PRO F 510 41.18 19.46 -25.45
CA PRO F 510 41.31 18.16 -26.13
C PRO F 510 39.97 17.64 -26.59
N SER F 511 39.96 17.02 -27.76
CA SER F 511 38.75 16.48 -28.37
C SER F 511 38.60 15.02 -27.96
N LYS F 512 37.51 14.72 -27.26
CA LYS F 512 37.22 13.37 -26.81
C LYS F 512 36.18 12.68 -27.69
N GLY F 513 35.82 13.29 -28.82
CA GLY F 513 34.79 12.74 -29.67
C GLY F 513 35.32 12.08 -30.94
N VAL F 514 35.01 10.81 -31.11
CA VAL F 514 35.43 10.03 -32.28
C VAL F 514 34.19 9.43 -32.93
N LEU F 515 34.06 9.62 -34.23
CA LEU F 515 32.91 9.13 -34.98
C LEU F 515 33.34 7.96 -35.84
N PHE F 516 32.56 6.88 -35.80
CA PHE F 516 32.81 5.68 -36.59
C PHE F 516 31.69 5.56 -37.62
N TYR F 517 32.07 5.54 -38.89
CA TYR F 517 31.10 5.41 -39.98
C TYR F 517 31.60 4.34 -40.94
N GLY F 518 30.80 3.30 -41.13
CA GLY F 518 31.18 2.18 -41.94
C GLY F 518 30.06 1.18 -42.09
N PRO F 519 30.34 0.07 -42.77
CA PRO F 519 29.31 -0.96 -42.96
C PRO F 519 29.16 -1.88 -41.75
N PRO F 520 27.97 -2.47 -41.57
CA PRO F 520 27.82 -3.45 -40.51
C PRO F 520 28.71 -4.66 -40.73
N GLY F 521 29.18 -5.24 -39.62
CA GLY F 521 29.99 -6.43 -39.68
C GLY F 521 31.47 -6.20 -39.81
N CYS F 522 31.93 -4.95 -39.81
CA CYS F 522 33.35 -4.65 -39.86
C CYS F 522 33.95 -4.42 -38.47
N GLY F 523 33.19 -4.65 -37.42
CA GLY F 523 33.72 -4.53 -36.06
C GLY F 523 34.07 -3.13 -35.62
N LYS F 524 33.24 -2.14 -35.95
CA LYS F 524 33.41 -0.81 -35.38
C LYS F 524 33.15 -0.84 -33.88
N THR F 525 32.12 -1.57 -33.46
CA THR F 525 31.82 -1.69 -32.04
C THR F 525 32.98 -2.34 -31.29
N LEU F 526 33.66 -3.30 -31.93
CA LEU F 526 34.81 -3.92 -31.28
C LEU F 526 35.92 -2.90 -31.05
N LEU F 527 36.16 -2.03 -32.03
CA LEU F 527 37.16 -0.97 -31.84
C LEU F 527 36.77 -0.05 -30.70
N ALA F 528 35.48 0.30 -30.61
CA ALA F 528 35.01 1.15 -29.53
C ALA F 528 35.23 0.49 -28.17
N LYS F 529 34.88 -0.79 -28.05
CA LYS F 529 35.12 -1.49 -26.79
C LYS F 529 36.60 -1.61 -26.49
N ALA F 530 37.42 -1.78 -27.52
CA ALA F 530 38.87 -1.88 -27.31
C ALA F 530 39.43 -0.58 -26.75
N ILE F 531 39.00 0.56 -27.29
CA ILE F 531 39.50 1.83 -26.77
C ILE F 531 38.92 2.11 -25.38
N ALA F 532 37.69 1.66 -25.13
CA ALA F 532 37.14 1.79 -23.78
C ALA F 532 37.95 0.99 -22.77
N ASN F 533 38.39 -0.21 -23.17
CA ASN F 533 39.29 -0.99 -22.32
C ASN F 533 40.61 -0.29 -22.12
N GLU F 534 41.18 0.26 -23.20
CA GLU F 534 42.49 0.89 -23.11
C GLU F 534 42.45 2.13 -22.23
N CYS F 535 41.32 2.82 -22.19
CA CYS F 535 41.18 4.00 -21.32
C CYS F 535 41.19 3.62 -19.85
N GLN F 536 40.94 2.34 -19.53
CA GLN F 536 40.86 1.86 -18.15
C GLN F 536 39.83 2.64 -17.34
N ALA F 537 38.66 2.85 -17.92
CA ALA F 537 37.56 3.54 -17.26
C ALA F 537 36.27 2.75 -17.46
N ASN F 538 35.21 3.20 -16.79
CA ASN F 538 33.90 2.61 -16.99
C ASN F 538 33.42 2.82 -18.41
N PHE F 539 32.71 1.83 -18.95
CA PHE F 539 32.18 1.87 -20.30
C PHE F 539 30.67 1.66 -20.26
N ILE F 540 29.94 2.42 -21.08
CA ILE F 540 28.51 2.27 -21.23
C ILE F 540 28.18 2.17 -22.70
N SER F 541 27.37 1.18 -23.07
CA SER F 541 26.95 0.96 -24.45
C SER F 541 25.46 1.25 -24.56
N ILE F 542 25.10 2.15 -25.48
CA ILE F 542 23.72 2.56 -25.68
C ILE F 542 23.35 2.31 -27.13
N LYS F 543 22.24 1.60 -27.34
CA LYS F 543 21.73 1.43 -28.69
C LYS F 543 20.87 2.62 -29.09
N GLY F 544 20.54 2.69 -30.38
CA GLY F 544 19.88 3.84 -30.93
C GLY F 544 18.54 4.16 -30.30
N PRO F 545 17.54 3.30 -30.53
CA PRO F 545 16.21 3.50 -29.95
C PRO F 545 15.99 2.69 -28.66
N ASN F 558 14.54 10.08 -22.24
CA ASN F 558 15.39 10.11 -21.06
C ASN F 558 16.85 10.30 -21.45
N VAL F 559 17.09 10.96 -22.59
CA VAL F 559 18.45 11.25 -23.02
C VAL F 559 19.17 12.11 -21.97
N ARG F 560 18.46 13.10 -21.43
CA ARG F 560 19.02 13.91 -20.35
C ARG F 560 19.42 13.05 -19.16
N GLU F 561 18.63 12.02 -18.85
CA GLU F 561 18.91 11.22 -17.66
C GLU F 561 20.14 10.32 -17.86
N ILE F 562 20.23 9.67 -19.01
CA ILE F 562 21.40 8.86 -19.31
C ILE F 562 22.65 9.72 -19.38
N PHE F 563 22.52 10.93 -19.94
CA PHE F 563 23.68 11.79 -20.06
C PHE F 563 24.09 12.33 -18.68
N ASP F 564 23.12 12.53 -17.79
CA ASP F 564 23.43 12.93 -16.43
C ASP F 564 24.07 11.79 -15.65
N LYS F 565 23.67 10.55 -15.94
CA LYS F 565 24.37 9.41 -15.37
C LYS F 565 25.81 9.36 -15.86
N ALA F 566 26.03 9.70 -17.13
CA ALA F 566 27.39 9.82 -17.65
C ALA F 566 28.15 10.91 -16.90
N ARG F 567 27.48 12.02 -16.58
CA ARG F 567 28.06 13.00 -15.66
C ARG F 567 28.48 12.33 -14.35
N GLN F 568 27.58 11.53 -13.76
CA GLN F 568 27.85 10.94 -12.45
C GLN F 568 28.93 9.86 -12.53
N ALA F 569 29.01 9.17 -13.66
CA ALA F 569 29.96 8.07 -13.83
C ALA F 569 31.29 8.51 -14.42
N ALA F 570 31.46 9.80 -14.68
CA ALA F 570 32.72 10.28 -15.24
C ALA F 570 33.84 10.07 -14.23
N PRO F 571 35.09 9.82 -14.70
CA PRO F 571 35.51 9.70 -16.10
C PRO F 571 35.07 8.39 -16.75
N CYS F 572 34.24 8.49 -17.79
CA CYS F 572 33.64 7.32 -18.43
C CYS F 572 33.44 7.59 -19.91
N VAL F 573 33.13 6.53 -20.65
CA VAL F 573 32.91 6.58 -22.08
C VAL F 573 31.50 6.06 -22.37
N LEU F 574 30.79 6.75 -23.25
CA LEU F 574 29.47 6.30 -23.72
C LEU F 574 29.55 5.98 -25.21
N PHE F 575 28.99 4.84 -25.60
CA PHE F 575 28.99 4.39 -26.97
C PHE F 575 27.56 4.37 -27.50
N PHE F 576 27.32 5.06 -28.61
CA PHE F 576 26.02 5.17 -29.22
C PHE F 576 26.08 4.57 -30.62
N ASP F 577 25.13 3.69 -30.93
CA ASP F 577 25.10 3.00 -32.21
C ASP F 577 23.85 3.40 -32.99
N GLN F 578 23.93 3.25 -34.31
CA GLN F 578 22.82 3.52 -35.21
C GLN F 578 22.34 4.96 -35.08
N LEU F 579 23.29 5.89 -35.26
CA LEU F 579 22.95 7.31 -35.20
C LEU F 579 22.16 7.73 -36.43
N ASP F 580 22.40 7.06 -37.56
CA ASP F 580 21.78 7.47 -38.82
C ASP F 580 20.26 7.37 -38.76
N SER F 581 19.74 6.28 -38.20
CA SER F 581 18.29 6.16 -38.04
C SER F 581 17.78 7.15 -37.01
N ILE F 582 18.58 7.44 -35.99
CA ILE F 582 18.19 8.43 -34.98
C ILE F 582 18.03 9.80 -35.63
N ALA F 583 18.94 10.18 -36.51
CA ALA F 583 18.85 11.44 -37.22
C ALA F 583 18.26 11.24 -38.61
N ALA F 596 13.67 16.53 -41.64
CA ALA F 596 15.11 16.38 -41.51
C ALA F 596 15.55 16.61 -40.07
N ALA F 597 14.66 17.20 -39.27
CA ALA F 597 14.94 17.54 -37.88
C ALA F 597 13.85 16.95 -36.98
N ASP F 598 14.25 16.52 -35.79
CA ASP F 598 13.33 15.94 -34.83
C ASP F 598 13.74 16.31 -33.41
N ARG F 599 12.88 15.97 -32.45
CA ARG F 599 13.14 16.26 -31.05
C ARG F 599 14.34 15.47 -30.54
N VAL F 600 14.46 14.21 -30.95
CA VAL F 600 15.49 13.33 -30.41
C VAL F 600 16.88 13.86 -30.73
N ILE F 601 17.09 14.30 -31.97
CA ILE F 601 18.40 14.84 -32.34
C ILE F 601 18.68 16.13 -31.59
N ASN F 602 17.63 16.92 -31.33
CA ASN F 602 17.82 18.14 -30.53
C ASN F 602 18.28 17.82 -29.12
N GLN F 603 17.65 16.82 -28.47
CA GLN F 603 18.08 16.45 -27.14
C GLN F 603 19.51 15.91 -27.14
N ILE F 604 19.85 15.09 -28.15
CA ILE F 604 21.21 14.56 -28.21
C ILE F 604 22.22 15.68 -28.42
N LEU F 605 21.91 16.64 -29.30
CA LEU F 605 22.82 17.76 -29.52
C LEU F 605 22.99 18.57 -28.24
N THR F 606 21.90 18.85 -27.52
CA THR F 606 22.02 19.62 -26.29
C THR F 606 22.86 18.90 -25.25
N GLU F 607 22.60 17.62 -25.04
CA GLU F 607 23.32 16.89 -24.00
C GLU F 607 24.78 16.68 -24.38
N MET F 608 25.07 16.51 -25.67
CA MET F 608 26.46 16.34 -26.09
C MET F 608 27.20 17.68 -26.12
N ASP F 609 26.50 18.79 -26.34
CA ASP F 609 27.13 20.09 -26.13
C ASP F 609 27.44 20.31 -24.66
N GLY F 610 26.56 19.82 -23.78
CA GLY F 610 26.90 19.76 -22.36
C GLY F 610 28.10 18.88 -22.09
N MET F 611 28.22 17.78 -22.84
CA MET F 611 29.42 16.94 -22.76
C MET F 611 30.67 17.73 -23.14
N SER F 612 30.57 18.60 -24.14
CA SER F 612 31.72 19.36 -24.62
C SER F 612 32.38 20.14 -23.48
N THR F 613 31.59 20.57 -22.49
CA THR F 613 32.15 21.27 -21.35
C THR F 613 33.07 20.36 -20.55
N LYS F 614 32.67 19.10 -20.35
CA LYS F 614 33.43 18.15 -19.55
C LYS F 614 34.49 17.47 -20.42
N LYS F 615 35.76 17.73 -20.13
CA LYS F 615 36.85 17.07 -20.84
C LYS F 615 36.86 15.57 -20.53
N ASN F 616 36.64 15.21 -19.26
CA ASN F 616 36.85 13.83 -18.82
C ASN F 616 35.93 12.85 -19.55
N VAL F 617 34.71 13.29 -19.87
CA VAL F 617 33.78 12.42 -20.59
C VAL F 617 34.31 12.16 -21.99
N PHE F 618 34.15 10.92 -22.45
CA PHE F 618 34.61 10.51 -23.78
C PHE F 618 33.42 10.04 -24.60
N ILE F 619 33.43 10.39 -25.89
CA ILE F 619 32.30 10.13 -26.79
C ILE F 619 32.80 9.31 -27.97
N ILE F 620 32.13 8.19 -28.23
CA ILE F 620 32.37 7.35 -29.40
C ILE F 620 31.03 7.05 -30.04
N GLY F 621 30.95 7.21 -31.36
CA GLY F 621 29.71 7.00 -32.06
C GLY F 621 29.83 6.15 -33.31
N ALA F 622 28.92 5.19 -33.47
CA ALA F 622 28.90 4.31 -34.63
C ALA F 622 27.69 4.61 -35.49
N THR F 623 27.92 4.93 -36.75
CA THR F 623 26.86 5.26 -37.69
C THR F 623 27.00 4.38 -38.93
N ASN F 624 25.92 3.66 -39.24
CA ASN F 624 25.96 2.77 -40.40
C ASN F 624 26.05 3.55 -41.70
N ARG F 625 25.18 4.55 -41.87
CA ARG F 625 25.16 5.38 -43.06
C ARG F 625 25.50 6.82 -42.69
N PRO F 626 26.74 7.26 -42.87
CA PRO F 626 27.09 8.63 -42.44
C PRO F 626 26.40 9.73 -43.23
N ASP F 627 25.92 9.42 -44.43
CA ASP F 627 25.33 10.47 -45.27
C ASP F 627 24.06 11.04 -44.64
N ILE F 628 23.20 10.18 -44.08
CA ILE F 628 21.90 10.63 -43.58
C ILE F 628 21.95 11.12 -42.13
N ILE F 629 23.12 11.06 -41.48
CA ILE F 629 23.22 11.62 -40.15
C ILE F 629 23.07 13.14 -40.24
N ASP F 630 22.53 13.73 -39.18
CA ASP F 630 22.29 15.17 -39.21
C ASP F 630 23.60 15.94 -39.29
N PRO F 631 23.65 17.00 -40.11
CA PRO F 631 24.94 17.69 -40.33
C PRO F 631 25.51 18.34 -39.09
N ALA F 632 24.68 18.59 -38.07
CA ALA F 632 25.16 19.28 -36.88
C ALA F 632 26.27 18.51 -36.20
N ILE F 633 26.06 17.22 -35.93
CA ILE F 633 27.03 16.43 -35.19
C ILE F 633 28.33 16.28 -35.98
N LEU F 634 28.24 16.32 -37.30
CA LEU F 634 29.44 16.17 -38.13
C LEU F 634 30.36 17.38 -37.98
N ARG F 635 29.79 18.53 -37.63
CA ARG F 635 30.56 19.76 -37.55
C ARG F 635 31.55 19.70 -36.39
N PRO F 636 32.71 20.33 -36.51
CA PRO F 636 33.64 20.40 -35.39
C PRO F 636 33.03 21.13 -34.20
N GLY F 637 33.37 20.67 -33.01
CA GLY F 637 32.74 21.13 -31.78
C GLY F 637 31.60 20.26 -31.31
N ARG F 638 31.10 19.36 -32.17
CA ARG F 638 30.12 18.36 -31.75
C ARG F 638 30.73 16.97 -31.86
N LEU F 639 31.19 16.56 -33.05
CA LEU F 639 32.05 15.39 -33.23
C LEU F 639 33.03 15.72 -34.37
N ASP F 640 34.20 16.25 -33.99
CA ASP F 640 35.14 16.72 -35.01
C ASP F 640 35.84 15.57 -35.70
N GLN F 641 36.21 14.54 -34.96
CA GLN F 641 36.98 13.43 -35.52
C GLN F 641 36.07 12.47 -36.27
N LEU F 642 36.48 12.10 -37.48
CA LEU F 642 35.78 11.10 -38.29
C LEU F 642 36.77 10.02 -38.69
N ILE F 643 36.38 8.76 -38.48
CA ILE F 643 37.22 7.62 -38.82
C ILE F 643 36.39 6.67 -39.68
N TYR F 644 36.93 6.30 -40.84
CA TYR F 644 36.26 5.39 -41.77
C TYR F 644 36.75 3.98 -41.51
N ILE F 645 35.80 3.04 -41.43
CA ILE F 645 36.11 1.63 -41.19
C ILE F 645 35.96 0.89 -42.52
N PRO F 646 37.06 0.52 -43.18
CA PRO F 646 36.95 -0.15 -44.46
C PRO F 646 36.66 -1.64 -44.30
N LEU F 647 36.30 -2.27 -45.40
CA LEU F 647 36.06 -3.70 -45.39
C LEU F 647 37.38 -4.44 -45.25
N PRO F 648 37.52 -5.32 -44.25
CA PRO F 648 38.79 -6.04 -44.07
C PRO F 648 39.13 -6.91 -45.27
N ASP F 649 40.41 -6.97 -45.60
CA ASP F 649 40.88 -7.72 -46.75
C ASP F 649 41.29 -9.13 -46.34
N GLU F 650 41.95 -9.83 -47.26
CA GLU F 650 42.28 -11.24 -47.05
C GLU F 650 43.22 -11.43 -45.86
N LYS F 651 44.24 -10.59 -45.73
CA LYS F 651 45.12 -10.70 -44.57
C LYS F 651 44.38 -10.39 -43.27
N SER F 652 43.54 -9.35 -43.30
CA SER F 652 42.72 -9.04 -42.13
C SER F 652 41.77 -10.19 -41.83
N ARG F 653 41.18 -10.80 -42.87
CA ARG F 653 40.27 -11.92 -42.67
C ARG F 653 40.99 -13.14 -42.10
N VAL F 654 42.25 -13.34 -42.49
CA VAL F 654 43.04 -14.42 -41.92
C VAL F 654 43.32 -14.15 -40.45
N ALA F 655 43.58 -12.89 -40.09
CA ALA F 655 43.70 -12.54 -38.68
C ALA F 655 42.39 -12.81 -37.94
N ILE F 656 41.25 -12.50 -38.58
CA ILE F 656 39.94 -12.79 -37.99
C ILE F 656 39.82 -14.28 -37.71
N LEU F 657 40.20 -15.10 -38.68
CA LEU F 657 40.06 -16.54 -38.51
C LEU F 657 41.01 -17.07 -37.44
N LYS F 658 42.21 -16.47 -37.34
CA LYS F 658 43.11 -16.84 -36.24
C LYS F 658 42.49 -16.56 -34.89
N ALA F 659 41.95 -15.34 -34.72
CA ALA F 659 41.32 -15.00 -33.44
C ALA F 659 40.13 -15.91 -33.16
N ASN F 660 39.37 -16.26 -34.21
CA ASN F 660 38.20 -17.11 -34.02
C ASN F 660 38.59 -18.54 -33.65
N LEU F 661 39.63 -19.07 -34.28
CA LEU F 661 40.05 -20.45 -34.09
C LEU F 661 41.06 -20.62 -32.97
N ARG F 662 41.40 -19.56 -32.26
CA ARG F 662 42.16 -19.71 -31.02
C ARG F 662 41.41 -20.62 -30.06
N LYS F 663 40.09 -20.49 -29.99
CA LYS F 663 39.29 -21.27 -29.05
C LYS F 663 39.09 -22.71 -29.53
N SER F 664 39.01 -22.94 -30.84
CA SER F 664 38.71 -24.26 -31.36
C SER F 664 39.83 -24.76 -32.26
N PRO F 665 40.38 -25.94 -31.99
CA PRO F 665 41.40 -26.50 -32.91
C PRO F 665 40.81 -26.73 -34.30
N VAL F 666 41.64 -26.48 -35.31
CA VAL F 666 41.22 -26.53 -36.70
C VAL F 666 42.09 -27.51 -37.46
N ALA F 667 41.51 -28.14 -38.49
CA ALA F 667 42.25 -29.10 -39.29
C ALA F 667 43.37 -28.41 -40.07
N LYS F 668 44.51 -29.09 -40.16
CA LYS F 668 45.67 -28.53 -40.83
C LYS F 668 45.39 -28.29 -42.31
N ASP F 669 44.67 -29.22 -42.96
CA ASP F 669 44.40 -29.09 -44.39
C ASP F 669 43.58 -27.85 -44.69
N VAL F 670 42.81 -27.37 -43.72
CA VAL F 670 42.05 -26.13 -43.91
C VAL F 670 43.00 -24.96 -44.02
N ASP F 671 42.81 -24.14 -45.05
CA ASP F 671 43.66 -22.98 -45.30
C ASP F 671 42.89 -21.72 -44.93
N LEU F 672 43.50 -20.91 -44.07
CA LEU F 672 42.92 -19.61 -43.74
C LEU F 672 42.89 -18.71 -44.98
N GLU F 673 43.97 -18.76 -45.78
CA GLU F 673 44.04 -17.94 -46.98
C GLU F 673 42.97 -18.34 -47.99
N PHE F 674 42.74 -19.64 -48.17
CA PHE F 674 41.72 -20.09 -49.12
C PHE F 674 40.34 -19.60 -48.69
N LEU F 675 40.01 -19.73 -47.40
CA LEU F 675 38.71 -19.27 -46.93
C LEU F 675 38.59 -17.75 -47.07
N ALA F 676 39.66 -17.02 -46.75
CA ALA F 676 39.62 -15.56 -46.89
C ALA F 676 39.41 -15.16 -48.34
N LYS F 677 40.05 -15.85 -49.27
CA LYS F 677 39.82 -15.59 -50.69
C LYS F 677 38.39 -15.92 -51.09
N MET F 678 37.83 -17.00 -50.52
CA MET F 678 36.45 -17.34 -50.82
C MET F 678 35.49 -16.26 -50.32
N THR F 679 35.78 -15.65 -49.17
CA THR F 679 34.94 -14.62 -48.59
C THR F 679 35.44 -13.23 -48.97
N ASN F 680 35.39 -12.96 -50.27
CA ASN F 680 35.95 -11.72 -50.81
C ASN F 680 35.22 -10.49 -50.28
N GLY F 681 33.89 -10.51 -50.30
CA GLY F 681 33.12 -9.32 -49.97
C GLY F 681 32.37 -9.37 -48.65
N PHE F 682 32.37 -10.51 -47.98
CA PHE F 682 31.62 -10.65 -46.74
C PHE F 682 32.29 -9.89 -45.60
N SER F 683 31.50 -9.54 -44.59
CA SER F 683 31.98 -8.81 -43.42
C SER F 683 32.55 -9.76 -42.38
N GLY F 684 33.17 -9.17 -41.34
CA GLY F 684 33.75 -9.99 -40.27
C GLY F 684 32.70 -10.73 -39.47
N ALA F 685 31.52 -10.13 -39.30
CA ALA F 685 30.43 -10.83 -38.64
C ALA F 685 30.05 -12.09 -39.42
N ASP F 686 30.11 -12.01 -40.75
CA ASP F 686 29.89 -13.21 -41.56
C ASP F 686 30.93 -14.27 -41.26
N LEU F 687 32.20 -13.87 -41.14
CA LEU F 687 33.25 -14.81 -40.77
C LEU F 687 32.95 -15.47 -39.44
N THR F 688 32.54 -14.68 -38.44
CA THR F 688 32.29 -15.23 -37.12
C THR F 688 31.11 -16.19 -37.11
N GLU F 689 30.01 -15.82 -37.78
CA GLU F 689 28.86 -16.72 -37.79
C GLU F 689 29.15 -17.99 -38.58
N ILE F 690 29.94 -17.87 -39.67
CA ILE F 690 30.34 -19.06 -40.41
C ILE F 690 31.20 -19.97 -39.54
N CYS F 691 32.12 -19.39 -38.77
CA CYS F 691 32.95 -20.19 -37.87
C CYS F 691 32.10 -20.89 -36.83
N GLN F 692 31.13 -20.18 -36.24
CA GLN F 692 30.26 -20.82 -35.25
C GLN F 692 29.44 -21.95 -35.86
N ARG F 693 28.92 -21.73 -37.06
CA ARG F 693 28.16 -22.77 -37.73
C ARG F 693 29.02 -24.00 -38.00
N ALA F 694 30.25 -23.78 -38.46
CA ALA F 694 31.15 -24.90 -38.73
C ALA F 694 31.50 -25.65 -37.47
N CYS F 695 31.77 -24.92 -36.37
CA CYS F 695 32.07 -25.57 -35.10
C CYS F 695 30.89 -26.39 -34.62
N LYS F 696 29.67 -25.84 -34.72
CA LYS F 696 28.49 -26.59 -34.32
C LYS F 696 28.33 -27.84 -35.16
N LEU F 697 28.55 -27.73 -36.49
CA LEU F 697 28.38 -28.89 -37.35
C LEU F 697 29.41 -29.97 -37.04
N ALA F 698 30.64 -29.56 -36.75
CA ALA F 698 31.66 -30.53 -36.35
C ALA F 698 31.28 -31.22 -35.05
N ILE F 699 30.80 -30.46 -34.06
CA ILE F 699 30.39 -31.05 -32.80
C ILE F 699 29.26 -32.05 -33.04
N ARG F 700 28.27 -31.67 -33.85
CA ARG F 700 27.21 -32.59 -34.19
C ARG F 700 27.77 -33.87 -34.77
N GLU F 701 28.55 -33.76 -35.85
CA GLU F 701 29.07 -34.96 -36.53
C GLU F 701 29.83 -35.85 -35.56
N SER F 702 30.63 -35.26 -34.67
CA SER F 702 31.30 -36.06 -33.65
C SER F 702 30.31 -36.78 -32.75
N ILE F 703 29.18 -36.12 -32.44
CA ILE F 703 28.21 -36.74 -31.55
C ILE F 703 27.52 -37.91 -32.23
N GLU F 704 27.13 -37.76 -33.50
CA GLU F 704 26.60 -38.92 -34.21
C GLU F 704 27.65 -40.02 -34.38
N SER F 705 28.93 -39.64 -34.47
CA SER F 705 29.97 -40.67 -34.51
C SER F 705 30.01 -41.47 -33.23
N GLU F 706 29.89 -40.80 -32.08
CA GLU F 706 29.86 -41.52 -30.81
C GLU F 706 28.58 -42.34 -30.68
N ILE F 707 27.48 -41.84 -31.21
CA ILE F 707 26.24 -42.63 -31.24
C ILE F 707 26.45 -43.89 -32.05
N ARG F 708 27.14 -43.78 -33.19
CA ARG F 708 27.44 -44.95 -34.01
C ARG F 708 28.33 -45.95 -33.26
N ARG F 709 29.33 -45.44 -32.52
CA ARG F 709 30.20 -46.37 -31.79
C ARG F 709 29.42 -47.09 -30.69
N GLU F 710 28.51 -46.37 -30.02
CA GLU F 710 27.66 -47.02 -29.03
C GLU F 710 26.75 -48.06 -29.69
N ARG F 711 26.18 -47.72 -30.85
CA ARG F 711 25.27 -48.62 -31.54
C ARG F 711 25.97 -49.90 -31.96
N GLU F 712 27.18 -49.78 -32.53
CA GLU F 712 27.93 -50.97 -32.91
C GLU F 712 28.37 -51.75 -31.68
N ARG F 713 28.67 -51.05 -30.59
CA ARG F 713 28.93 -51.75 -29.32
C ARG F 713 27.67 -52.45 -28.82
N GLN F 714 26.52 -51.81 -28.98
CA GLN F 714 25.25 -52.38 -28.53
C GLN F 714 24.65 -53.31 -29.56
N PRO F 727 35.91 -37.98 -31.21
CA PRO F 727 36.52 -38.27 -32.50
C PRO F 727 37.68 -37.36 -32.85
N VAL F 728 37.48 -36.46 -33.80
CA VAL F 728 38.52 -35.56 -34.29
C VAL F 728 38.24 -34.17 -33.75
N PRO F 729 39.12 -33.61 -32.90
CA PRO F 729 38.90 -32.24 -32.42
C PRO F 729 38.97 -31.21 -33.54
N GLU F 730 39.73 -31.50 -34.59
CA GLU F 730 39.93 -30.54 -35.66
C GLU F 730 38.68 -30.42 -36.52
N ILE F 731 38.43 -29.22 -37.01
CA ILE F 731 37.24 -28.94 -37.83
C ILE F 731 37.61 -29.15 -39.29
N ARG F 732 36.87 -30.04 -39.95
CA ARG F 732 37.17 -30.36 -41.34
C ARG F 732 36.67 -29.25 -42.25
N ARG F 733 37.19 -29.24 -43.49
CA ARG F 733 36.80 -28.22 -44.44
C ARG F 733 35.31 -28.25 -44.72
N ASP F 734 34.75 -29.45 -44.92
CA ASP F 734 33.39 -29.58 -45.43
C ASP F 734 32.42 -28.72 -44.63
N HIS F 735 32.53 -28.76 -43.30
CA HIS F 735 31.70 -27.90 -42.46
C HIS F 735 31.88 -26.43 -42.83
N PHE F 736 33.12 -26.03 -43.12
CA PHE F 736 33.37 -24.65 -43.52
C PHE F 736 32.65 -24.32 -44.81
N GLU F 737 32.68 -25.22 -45.80
CA GLU F 737 31.96 -24.92 -47.04
C GLU F 737 30.46 -24.84 -46.83
N GLU F 738 29.86 -25.74 -46.04
CA GLU F 738 28.42 -25.61 -45.83
C GLU F 738 28.08 -24.33 -45.07
N ALA F 739 28.85 -23.99 -44.04
CA ALA F 739 28.59 -22.77 -43.30
C ALA F 739 28.72 -21.55 -44.21
N MET F 740 29.68 -21.59 -45.13
CA MET F 740 29.80 -20.50 -46.10
C MET F 740 28.60 -20.45 -47.04
N ARG F 741 28.13 -21.62 -47.50
CA ARG F 741 27.03 -21.66 -48.46
C ARG F 741 25.74 -21.12 -47.86
N PHE F 742 25.45 -21.47 -46.60
CA PHE F 742 24.24 -20.95 -45.98
C PHE F 742 24.36 -19.46 -45.68
N ALA F 743 25.58 -18.93 -45.70
CA ALA F 743 25.78 -17.53 -45.36
C ALA F 743 25.39 -16.62 -46.53
N ARG F 744 25.18 -15.34 -46.21
CA ARG F 744 24.82 -14.33 -47.19
C ARG F 744 25.66 -13.08 -46.96
N ARG F 745 25.67 -12.19 -47.96
CA ARG F 745 26.41 -10.95 -47.83
C ARG F 745 25.65 -9.96 -46.95
N SER F 746 26.34 -9.45 -45.93
CA SER F 746 25.69 -8.54 -44.98
C SER F 746 25.49 -7.15 -45.58
N VAL F 747 26.51 -6.63 -46.26
CA VAL F 747 26.48 -5.27 -46.78
C VAL F 747 26.66 -5.30 -48.29
N SER F 748 25.73 -4.66 -48.99
CA SER F 748 25.79 -4.58 -50.45
C SER F 748 27.00 -3.77 -50.89
N ASP F 749 27.56 -4.16 -52.04
CA ASP F 749 28.77 -3.52 -52.53
C ASP F 749 28.54 -2.05 -52.84
N ASN F 750 27.36 -1.71 -53.38
CA ASN F 750 27.07 -0.32 -53.71
C ASN F 750 27.04 0.56 -52.46
N ASP F 751 26.58 -0.01 -51.34
CA ASP F 751 26.59 0.75 -50.08
C ASP F 751 28.01 1.00 -49.61
N ILE F 752 28.89 0.01 -49.78
CA ILE F 752 30.31 0.22 -49.48
C ILE F 752 30.91 1.28 -50.37
N ARG F 753 30.52 1.29 -51.65
CA ARG F 753 30.96 2.33 -52.57
C ARG F 753 30.50 3.71 -52.11
N LYS F 754 29.25 3.80 -51.64
CA LYS F 754 28.73 5.08 -51.14
C LYS F 754 29.49 5.52 -49.90
N TYR F 755 29.79 4.59 -48.99
CA TYR F 755 30.59 4.94 -47.82
C TYR F 755 31.98 5.41 -48.22
N GLU F 756 32.59 4.75 -49.21
CA GLU F 756 33.90 5.19 -49.70
C GLU F 756 33.84 6.58 -50.29
N MET F 757 32.78 6.88 -51.04
CA MET F 757 32.63 8.23 -51.61
C MET F 757 32.44 9.26 -50.52
N PHE F 758 31.66 8.93 -49.49
CA PHE F 758 31.48 9.85 -48.37
C PHE F 758 32.79 10.09 -47.63
N ALA F 759 33.59 9.05 -47.45
CA ALA F 759 34.89 9.21 -46.81
C ALA F 759 35.81 10.06 -47.68
N GLN F 760 35.74 9.88 -49.00
CA GLN F 760 36.55 10.70 -49.90
C GLN F 760 36.14 12.16 -49.83
N THR F 761 34.84 12.42 -49.65
CA THR F 761 34.35 13.79 -49.56
C THR F 761 35.03 14.54 -48.41
N LEU F 762 35.30 13.84 -47.31
CA LEU F 762 36.00 14.43 -46.18
C LEU F 762 37.46 14.74 -46.52
N SER F 770 44.51 26.93 -53.96
CA SER F 770 44.04 27.84 -55.01
C SER F 770 43.84 29.25 -54.45
N PHE F 771 44.54 29.56 -53.37
CA PHE F 771 44.35 30.83 -52.67
C PHE F 771 45.71 31.47 -52.45
N ARG F 772 45.74 32.80 -52.58
CA ARG F 772 46.97 33.57 -52.62
C ARG F 772 46.93 34.65 -51.55
N PHE F 773 47.44 34.34 -50.36
CA PHE F 773 47.49 35.34 -49.31
C PHE F 773 48.52 36.42 -49.63
N PRO F 774 48.30 37.64 -49.15
CA PRO F 774 49.16 38.76 -49.56
C PRO F 774 50.61 38.54 -49.14
N SER F 775 51.52 39.07 -49.96
CA SER F 775 52.96 39.01 -49.71
C SER F 775 53.44 37.57 -49.52
N UNK G 1 -0.23 11.76 -33.15
CA UNK G 1 -0.78 13.01 -32.64
C UNK G 1 -0.87 12.99 -31.11
N UNK G 2 -1.68 13.88 -30.55
CA UNK G 2 -1.82 13.96 -29.10
C UNK G 2 -2.49 12.71 -28.56
N UNK G 3 -2.14 12.33 -27.34
CA UNK G 3 -2.65 11.12 -26.72
C UNK G 3 -2.85 11.35 -25.22
N UNK G 4 -3.69 10.51 -24.62
CA UNK G 4 -3.97 10.55 -23.19
C UNK G 4 -3.76 9.15 -22.60
N UNK G 5 -3.43 9.09 -21.32
CA UNK G 5 -2.99 7.85 -20.69
C UNK G 5 -3.84 7.55 -19.46
N UNK G 6 -4.22 6.28 -19.30
CA UNK G 6 -4.81 5.82 -18.07
C UNK G 6 -3.76 5.06 -17.24
N UNK G 7 -3.89 5.13 -15.92
CA UNK G 7 -2.85 4.63 -15.02
C UNK G 7 -3.37 3.48 -14.17
N UNK G 8 -2.56 2.45 -14.01
CA UNK G 8 -2.82 1.33 -13.11
C UNK G 8 -1.80 1.36 -11.98
N UNK G 9 -2.27 1.34 -10.74
CA UNK G 9 -1.43 1.57 -9.57
C UNK G 9 -1.27 0.28 -8.77
N UNK G 10 -0.08 0.08 -8.22
CA UNK G 10 0.22 -1.07 -7.38
C UNK G 10 0.29 -0.64 -5.93
N UNK G 11 -0.53 -1.27 -5.07
CA UNK G 11 -0.60 -0.87 -3.68
C UNK G 11 0.56 -1.43 -2.87
N UNK G 12 1.15 -0.59 -2.03
CA UNK G 12 2.22 -1.04 -1.15
C UNK G 12 1.65 -1.83 0.02
N UNK G 13 2.39 -2.85 0.44
CA UNK G 13 1.91 -3.74 1.49
C UNK G 13 1.88 -3.02 2.84
N UNK G 14 0.82 -3.27 3.61
CA UNK G 14 0.67 -2.75 4.96
C UNK G 14 0.61 -3.91 5.93
N UNK G 15 1.55 -3.95 6.86
CA UNK G 15 1.70 -5.06 7.79
C UNK G 15 1.34 -4.60 9.20
N UNK G 16 0.30 -5.21 9.76
CA UNK G 16 -0.13 -4.86 11.11
C UNK G 16 0.67 -5.66 12.14
N UNK G 17 0.90 -5.04 13.29
CA UNK G 17 1.69 -5.63 14.36
C UNK G 17 0.76 -6.19 15.43
N UNK G 18 0.76 -7.51 15.58
CA UNK G 18 0.04 -8.13 16.68
C UNK G 18 0.85 -8.03 17.97
N UNK G 19 0.16 -7.78 19.07
CA UNK G 19 0.78 -7.61 20.38
C UNK G 19 0.60 -8.89 21.18
N UNK G 20 1.71 -9.53 21.53
CA UNK G 20 1.70 -10.77 22.28
C UNK G 20 2.03 -10.46 23.74
N UNK G 21 1.08 -10.74 24.63
CA UNK G 21 1.26 -10.42 26.03
C UNK G 21 2.42 -11.21 26.62
N UNK G 22 3.18 -10.54 27.49
CA UNK G 22 4.34 -11.18 28.13
C UNK G 22 4.04 -11.48 29.59
PB ADP H . 23.10 32.04 -33.90
O1B ADP H . 22.66 32.83 -32.69
O2B ADP H . 22.93 32.74 -35.23
O3B ADP H . 22.61 30.60 -33.89
PA ADP H . 25.42 30.90 -32.73
O1A ADP H . 25.52 31.54 -31.37
O2A ADP H . 24.79 29.54 -32.89
O3A ADP H . 24.70 31.95 -33.72
O5' ADP H . 26.89 30.82 -33.36
C5' ADP H . 27.55 29.56 -33.45
C4' ADP H . 29.04 29.76 -33.30
O4' ADP H . 29.51 30.75 -34.21
C3' ADP H . 29.37 30.26 -31.90
O3' ADP H . 30.06 29.24 -31.16
C2' ADP H . 30.27 31.46 -32.10
O2' ADP H . 31.53 31.24 -31.45
C1' ADP H . 30.48 31.59 -33.59
N9 ADP H . 30.24 33.00 -34.00
C8 ADP H . 29.37 33.40 -34.94
N7 ADP H . 29.38 34.75 -35.09
C5 ADP H . 30.29 35.22 -34.22
C6 ADP H . 30.80 36.57 -33.86
N6 ADP H . 30.33 37.68 -34.47
N1 ADP H . 31.75 36.64 -32.90
C2 ADP H . 32.23 35.54 -32.29
N3 ADP H . 31.80 34.29 -32.57
C4 ADP H . 30.86 34.08 -33.51
PB ADP I . 19.50 23.84 7.32
O1B ADP I . 18.24 24.65 7.48
O2B ADP I . 20.76 24.66 7.27
O3B ADP I . 19.41 22.76 6.26
PA ADP I . 20.34 23.60 10.00
O1A ADP I . 19.81 22.85 11.19
O2A ADP I . 20.26 25.11 9.98
O3A ADP I . 19.62 23.00 8.69
O5' ADP I . 21.89 23.20 9.83
C5' ADP I . 22.88 23.99 10.48
C4' ADP I . 24.25 23.80 9.84
O4' ADP I . 24.28 24.55 8.63
C3' ADP I . 25.34 24.35 10.75
O3' ADP I . 26.42 23.42 10.81
C2' ADP I . 25.81 25.64 10.09
O2' ADP I . 27.24 25.66 10.06
C1' ADP I . 25.24 25.61 8.70
N9 ADP I . 24.52 26.86 8.40
C8 ADP I . 23.19 26.96 8.21
N7 ADP I . 22.83 28.24 7.96
C5 ADP I . 23.95 28.99 7.98
C6 ADP I . 24.27 30.42 7.79
N6 ADP I . 23.30 31.33 7.53
N1 ADP I . 25.57 30.80 7.91
C2 ADP I . 26.53 29.90 8.17
N3 ADP I . 26.31 28.58 8.36
C4 ADP I . 25.06 28.08 8.28
PG ATP J . -4.07 40.38 -27.62
O1G ATP J . -3.98 39.53 -26.40
O2G ATP J . -5.17 39.94 -28.58
O3G ATP J . -2.76 40.50 -28.39
PB ATP J . -5.44 42.65 -26.30
O1B ATP J . -5.94 41.79 -25.22
O2B ATP J . -6.48 43.30 -27.19
O3B ATP J . -4.45 41.87 -27.24
PA ATP J . -4.22 44.43 -24.30
O1A ATP J . -3.68 43.42 -23.37
O2A ATP J . -5.50 45.11 -23.83
O3A ATP J . -4.52 43.81 -25.72
O5' ATP J . -3.14 45.55 -24.58
C5' ATP J . -2.00 45.72 -23.72
C4' ATP J . -1.33 47.04 -24.01
O4' ATP J . -2.15 47.81 -24.91
C3' ATP J . -1.07 47.92 -22.79
O3' ATP J . 0.20 48.56 -22.89
C2' ATP J . -2.22 48.92 -22.85
O2' ATP J . -1.86 50.16 -22.24
C1' ATP J . -2.37 49.10 -24.35
N9 ATP J . -3.67 49.57 -24.79
C8 ATP J . -4.45 49.02 -25.79
N7 ATP J . -5.58 49.64 -25.99
C5 ATP J . -5.55 50.68 -25.07
C6 ATP J . -6.46 51.71 -24.78
N6 ATP J . -7.64 51.86 -25.41
N1 ATP J . -6.14 52.57 -23.81
C2 ATP J . -4.98 52.42 -23.17
N3 ATP J . -4.04 51.50 -23.36
C4 ATP J . -4.39 50.64 -24.33
PB ADP K . -14.03 24.37 10.10
O1B ADP K . -12.98 23.51 10.75
O2B ADP K . -15.43 24.16 10.61
O3B ADP K . -13.92 24.41 8.60
PA ADP K . -14.07 26.34 12.06
O1A ADP K . -13.40 25.42 13.05
O2A ADP K . -15.56 26.52 12.10
O3A ADP K . -13.67 25.86 10.57
O5' ADP K . -13.40 27.79 12.22
C5' ADP K . -13.51 28.44 13.48
C4' ADP K . -13.32 29.95 13.36
O4' ADP K . -14.17 30.50 12.37
C3' ADP K . -13.68 30.62 14.68
O3' ADP K . -12.59 31.42 15.13
C2' ADP K . -14.88 31.49 14.37
O2' ADP K . -14.71 32.77 14.98
C1' ADP K . -14.90 31.62 12.86
N9 ADP K . -16.29 31.57 12.38
C8 ADP K . -16.73 30.77 11.39
N7 ADP K . -18.06 30.94 11.16
C5 ADP K . -18.49 31.89 12.01
C6 ADP K . -19.78 32.55 12.29
N6 ADP K . -20.89 32.22 11.60
N1 ADP K . -19.81 33.49 13.26
C2 ADP K . -18.70 33.82 13.95
N3 ADP K . -17.50 33.26 13.75
C4 ADP K . -17.32 32.30 12.80
MG MG L . -4.57 39.45 -23.89
PG ATP M . -28.12 -1.58 7.55
O1G ATP M . -27.65 -2.65 8.46
O2G ATP M . -27.81 -0.17 8.04
O3G ATP M . -27.61 -1.72 6.12
PB ATP M . -30.88 -2.66 7.46
O1B ATP M . -31.16 -3.24 6.14
O2B ATP M . -30.53 -3.64 8.57
O3B ATP M . -29.70 -1.62 7.42
PA ATP M . -32.91 -1.65 9.35
O1A ATP M . -32.08 -1.11 10.43
O2A ATP M . -33.53 -3.02 9.60
O3A ATP M . -32.09 -1.77 8.01
O5' ATP M . -34.08 -0.66 8.97
C5' ATP M . -34.12 0.68 9.52
C4' ATP M . -35.49 0.96 10.06
O4' ATP M . -36.43 1.13 8.98
C3' ATP M . -36.09 -0.17 10.90
O3' ATP M . -35.63 -0.08 12.25
C2' ATP M . -37.58 0.13 10.79
O2' ATP M . -37.98 1.16 11.68
C1' ATP M . -37.69 0.60 9.34
N9 ATP M . -38.04 -0.45 8.40
C8 ATP M . -37.21 -1.02 7.46
N7 ATP M . -37.78 -1.96 6.74
C5 ATP M . -39.06 -2.02 7.25
C6 ATP M . -40.18 -2.81 6.91
N6 ATP M . -40.17 -3.74 5.96
N1 ATP M . -41.31 -2.62 7.62
C2 ATP M . -41.33 -1.70 8.57
N3 ATP M . -40.35 -0.88 8.98
C4 ATP M . -39.24 -1.10 8.27
PG ATP N . -27.69 23.37 -26.00
O1G ATP N . -27.39 22.43 -24.90
O2G ATP N . -27.58 22.74 -27.38
O3G ATP N . -26.88 24.65 -25.96
PB ATP N . -30.56 23.39 -25.32
O1B ATP N . -30.36 22.32 -24.33
O2B ATP N . -31.48 23.08 -26.49
O3B ATP N . -29.19 23.85 -25.92
PA ATP N . -32.02 25.07 -23.40
O1A ATP N . -31.35 24.74 -22.12
O2A ATP N . -33.35 24.35 -23.61
O3A ATP N . -31.11 24.72 -24.64
O5' ATP N . -32.29 26.62 -23.50
C5' ATP N . -32.00 27.50 -22.40
C4' ATP N . -32.85 28.74 -22.47
O4' ATP N . -33.68 28.72 -23.65
C3' ATP N . -33.79 28.94 -21.27
O3' ATP N . -33.73 30.29 -20.80
C2' ATP N . -35.16 28.60 -21.85
O2' ATP N . -36.18 29.35 -21.19
C1' ATP N . -35.00 29.05 -23.29
N9 ATP N . -35.89 28.39 -24.24
C8 ATP N . -35.53 27.68 -25.35
N7 ATP N . -36.53 27.18 -26.02
C5 ATP N . -37.64 27.58 -25.29
C6 ATP N . -39.02 27.36 -25.48
N6 ATP N . -39.54 26.66 -26.49
N1 ATP N . -39.86 27.89 -24.57
C2 ATP N . -39.35 28.58 -23.55
N3 ATP N . -38.07 28.85 -23.28
C4 ATP N . -37.27 28.31 -24.19
MG MG O . -29.07 -3.03 9.78
MG MG P . -28.20 21.62 -22.67
PG ATP Q . -14.47 -26.88 3.06
O1G ATP Q . -15.39 -25.78 3.46
O2G ATP Q . -13.64 -26.58 1.82
O3G ATP Q . -13.53 -27.33 4.18
PB ATP Q . -15.15 -29.75 2.78
O1B ATP Q . -14.54 -30.30 1.57
O2B ATP Q . -14.43 -30.05 4.10
O3B ATP Q . -15.29 -28.19 2.70
PA ATP Q . -17.44 -31.19 3.92
O1A ATP Q . -17.42 -30.71 5.31
O2A ATP Q . -16.85 -32.58 3.71
O3A ATP Q . -16.66 -30.22 2.96
O5' ATP Q . -18.91 -31.23 3.35
C5' ATP Q . -19.65 -32.46 3.31
C4' ATP Q . -21.12 -32.19 3.19
O4' ATP Q . -21.56 -32.50 1.86
C3' ATP Q . -22.00 -33.06 4.07
O3' ATP Q . -23.30 -32.49 4.20
C2' ATP Q . -22.05 -34.36 3.26
O2' ATP Q . -23.24 -35.09 3.48
C1' ATP Q . -21.99 -33.85 1.82
N9 ATP Q . -21.07 -34.59 0.96
C8 ATP Q . -19.99 -34.08 0.28
N7 ATP Q . -19.33 -34.96 -0.42
C5 ATP Q . -20.00 -36.14 -0.19
C6 ATP Q . -19.80 -37.45 -0.64
N6 ATP Q . -18.81 -37.82 -1.46
N1 ATP Q . -20.67 -38.40 -0.22
C2 ATP Q . -21.66 -38.05 0.60
N3 ATP Q . -21.95 -36.85 1.09
C4 ATP Q . -21.09 -35.92 0.66
PG ATP R . -26.39 -5.67 -29.53
O1G ATP R . -26.39 -6.35 -28.21
O2G ATP R . -25.06 -5.73 -30.24
O3G ATP R . -26.84 -4.21 -29.47
PB ATP R . -28.10 -7.74 -30.73
O1B ATP R . -27.38 -8.81 -30.03
O2B ATP R . -28.29 -7.93 -32.22
O3B ATP R . -27.41 -6.35 -30.51
PA ATP R . -30.56 -8.34 -29.25
O1A ATP R . -30.28 -8.25 -27.80
O2A ATP R . -30.54 -9.75 -29.81
O3A ATP R . -29.54 -7.50 -30.10
O5' ATP R . -31.96 -7.69 -29.58
C5' ATP R . -33.07 -7.86 -28.68
C4' ATP R . -34.32 -7.28 -29.29
O4' ATP R . -34.40 -7.66 -30.68
C3' ATP R . -35.61 -7.79 -28.66
O3' ATP R . -36.62 -6.78 -28.71
C2' ATP R . -35.97 -8.99 -29.54
O2' ATP R . -37.37 -9.24 -29.51
C1' ATP R . -35.53 -8.47 -30.90
N9 ATP R . -35.18 -9.51 -31.87
C8 ATP R . -34.05 -9.53 -32.64
N7 ATP R . -33.97 -10.58 -33.43
C5 ATP R . -35.13 -11.30 -33.14
C6 ATP R . -35.63 -12.50 -33.64
N6 ATP R . -35.03 -13.24 -34.57
N1 ATP R . -36.82 -12.94 -33.15
C2 ATP R . -37.44 -12.20 -32.22
N3 ATP R . -37.05 -11.05 -31.68
C4 ATP R . -35.88 -10.64 -32.18
MG MG S . -13.82 -28.95 5.99
MG MG T . -25.61 -7.89 -26.57
PG ATP U . 13.95 -30.06 4.95
O1G ATP U . 12.48 -30.30 5.07
O2G ATP U . 14.31 -29.06 3.85
O3G ATP U . 14.62 -29.64 6.25
PB ATP U . 16.15 -32.02 4.51
O1B ATP U . 16.91 -31.58 3.33
O2B ATP U . 16.77 -31.70 5.86
O3B ATP U . 14.69 -31.40 4.53
PA ATP U . 16.04 -34.79 5.47
O1A ATP U . 15.53 -34.48 6.82
O2A ATP U . 17.52 -35.17 5.40
O3A ATP U . 15.84 -33.57 4.48
O5' ATP U . 15.19 -35.94 4.81
C5' ATP U . 15.56 -36.48 3.51
C4' ATP U . 14.96 -37.86 3.37
O4' ATP U . 15.48 -38.48 2.18
C3' ATP U . 15.30 -38.83 4.48
O3' ATP U . 14.36 -39.90 4.52
C2' ATP U . 16.68 -39.33 4.06
O2' ATP U . 16.92 -40.66 4.52
C1' ATP U . 16.59 -39.30 2.52
N9 ATP U . 17.78 -38.75 1.88
C8 ATP U . 17.99 -37.46 1.49
N7 ATP U . 19.16 -37.25 0.95
C5 ATP U . 19.76 -38.49 0.97
C6 ATP U . 21.02 -38.95 0.53
N6 ATP U . 21.94 -38.16 -0.04
N1 ATP U . 21.30 -40.26 0.70
C2 ATP U . 20.40 -41.05 1.28
N3 ATP U . 19.18 -40.73 1.73
C4 ATP U . 18.93 -39.44 1.55
PG ATP V . -1.31 -19.30 -30.69
O1G ATP V . -1.07 -19.58 -29.25
O2G ATP V . -0.61 -18.05 -31.19
O3G ATP V . -2.79 -19.24 -31.07
PB ATP V . 0.26 -21.69 -31.45
O1B ATP V . 0.83 -21.76 -30.10
O2B ATP V . 1.24 -21.61 -32.60
O3B ATP V . -0.71 -20.46 -31.58
PA ATP V . -0.97 -24.33 -31.09
O1A ATP V . -1.43 -24.22 -29.69
O2A ATP V . 0.30 -25.14 -31.27
O3A ATP V . -0.70 -22.92 -31.74
O5' ATP V . -2.09 -24.98 -32.00
C5' ATP V . -2.31 -26.40 -31.99
C4' ATP V . -3.69 -26.70 -32.51
O4' ATP V . -3.64 -26.76 -33.96
C3' ATP V . -4.24 -28.05 -32.12
O3' ATP V . -5.66 -28.09 -32.26
C2' ATP V . -3.55 -28.98 -33.12
O2' ATP V . -4.35 -30.12 -33.40
C1' ATP V . -3.42 -28.09 -34.36
N9 ATP V . -2.11 -28.15 -35.01
C8 ATP V . -1.31 -27.09 -35.32
N7 ATP V . -0.18 -27.43 -35.90
C5 ATP V . -0.25 -28.80 -35.99
C6 ATP V . 0.63 -29.76 -36.51
N6 ATP V . 1.81 -29.47 -37.07
N1 ATP V . 0.26 -31.06 -36.45
C2 ATP V . -0.92 -31.37 -35.89
N3 ATP V . -1.84 -30.54 -35.37
C4 ATP V . -1.43 -29.27 -35.44
MG MG W . 15.68 -30.80 7.57
MG MG X . -0.09 -20.87 -28.07
PB ADP Y . 29.82 -3.39 -36.93
O1B ADP Y . 30.44 -2.52 -35.86
O2B ADP Y . 28.33 -3.50 -36.87
O3B ADP Y . 30.36 -3.12 -38.32
PA ADP Y . 30.08 -5.52 -35.15
O1A ADP Y . 31.04 -4.93 -34.15
O2A ADP Y . 28.59 -5.46 -34.90
O3A ADP Y . 30.36 -4.86 -36.59
O5' ADP Y . 30.47 -7.06 -35.39
C5' ADP Y . 29.68 -8.11 -34.85
C4' ADP Y . 30.49 -9.39 -34.88
O4' ADP Y . 31.41 -9.35 -35.97
C3' ADP Y . 31.30 -9.56 -33.61
O3' ADP Y . 30.82 -10.66 -32.84
C2' ADP Y . 32.72 -9.82 -34.06
O2' ADP Y . 33.15 -11.09 -33.55
C1' ADP Y . 32.70 -9.85 -35.58
N9 ADP Y . 33.76 -8.95 -36.11
C8 ADP Y . 33.57 -7.97 -37.02
N7 ADP Y . 34.74 -7.35 -37.30
C5 ADP Y . 35.70 -7.94 -36.57
C6 ADP Y . 37.17 -7.76 -36.39
N6 ADP Y . 37.85 -6.80 -37.08
N1 ADP Y . 37.81 -8.58 -35.53
C2 ADP Y . 37.15 -9.54 -34.85
N3 ADP Y . 35.83 -9.75 -34.96
C4 ADP Y . 35.06 -9.00 -35.80
PB ADP Z . 37.28 -8.10 12.32
O1B ADP Z . 37.79 -7.74 13.70
O2B ADP Z . 36.91 -6.92 11.45
O3B ADP Z . 36.27 -9.23 12.32
PA ADP Z . 38.51 -9.18 10.05
O1A ADP Z . 37.53 -10.31 9.93
O2A ADP Z . 38.34 -7.96 9.17
O3A ADP Z . 38.57 -8.72 11.59
O5' ADP Z . 39.98 -9.78 9.83
C5' ADP Z . 40.16 -11.09 9.27
C4' ADP Z . 41.65 -11.30 9.00
O4' ADP Z . 41.98 -10.70 7.75
C3' ADP Z . 42.50 -10.64 10.07
O3' ADP Z . 43.22 -11.63 10.79
C2' ADP Z . 43.45 -9.72 9.34
O2' ADP Z . 44.80 -10.14 9.57
C1' ADP Z . 43.11 -9.85 7.86
N9 ADP Z . 42.74 -8.51 7.32
C8 ADP Z . 41.53 -8.16 6.87
N7 ADP Z . 41.52 -6.87 6.44
C5 ADP Z . 42.76 -6.38 6.62
C6 ADP Z . 43.43 -5.08 6.37
N6 ADP Z . 42.76 -4.04 5.84
N1 ADP Z . 44.74 -4.98 6.70
C2 ADP Z . 45.42 -6.02 7.23
N3 ADP Z . 44.87 -7.23 7.47
C4 ADP Z . 43.57 -7.46 7.19
#